data_2K0D
#
_entry.id   2K0D
#
_cell.length_a   1.000
_cell.length_b   1.000
_cell.length_c   1.000
_cell.angle_alpha   90.00
_cell.angle_beta   90.00
_cell.angle_gamma   90.00
#
_symmetry.space_group_name_H-M   'P 1'
#
_entity_poly.entity_id   1
_entity_poly.type   'polypeptide(L)'
_entity_poly.pdbx_seq_one_letter_code
;MEHHHHHHELKNSISDYTEAEFVQLLKEIEKENVAATDDVLDVLLEHFVKITEHPDGTALIYEAAARAAANPGGDGGGPE
GIVKEIKEWRAANGKPGFKQG
;
_entity_poly.pdbx_strand_id   X
#
# COMPACT_ATOMS: atom_id res chain seq x y z
N GLU A 9 4.73 10.07 6.26
CA GLU A 9 6.06 10.39 5.79
C GLU A 9 6.63 9.12 5.19
N LEU A 10 7.51 9.25 4.23
CA LEU A 10 8.02 8.09 3.55
C LEU A 10 9.27 7.59 4.24
N LYS A 11 9.28 6.32 4.53
CA LYS A 11 10.41 5.69 5.17
C LYS A 11 11.27 5.07 4.09
N ASN A 12 12.17 4.20 4.44
CA ASN A 12 12.94 3.52 3.43
C ASN A 12 12.55 2.06 3.34
N SER A 13 12.20 1.49 4.48
CA SER A 13 11.80 0.09 4.53
C SER A 13 10.44 -0.04 5.23
N ILE A 14 9.84 -1.22 5.09
CA ILE A 14 8.52 -1.54 5.66
C ILE A 14 8.58 -1.50 7.20
N SER A 15 9.78 -1.58 7.72
CA SER A 15 9.98 -1.76 9.12
C SER A 15 9.94 -0.44 9.88
N ASP A 16 9.91 0.68 9.18
CA ASP A 16 9.77 1.96 9.88
C ASP A 16 8.35 2.45 9.69
N TYR A 17 7.61 1.67 8.96
CA TYR A 17 6.27 2.05 8.61
C TYR A 17 5.34 1.54 9.63
N THR A 18 4.65 2.42 10.25
CA THR A 18 3.62 2.03 11.13
C THR A 18 2.42 1.78 10.25
N GLU A 19 1.36 1.22 10.78
CA GLU A 19 0.19 1.01 9.97
C GLU A 19 -0.33 2.34 9.38
N ALA A 20 -0.42 3.36 10.22
CA ALA A 20 -0.89 4.67 9.76
C ALA A 20 0.13 5.36 8.83
N GLU A 21 1.43 5.23 9.12
CA GLU A 21 2.44 5.79 8.21
C GLU A 21 2.41 5.10 6.89
N PHE A 22 2.08 3.84 6.90
CA PHE A 22 1.97 3.10 5.70
C PHE A 22 0.74 3.55 4.96
N VAL A 23 -0.39 3.72 5.69
CA VAL A 23 -1.60 4.20 5.04
C VAL A 23 -1.41 5.61 4.48
N GLN A 24 -0.51 6.38 5.10
CA GLN A 24 -0.17 7.69 4.65
C GLN A 24 0.43 7.59 3.23
N LEU A 25 1.34 6.63 3.07
CA LEU A 25 1.95 6.33 1.77
C LEU A 25 0.87 5.87 0.81
N LEU A 26 0.06 4.98 1.28
CA LEU A 26 -1.04 4.40 0.54
C LEU A 26 -2.02 5.46 0.05
N LYS A 27 -2.24 6.47 0.88
CA LYS A 27 -3.10 7.58 0.51
C LYS A 27 -2.42 8.43 -0.55
N GLU A 28 -1.11 8.57 -0.45
CA GLU A 28 -0.38 9.30 -1.46
C GLU A 28 -0.36 8.52 -2.75
N ILE A 29 -0.26 7.20 -2.65
CA ILE A 29 -0.34 6.34 -3.83
C ILE A 29 -1.72 6.48 -4.48
N GLU A 30 -2.75 6.52 -3.63
CA GLU A 30 -4.13 6.74 -4.04
C GLU A 30 -4.23 8.04 -4.82
N LYS A 31 -3.62 9.05 -4.23
CA LYS A 31 -3.61 10.40 -4.74
C LYS A 31 -2.94 10.46 -6.12
N GLU A 32 -1.73 9.94 -6.21
CA GLU A 32 -0.99 10.01 -7.44
C GLU A 32 -1.57 9.06 -8.51
N ASN A 33 -2.24 8.01 -8.08
CA ASN A 33 -2.88 7.06 -9.00
C ASN A 33 -4.11 7.67 -9.62
N VAL A 34 -4.96 8.31 -8.80
CA VAL A 34 -6.18 8.94 -9.32
C VAL A 34 -5.89 10.23 -10.05
N ALA A 35 -4.78 10.87 -9.73
CA ALA A 35 -4.35 12.06 -10.44
C ALA A 35 -3.64 11.66 -11.72
N ALA A 36 -3.07 10.45 -11.66
CA ALA A 36 -2.32 9.84 -12.74
C ALA A 36 -1.08 10.63 -13.09
N THR A 37 -0.15 10.64 -12.16
CA THR A 37 1.09 11.31 -12.34
C THR A 37 2.13 10.28 -12.75
N ASP A 38 3.38 10.62 -12.81
CA ASP A 38 4.36 9.62 -13.18
C ASP A 38 5.55 9.60 -12.25
N ASP A 39 6.08 10.76 -11.91
CA ASP A 39 7.34 10.80 -11.16
C ASP A 39 7.18 10.21 -9.81
N VAL A 40 6.22 10.68 -9.11
CA VAL A 40 5.98 10.23 -7.79
C VAL A 40 5.13 9.00 -7.80
N LEU A 41 4.26 8.90 -8.79
CA LEU A 41 3.41 7.75 -8.94
C LEU A 41 4.30 6.52 -9.08
N ASP A 42 5.30 6.62 -9.93
CA ASP A 42 6.21 5.54 -10.11
C ASP A 42 7.09 5.36 -8.90
N VAL A 43 7.34 6.41 -8.12
CA VAL A 43 8.16 6.21 -6.93
C VAL A 43 7.40 5.37 -5.99
N LEU A 44 6.20 5.78 -5.77
CA LEU A 44 5.39 5.22 -4.75
C LEU A 44 5.01 3.83 -5.04
N LEU A 45 4.72 3.58 -6.30
CA LEU A 45 4.37 2.27 -6.74
C LEU A 45 5.51 1.31 -6.45
N GLU A 46 6.70 1.70 -6.85
CA GLU A 46 7.87 0.90 -6.65
C GLU A 46 8.26 0.81 -5.21
N HIS A 47 8.14 1.92 -4.53
CA HIS A 47 8.50 2.05 -3.15
C HIS A 47 7.67 1.08 -2.33
N PHE A 48 6.40 1.07 -2.61
CA PHE A 48 5.45 0.23 -1.98
C PHE A 48 5.79 -1.23 -2.19
N VAL A 49 5.98 -1.61 -3.42
CA VAL A 49 6.30 -2.99 -3.75
C VAL A 49 7.67 -3.42 -3.25
N LYS A 50 8.59 -2.51 -3.18
CA LYS A 50 9.92 -2.85 -2.66
C LYS A 50 9.91 -3.08 -1.14
N ILE A 51 9.09 -2.34 -0.43
CA ILE A 51 9.06 -2.47 1.01
C ILE A 51 8.17 -3.62 1.44
N THR A 52 7.09 -3.83 0.72
CA THR A 52 6.18 -4.91 1.03
C THR A 52 6.71 -6.20 0.47
N GLU A 53 7.36 -6.08 -0.69
CA GLU A 53 7.95 -7.15 -1.47
C GLU A 53 6.87 -8.09 -1.97
N HIS A 54 5.66 -7.55 -2.04
CA HIS A 54 4.54 -8.28 -2.49
C HIS A 54 4.68 -8.47 -4.00
N PRO A 55 4.46 -9.68 -4.53
CA PRO A 55 4.68 -9.99 -5.96
C PRO A 55 3.69 -9.26 -6.84
N ASP A 56 2.66 -8.84 -6.22
CA ASP A 56 1.57 -8.28 -6.85
C ASP A 56 1.39 -6.92 -6.23
N GLY A 57 2.52 -6.32 -5.87
CA GLY A 57 2.58 -5.01 -5.22
C GLY A 57 1.71 -4.03 -5.85
N THR A 58 1.89 -3.83 -7.07
CA THR A 58 1.12 -2.83 -7.68
C THR A 58 -0.22 -3.29 -8.15
N ALA A 59 -0.37 -4.58 -8.29
CA ALA A 59 -1.65 -5.14 -8.59
C ALA A 59 -2.57 -4.90 -7.41
N LEU A 60 -2.00 -4.86 -6.19
CA LEU A 60 -2.75 -4.51 -5.00
C LEU A 60 -3.18 -3.09 -5.03
N ILE A 61 -2.32 -2.20 -5.53
CA ILE A 61 -2.68 -0.78 -5.59
C ILE A 61 -3.82 -0.61 -6.57
N TYR A 62 -3.63 -1.20 -7.70
CA TYR A 62 -4.55 -1.16 -8.76
C TYR A 62 -5.90 -1.82 -8.44
N GLU A 63 -5.87 -2.96 -7.77
CA GLU A 63 -7.13 -3.56 -7.37
C GLU A 63 -7.79 -2.78 -6.27
N ALA A 64 -7.01 -2.22 -5.35
CA ALA A 64 -7.56 -1.43 -4.25
C ALA A 64 -8.37 -0.26 -4.78
N ALA A 65 -7.87 0.35 -5.85
CA ALA A 65 -8.57 1.44 -6.52
C ALA A 65 -9.90 0.94 -7.11
N ALA A 66 -9.85 -0.18 -7.82
CA ALA A 66 -11.06 -0.77 -8.43
C ALA A 66 -12.04 -1.24 -7.35
N ARG A 67 -11.48 -1.84 -6.31
CA ARG A 67 -12.26 -2.32 -5.17
C ARG A 67 -12.90 -1.15 -4.43
N ALA A 68 -12.26 0.00 -4.48
CA ALA A 68 -12.80 1.22 -3.89
C ALA A 68 -13.90 1.78 -4.76
N ALA A 69 -13.66 1.78 -6.07
CA ALA A 69 -14.60 2.26 -7.04
C ALA A 69 -15.91 1.48 -6.99
N ALA A 70 -15.80 0.18 -6.93
CA ALA A 70 -16.96 -0.69 -6.83
C ALA A 70 -17.50 -0.67 -5.40
N ASN A 71 -16.59 -0.86 -4.46
CA ASN A 71 -16.83 -0.90 -3.02
C ASN A 71 -17.89 -1.91 -2.61
N PRO A 72 -17.49 -3.16 -2.36
CA PRO A 72 -18.40 -4.20 -1.90
C PRO A 72 -18.68 -4.09 -0.39
N GLY A 73 -17.66 -4.31 0.43
CA GLY A 73 -17.84 -4.26 1.85
C GLY A 73 -16.80 -3.41 2.53
N GLY A 74 -16.43 -2.33 1.87
CA GLY A 74 -15.48 -1.39 2.43
C GLY A 74 -14.03 -1.85 2.36
N ASP A 75 -13.73 -2.94 3.05
CA ASP A 75 -12.37 -3.47 3.17
C ASP A 75 -11.70 -3.75 1.86
N GLY A 76 -10.53 -3.16 1.71
CA GLY A 76 -9.76 -3.31 0.50
C GLY A 76 -10.05 -2.22 -0.49
N GLY A 77 -11.15 -1.53 -0.27
CA GLY A 77 -11.54 -0.47 -1.13
C GLY A 77 -11.08 0.85 -0.62
N GLY A 78 -9.80 1.06 -0.67
CA GLY A 78 -9.23 2.26 -0.19
C GLY A 78 -7.85 2.01 0.31
N PRO A 79 -7.11 3.07 0.61
CA PRO A 79 -5.73 2.99 1.07
C PRO A 79 -5.57 2.18 2.33
N GLU A 80 -6.49 2.31 3.25
CA GLU A 80 -6.41 1.57 4.46
C GLU A 80 -6.74 0.07 4.28
N GLY A 81 -7.02 -0.33 3.08
CA GLY A 81 -7.22 -1.73 2.86
C GLY A 81 -6.10 -2.34 2.06
N ILE A 82 -5.17 -1.53 1.60
CA ILE A 82 -4.03 -2.05 0.86
C ILE A 82 -3.08 -2.64 1.89
N VAL A 83 -2.89 -1.85 2.92
CA VAL A 83 -2.08 -2.19 4.09
C VAL A 83 -2.56 -3.45 4.75
N LYS A 84 -3.83 -3.52 4.87
CA LYS A 84 -4.50 -4.68 5.43
C LYS A 84 -4.18 -5.96 4.64
N GLU A 85 -4.04 -5.83 3.34
CA GLU A 85 -3.72 -6.97 2.50
C GLU A 85 -2.24 -7.35 2.73
N ILE A 86 -1.41 -6.32 2.87
CA ILE A 86 0.03 -6.49 3.06
C ILE A 86 0.36 -7.15 4.40
N LYS A 87 -0.36 -6.77 5.45
CA LYS A 87 -0.05 -7.25 6.79
C LYS A 87 -0.20 -8.77 6.86
N GLU A 88 -1.21 -9.30 6.17
CA GLU A 88 -1.44 -10.71 6.20
C GLU A 88 -0.39 -11.46 5.40
N TRP A 89 0.00 -10.89 4.28
CA TRP A 89 1.00 -11.52 3.41
C TRP A 89 2.33 -11.55 4.09
N ARG A 90 2.70 -10.41 4.65
CA ARG A 90 3.97 -10.25 5.29
C ARG A 90 4.07 -11.25 6.45
N ALA A 91 2.99 -11.33 7.22
CA ALA A 91 2.92 -12.23 8.36
C ALA A 91 2.98 -13.70 7.90
N ALA A 92 2.21 -14.04 6.89
CA ALA A 92 2.17 -15.42 6.37
C ALA A 92 3.50 -15.83 5.79
N ASN A 93 4.15 -14.91 5.10
CA ASN A 93 5.45 -15.16 4.51
C ASN A 93 6.49 -15.30 5.63
N GLY A 94 6.23 -14.62 6.72
CA GLY A 94 7.11 -14.65 7.85
C GLY A 94 8.12 -13.53 7.76
N LYS A 95 7.69 -12.43 7.18
CA LYS A 95 8.51 -11.30 6.98
C LYS A 95 8.15 -10.23 7.98
N PRO A 96 9.11 -9.41 8.42
CA PRO A 96 8.83 -8.32 9.35
C PRO A 96 7.99 -7.26 8.65
N GLY A 97 6.85 -6.98 9.21
CA GLY A 97 5.97 -6.02 8.60
C GLY A 97 6.10 -4.65 9.18
N PHE A 98 4.97 -4.11 9.53
CA PHE A 98 4.89 -2.75 10.00
C PHE A 98 5.34 -2.65 11.43
N LYS A 99 5.72 -1.48 11.83
CA LYS A 99 6.10 -1.23 13.13
C LYS A 99 4.96 -0.53 13.84
N GLN A 100 5.13 -0.32 15.08
CA GLN A 100 4.18 0.32 15.89
C GLN A 100 4.67 1.71 16.18
N GLY A 101 3.79 2.63 16.26
CA GLY A 101 4.12 3.99 16.48
C GLY A 101 2.94 4.84 16.13
N GLU A 9 4.98 9.97 6.90
CA GLU A 9 6.32 10.07 6.32
C GLU A 9 6.64 8.80 5.58
N LEU A 10 7.48 8.89 4.58
CA LEU A 10 7.89 7.75 3.82
C LEU A 10 9.14 7.19 4.44
N LYS A 11 9.16 5.93 4.71
CA LYS A 11 10.30 5.29 5.34
C LYS A 11 11.09 4.51 4.28
N ASN A 12 12.28 4.08 4.61
CA ASN A 12 13.10 3.31 3.68
C ASN A 12 12.68 1.84 3.67
N SER A 13 12.14 1.42 4.77
CA SER A 13 11.71 0.07 4.93
C SER A 13 10.33 0.00 5.56
N ILE A 14 9.70 -1.16 5.42
CA ILE A 14 8.35 -1.43 5.92
C ILE A 14 8.37 -1.43 7.48
N SER A 15 9.55 -1.58 8.02
CA SER A 15 9.77 -1.77 9.42
C SER A 15 9.61 -0.48 10.22
N ASP A 16 9.65 0.64 9.54
CA ASP A 16 9.50 1.92 10.22
C ASP A 16 8.10 2.43 9.96
N TYR A 17 7.34 1.63 9.26
CA TYR A 17 6.02 2.00 8.85
C TYR A 17 5.02 1.45 9.78
N THR A 18 4.25 2.29 10.39
CA THR A 18 3.11 1.80 11.10
C THR A 18 2.09 1.55 10.02
N GLU A 19 1.07 0.80 10.29
CA GLU A 19 0.06 0.58 9.29
C GLU A 19 -0.57 1.91 8.85
N ALA A 20 -0.72 2.84 9.79
CA ALA A 20 -1.25 4.19 9.47
C ALA A 20 -0.25 5.04 8.65
N GLU A 21 1.06 4.96 8.96
CA GLU A 21 2.09 5.64 8.13
C GLU A 21 2.01 5.14 6.72
N PHE A 22 1.74 3.87 6.62
CA PHE A 22 1.66 3.23 5.37
C PHE A 22 0.35 3.59 4.67
N VAL A 23 -0.77 3.69 5.43
CA VAL A 23 -2.05 4.07 4.81
C VAL A 23 -1.98 5.46 4.21
N GLN A 24 -1.15 6.34 4.80
CA GLN A 24 -0.93 7.65 4.30
C GLN A 24 -0.39 7.55 2.88
N LEU A 25 0.63 6.73 2.74
CA LEU A 25 1.25 6.46 1.46
C LEU A 25 0.24 5.89 0.51
N LEU A 26 -0.49 4.94 1.00
CA LEU A 26 -1.53 4.24 0.27
C LEU A 26 -2.59 5.18 -0.27
N LYS A 27 -2.99 6.12 0.56
CA LYS A 27 -3.94 7.15 0.17
C LYS A 27 -3.38 7.96 -0.96
N GLU A 28 -2.14 8.36 -0.79
CA GLU A 28 -1.46 9.18 -1.75
C GLU A 28 -1.23 8.44 -3.06
N ILE A 29 -0.91 7.17 -2.98
CA ILE A 29 -0.72 6.35 -4.16
C ILE A 29 -2.00 6.30 -4.98
N GLU A 30 -3.14 6.09 -4.31
CA GLU A 30 -4.43 6.02 -5.02
C GLU A 30 -4.65 7.28 -5.80
N LYS A 31 -4.40 8.37 -5.13
CA LYS A 31 -4.63 9.69 -5.63
C LYS A 31 -3.83 9.98 -6.90
N GLU A 32 -2.57 9.66 -6.92
CA GLU A 32 -1.76 9.95 -8.08
C GLU A 32 -1.85 8.84 -9.14
N ASN A 33 -2.05 7.60 -8.71
CA ASN A 33 -2.15 6.46 -9.62
C ASN A 33 -3.37 6.57 -10.51
N VAL A 34 -4.52 6.93 -9.92
CA VAL A 34 -5.76 7.02 -10.70
C VAL A 34 -5.75 8.22 -11.64
N ALA A 35 -4.93 9.20 -11.32
CA ALA A 35 -4.79 10.37 -12.15
C ALA A 35 -3.72 10.14 -13.20
N ALA A 36 -2.81 9.23 -12.86
CA ALA A 36 -1.65 8.85 -13.64
C ALA A 36 -0.65 9.98 -13.71
N THR A 37 0.23 10.01 -12.74
CA THR A 37 1.28 10.99 -12.72
C THR A 37 2.52 10.34 -13.33
N ASP A 38 3.69 10.76 -12.95
CA ASP A 38 4.88 10.16 -13.51
C ASP A 38 5.99 10.04 -12.51
N ASP A 39 6.51 11.16 -12.08
CA ASP A 39 7.66 11.19 -11.20
C ASP A 39 7.34 10.62 -9.85
N VAL A 40 6.21 11.03 -9.29
CA VAL A 40 5.85 10.56 -7.95
C VAL A 40 5.20 9.19 -8.04
N LEU A 41 4.58 8.95 -9.17
CA LEU A 41 3.93 7.68 -9.49
C LEU A 41 4.95 6.58 -9.42
N ASP A 42 6.04 6.76 -10.12
CA ASP A 42 7.09 5.78 -10.10
C ASP A 42 7.80 5.72 -8.79
N VAL A 43 7.72 6.77 -7.99
CA VAL A 43 8.29 6.67 -6.68
C VAL A 43 7.44 5.78 -5.86
N LEU A 44 6.18 6.08 -5.85
CA LEU A 44 5.28 5.48 -4.94
C LEU A 44 5.07 4.06 -5.23
N LEU A 45 4.88 3.79 -6.48
CA LEU A 45 4.66 2.47 -6.93
C LEU A 45 5.82 1.57 -6.56
N GLU A 46 7.03 2.05 -6.82
CA GLU A 46 8.20 1.30 -6.48
C GLU A 46 8.44 1.26 -4.99
N HIS A 47 8.22 2.38 -4.35
CA HIS A 47 8.46 2.54 -2.93
C HIS A 47 7.61 1.56 -2.17
N PHE A 48 6.39 1.48 -2.55
CA PHE A 48 5.45 0.59 -1.97
C PHE A 48 5.91 -0.86 -2.13
N VAL A 49 6.21 -1.24 -3.33
CA VAL A 49 6.65 -2.59 -3.60
C VAL A 49 8.01 -2.95 -3.01
N LYS A 50 8.89 -2.02 -2.91
CA LYS A 50 10.24 -2.31 -2.35
C LYS A 50 10.18 -2.57 -0.83
N ILE A 51 9.28 -1.91 -0.14
CA ILE A 51 9.17 -2.09 1.30
C ILE A 51 8.31 -3.29 1.63
N THR A 52 7.32 -3.55 0.80
CA THR A 52 6.43 -4.68 1.00
C THR A 52 7.02 -5.94 0.42
N GLU A 53 7.72 -5.77 -0.70
CA GLU A 53 8.35 -6.81 -1.50
C GLU A 53 7.29 -7.75 -2.05
N HIS A 54 6.09 -7.21 -2.19
CA HIS A 54 4.98 -7.95 -2.68
C HIS A 54 5.18 -8.14 -4.18
N PRO A 55 4.97 -9.34 -4.73
CA PRO A 55 5.20 -9.63 -6.17
C PRO A 55 4.16 -8.99 -7.03
N ASP A 56 3.17 -8.48 -6.40
CA ASP A 56 2.03 -8.01 -7.04
C ASP A 56 1.78 -6.65 -6.48
N GLY A 57 2.89 -6.01 -6.09
CA GLY A 57 2.88 -4.70 -5.44
C GLY A 57 2.01 -3.73 -6.10
N THR A 58 2.27 -3.50 -7.29
CA THR A 58 1.60 -2.45 -7.96
C THR A 58 0.16 -2.88 -8.31
N ALA A 59 -0.03 -4.18 -8.51
CA ALA A 59 -1.33 -4.75 -8.78
C ALA A 59 -2.25 -4.55 -7.61
N LEU A 60 -1.69 -4.62 -6.40
CA LEU A 60 -2.47 -4.36 -5.19
C LEU A 60 -3.01 -2.95 -5.16
N ILE A 61 -2.20 -2.02 -5.61
CA ILE A 61 -2.65 -0.62 -5.66
C ILE A 61 -3.75 -0.49 -6.68
N TYR A 62 -3.50 -1.06 -7.83
CA TYR A 62 -4.43 -1.05 -8.92
C TYR A 62 -5.78 -1.66 -8.54
N GLU A 63 -5.76 -2.81 -7.88
CA GLU A 63 -7.00 -3.40 -7.45
C GLU A 63 -7.62 -2.61 -6.33
N ALA A 64 -6.80 -2.10 -5.39
CA ALA A 64 -7.30 -1.31 -4.28
C ALA A 64 -8.02 -0.08 -4.77
N ALA A 65 -7.48 0.53 -5.80
CA ALA A 65 -8.10 1.68 -6.42
C ALA A 65 -9.50 1.32 -6.92
N ALA A 66 -9.64 0.13 -7.51
CA ALA A 66 -10.92 -0.35 -7.99
C ALA A 66 -11.82 -0.74 -6.81
N ARG A 67 -11.21 -1.42 -5.84
CA ARG A 67 -11.88 -1.87 -4.63
C ARG A 67 -12.45 -0.70 -3.85
N ALA A 68 -11.72 0.41 -3.83
CA ALA A 68 -12.17 1.62 -3.17
C ALA A 68 -13.16 2.38 -4.05
N ALA A 69 -13.00 2.24 -5.36
CA ALA A 69 -13.87 2.88 -6.32
C ALA A 69 -15.28 2.32 -6.23
N ALA A 70 -15.37 1.00 -6.15
CA ALA A 70 -16.65 0.34 -5.98
C ALA A 70 -17.07 0.40 -4.54
N ASN A 71 -16.12 0.14 -3.66
CA ASN A 71 -16.28 0.13 -2.21
C ASN A 71 -17.27 -0.95 -1.75
N PRO A 72 -16.77 -2.14 -1.43
CA PRO A 72 -17.60 -3.20 -0.86
C PRO A 72 -17.87 -2.93 0.62
N GLY A 73 -17.12 -2.00 1.16
CA GLY A 73 -17.21 -1.65 2.54
C GLY A 73 -15.99 -2.09 3.26
N GLY A 74 -16.12 -2.28 4.55
CA GLY A 74 -15.07 -2.80 5.37
C GLY A 74 -13.85 -1.93 5.39
N ASP A 75 -12.76 -2.48 4.95
CA ASP A 75 -11.48 -1.79 4.89
C ASP A 75 -10.94 -1.80 3.47
N GLY A 76 -11.34 -2.82 2.71
CA GLY A 76 -10.88 -2.99 1.34
C GLY A 76 -11.49 -2.00 0.39
N GLY A 77 -12.44 -1.24 0.87
CA GLY A 77 -13.05 -0.22 0.07
C GLY A 77 -12.34 1.11 0.24
N GLY A 78 -11.05 1.03 0.48
CA GLY A 78 -10.24 2.17 0.68
C GLY A 78 -8.79 1.76 0.86
N PRO A 79 -7.92 2.70 1.14
CA PRO A 79 -6.48 2.48 1.23
C PRO A 79 -6.07 1.69 2.47
N GLU A 80 -6.90 1.68 3.48
CA GLU A 80 -6.58 0.95 4.68
C GLU A 80 -6.71 -0.57 4.49
N GLY A 81 -7.06 -0.99 3.29
CA GLY A 81 -7.08 -2.39 3.04
C GLY A 81 -5.92 -2.86 2.20
N ILE A 82 -5.20 -1.93 1.56
CA ILE A 82 -4.03 -2.32 0.74
C ILE A 82 -2.97 -2.78 1.71
N VAL A 83 -2.84 -2.01 2.75
CA VAL A 83 -1.94 -2.27 3.87
C VAL A 83 -2.25 -3.57 4.55
N LYS A 84 -3.49 -3.76 4.79
CA LYS A 84 -4.00 -4.97 5.41
C LYS A 84 -3.67 -6.18 4.53
N GLU A 85 -3.86 -6.03 3.22
CA GLU A 85 -3.54 -7.06 2.24
C GLU A 85 -2.04 -7.39 2.35
N ILE A 86 -1.23 -6.36 2.54
CA ILE A 86 0.22 -6.50 2.68
C ILE A 86 0.60 -7.20 3.97
N LYS A 87 -0.01 -6.81 5.09
CA LYS A 87 0.38 -7.37 6.38
C LYS A 87 0.09 -8.85 6.43
N GLU A 88 -1.02 -9.25 5.78
CA GLU A 88 -1.38 -10.65 5.74
C GLU A 88 -0.36 -11.46 4.95
N TRP A 89 0.10 -10.89 3.84
CA TRP A 89 1.09 -11.53 2.98
C TRP A 89 2.41 -11.64 3.71
N ARG A 90 2.80 -10.53 4.30
CA ARG A 90 4.09 -10.39 4.96
C ARG A 90 4.18 -11.39 6.12
N ALA A 91 3.10 -11.47 6.90
CA ALA A 91 3.03 -12.35 8.05
C ALA A 91 3.02 -13.81 7.62
N ALA A 92 2.25 -14.12 6.58
CA ALA A 92 2.15 -15.49 6.06
C ALA A 92 3.47 -15.94 5.44
N ASN A 93 4.24 -14.98 4.96
CA ASN A 93 5.54 -15.27 4.35
C ASN A 93 6.60 -15.35 5.46
N GLY A 94 6.22 -14.91 6.64
CA GLY A 94 7.12 -14.91 7.77
C GLY A 94 8.15 -13.81 7.66
N LYS A 95 7.74 -12.67 7.17
CA LYS A 95 8.59 -11.58 6.98
C LYS A 95 8.13 -10.44 7.86
N PRO A 96 9.06 -9.73 8.52
CA PRO A 96 8.72 -8.60 9.38
C PRO A 96 8.07 -7.49 8.58
N GLY A 97 6.95 -7.01 9.05
CA GLY A 97 6.24 -6.04 8.31
C GLY A 97 6.22 -4.70 8.98
N PHE A 98 5.05 -4.30 9.36
CA PHE A 98 4.83 -2.98 9.89
C PHE A 98 5.17 -2.92 11.34
N LYS A 99 5.54 -1.76 11.79
CA LYS A 99 5.77 -1.53 13.13
C LYS A 99 4.44 -1.12 13.71
N GLN A 100 4.37 -1.13 14.96
CA GLN A 100 3.19 -0.78 15.63
C GLN A 100 3.35 0.59 16.22
N GLY A 101 2.32 1.35 16.19
CA GLY A 101 2.32 2.62 16.81
C GLY A 101 1.14 3.40 16.34
N GLU A 9 4.96 10.92 3.32
CA GLU A 9 6.40 10.82 3.62
C GLU A 9 6.87 9.41 3.33
N LEU A 10 8.14 9.29 2.99
CA LEU A 10 8.73 8.01 2.68
C LEU A 10 9.75 7.65 3.72
N LYS A 11 9.81 6.39 4.03
CA LYS A 11 10.85 5.88 4.87
C LYS A 11 11.84 5.21 3.91
N ASN A 12 12.66 4.32 4.39
CA ASN A 12 13.52 3.58 3.47
C ASN A 12 13.18 2.13 3.48
N SER A 13 12.59 1.68 4.55
CA SER A 13 12.17 0.32 4.66
C SER A 13 10.86 0.25 5.41
N ILE A 14 10.21 -0.90 5.36
CA ILE A 14 8.93 -1.17 6.01
C ILE A 14 9.07 -1.04 7.55
N SER A 15 10.30 -1.11 8.00
CA SER A 15 10.61 -1.16 9.39
C SER A 15 10.52 0.21 10.08
N ASP A 16 10.24 1.25 9.31
CA ASP A 16 10.04 2.59 9.88
C ASP A 16 8.58 2.96 9.67
N TYR A 17 7.88 2.10 8.99
CA TYR A 17 6.51 2.35 8.68
C TYR A 17 5.65 1.73 9.72
N THR A 18 4.92 2.53 10.45
CA THR A 18 3.93 1.98 11.32
C THR A 18 2.78 1.58 10.41
N GLU A 19 1.79 0.93 10.94
CA GLU A 19 0.63 0.62 10.16
C GLU A 19 0.01 1.89 9.56
N ALA A 20 -0.08 2.93 10.36
CA ALA A 20 -0.61 4.21 9.90
C ALA A 20 0.38 4.92 8.94
N GLU A 21 1.70 4.85 9.21
CA GLU A 21 2.70 5.46 8.28
C GLU A 21 2.55 4.83 6.92
N PHE A 22 2.26 3.56 6.92
CA PHE A 22 2.08 2.83 5.70
C PHE A 22 0.83 3.35 5.03
N VAL A 23 -0.29 3.42 5.78
CA VAL A 23 -1.57 3.86 5.21
C VAL A 23 -1.48 5.28 4.68
N GLN A 24 -0.70 6.12 5.35
CA GLN A 24 -0.45 7.48 4.96
C GLN A 24 0.16 7.48 3.57
N LEU A 25 1.18 6.67 3.41
CA LEU A 25 1.89 6.56 2.17
C LEU A 25 0.97 5.99 1.11
N LEU A 26 0.21 5.03 1.51
CA LEU A 26 -0.77 4.40 0.67
C LEU A 26 -1.79 5.40 0.15
N LYS A 27 -2.14 6.35 1.01
CA LYS A 27 -3.09 7.39 0.66
C LYS A 27 -2.52 8.31 -0.39
N GLU A 28 -1.24 8.58 -0.33
CA GLU A 28 -0.65 9.41 -1.33
C GLU A 28 -0.45 8.67 -2.64
N ILE A 29 -0.18 7.36 -2.55
CA ILE A 29 -0.09 6.55 -3.75
C ILE A 29 -1.43 6.56 -4.44
N GLU A 30 -2.46 6.34 -3.67
CA GLU A 30 -3.82 6.31 -4.14
C GLU A 30 -4.29 7.64 -4.70
N LYS A 31 -3.83 8.70 -4.10
CA LYS A 31 -4.21 10.02 -4.53
C LYS A 31 -3.59 10.33 -5.87
N GLU A 32 -2.29 10.14 -5.96
CA GLU A 32 -1.57 10.37 -7.17
C GLU A 32 -1.91 9.30 -8.23
N ASN A 33 -2.47 8.19 -7.79
CA ASN A 33 -2.94 7.09 -8.67
C ASN A 33 -4.19 7.52 -9.42
N VAL A 34 -5.18 7.99 -8.69
CA VAL A 34 -6.42 8.41 -9.32
C VAL A 34 -6.26 9.72 -10.07
N ALA A 35 -5.27 10.52 -9.68
CA ALA A 35 -4.96 11.76 -10.39
C ALA A 35 -4.09 11.45 -11.61
N ALA A 36 -3.74 10.17 -11.71
CA ALA A 36 -2.90 9.61 -12.77
C ALA A 36 -1.64 10.40 -12.99
N THR A 37 -0.84 10.45 -11.99
CA THR A 37 0.44 11.08 -12.09
C THR A 37 1.43 10.05 -12.58
N ASP A 38 2.67 10.37 -12.71
CA ASP A 38 3.60 9.41 -13.24
C ASP A 38 4.87 9.35 -12.47
N ASP A 39 5.59 10.44 -12.45
CA ASP A 39 6.92 10.49 -11.84
C ASP A 39 6.90 10.12 -10.38
N VAL A 40 6.00 10.70 -9.62
CA VAL A 40 5.94 10.41 -8.18
C VAL A 40 5.13 9.17 -7.93
N LEU A 41 4.14 8.97 -8.76
CA LEU A 41 3.27 7.82 -8.67
C LEU A 41 4.09 6.57 -8.82
N ASP A 42 4.99 6.56 -9.77
CA ASP A 42 5.85 5.42 -10.00
C ASP A 42 6.84 5.24 -8.88
N VAL A 43 7.27 6.34 -8.28
CA VAL A 43 8.16 6.28 -7.11
C VAL A 43 7.49 5.53 -6.03
N LEU A 44 6.29 5.93 -5.81
CA LEU A 44 5.53 5.43 -4.75
C LEU A 44 5.17 4.00 -4.98
N LEU A 45 4.84 3.70 -6.20
CA LEU A 45 4.50 2.36 -6.60
C LEU A 45 5.63 1.42 -6.34
N GLU A 46 6.81 1.80 -6.76
CA GLU A 46 7.97 1.00 -6.58
C GLU A 46 8.37 0.95 -5.13
N HIS A 47 8.29 2.08 -4.47
CA HIS A 47 8.68 2.17 -3.09
C HIS A 47 7.83 1.28 -2.25
N PHE A 48 6.56 1.32 -2.50
CA PHE A 48 5.61 0.48 -1.86
C PHE A 48 5.98 -1.00 -2.03
N VAL A 49 6.18 -1.41 -3.25
CA VAL A 49 6.54 -2.79 -3.54
C VAL A 49 7.89 -3.20 -3.02
N LYS A 50 8.82 -2.31 -2.97
CA LYS A 50 10.14 -2.64 -2.41
C LYS A 50 10.09 -2.74 -0.88
N ILE A 51 9.24 -1.95 -0.24
CA ILE A 51 9.14 -2.02 1.20
C ILE A 51 8.29 -3.18 1.64
N THR A 52 7.22 -3.49 0.90
CA THR A 52 6.42 -4.65 1.24
C THR A 52 6.96 -5.96 0.64
N GLU A 53 7.65 -5.85 -0.49
CA GLU A 53 8.24 -7.00 -1.21
C GLU A 53 7.15 -7.97 -1.66
N HIS A 54 5.96 -7.43 -1.88
CA HIS A 54 4.81 -8.21 -2.26
C HIS A 54 4.86 -8.43 -3.77
N PRO A 55 4.56 -9.65 -4.27
CA PRO A 55 4.70 -10.00 -5.71
C PRO A 55 3.64 -9.40 -6.57
N ASP A 56 2.76 -8.70 -5.96
CA ASP A 56 1.67 -8.17 -6.63
C ASP A 56 1.50 -6.77 -6.09
N GLY A 57 2.64 -6.16 -5.79
CA GLY A 57 2.70 -4.83 -5.19
C GLY A 57 1.85 -3.85 -5.86
N THR A 58 2.05 -3.69 -7.10
CA THR A 58 1.28 -2.71 -7.74
C THR A 58 -0.07 -3.15 -8.16
N ALA A 59 -0.25 -4.46 -8.28
CA ALA A 59 -1.55 -5.00 -8.56
C ALA A 59 -2.46 -4.64 -7.41
N LEU A 60 -1.93 -4.64 -6.19
CA LEU A 60 -2.67 -4.20 -5.02
C LEU A 60 -3.09 -2.75 -5.12
N ILE A 61 -2.19 -1.88 -5.58
CA ILE A 61 -2.53 -0.45 -5.68
C ILE A 61 -3.60 -0.27 -6.73
N TYR A 62 -3.37 -0.92 -7.83
CA TYR A 62 -4.24 -0.86 -8.97
C TYR A 62 -5.63 -1.42 -8.70
N GLU A 63 -5.69 -2.55 -8.01
CA GLU A 63 -6.97 -3.11 -7.64
C GLU A 63 -7.64 -2.24 -6.60
N ALA A 64 -6.86 -1.64 -5.71
CA ALA A 64 -7.38 -0.79 -4.65
C ALA A 64 -8.21 0.33 -5.20
N ALA A 65 -7.75 0.91 -6.30
CA ALA A 65 -8.49 1.96 -6.97
C ALA A 65 -9.85 1.45 -7.44
N ALA A 66 -9.82 0.30 -8.10
CA ALA A 66 -11.04 -0.33 -8.62
C ALA A 66 -11.97 -0.75 -7.48
N ARG A 67 -11.36 -1.27 -6.43
CA ARG A 67 -12.06 -1.73 -5.24
C ARG A 67 -12.67 -0.56 -4.49
N ALA A 68 -12.04 0.60 -4.54
CA ALA A 68 -12.57 1.79 -3.91
C ALA A 68 -13.66 2.43 -4.77
N ALA A 69 -13.44 2.46 -6.08
CA ALA A 69 -14.39 3.02 -7.03
C ALA A 69 -15.69 2.25 -6.99
N ALA A 70 -15.61 0.96 -6.96
CA ALA A 70 -16.75 0.12 -6.81
C ALA A 70 -16.53 -0.82 -5.66
N ASN A 71 -16.75 -0.35 -4.47
CA ASN A 71 -16.56 -1.15 -3.29
C ASN A 71 -17.70 -2.09 -3.05
N PRO A 72 -17.37 -3.35 -2.81
CA PRO A 72 -18.36 -4.34 -2.50
C PRO A 72 -18.61 -4.48 -0.99
N GLY A 73 -17.91 -3.69 -0.22
CA GLY A 73 -18.07 -3.72 1.21
C GLY A 73 -16.83 -4.17 1.88
N GLY A 74 -16.95 -4.50 3.14
CA GLY A 74 -15.85 -4.99 3.90
C GLY A 74 -14.78 -3.94 4.10
N ASP A 75 -13.63 -4.19 3.54
CA ASP A 75 -12.52 -3.23 3.61
C ASP A 75 -12.55 -2.34 2.39
N GLY A 76 -13.33 -2.74 1.41
CA GLY A 76 -13.47 -2.01 0.19
C GLY A 76 -12.20 -2.03 -0.61
N GLY A 77 -11.55 -0.91 -0.64
CA GLY A 77 -10.35 -0.77 -1.39
C GLY A 77 -9.56 0.38 -0.88
N GLY A 78 -8.89 1.05 -1.76
CA GLY A 78 -8.13 2.18 -1.40
C GLY A 78 -6.92 1.86 -0.54
N PRO A 79 -6.46 2.85 0.21
CA PRO A 79 -5.24 2.77 0.99
C PRO A 79 -5.34 1.87 2.21
N GLU A 80 -6.29 2.14 3.07
CA GLU A 80 -6.45 1.41 4.34
C GLU A 80 -6.84 -0.09 4.17
N GLY A 81 -6.98 -0.54 2.96
CA GLY A 81 -7.25 -1.94 2.77
C GLY A 81 -6.10 -2.72 2.17
N ILE A 82 -5.32 -2.09 1.33
CA ILE A 82 -4.14 -2.75 0.75
C ILE A 82 -3.11 -3.04 1.82
N VAL A 83 -3.02 -2.14 2.79
CA VAL A 83 -2.14 -2.31 3.96
C VAL A 83 -2.49 -3.55 4.71
N LYS A 84 -3.74 -3.73 4.86
CA LYS A 84 -4.28 -4.89 5.51
C LYS A 84 -3.90 -6.15 4.72
N GLU A 85 -4.09 -6.12 3.40
CA GLU A 85 -3.74 -7.25 2.55
C GLU A 85 -2.22 -7.52 2.68
N ILE A 86 -1.45 -6.45 2.73
CA ILE A 86 0.00 -6.49 2.89
C ILE A 86 0.38 -7.14 4.23
N LYS A 87 -0.28 -6.73 5.30
CA LYS A 87 0.08 -7.23 6.59
C LYS A 87 -0.31 -8.68 6.73
N GLU A 88 -1.43 -9.06 6.13
CA GLU A 88 -1.90 -10.42 6.21
C GLU A 88 -0.98 -11.37 5.45
N TRP A 89 -0.52 -10.92 4.30
CA TRP A 89 0.39 -11.71 3.49
C TRP A 89 1.73 -11.86 4.20
N ARG A 90 2.26 -10.75 4.68
CA ARG A 90 3.59 -10.75 5.25
C ARG A 90 3.66 -11.46 6.57
N ALA A 91 2.63 -11.31 7.40
CA ALA A 91 2.59 -11.97 8.70
C ALA A 91 2.46 -13.47 8.53
N ALA A 92 1.67 -13.90 7.55
CA ALA A 92 1.50 -15.31 7.28
C ALA A 92 2.78 -15.90 6.69
N ASN A 93 3.51 -15.07 5.96
CA ASN A 93 4.77 -15.46 5.34
C ASN A 93 5.85 -15.55 6.43
N GLY A 94 5.71 -14.74 7.47
CA GLY A 94 6.69 -14.70 8.52
C GLY A 94 7.77 -13.70 8.20
N LYS A 95 7.40 -12.72 7.42
CA LYS A 95 8.27 -11.70 6.99
C LYS A 95 7.93 -10.42 7.73
N PRO A 96 8.95 -9.72 8.27
CA PRO A 96 8.79 -8.46 9.02
C PRO A 96 7.88 -7.45 8.34
N GLY A 97 6.82 -7.11 9.00
CA GLY A 97 5.88 -6.18 8.50
C GLY A 97 6.14 -4.79 8.99
N PHE A 98 5.12 -4.18 9.57
CA PHE A 98 5.22 -2.79 9.97
C PHE A 98 5.84 -2.72 11.34
N LYS A 99 6.25 -1.55 11.73
CA LYS A 99 6.70 -1.34 13.03
C LYS A 99 5.49 -1.02 13.88
N GLN A 100 5.70 -0.81 15.12
CA GLN A 100 4.67 -0.51 16.00
C GLN A 100 4.54 0.96 16.19
N GLY A 101 3.35 1.37 16.24
CA GLY A 101 2.99 2.71 16.47
C GLY A 101 1.66 2.96 15.84
N GLU A 9 5.56 10.04 6.31
CA GLU A 9 6.71 10.21 5.42
C GLU A 9 7.15 8.87 4.84
N LEU A 10 8.19 8.91 4.04
CA LEU A 10 8.74 7.71 3.44
C LEU A 10 9.86 7.17 4.31
N LYS A 11 9.93 5.87 4.43
CA LYS A 11 10.96 5.21 5.19
C LYS A 11 11.85 4.47 4.22
N ASN A 12 12.84 3.78 4.72
CA ASN A 12 13.68 2.98 3.85
C ASN A 12 13.15 1.57 3.76
N SER A 13 12.68 1.05 4.87
CA SER A 13 12.12 -0.29 4.91
C SER A 13 10.72 -0.27 5.55
N ILE A 14 9.98 -1.38 5.41
CA ILE A 14 8.61 -1.52 5.95
C ILE A 14 8.66 -1.53 7.50
N SER A 15 9.84 -1.71 8.04
CA SER A 15 10.05 -1.88 9.45
C SER A 15 9.99 -0.55 10.21
N ASP A 16 10.14 0.55 9.50
CA ASP A 16 10.08 1.86 10.16
C ASP A 16 8.68 2.41 9.95
N TYR A 17 7.88 1.64 9.30
CA TYR A 17 6.58 2.08 8.91
C TYR A 17 5.58 1.68 9.92
N THR A 18 4.91 2.65 10.48
CA THR A 18 3.78 2.36 11.28
C THR A 18 2.70 2.10 10.26
N GLU A 19 1.64 1.43 10.61
CA GLU A 19 0.64 1.20 9.62
C GLU A 19 -0.02 2.50 9.16
N ALA A 20 -0.10 3.48 10.05
CA ALA A 20 -0.65 4.79 9.69
C ALA A 20 0.32 5.55 8.75
N GLU A 21 1.64 5.44 8.99
CA GLU A 21 2.65 6.03 8.07
C GLU A 21 2.46 5.45 6.70
N PHE A 22 2.19 4.17 6.69
CA PHE A 22 2.01 3.46 5.47
C PHE A 22 0.69 3.87 4.82
N VAL A 23 -0.40 3.96 5.61
CA VAL A 23 -1.70 4.36 5.05
C VAL A 23 -1.63 5.77 4.47
N GLN A 24 -0.86 6.64 5.10
CA GLN A 24 -0.65 7.99 4.65
C GLN A 24 -0.08 7.97 3.25
N LEU A 25 0.89 7.12 3.06
CA LEU A 25 1.53 6.92 1.79
C LEU A 25 0.53 6.32 0.82
N LEU A 26 -0.19 5.35 1.31
CA LEU A 26 -1.22 4.64 0.56
C LEU A 26 -2.31 5.58 0.03
N LYS A 27 -2.76 6.46 0.89
CA LYS A 27 -3.78 7.45 0.57
C LYS A 27 -3.25 8.39 -0.51
N GLU A 28 -1.97 8.68 -0.45
CA GLU A 28 -1.35 9.52 -1.41
C GLU A 28 -1.16 8.83 -2.74
N ILE A 29 -0.85 7.53 -2.72
CA ILE A 29 -0.69 6.77 -3.95
C ILE A 29 -1.99 6.84 -4.73
N GLU A 30 -3.11 6.64 -4.04
CA GLU A 30 -4.42 6.66 -4.68
C GLU A 30 -4.64 7.96 -5.41
N LYS A 31 -4.29 9.03 -4.73
CA LYS A 31 -4.46 10.35 -5.20
C LYS A 31 -3.69 10.60 -6.49
N GLU A 32 -2.46 10.17 -6.54
CA GLU A 32 -1.67 10.42 -7.71
C GLU A 32 -1.91 9.33 -8.79
N ASN A 33 -2.21 8.12 -8.35
CA ASN A 33 -2.42 6.96 -9.22
C ASN A 33 -3.59 7.16 -10.16
N VAL A 34 -4.67 7.74 -9.65
CA VAL A 34 -5.84 7.99 -10.47
C VAL A 34 -5.68 9.26 -11.32
N ALA A 35 -4.60 9.97 -11.09
CA ALA A 35 -4.28 11.17 -11.84
C ALA A 35 -3.19 10.86 -12.87
N ALA A 36 -2.40 9.83 -12.56
CA ALA A 36 -1.26 9.37 -13.34
C ALA A 36 -0.20 10.45 -13.42
N THR A 37 0.63 10.49 -12.42
CA THR A 37 1.65 11.51 -12.31
C THR A 37 2.95 11.05 -12.94
N ASP A 38 3.10 9.75 -13.00
CA ASP A 38 4.21 9.04 -13.58
C ASP A 38 5.50 9.15 -12.79
N ASP A 39 5.91 10.35 -12.44
CA ASP A 39 7.15 10.53 -11.70
C ASP A 39 7.01 10.02 -10.30
N VAL A 40 6.01 10.56 -9.58
CA VAL A 40 5.85 10.19 -8.16
C VAL A 40 5.13 8.88 -8.07
N LEU A 41 4.37 8.60 -9.10
CA LEU A 41 3.64 7.37 -9.28
C LEU A 41 4.61 6.22 -9.27
N ASP A 42 5.68 6.35 -10.02
CA ASP A 42 6.70 5.31 -10.05
C ASP A 42 7.41 5.22 -8.75
N VAL A 43 7.55 6.35 -8.08
CA VAL A 43 8.25 6.34 -6.82
C VAL A 43 7.47 5.58 -5.82
N LEU A 44 6.22 5.92 -5.73
CA LEU A 44 5.39 5.39 -4.72
C LEU A 44 5.13 3.96 -4.93
N LEU A 45 4.86 3.62 -6.15
CA LEU A 45 4.58 2.28 -6.51
C LEU A 45 5.76 1.38 -6.25
N GLU A 46 6.93 1.80 -6.62
CA GLU A 46 8.12 1.03 -6.37
C GLU A 46 8.48 1.01 -4.91
N HIS A 47 8.38 2.16 -4.29
CA HIS A 47 8.74 2.35 -2.90
C HIS A 47 7.91 1.43 -2.05
N PHE A 48 6.63 1.41 -2.34
CA PHE A 48 5.67 0.55 -1.71
C PHE A 48 6.04 -0.93 -1.90
N VAL A 49 6.20 -1.32 -3.13
CA VAL A 49 6.45 -2.71 -3.43
C VAL A 49 7.78 -3.23 -2.94
N LYS A 50 8.77 -2.39 -2.91
CA LYS A 50 10.10 -2.84 -2.43
C LYS A 50 10.09 -3.12 -0.92
N ILE A 51 9.27 -2.41 -0.17
CA ILE A 51 9.27 -2.58 1.25
C ILE A 51 8.39 -3.73 1.68
N THR A 52 7.28 -3.92 0.99
CA THR A 52 6.42 -5.05 1.27
C THR A 52 6.89 -6.30 0.55
N GLU A 53 7.51 -6.10 -0.63
CA GLU A 53 8.03 -7.16 -1.49
C GLU A 53 6.88 -8.04 -1.98
N HIS A 54 5.76 -7.40 -2.22
CA HIS A 54 4.58 -8.08 -2.66
C HIS A 54 4.67 -8.32 -4.18
N PRO A 55 4.33 -9.51 -4.69
CA PRO A 55 4.46 -9.83 -6.13
C PRO A 55 3.45 -9.10 -6.96
N ASP A 56 2.50 -8.56 -6.29
CA ASP A 56 1.38 -7.97 -6.91
C ASP A 56 1.27 -6.59 -6.31
N GLY A 57 2.43 -6.03 -5.94
CA GLY A 57 2.51 -4.74 -5.26
C GLY A 57 1.68 -3.71 -5.89
N THR A 58 1.88 -3.52 -7.11
CA THR A 58 1.21 -2.47 -7.79
C THR A 58 -0.22 -2.84 -8.07
N ALA A 59 -0.43 -4.13 -8.34
CA ALA A 59 -1.74 -4.66 -8.60
C ALA A 59 -2.64 -4.43 -7.41
N LEU A 60 -2.06 -4.42 -6.21
CA LEU A 60 -2.81 -4.13 -5.01
C LEU A 60 -3.35 -2.74 -5.02
N ILE A 61 -2.53 -1.73 -5.34
CA ILE A 61 -3.06 -0.34 -5.35
C ILE A 61 -4.08 -0.22 -6.45
N TYR A 62 -3.76 -0.82 -7.55
CA TYR A 62 -4.60 -0.80 -8.70
C TYR A 62 -5.95 -1.46 -8.45
N GLU A 63 -5.97 -2.60 -7.77
CA GLU A 63 -7.22 -3.19 -7.39
C GLU A 63 -7.90 -2.41 -6.30
N ALA A 64 -7.13 -1.86 -5.36
CA ALA A 64 -7.66 -1.06 -4.25
C ALA A 64 -8.40 0.15 -4.78
N ALA A 65 -7.87 0.77 -5.84
CA ALA A 65 -8.50 1.89 -6.48
C ALA A 65 -9.88 1.49 -6.98
N ALA A 66 -9.96 0.34 -7.61
CA ALA A 66 -11.21 -0.19 -8.14
C ALA A 66 -12.13 -0.62 -7.00
N ARG A 67 -11.54 -1.23 -5.99
CA ARG A 67 -12.24 -1.72 -4.80
C ARG A 67 -12.86 -0.59 -3.99
N ALA A 68 -12.18 0.52 -3.87
CA ALA A 68 -12.75 1.66 -3.18
C ALA A 68 -13.72 2.44 -4.06
N ALA A 69 -13.51 2.37 -5.38
CA ALA A 69 -14.41 3.04 -6.32
C ALA A 69 -15.73 2.31 -6.36
N ALA A 70 -15.65 1.01 -6.32
CA ALA A 70 -16.79 0.16 -6.23
C ALA A 70 -16.54 -0.82 -5.14
N ASN A 71 -16.91 -0.45 -3.97
CA ASN A 71 -16.72 -1.29 -2.82
C ASN A 71 -17.46 -2.61 -2.96
N PRO A 72 -16.74 -3.72 -2.79
CA PRO A 72 -17.34 -5.05 -2.80
C PRO A 72 -17.84 -5.44 -1.40
N GLY A 73 -17.77 -4.48 -0.51
CA GLY A 73 -18.17 -4.65 0.84
C GLY A 73 -17.45 -3.67 1.68
N GLY A 74 -16.80 -4.13 2.69
CA GLY A 74 -16.12 -3.23 3.57
C GLY A 74 -14.86 -3.83 4.16
N ASP A 75 -14.39 -4.94 3.59
CA ASP A 75 -13.20 -5.61 4.12
C ASP A 75 -11.97 -4.73 3.96
N GLY A 76 -11.88 -4.10 2.83
CA GLY A 76 -10.79 -3.23 2.52
C GLY A 76 -11.00 -2.62 1.19
N GLY A 77 -11.59 -1.46 1.19
CA GLY A 77 -11.86 -0.78 -0.03
C GLY A 77 -10.61 -0.20 -0.64
N GLY A 78 -10.06 0.80 -0.02
CA GLY A 78 -8.95 1.49 -0.60
C GLY A 78 -7.70 1.49 0.26
N PRO A 79 -7.27 2.68 0.74
CA PRO A 79 -5.96 2.89 1.34
C PRO A 79 -5.69 2.05 2.57
N GLU A 80 -6.56 2.10 3.56
CA GLU A 80 -6.35 1.33 4.75
C GLU A 80 -6.58 -0.17 4.52
N GLY A 81 -6.91 -0.53 3.31
CA GLY A 81 -7.04 -1.91 3.02
C GLY A 81 -5.89 -2.44 2.21
N ILE A 82 -5.14 -1.56 1.55
CA ILE A 82 -3.96 -2.00 0.80
C ILE A 82 -2.94 -2.51 1.80
N VAL A 83 -2.79 -1.74 2.85
CA VAL A 83 -1.93 -2.04 3.99
C VAL A 83 -2.33 -3.31 4.67
N LYS A 84 -3.58 -3.47 4.76
CA LYS A 84 -4.16 -4.68 5.31
C LYS A 84 -3.70 -5.90 4.51
N GLU A 85 -3.79 -5.80 3.18
CA GLU A 85 -3.37 -6.87 2.28
C GLU A 85 -1.90 -7.18 2.53
N ILE A 86 -1.15 -6.11 2.64
CA ILE A 86 0.28 -6.14 2.91
C ILE A 86 0.60 -6.78 4.25
N LYS A 87 -0.11 -6.41 5.30
CA LYS A 87 0.19 -6.95 6.63
C LYS A 87 -0.09 -8.44 6.66
N GLU A 88 -1.17 -8.83 5.99
CA GLU A 88 -1.56 -10.21 5.95
C GLU A 88 -0.59 -11.04 5.13
N TRP A 89 -0.12 -10.48 4.02
CA TRP A 89 0.83 -11.18 3.15
C TRP A 89 2.18 -11.30 3.81
N ARG A 90 2.64 -10.18 4.37
CA ARG A 90 3.96 -10.11 4.96
C ARG A 90 4.03 -11.12 6.10
N ALA A 91 2.99 -11.15 6.92
CA ALA A 91 2.91 -12.06 8.04
C ALA A 91 2.79 -13.50 7.55
N ALA A 92 2.03 -13.71 6.49
CA ALA A 92 1.81 -15.04 5.92
C ALA A 92 3.07 -15.62 5.32
N ASN A 93 3.82 -14.79 4.59
CA ASN A 93 5.06 -15.23 3.96
C ASN A 93 6.10 -15.48 5.04
N GLY A 94 6.03 -14.68 6.08
CA GLY A 94 6.97 -14.79 7.17
C GLY A 94 8.01 -13.71 7.08
N LYS A 95 7.57 -12.50 6.80
CA LYS A 95 8.40 -11.39 6.67
C LYS A 95 7.99 -10.35 7.71
N PRO A 96 8.94 -9.58 8.24
CA PRO A 96 8.65 -8.53 9.24
C PRO A 96 7.71 -7.47 8.66
N GLY A 97 6.61 -7.23 9.34
CA GLY A 97 5.61 -6.28 8.88
C GLY A 97 5.85 -4.88 9.35
N PHE A 98 4.82 -4.26 9.85
CA PHE A 98 4.86 -2.87 10.26
C PHE A 98 5.27 -2.73 11.69
N LYS A 99 5.62 -1.54 12.06
CA LYS A 99 5.90 -1.24 13.39
C LYS A 99 4.68 -0.61 14.00
N GLN A 100 4.69 -0.51 15.27
CA GLN A 100 3.64 0.08 16.00
C GLN A 100 3.98 1.52 16.26
N GLY A 101 2.99 2.33 16.24
CA GLY A 101 3.14 3.71 16.55
C GLY A 101 1.96 4.45 16.00
N GLU A 9 5.57 9.82 6.14
CA GLU A 9 6.89 10.13 5.61
C GLU A 9 7.46 8.86 5.05
N LEU A 10 8.54 8.99 4.32
CA LEU A 10 9.16 7.86 3.70
C LEU A 10 10.20 7.27 4.58
N LYS A 11 10.15 5.98 4.70
CA LYS A 11 11.13 5.25 5.45
C LYS A 11 12.01 4.55 4.42
N ASN A 12 12.79 3.59 4.82
CA ASN A 12 13.57 2.82 3.85
C ASN A 12 13.09 1.38 3.81
N SER A 13 12.56 0.93 4.91
CA SER A 13 11.99 -0.38 4.98
C SER A 13 10.59 -0.31 5.55
N ILE A 14 9.82 -1.36 5.37
CA ILE A 14 8.45 -1.44 5.86
C ILE A 14 8.44 -1.49 7.41
N SER A 15 9.59 -1.80 7.99
CA SER A 15 9.69 -2.00 9.40
C SER A 15 9.75 -0.68 10.16
N ASP A 16 9.76 0.43 9.45
CA ASP A 16 9.71 1.72 10.12
C ASP A 16 8.37 2.36 9.85
N TYR A 17 7.56 1.65 9.13
CA TYR A 17 6.27 2.15 8.74
C TYR A 17 5.26 1.71 9.72
N THR A 18 4.60 2.65 10.31
CA THR A 18 3.51 2.34 11.18
C THR A 18 2.30 2.14 10.29
N GLU A 19 1.17 1.77 10.85
CA GLU A 19 -0.02 1.55 10.03
C GLU A 19 -0.33 2.83 9.33
N ALA A 20 -0.39 3.89 10.11
CA ALA A 20 -0.79 5.17 9.63
C ALA A 20 0.26 5.81 8.70
N GLU A 21 1.56 5.64 9.01
CA GLU A 21 2.63 6.13 8.11
C GLU A 21 2.48 5.51 6.76
N PHE A 22 2.17 4.25 6.76
CA PHE A 22 2.04 3.51 5.56
C PHE A 22 0.74 3.89 4.86
N VAL A 23 -0.38 3.89 5.59
CA VAL A 23 -1.69 4.21 5.00
C VAL A 23 -1.68 5.60 4.38
N GLN A 24 -1.02 6.56 5.03
CA GLN A 24 -0.98 7.91 4.57
C GLN A 24 -0.22 8.02 3.27
N LEU A 25 0.93 7.38 3.22
CA LEU A 25 1.76 7.41 2.04
C LEU A 25 1.00 6.76 0.89
N LEU A 26 0.34 5.68 1.21
CA LEU A 26 -0.49 4.95 0.28
C LEU A 26 -1.63 5.79 -0.31
N LYS A 27 -2.19 6.67 0.50
CA LYS A 27 -3.25 7.59 0.06
C LYS A 27 -2.68 8.51 -1.01
N GLU A 28 -1.45 8.95 -0.77
CA GLU A 28 -0.74 9.81 -1.68
C GLU A 28 -0.47 9.07 -2.99
N ILE A 29 -0.20 7.78 -2.88
CA ILE A 29 0.07 6.95 -4.03
C ILE A 29 -1.15 6.87 -4.92
N GLU A 30 -2.32 6.78 -4.30
CA GLU A 30 -3.59 6.67 -5.02
C GLU A 30 -3.74 7.83 -5.94
N LYS A 31 -3.47 9.01 -5.42
CA LYS A 31 -3.68 10.23 -6.11
C LYS A 31 -2.80 10.31 -7.37
N GLU A 32 -1.54 9.92 -7.24
CA GLU A 32 -0.63 9.90 -8.37
C GLU A 32 -1.02 8.77 -9.33
N ASN A 33 -1.51 7.68 -8.78
CA ASN A 33 -1.88 6.49 -9.55
C ASN A 33 -3.15 6.68 -10.36
N VAL A 34 -4.17 7.26 -9.77
CA VAL A 34 -5.44 7.47 -10.48
C VAL A 34 -5.31 8.57 -11.54
N ALA A 35 -4.43 9.52 -11.30
CA ALA A 35 -4.22 10.60 -12.25
C ALA A 35 -3.13 10.22 -13.24
N ALA A 36 -2.52 9.06 -13.00
CA ALA A 36 -1.43 8.50 -13.79
C ALA A 36 -0.33 9.51 -14.05
N THR A 37 0.31 9.91 -12.99
CA THR A 37 1.38 10.87 -13.06
C THR A 37 2.68 10.14 -13.41
N ASP A 38 3.84 10.73 -13.17
CA ASP A 38 5.06 10.06 -13.58
C ASP A 38 6.11 9.97 -12.50
N ASP A 39 6.72 11.10 -12.16
CA ASP A 39 7.89 11.12 -11.25
C ASP A 39 7.60 10.49 -9.93
N VAL A 40 6.57 10.92 -9.29
CA VAL A 40 6.30 10.48 -7.99
C VAL A 40 5.50 9.22 -8.03
N LEU A 41 4.81 9.05 -9.11
CA LEU A 41 4.05 7.87 -9.36
C LEU A 41 5.00 6.70 -9.33
N ASP A 42 6.07 6.79 -10.07
CA ASP A 42 7.04 5.74 -10.10
C ASP A 42 7.85 5.66 -8.85
N VAL A 43 7.91 6.71 -8.05
CA VAL A 43 8.61 6.59 -6.78
C VAL A 43 7.80 5.75 -5.89
N LEU A 44 6.57 6.12 -5.82
CA LEU A 44 5.67 5.56 -4.88
C LEU A 44 5.37 4.17 -5.16
N LEU A 45 5.14 3.88 -6.41
CA LEU A 45 4.82 2.56 -6.83
C LEU A 45 5.94 1.61 -6.48
N GLU A 46 7.15 2.01 -6.81
CA GLU A 46 8.29 1.19 -6.53
C GLU A 46 8.60 1.13 -5.06
N HIS A 47 8.54 2.26 -4.39
CA HIS A 47 8.87 2.35 -2.98
C HIS A 47 7.95 1.46 -2.18
N PHE A 48 6.71 1.55 -2.49
CA PHE A 48 5.69 0.79 -1.86
C PHE A 48 5.94 -0.71 -2.02
N VAL A 49 6.12 -1.14 -3.23
CA VAL A 49 6.39 -2.53 -3.48
C VAL A 49 7.76 -3.01 -2.96
N LYS A 50 8.76 -2.14 -2.95
CA LYS A 50 10.11 -2.53 -2.47
C LYS A 50 10.12 -2.82 -0.98
N ILE A 51 9.34 -2.06 -0.22
CA ILE A 51 9.30 -2.22 1.22
C ILE A 51 8.39 -3.37 1.62
N THR A 52 7.33 -3.58 0.87
CA THR A 52 6.41 -4.63 1.19
C THR A 52 6.89 -5.95 0.61
N GLU A 53 7.37 -5.87 -0.62
CA GLU A 53 7.76 -6.99 -1.44
C GLU A 53 6.56 -7.87 -1.68
N HIS A 54 5.73 -7.38 -2.56
CA HIS A 54 4.49 -8.03 -2.89
C HIS A 54 4.48 -8.19 -4.40
N PRO A 55 4.01 -9.33 -4.93
CA PRO A 55 4.04 -9.61 -6.39
C PRO A 55 3.03 -8.78 -7.13
N ASP A 56 2.23 -8.11 -6.39
CA ASP A 56 1.13 -7.44 -6.93
C ASP A 56 1.11 -6.09 -6.28
N GLY A 57 2.31 -5.58 -5.94
CA GLY A 57 2.46 -4.30 -5.25
C GLY A 57 1.69 -3.22 -5.88
N THR A 58 1.96 -2.99 -7.07
CA THR A 58 1.37 -1.90 -7.75
C THR A 58 -0.13 -2.20 -8.03
N ALA A 59 -0.43 -3.49 -8.18
CA ALA A 59 -1.79 -3.96 -8.38
C ALA A 59 -2.66 -3.70 -7.16
N LEU A 60 -2.07 -3.79 -5.96
CA LEU A 60 -2.78 -3.47 -4.71
C LEU A 60 -3.35 -2.09 -4.76
N ILE A 61 -2.54 -1.15 -5.22
CA ILE A 61 -2.97 0.24 -5.31
C ILE A 61 -4.08 0.37 -6.37
N TYR A 62 -3.86 -0.29 -7.50
CA TYR A 62 -4.81 -0.31 -8.59
C TYR A 62 -6.14 -0.90 -8.18
N GLU A 63 -6.09 -2.04 -7.53
CA GLU A 63 -7.29 -2.69 -7.08
C GLU A 63 -7.97 -1.89 -6.01
N ALA A 64 -7.19 -1.24 -5.12
CA ALA A 64 -7.78 -0.44 -4.04
C ALA A 64 -8.70 0.64 -4.61
N ALA A 65 -8.30 1.23 -5.71
CA ALA A 65 -9.10 2.23 -6.37
C ALA A 65 -10.45 1.64 -6.81
N ALA A 66 -10.38 0.47 -7.42
CA ALA A 66 -11.58 -0.23 -7.89
C ALA A 66 -12.40 -0.80 -6.72
N ARG A 67 -11.71 -1.40 -5.75
CA ARG A 67 -12.34 -2.02 -4.57
C ARG A 67 -13.09 -1.02 -3.76
N ALA A 68 -12.54 0.16 -3.61
CA ALA A 68 -13.22 1.21 -2.87
C ALA A 68 -14.34 1.81 -3.69
N ALA A 69 -14.19 1.82 -5.01
CA ALA A 69 -15.20 2.39 -5.90
C ALA A 69 -16.45 1.53 -5.94
N ALA A 70 -16.27 0.24 -6.14
CA ALA A 70 -17.39 -0.67 -6.19
C ALA A 70 -17.84 -1.03 -4.79
N ASN A 71 -16.86 -1.31 -3.95
CA ASN A 71 -17.03 -1.72 -2.56
C ASN A 71 -17.94 -2.94 -2.40
N PRO A 72 -17.39 -4.15 -2.59
CA PRO A 72 -18.15 -5.38 -2.42
C PRO A 72 -18.49 -5.61 -0.95
N GLY A 73 -17.52 -5.36 -0.11
CA GLY A 73 -17.70 -5.54 1.30
C GLY A 73 -16.56 -6.28 1.92
N GLY A 74 -15.99 -5.71 2.93
CA GLY A 74 -14.89 -6.31 3.62
C GLY A 74 -14.07 -5.24 4.27
N ASP A 75 -12.79 -5.47 4.42
CA ASP A 75 -11.92 -4.49 5.05
C ASP A 75 -11.00 -3.87 4.03
N GLY A 76 -11.13 -4.29 2.80
CA GLY A 76 -10.27 -3.82 1.76
C GLY A 76 -10.94 -2.81 0.90
N GLY A 77 -10.98 -1.60 1.37
CA GLY A 77 -11.50 -0.52 0.59
C GLY A 77 -10.38 0.15 -0.16
N GLY A 78 -9.80 1.16 0.44
CA GLY A 78 -8.75 1.89 -0.18
C GLY A 78 -7.40 1.65 0.50
N PRO A 79 -6.64 2.73 0.79
CA PRO A 79 -5.29 2.65 1.34
C PRO A 79 -5.23 1.93 2.67
N GLU A 80 -6.21 2.15 3.50
CA GLU A 80 -6.27 1.59 4.84
C GLU A 80 -6.89 0.20 4.79
N GLY A 81 -7.20 -0.25 3.61
CA GLY A 81 -7.66 -1.59 3.48
C GLY A 81 -6.68 -2.48 2.80
N ILE A 82 -5.96 -1.95 1.82
CA ILE A 82 -4.86 -2.68 1.20
C ILE A 82 -3.81 -3.00 2.22
N VAL A 83 -3.62 -2.10 3.19
CA VAL A 83 -2.68 -2.27 4.21
C VAL A 83 -2.91 -3.55 4.99
N LYS A 84 -4.15 -3.86 5.23
CA LYS A 84 -4.49 -5.07 5.92
C LYS A 84 -4.17 -6.29 5.03
N GLU A 85 -4.43 -6.18 3.73
CA GLU A 85 -4.12 -7.30 2.82
C GLU A 85 -2.60 -7.49 2.74
N ILE A 86 -1.91 -6.37 2.86
CA ILE A 86 -0.49 -6.34 2.86
C ILE A 86 0.10 -7.01 4.10
N LYS A 87 -0.43 -6.69 5.26
CA LYS A 87 0.09 -7.22 6.50
C LYS A 87 -0.14 -8.72 6.60
N GLU A 88 -1.29 -9.18 6.10
CA GLU A 88 -1.63 -10.57 6.21
C GLU A 88 -0.77 -11.45 5.31
N TRP A 89 -0.44 -10.92 4.12
CA TRP A 89 0.42 -11.63 3.18
C TRP A 89 1.81 -11.75 3.79
N ARG A 90 2.24 -10.66 4.41
CA ARG A 90 3.53 -10.56 5.04
C ARG A 90 3.66 -11.58 6.17
N ALA A 91 2.62 -11.66 6.99
CA ALA A 91 2.57 -12.59 8.11
C ALA A 91 2.58 -14.04 7.64
N ALA A 92 1.88 -14.30 6.56
CA ALA A 92 1.82 -15.65 6.01
C ALA A 92 3.17 -16.05 5.41
N ASN A 93 3.80 -15.11 4.72
CA ASN A 93 5.09 -15.35 4.08
C ASN A 93 6.18 -15.53 5.13
N GLY A 94 6.20 -14.62 6.08
CA GLY A 94 7.25 -14.61 7.09
C GLY A 94 8.07 -13.34 7.00
N LYS A 95 7.49 -12.33 6.39
CA LYS A 95 8.09 -11.08 6.21
C LYS A 95 7.55 -10.12 7.26
N PRO A 96 8.32 -9.12 7.66
CA PRO A 96 7.88 -8.15 8.65
C PRO A 96 6.83 -7.21 8.06
N GLY A 97 5.85 -6.88 8.86
CA GLY A 97 4.84 -5.99 8.42
C GLY A 97 5.13 -4.59 8.88
N PHE A 98 4.16 -3.95 9.45
CA PHE A 98 4.30 -2.57 9.87
C PHE A 98 4.73 -2.55 11.31
N LYS A 99 5.30 -1.47 11.74
CA LYS A 99 5.69 -1.34 13.07
C LYS A 99 4.59 -0.67 13.84
N GLN A 100 4.74 -0.61 15.10
CA GLN A 100 3.80 -0.02 15.94
C GLN A 100 4.20 1.39 16.23
N GLY A 101 3.26 2.24 16.16
CA GLY A 101 3.47 3.60 16.45
C GLY A 101 2.48 4.45 15.75
N GLU A 9 6.26 9.79 6.14
CA GLU A 9 7.59 9.77 5.53
C GLU A 9 7.76 8.51 4.74
N LEU A 10 8.84 8.42 4.02
CA LEU A 10 9.18 7.23 3.32
C LEU A 10 10.28 6.57 4.08
N LYS A 11 10.11 5.33 4.39
CA LYS A 11 11.11 4.60 5.08
C LYS A 11 11.74 3.69 4.07
N ASN A 12 12.97 3.33 4.26
CA ASN A 12 13.64 2.50 3.29
C ASN A 12 13.28 1.03 3.45
N SER A 13 12.63 0.70 4.53
CA SER A 13 12.14 -0.62 4.72
C SER A 13 10.79 -0.57 5.41
N ILE A 14 10.06 -1.67 5.33
CA ILE A 14 8.71 -1.78 5.89
C ILE A 14 8.77 -1.77 7.44
N SER A 15 9.95 -1.94 7.97
CA SER A 15 10.14 -2.10 9.39
C SER A 15 10.06 -0.77 10.13
N ASP A 16 10.21 0.32 9.44
CA ASP A 16 10.09 1.62 10.09
C ASP A 16 8.73 2.18 9.75
N TYR A 17 7.94 1.38 9.07
CA TYR A 17 6.65 1.78 8.61
C TYR A 17 5.63 1.39 9.58
N THR A 18 5.01 2.37 10.18
CA THR A 18 3.89 2.11 10.98
C THR A 18 2.78 1.88 9.97
N GLU A 19 1.75 1.20 10.33
CA GLU A 19 0.70 1.00 9.38
C GLU A 19 0.03 2.31 8.99
N ALA A 20 0.08 3.29 9.89
CA ALA A 20 -0.42 4.61 9.60
C ALA A 20 0.49 5.33 8.60
N GLU A 21 1.83 5.23 8.78
CA GLU A 21 2.81 5.80 7.83
C GLU A 21 2.57 5.24 6.46
N PHE A 22 2.31 3.95 6.45
CA PHE A 22 2.11 3.25 5.23
C PHE A 22 0.86 3.74 4.55
N VAL A 23 -0.27 3.66 5.23
CA VAL A 23 -1.52 4.08 4.65
C VAL A 23 -1.56 5.55 4.31
N GLN A 24 -0.85 6.37 5.06
CA GLN A 24 -0.75 7.76 4.76
C GLN A 24 -0.13 7.94 3.37
N LEU A 25 0.91 7.17 3.12
CA LEU A 25 1.58 7.17 1.86
C LEU A 25 0.64 6.59 0.81
N LEU A 26 -0.05 5.56 1.20
CA LEU A 26 -1.04 4.90 0.38
C LEU A 26 -2.16 5.85 -0.07
N LYS A 27 -2.53 6.76 0.81
CA LYS A 27 -3.56 7.75 0.53
C LYS A 27 -3.12 8.72 -0.53
N GLU A 28 -1.85 9.06 -0.54
CA GLU A 28 -1.37 9.93 -1.57
C GLU A 28 -1.22 9.18 -2.88
N ILE A 29 -0.92 7.89 -2.78
CA ILE A 29 -0.88 7.00 -3.96
C ILE A 29 -2.26 6.95 -4.62
N GLU A 30 -3.31 6.92 -3.81
CA GLU A 30 -4.65 6.93 -4.33
C GLU A 30 -4.85 8.18 -5.18
N LYS A 31 -4.33 9.28 -4.68
CA LYS A 31 -4.50 10.54 -5.31
C LYS A 31 -3.67 10.64 -6.59
N GLU A 32 -2.40 10.28 -6.54
CA GLU A 32 -1.54 10.39 -7.72
C GLU A 32 -1.80 9.34 -8.78
N ASN A 33 -2.43 8.26 -8.39
CA ASN A 33 -2.86 7.24 -9.33
C ASN A 33 -4.09 7.66 -10.08
N VAL A 34 -5.06 8.27 -9.38
CA VAL A 34 -6.26 8.71 -10.07
C VAL A 34 -5.99 9.99 -10.88
N ALA A 35 -5.11 10.85 -10.37
CA ALA A 35 -4.76 12.08 -11.08
C ALA A 35 -3.76 11.77 -12.19
N ALA A 36 -2.97 10.72 -11.98
CA ALA A 36 -1.94 10.25 -12.89
C ALA A 36 -0.78 11.21 -12.99
N THR A 37 0.25 10.97 -12.22
CA THR A 37 1.46 11.77 -12.29
C THR A 37 2.52 10.90 -12.96
N ASP A 38 3.76 11.32 -12.99
CA ASP A 38 4.77 10.46 -13.58
C ASP A 38 6.03 10.42 -12.76
N ASP A 39 6.24 11.40 -11.91
CA ASP A 39 7.41 11.40 -11.08
C ASP A 39 7.15 10.58 -9.86
N VAL A 40 6.19 11.03 -9.08
CA VAL A 40 5.94 10.42 -7.78
C VAL A 40 5.22 9.11 -7.95
N LEU A 41 4.48 9.00 -9.05
CA LEU A 41 3.73 7.82 -9.42
C LEU A 41 4.68 6.66 -9.55
N ASP A 42 5.81 6.90 -10.19
CA ASP A 42 6.75 5.81 -10.38
C ASP A 42 7.42 5.48 -9.09
N VAL A 43 7.70 6.51 -8.31
CA VAL A 43 8.38 6.35 -7.03
C VAL A 43 7.57 5.53 -6.11
N LEU A 44 6.33 5.90 -5.97
CA LEU A 44 5.49 5.32 -5.00
C LEU A 44 5.21 3.92 -5.32
N LEU A 45 4.98 3.68 -6.58
CA LEU A 45 4.71 2.38 -7.04
C LEU A 45 5.85 1.41 -6.75
N GLU A 46 7.07 1.81 -7.10
CA GLU A 46 8.22 0.97 -6.84
C GLU A 46 8.55 0.89 -5.35
N HIS A 47 8.48 2.02 -4.68
CA HIS A 47 8.81 2.12 -3.26
C HIS A 47 7.91 1.24 -2.45
N PHE A 48 6.64 1.31 -2.75
CA PHE A 48 5.63 0.53 -2.10
C PHE A 48 5.91 -0.96 -2.22
N VAL A 49 6.11 -1.42 -3.43
CA VAL A 49 6.39 -2.81 -3.67
C VAL A 49 7.74 -3.23 -3.10
N LYS A 50 8.66 -2.33 -3.07
CA LYS A 50 9.98 -2.58 -2.47
C LYS A 50 9.91 -2.86 -0.97
N ILE A 51 9.19 -2.06 -0.26
CA ILE A 51 9.12 -2.22 1.18
C ILE A 51 8.22 -3.40 1.58
N THR A 52 7.15 -3.64 0.84
CA THR A 52 6.33 -4.79 1.16
C THR A 52 6.84 -6.07 0.52
N GLU A 53 7.47 -5.96 -0.65
CA GLU A 53 7.97 -7.11 -1.43
C GLU A 53 6.82 -8.03 -1.85
N HIS A 54 5.67 -7.43 -2.03
CA HIS A 54 4.50 -8.16 -2.46
C HIS A 54 4.65 -8.37 -3.98
N PRO A 55 4.36 -9.56 -4.52
CA PRO A 55 4.59 -9.89 -5.95
C PRO A 55 3.71 -9.08 -6.87
N ASP A 56 2.68 -8.57 -6.29
CA ASP A 56 1.65 -7.96 -7.00
C ASP A 56 1.46 -6.63 -6.37
N GLY A 57 2.59 -6.04 -5.95
CA GLY A 57 2.64 -4.75 -5.30
C GLY A 57 1.83 -3.73 -5.97
N THR A 58 2.11 -3.54 -7.19
CA THR A 58 1.49 -2.45 -7.86
C THR A 58 0.05 -2.79 -8.21
N ALA A 59 -0.22 -4.07 -8.36
CA ALA A 59 -1.55 -4.56 -8.63
C ALA A 59 -2.43 -4.27 -7.47
N LEU A 60 -1.88 -4.39 -6.25
CA LEU A 60 -2.64 -4.07 -5.04
C LEU A 60 -3.09 -2.64 -5.04
N ILE A 61 -2.24 -1.75 -5.49
CA ILE A 61 -2.58 -0.33 -5.54
C ILE A 61 -3.71 -0.11 -6.53
N TYR A 62 -3.53 -0.69 -7.68
CA TYR A 62 -4.48 -0.60 -8.74
C TYR A 62 -5.82 -1.23 -8.38
N GLU A 63 -5.81 -2.43 -7.82
CA GLU A 63 -7.04 -3.07 -7.42
C GLU A 63 -7.69 -2.37 -6.25
N ALA A 64 -6.89 -1.84 -5.31
CA ALA A 64 -7.44 -1.15 -4.13
C ALA A 64 -8.33 0.03 -4.54
N ALA A 65 -7.91 0.75 -5.56
CA ALA A 65 -8.68 1.87 -6.08
C ALA A 65 -10.04 1.38 -6.61
N ALA A 66 -10.02 0.26 -7.31
CA ALA A 66 -11.24 -0.34 -7.86
C ALA A 66 -12.08 -0.96 -6.74
N ARG A 67 -11.40 -1.63 -5.82
CA ARG A 67 -12.00 -2.27 -4.65
C ARG A 67 -12.70 -1.28 -3.73
N ALA A 68 -12.25 -0.05 -3.71
CA ALA A 68 -12.95 0.97 -2.94
C ALA A 68 -14.25 1.37 -3.63
N ALA A 69 -14.19 1.46 -4.95
CA ALA A 69 -15.33 1.85 -5.77
C ALA A 69 -16.36 0.74 -5.81
N ALA A 70 -15.91 -0.45 -6.06
CA ALA A 70 -16.74 -1.62 -6.01
C ALA A 70 -16.26 -2.44 -4.84
N ASN A 71 -16.62 -1.99 -3.66
CA ASN A 71 -16.13 -2.56 -2.44
C ASN A 71 -16.66 -3.94 -2.18
N PRO A 72 -15.75 -4.95 -2.07
CA PRO A 72 -16.12 -6.33 -1.76
C PRO A 72 -16.91 -6.44 -0.46
N GLY A 73 -16.54 -5.63 0.51
CA GLY A 73 -17.23 -5.60 1.77
C GLY A 73 -16.31 -5.32 2.91
N GLY A 74 -15.87 -4.08 3.01
CA GLY A 74 -14.98 -3.70 4.07
C GLY A 74 -13.54 -3.78 3.64
N ASP A 75 -13.15 -4.93 3.14
CA ASP A 75 -11.79 -5.14 2.67
C ASP A 75 -11.57 -4.40 1.36
N GLY A 76 -10.33 -4.03 1.13
CA GLY A 76 -9.95 -3.32 -0.07
C GLY A 76 -10.54 -1.93 -0.12
N GLY A 77 -10.62 -1.28 1.02
CA GLY A 77 -11.20 0.05 1.09
C GLY A 77 -10.25 1.10 0.72
N GLY A 78 -9.86 1.08 -0.50
CA GLY A 78 -9.01 2.03 -1.04
C GLY A 78 -7.63 1.96 -0.43
N PRO A 79 -7.12 3.11 0.02
CA PRO A 79 -5.79 3.20 0.59
C PRO A 79 -5.68 2.40 1.84
N GLU A 80 -6.77 2.31 2.53
CA GLU A 80 -6.80 1.68 3.81
C GLU A 80 -6.92 0.16 3.66
N GLY A 81 -7.06 -0.30 2.44
CA GLY A 81 -7.12 -1.71 2.27
C GLY A 81 -5.89 -2.27 1.65
N ILE A 82 -5.06 -1.42 1.08
CA ILE A 82 -3.79 -1.88 0.52
C ILE A 82 -2.93 -2.30 1.70
N VAL A 83 -2.88 -1.40 2.68
CA VAL A 83 -2.16 -1.59 3.94
C VAL A 83 -2.60 -2.85 4.65
N LYS A 84 -3.87 -3.01 4.70
CA LYS A 84 -4.50 -4.19 5.28
C LYS A 84 -4.07 -5.47 4.54
N GLU A 85 -4.11 -5.44 3.21
CA GLU A 85 -3.75 -6.59 2.41
C GLU A 85 -2.26 -6.94 2.67
N ILE A 86 -1.45 -5.90 2.80
CA ILE A 86 -0.02 -6.01 3.06
C ILE A 86 0.26 -6.61 4.43
N LYS A 87 -0.44 -6.13 5.46
CA LYS A 87 -0.19 -6.60 6.81
C LYS A 87 -0.46 -8.09 6.91
N GLU A 88 -1.54 -8.52 6.29
CA GLU A 88 -1.93 -9.89 6.36
C GLU A 88 -1.01 -10.78 5.54
N TRP A 89 -0.58 -10.30 4.38
CA TRP A 89 0.30 -11.07 3.51
C TRP A 89 1.65 -11.28 4.15
N ARG A 90 2.22 -10.21 4.68
CA ARG A 90 3.54 -10.29 5.26
C ARG A 90 3.53 -11.11 6.53
N ALA A 91 2.51 -10.90 7.34
CA ALA A 91 2.37 -11.62 8.59
C ALA A 91 2.14 -13.10 8.36
N ALA A 92 1.26 -13.45 7.41
CA ALA A 92 0.95 -14.84 7.11
C ALA A 92 2.17 -15.55 6.54
N ASN A 93 2.94 -14.84 5.74
CA ASN A 93 4.18 -15.40 5.18
C ASN A 93 5.15 -15.71 6.30
N GLY A 94 5.25 -14.80 7.23
CA GLY A 94 6.21 -14.95 8.30
C GLY A 94 7.27 -13.89 8.21
N LYS A 95 6.96 -12.84 7.49
CA LYS A 95 7.80 -11.73 7.30
C LYS A 95 7.35 -10.64 8.27
N PRO A 96 8.21 -9.68 8.60
CA PRO A 96 7.81 -8.58 9.45
C PRO A 96 6.90 -7.63 8.70
N GLY A 97 5.79 -7.28 9.29
CA GLY A 97 4.87 -6.40 8.67
C GLY A 97 5.14 -4.97 9.07
N PHE A 98 4.19 -4.35 9.68
CA PHE A 98 4.30 -2.97 10.08
C PHE A 98 4.72 -2.87 11.51
N LYS A 99 5.33 -1.78 11.85
CA LYS A 99 5.70 -1.52 13.18
C LYS A 99 4.56 -0.80 13.87
N GLN A 100 4.73 -0.56 15.11
CA GLN A 100 3.76 0.10 15.89
C GLN A 100 4.08 1.58 15.93
N GLY A 101 3.09 2.38 15.78
CA GLY A 101 3.26 3.80 15.85
C GLY A 101 2.09 4.49 15.23
N GLU A 9 5.25 11.09 5.49
CA GLU A 9 6.68 11.05 5.16
C GLU A 9 7.07 9.68 4.67
N LEU A 10 8.29 9.56 4.20
CA LEU A 10 8.81 8.34 3.68
C LEU A 10 9.83 7.73 4.59
N LYS A 11 9.77 6.44 4.71
CA LYS A 11 10.77 5.69 5.40
C LYS A 11 11.63 5.06 4.32
N ASN A 12 12.51 4.16 4.68
CA ASN A 12 13.29 3.46 3.67
C ASN A 12 12.91 2.01 3.61
N SER A 13 12.39 1.50 4.70
CA SER A 13 11.96 0.15 4.77
C SER A 13 10.60 0.08 5.43
N ILE A 14 9.91 -1.05 5.29
CA ILE A 14 8.56 -1.24 5.83
C ILE A 14 8.57 -1.28 7.38
N SER A 15 9.76 -1.40 7.93
CA SER A 15 9.92 -1.61 9.35
C SER A 15 9.71 -0.33 10.15
N ASP A 16 9.78 0.82 9.49
CA ASP A 16 9.57 2.09 10.19
C ASP A 16 8.18 2.58 9.88
N TYR A 17 7.46 1.80 9.13
CA TYR A 17 6.16 2.18 8.69
C TYR A 17 5.15 1.61 9.59
N THR A 18 4.46 2.46 10.32
CA THR A 18 3.32 1.97 11.03
C THR A 18 2.29 1.74 9.96
N GLU A 19 1.30 0.96 10.23
CA GLU A 19 0.31 0.74 9.23
C GLU A 19 -0.38 2.05 8.84
N ALA A 20 -0.53 2.99 9.78
CA ALA A 20 -1.07 4.30 9.48
C ALA A 20 -0.09 5.16 8.62
N GLU A 21 1.23 5.09 8.90
CA GLU A 21 2.26 5.81 8.07
C GLU A 21 2.14 5.33 6.67
N PHE A 22 1.97 4.04 6.57
CA PHE A 22 1.91 3.37 5.36
C PHE A 22 0.61 3.70 4.62
N VAL A 23 -0.53 3.63 5.34
CA VAL A 23 -1.81 3.94 4.72
C VAL A 23 -1.81 5.35 4.14
N GLN A 24 -1.20 6.29 4.87
CA GLN A 24 -1.09 7.69 4.45
C GLN A 24 -0.38 7.80 3.11
N LEU A 25 0.76 7.18 3.01
CA LEU A 25 1.56 7.25 1.82
C LEU A 25 0.83 6.56 0.68
N LEU A 26 0.23 5.48 1.02
CA LEU A 26 -0.54 4.65 0.11
C LEU A 26 -1.70 5.40 -0.52
N LYS A 27 -2.37 6.17 0.30
CA LYS A 27 -3.47 7.00 -0.12
C LYS A 27 -2.99 8.02 -1.14
N GLU A 28 -1.78 8.48 -0.96
CA GLU A 28 -1.15 9.39 -1.88
C GLU A 28 -0.89 8.69 -3.20
N ILE A 29 -0.43 7.45 -3.12
CA ILE A 29 -0.13 6.66 -4.30
C ILE A 29 -1.36 6.54 -5.19
N GLU A 30 -2.49 6.31 -4.56
CA GLU A 30 -3.77 6.23 -5.26
C GLU A 30 -4.03 7.52 -6.02
N LYS A 31 -3.78 8.63 -5.36
CA LYS A 31 -4.09 9.93 -5.90
C LYS A 31 -3.17 10.24 -7.09
N GLU A 32 -1.89 9.97 -6.94
CA GLU A 32 -0.97 10.17 -8.02
C GLU A 32 -1.19 9.15 -9.14
N ASN A 33 -1.86 8.06 -8.84
CA ASN A 33 -2.13 7.05 -9.85
C ASN A 33 -3.41 7.36 -10.62
N VAL A 34 -4.47 7.73 -9.92
CA VAL A 34 -5.76 8.02 -10.56
C VAL A 34 -5.71 9.25 -11.48
N ALA A 35 -4.87 10.21 -11.12
CA ALA A 35 -4.69 11.40 -11.95
C ALA A 35 -3.58 11.15 -12.97
N ALA A 36 -2.95 10.00 -12.81
CA ALA A 36 -1.85 9.52 -13.62
C ALA A 36 -0.70 10.49 -13.72
N THR A 37 0.10 10.49 -12.69
CA THR A 37 1.29 11.29 -12.65
C THR A 37 2.43 10.45 -13.20
N ASP A 38 3.65 10.84 -13.00
CA ASP A 38 4.74 10.08 -13.56
C ASP A 38 5.86 9.82 -12.58
N ASP A 39 6.63 10.85 -12.28
CA ASP A 39 7.82 10.69 -11.43
C ASP A 39 7.44 10.18 -10.07
N VAL A 40 6.49 10.84 -9.46
CA VAL A 40 6.11 10.51 -8.10
C VAL A 40 5.35 9.21 -8.05
N LEU A 41 4.58 8.99 -9.08
CA LEU A 41 3.80 7.79 -9.25
C LEU A 41 4.75 6.62 -9.27
N ASP A 42 5.81 6.71 -10.05
CA ASP A 42 6.79 5.64 -10.11
C ASP A 42 7.46 5.44 -8.80
N VAL A 43 7.78 6.54 -8.14
CA VAL A 43 8.41 6.48 -6.83
C VAL A 43 7.57 5.70 -5.91
N LEU A 44 6.35 6.05 -5.88
CA LEU A 44 5.44 5.52 -4.97
C LEU A 44 5.16 4.09 -5.23
N LEU A 45 4.97 3.77 -6.49
CA LEU A 45 4.69 2.43 -6.90
C LEU A 45 5.81 1.52 -6.53
N GLU A 46 7.01 1.93 -6.85
CA GLU A 46 8.17 1.14 -6.59
C GLU A 46 8.48 1.08 -5.12
N HIS A 47 8.36 2.21 -4.45
CA HIS A 47 8.68 2.29 -3.03
C HIS A 47 7.79 1.37 -2.25
N PHE A 48 6.55 1.43 -2.57
CA PHE A 48 5.53 0.64 -1.94
C PHE A 48 5.82 -0.87 -2.10
N VAL A 49 6.04 -1.30 -3.30
CA VAL A 49 6.33 -2.69 -3.55
C VAL A 49 7.68 -3.14 -2.99
N LYS A 50 8.65 -2.25 -2.96
CA LYS A 50 9.98 -2.63 -2.44
C LYS A 50 9.93 -2.89 -0.93
N ILE A 51 9.17 -2.08 -0.22
CA ILE A 51 9.06 -2.24 1.21
C ILE A 51 8.13 -3.40 1.56
N THR A 52 7.13 -3.65 0.73
CA THR A 52 6.19 -4.72 1.00
C THR A 52 6.70 -6.07 0.53
N GLU A 53 7.34 -6.07 -0.65
CA GLU A 53 7.83 -7.27 -1.32
C GLU A 53 6.69 -8.15 -1.77
N HIS A 54 5.52 -7.56 -1.88
CA HIS A 54 4.36 -8.26 -2.33
C HIS A 54 4.45 -8.31 -3.86
N PRO A 55 4.22 -9.48 -4.48
CA PRO A 55 4.39 -9.68 -5.95
C PRO A 55 3.35 -8.97 -6.76
N ASP A 56 2.45 -8.36 -6.08
CA ASP A 56 1.35 -7.76 -6.69
C ASP A 56 1.28 -6.38 -6.15
N GLY A 57 2.44 -5.86 -5.75
CA GLY A 57 2.58 -4.54 -5.15
C GLY A 57 1.79 -3.52 -5.84
N THR A 58 2.08 -3.34 -7.04
CA THR A 58 1.45 -2.28 -7.74
C THR A 58 -0.03 -2.60 -8.01
N ALA A 59 -0.33 -3.89 -8.15
CA ALA A 59 -1.69 -4.38 -8.37
C ALA A 59 -2.54 -4.12 -7.16
N LEU A 60 -1.93 -4.13 -5.97
CA LEU A 60 -2.64 -3.80 -4.73
C LEU A 60 -3.17 -2.39 -4.80
N ILE A 61 -2.36 -1.51 -5.33
CA ILE A 61 -2.74 -0.10 -5.47
C ILE A 61 -3.86 0.01 -6.48
N TYR A 62 -3.67 -0.68 -7.59
CA TYR A 62 -4.62 -0.73 -8.66
C TYR A 62 -5.98 -1.26 -8.19
N GLU A 63 -5.97 -2.40 -7.48
CA GLU A 63 -7.19 -2.97 -6.99
C GLU A 63 -7.81 -2.10 -5.90
N ALA A 64 -6.99 -1.50 -5.05
CA ALA A 64 -7.49 -0.64 -4.00
C ALA A 64 -8.26 0.53 -4.58
N ALA A 65 -7.65 1.20 -5.54
CA ALA A 65 -8.24 2.36 -6.19
C ALA A 65 -9.55 2.00 -6.88
N ALA A 66 -9.57 0.85 -7.53
CA ALA A 66 -10.74 0.38 -8.24
C ALA A 66 -11.83 -0.08 -7.27
N ARG A 67 -11.44 -0.81 -6.26
CA ARG A 67 -12.38 -1.34 -5.27
C ARG A 67 -12.99 -0.25 -4.41
N ALA A 68 -12.19 0.69 -3.96
CA ALA A 68 -12.68 1.78 -3.11
C ALA A 68 -13.59 2.73 -3.90
N ALA A 69 -13.43 2.73 -5.22
CA ALA A 69 -14.26 3.52 -6.09
C ALA A 69 -15.71 3.06 -6.01
N ALA A 70 -15.90 1.75 -5.95
CA ALA A 70 -17.22 1.17 -5.85
C ALA A 70 -17.61 0.97 -4.39
N ASN A 71 -16.61 0.68 -3.57
CA ASN A 71 -16.72 0.44 -2.13
C ASN A 71 -17.54 -0.81 -1.80
N PRO A 72 -16.89 -1.97 -1.75
CA PRO A 72 -17.51 -3.19 -1.32
C PRO A 72 -17.30 -3.36 0.18
N GLY A 73 -18.39 -3.21 0.93
CA GLY A 73 -18.36 -3.28 2.38
C GLY A 73 -17.76 -4.57 2.89
N GLY A 74 -16.62 -4.45 3.51
CA GLY A 74 -15.91 -5.58 4.03
C GLY A 74 -14.49 -5.20 4.30
N ASP A 75 -13.57 -5.78 3.58
CA ASP A 75 -12.17 -5.45 3.73
C ASP A 75 -11.60 -5.14 2.38
N GLY A 76 -10.57 -4.33 2.34
CA GLY A 76 -9.96 -4.01 1.09
C GLY A 76 -10.59 -2.81 0.43
N GLY A 77 -11.16 -1.93 1.24
CA GLY A 77 -11.82 -0.76 0.72
C GLY A 77 -10.86 0.35 0.48
N GLY A 78 -9.86 0.06 -0.27
CA GLY A 78 -8.94 1.02 -0.60
C GLY A 78 -7.60 0.80 0.07
N PRO A 79 -6.97 1.90 0.45
CA PRO A 79 -5.60 1.93 0.96
C PRO A 79 -5.46 1.19 2.28
N GLU A 80 -6.35 1.47 3.19
CA GLU A 80 -6.33 0.87 4.52
C GLU A 80 -6.89 -0.55 4.46
N GLY A 81 -7.23 -1.02 3.29
CA GLY A 81 -7.65 -2.37 3.19
C GLY A 81 -6.60 -3.25 2.56
N ILE A 82 -5.91 -2.75 1.55
CA ILE A 82 -4.79 -3.51 0.97
C ILE A 82 -3.71 -3.70 1.97
N VAL A 83 -3.60 -2.78 2.91
CA VAL A 83 -2.64 -2.89 3.94
C VAL A 83 -2.85 -4.16 4.78
N LYS A 84 -4.10 -4.51 4.97
CA LYS A 84 -4.47 -5.75 5.64
C LYS A 84 -4.03 -6.95 4.79
N GLU A 85 -4.23 -6.83 3.49
CA GLU A 85 -3.80 -7.84 2.51
C GLU A 85 -2.28 -8.02 2.64
N ILE A 86 -1.59 -6.90 2.74
CA ILE A 86 -0.16 -6.88 2.84
C ILE A 86 0.32 -7.48 4.15
N LYS A 87 -0.31 -7.08 5.26
CA LYS A 87 0.13 -7.50 6.59
C LYS A 87 -0.02 -9.00 6.76
N GLU A 88 -1.09 -9.59 6.21
CA GLU A 88 -1.28 -11.01 6.35
C GLU A 88 -0.28 -11.80 5.52
N TRP A 89 0.02 -11.30 4.33
CA TRP A 89 0.96 -11.95 3.41
C TRP A 89 2.35 -11.97 4.03
N ARG A 90 2.73 -10.80 4.51
CA ARG A 90 4.02 -10.56 5.08
C ARG A 90 4.22 -11.48 6.29
N ALA A 91 3.18 -11.54 7.14
CA ALA A 91 3.20 -12.35 8.34
C ALA A 91 3.19 -13.85 8.03
N ALA A 92 2.40 -14.25 7.02
CA ALA A 92 2.29 -15.65 6.61
C ALA A 92 3.62 -16.19 6.12
N ASN A 93 4.41 -15.33 5.51
CA ASN A 93 5.74 -15.72 5.08
C ASN A 93 6.67 -15.71 6.28
N GLY A 94 6.62 -14.62 7.01
CA GLY A 94 7.49 -14.44 8.14
C GLY A 94 8.41 -13.28 7.90
N LYS A 95 7.90 -12.29 7.22
CA LYS A 95 8.62 -11.14 6.89
C LYS A 95 8.13 -10.03 7.83
N PRO A 96 9.02 -9.15 8.30
CA PRO A 96 8.62 -8.04 9.18
C PRO A 96 7.70 -7.08 8.45
N GLY A 97 6.52 -6.89 8.98
CA GLY A 97 5.56 -6.03 8.35
C GLY A 97 5.58 -4.65 8.91
N PHE A 98 4.43 -4.11 9.16
CA PHE A 98 4.30 -2.76 9.64
C PHE A 98 4.61 -2.73 11.12
N LYS A 99 5.19 -1.66 11.57
CA LYS A 99 5.46 -1.49 12.93
C LYS A 99 4.22 -0.91 13.57
N GLN A 100 4.26 -0.80 14.85
CA GLN A 100 3.21 -0.23 15.58
C GLN A 100 3.71 1.00 16.27
N GLY A 101 2.91 2.00 16.27
CA GLY A 101 3.25 3.24 16.88
C GLY A 101 2.01 4.05 17.02
N GLU A 9 5.59 10.03 5.67
CA GLU A 9 6.83 10.14 4.92
C GLU A 9 7.29 8.81 4.40
N LEU A 10 8.31 8.84 3.58
CA LEU A 10 8.86 7.65 2.97
C LEU A 10 9.96 7.09 3.82
N LYS A 11 9.88 5.82 4.08
CA LYS A 11 10.89 5.13 4.82
C LYS A 11 11.54 4.17 3.84
N ASN A 12 12.79 3.83 4.04
CA ASN A 12 13.47 2.97 3.09
C ASN A 12 13.16 1.50 3.32
N SER A 13 12.50 1.20 4.42
CA SER A 13 12.11 -0.16 4.72
C SER A 13 10.77 -0.16 5.44
N ILE A 14 10.09 -1.30 5.43
CA ILE A 14 8.78 -1.46 6.05
C ILE A 14 8.87 -1.36 7.58
N SER A 15 10.06 -1.54 8.10
CA SER A 15 10.29 -1.59 9.53
C SER A 15 10.18 -0.20 10.17
N ASP A 16 10.17 0.84 9.35
CA ASP A 16 10.04 2.20 9.88
C ASP A 16 8.63 2.70 9.62
N TYR A 17 7.84 1.86 8.99
CA TYR A 17 6.50 2.22 8.60
C TYR A 17 5.52 1.75 9.60
N THR A 18 4.80 2.66 10.18
CA THR A 18 3.70 2.30 10.99
C THR A 18 2.58 1.94 10.05
N GLU A 19 1.56 1.39 10.58
CA GLU A 19 0.42 1.06 9.82
C GLU A 19 -0.17 2.32 9.19
N ALA A 20 -0.27 3.38 9.98
CA ALA A 20 -0.77 4.66 9.50
C ALA A 20 0.18 5.36 8.52
N GLU A 21 1.52 5.31 8.76
CA GLU A 21 2.50 5.89 7.79
C GLU A 21 2.31 5.24 6.45
N PHE A 22 2.09 3.96 6.49
CA PHE A 22 1.90 3.20 5.31
C PHE A 22 0.56 3.54 4.66
N VAL A 23 -0.55 3.55 5.46
CA VAL A 23 -1.88 3.90 4.91
C VAL A 23 -1.86 5.29 4.29
N GLN A 24 -1.17 6.23 4.94
CA GLN A 24 -1.06 7.59 4.53
C GLN A 24 -0.40 7.69 3.18
N LEU A 25 0.70 6.99 3.03
CA LEU A 25 1.45 7.02 1.79
C LEU A 25 0.63 6.38 0.71
N LEU A 26 -0.05 5.34 1.08
CA LEU A 26 -0.93 4.62 0.18
C LEU A 26 -2.09 5.48 -0.32
N LYS A 27 -2.60 6.34 0.55
CA LYS A 27 -3.65 7.30 0.15
C LYS A 27 -3.10 8.23 -0.93
N GLU A 28 -1.82 8.54 -0.82
CA GLU A 28 -1.12 9.38 -1.78
C GLU A 28 -0.91 8.62 -3.09
N ILE A 29 -0.68 7.31 -3.01
CA ILE A 29 -0.47 6.52 -4.23
C ILE A 29 -1.73 6.54 -5.09
N GLU A 30 -2.89 6.42 -4.43
CA GLU A 30 -4.19 6.53 -5.10
C GLU A 30 -4.29 7.86 -5.77
N LYS A 31 -3.92 8.86 -5.00
CA LYS A 31 -3.99 10.24 -5.38
C LYS A 31 -3.14 10.51 -6.61
N GLU A 32 -1.90 10.11 -6.53
CA GLU A 32 -0.96 10.24 -7.61
C GLU A 32 -1.38 9.43 -8.84
N ASN A 33 -2.15 8.38 -8.63
CA ASN A 33 -2.67 7.57 -9.71
C ASN A 33 -3.87 8.25 -10.37
N VAL A 34 -4.80 8.72 -9.57
CA VAL A 34 -6.01 9.36 -10.09
C VAL A 34 -5.72 10.73 -10.68
N ALA A 35 -4.64 11.34 -10.26
CA ALA A 35 -4.20 12.59 -10.84
C ALA A 35 -3.31 12.32 -12.03
N ALA A 36 -2.80 11.08 -12.09
CA ALA A 36 -1.87 10.61 -13.11
C ALA A 36 -0.61 11.46 -13.13
N THR A 37 0.15 11.37 -12.05
CA THR A 37 1.35 12.15 -11.90
C THR A 37 2.48 11.47 -12.63
N ASP A 38 2.39 10.14 -12.67
CA ASP A 38 3.32 9.23 -13.32
C ASP A 38 4.68 9.17 -12.64
N ASP A 39 5.37 10.28 -12.60
CA ASP A 39 6.72 10.37 -12.02
C ASP A 39 6.74 9.91 -10.59
N VAL A 40 5.95 10.54 -9.77
CA VAL A 40 5.97 10.24 -8.35
C VAL A 40 5.15 9.01 -8.07
N LEU A 41 4.17 8.81 -8.89
CA LEU A 41 3.33 7.63 -8.83
C LEU A 41 4.20 6.39 -9.00
N ASP A 42 5.12 6.44 -9.96
CA ASP A 42 6.02 5.33 -10.19
C ASP A 42 6.92 5.11 -9.01
N VAL A 43 7.34 6.21 -8.41
CA VAL A 43 8.17 6.15 -7.21
C VAL A 43 7.45 5.40 -6.15
N LEU A 44 6.23 5.78 -5.96
CA LEU A 44 5.43 5.27 -4.93
C LEU A 44 5.17 3.82 -5.12
N LEU A 45 4.89 3.47 -6.34
CA LEU A 45 4.62 2.13 -6.72
C LEU A 45 5.82 1.22 -6.43
N GLU A 46 6.99 1.63 -6.88
CA GLU A 46 8.19 0.83 -6.69
C GLU A 46 8.62 0.83 -5.24
N HIS A 47 8.40 1.95 -4.58
CA HIS A 47 8.76 2.14 -3.20
C HIS A 47 7.93 1.23 -2.33
N PHE A 48 6.66 1.23 -2.62
CA PHE A 48 5.70 0.43 -1.93
C PHE A 48 6.05 -1.05 -2.03
N VAL A 49 6.26 -1.53 -3.22
CA VAL A 49 6.56 -2.92 -3.42
C VAL A 49 7.92 -3.31 -2.85
N LYS A 50 8.87 -2.42 -2.87
CA LYS A 50 10.22 -2.74 -2.36
C LYS A 50 10.27 -2.77 -0.84
N ILE A 51 9.40 -2.03 -0.19
CA ILE A 51 9.37 -2.03 1.25
C ILE A 51 8.54 -3.19 1.78
N THR A 52 7.44 -3.48 1.12
CA THR A 52 6.59 -4.58 1.56
C THR A 52 7.05 -5.93 0.99
N GLU A 53 7.71 -5.89 -0.18
CA GLU A 53 8.20 -7.09 -0.87
C GLU A 53 7.05 -8.01 -1.24
N HIS A 54 5.96 -7.40 -1.65
CA HIS A 54 4.78 -8.12 -2.03
C HIS A 54 4.80 -8.31 -3.56
N PRO A 55 4.53 -9.53 -4.07
CA PRO A 55 4.65 -9.86 -5.51
C PRO A 55 3.62 -9.20 -6.36
N ASP A 56 2.59 -8.74 -5.72
CA ASP A 56 1.47 -8.22 -6.40
C ASP A 56 1.35 -6.81 -5.91
N GLY A 57 2.51 -6.23 -5.58
CA GLY A 57 2.63 -4.90 -5.04
C GLY A 57 1.85 -3.93 -5.76
N THR A 58 2.07 -3.84 -6.99
CA THR A 58 1.47 -2.78 -7.70
C THR A 58 0.01 -3.07 -8.01
N ALA A 59 -0.32 -4.36 -8.12
CA ALA A 59 -1.68 -4.82 -8.29
C ALA A 59 -2.49 -4.33 -7.16
N LEU A 60 -1.98 -4.49 -5.94
CA LEU A 60 -2.71 -4.03 -4.77
C LEU A 60 -3.15 -2.58 -4.86
N ILE A 61 -2.26 -1.66 -5.28
CA ILE A 61 -2.71 -0.24 -5.38
C ILE A 61 -3.73 -0.10 -6.49
N TYR A 62 -3.39 -0.68 -7.62
CA TYR A 62 -4.20 -0.61 -8.82
C TYR A 62 -5.59 -1.18 -8.61
N GLU A 63 -5.65 -2.33 -7.98
CA GLU A 63 -6.88 -2.95 -7.64
C GLU A 63 -7.62 -2.09 -6.64
N ALA A 64 -6.91 -1.59 -5.62
CA ALA A 64 -7.52 -0.76 -4.56
C ALA A 64 -8.20 0.46 -5.12
N ALA A 65 -7.57 1.10 -6.10
CA ALA A 65 -8.15 2.26 -6.74
C ALA A 65 -9.53 1.94 -7.31
N ALA A 66 -9.61 0.82 -8.00
CA ALA A 66 -10.87 0.36 -8.57
C ALA A 66 -11.80 -0.19 -7.47
N ARG A 67 -11.23 -0.96 -6.58
CA ARG A 67 -11.94 -1.61 -5.48
C ARG A 67 -12.58 -0.63 -4.53
N ALA A 68 -11.91 0.47 -4.24
CA ALA A 68 -12.45 1.50 -3.35
C ALA A 68 -13.46 2.38 -4.05
N ALA A 69 -13.28 2.54 -5.37
CA ALA A 69 -14.19 3.35 -6.18
C ALA A 69 -15.59 2.77 -6.14
N ALA A 70 -15.68 1.46 -6.25
CA ALA A 70 -16.96 0.80 -6.14
C ALA A 70 -17.25 0.47 -4.67
N ASN A 71 -16.48 -0.49 -4.14
CA ASN A 71 -16.54 -0.98 -2.74
C ASN A 71 -17.95 -1.20 -2.22
N PRO A 72 -18.51 -2.39 -2.46
CA PRO A 72 -19.82 -2.77 -1.93
C PRO A 72 -19.86 -2.64 -0.40
N GLY A 73 -18.92 -3.28 0.27
CA GLY A 73 -18.85 -3.21 1.70
C GLY A 73 -18.23 -4.42 2.32
N GLY A 74 -17.00 -4.68 1.97
CA GLY A 74 -16.30 -5.83 2.49
C GLY A 74 -14.90 -5.48 2.90
N ASP A 75 -13.94 -6.16 2.33
CA ASP A 75 -12.54 -5.92 2.62
C ASP A 75 -11.76 -5.66 1.37
N GLY A 76 -10.69 -4.92 1.52
CA GLY A 76 -9.90 -4.54 0.40
C GLY A 76 -10.55 -3.47 -0.38
N GLY A 77 -10.87 -2.40 0.31
CA GLY A 77 -11.40 -1.26 -0.35
C GLY A 77 -10.30 -0.43 -0.92
N GLY A 78 -9.77 0.44 -0.10
CA GLY A 78 -8.72 1.29 -0.54
C GLY A 78 -7.49 1.15 0.33
N PRO A 79 -6.86 2.28 0.69
CA PRO A 79 -5.58 2.31 1.42
C PRO A 79 -5.59 1.53 2.71
N GLU A 80 -6.57 1.77 3.55
CA GLU A 80 -6.66 1.11 4.84
C GLU A 80 -7.16 -0.33 4.71
N GLY A 81 -7.43 -0.77 3.51
CA GLY A 81 -7.78 -2.15 3.33
C GLY A 81 -6.68 -2.95 2.70
N ILE A 82 -6.00 -2.37 1.72
CA ILE A 82 -4.84 -3.04 1.13
C ILE A 82 -3.77 -3.25 2.14
N VAL A 83 -3.68 -2.34 3.11
CA VAL A 83 -2.75 -2.45 4.16
C VAL A 83 -2.96 -3.71 4.99
N LYS A 84 -4.20 -4.10 5.11
CA LYS A 84 -4.56 -5.32 5.78
C LYS A 84 -4.06 -6.50 4.96
N GLU A 85 -4.34 -6.47 3.66
CA GLU A 85 -3.92 -7.54 2.73
C GLU A 85 -2.39 -7.64 2.73
N ILE A 86 -1.76 -6.49 2.84
CA ILE A 86 -0.33 -6.35 2.92
C ILE A 86 0.23 -6.93 4.24
N LYS A 87 -0.40 -6.60 5.36
CA LYS A 87 0.14 -6.97 6.67
C LYS A 87 0.02 -8.46 6.91
N GLU A 88 -1.08 -9.03 6.51
CA GLU A 88 -1.36 -10.43 6.70
C GLU A 88 -0.40 -11.27 5.88
N TRP A 89 -0.01 -10.73 4.73
CA TRP A 89 0.87 -11.43 3.84
C TRP A 89 2.26 -11.61 4.46
N ARG A 90 2.83 -10.54 5.03
CA ARG A 90 4.15 -10.66 5.66
C ARG A 90 4.10 -11.54 6.87
N ALA A 91 3.01 -11.43 7.62
CA ALA A 91 2.83 -12.20 8.83
C ALA A 91 2.81 -13.68 8.53
N ALA A 92 2.12 -14.06 7.47
CA ALA A 92 2.03 -15.45 7.07
C ALA A 92 3.30 -15.91 6.38
N ASN A 93 3.97 -15.01 5.67
CA ASN A 93 5.17 -15.36 4.92
C ASN A 93 6.37 -15.52 5.85
N GLY A 94 6.46 -14.64 6.83
CA GLY A 94 7.58 -14.65 7.76
C GLY A 94 8.51 -13.48 7.45
N LYS A 95 7.93 -12.40 7.00
CA LYS A 95 8.61 -11.22 6.62
C LYS A 95 8.30 -10.12 7.62
N PRO A 96 9.11 -9.03 7.65
CA PRO A 96 8.88 -7.92 8.55
C PRO A 96 7.59 -7.16 8.25
N GLY A 97 6.91 -6.75 9.28
CA GLY A 97 5.68 -6.07 9.12
C GLY A 97 5.80 -4.62 9.45
N PHE A 98 4.69 -4.01 9.82
CA PHE A 98 4.68 -2.61 10.16
C PHE A 98 5.24 -2.46 11.53
N LYS A 99 5.83 -1.34 11.81
CA LYS A 99 6.26 -1.09 13.09
C LYS A 99 5.08 -0.61 13.88
N GLN A 100 5.19 -0.69 15.14
CA GLN A 100 4.17 -0.27 16.01
C GLN A 100 4.48 1.14 16.43
N GLY A 101 3.50 1.96 16.39
CA GLY A 101 3.65 3.32 16.78
C GLY A 101 2.33 3.89 17.16
N GLU A 9 5.58 9.61 5.40
CA GLU A 9 6.90 9.75 4.75
C GLU A 9 7.33 8.44 4.15
N LEU A 10 8.38 8.47 3.36
CA LEU A 10 8.92 7.29 2.75
C LEU A 10 10.03 6.74 3.60
N LYS A 11 9.96 5.49 3.91
CA LYS A 11 10.99 4.85 4.69
C LYS A 11 11.75 3.94 3.75
N ASN A 12 12.98 3.63 4.10
CA ASN A 12 13.78 2.78 3.24
C ASN A 12 13.39 1.32 3.37
N SER A 13 12.78 0.97 4.49
CA SER A 13 12.30 -0.36 4.70
C SER A 13 10.97 -0.33 5.47
N ILE A 14 10.27 -1.44 5.46
CA ILE A 14 8.95 -1.58 6.09
C ILE A 14 9.04 -1.49 7.65
N SER A 15 10.25 -1.65 8.17
CA SER A 15 10.47 -1.71 9.60
C SER A 15 10.34 -0.32 10.25
N ASP A 16 10.36 0.72 9.43
CA ASP A 16 10.21 2.07 9.95
C ASP A 16 8.80 2.55 9.67
N TYR A 17 8.03 1.66 9.10
CA TYR A 17 6.69 1.99 8.68
C TYR A 17 5.71 1.58 9.70
N THR A 18 5.08 2.55 10.30
CA THR A 18 4.01 2.27 11.17
C THR A 18 2.85 1.95 10.25
N GLU A 19 1.88 1.21 10.71
CA GLU A 19 0.76 0.87 9.85
C GLU A 19 0.07 2.12 9.31
N ALA A 20 -0.09 3.13 10.14
CA ALA A 20 -0.67 4.40 9.70
C ALA A 20 0.26 5.18 8.75
N GLU A 21 1.59 5.17 9.01
CA GLU A 21 2.58 5.81 8.08
C GLU A 21 2.44 5.21 6.72
N PHE A 22 2.28 3.90 6.74
CA PHE A 22 2.15 3.14 5.55
C PHE A 22 0.83 3.48 4.88
N VAL A 23 -0.29 3.38 5.61
CA VAL A 23 -1.62 3.66 5.03
C VAL A 23 -1.72 5.11 4.52
N GLN A 24 -1.02 6.05 5.18
CA GLN A 24 -1.04 7.44 4.82
C GLN A 24 -0.33 7.60 3.50
N LEU A 25 0.79 6.90 3.39
CA LEU A 25 1.60 6.91 2.20
C LEU A 25 0.77 6.33 1.07
N LEU A 26 0.04 5.32 1.39
CA LEU A 26 -0.83 4.66 0.47
C LEU A 26 -1.96 5.58 0.01
N LYS A 27 -2.46 6.43 0.90
CA LYS A 27 -3.51 7.37 0.55
C LYS A 27 -2.98 8.40 -0.43
N GLU A 28 -1.73 8.80 -0.25
CA GLU A 28 -1.15 9.77 -1.15
C GLU A 28 -0.85 9.15 -2.51
N ILE A 29 -0.52 7.86 -2.53
CA ILE A 29 -0.33 7.15 -3.80
C ILE A 29 -1.66 7.07 -4.52
N GLU A 30 -2.71 6.72 -3.79
CA GLU A 30 -4.03 6.61 -4.32
C GLU A 30 -4.46 7.94 -4.95
N LYS A 31 -4.14 9.02 -4.25
CA LYS A 31 -4.50 10.35 -4.66
C LYS A 31 -3.87 10.68 -6.02
N GLU A 32 -2.59 10.38 -6.16
CA GLU A 32 -1.92 10.70 -7.41
C GLU A 32 -2.21 9.65 -8.50
N ASN A 33 -2.56 8.44 -8.09
CA ASN A 33 -2.94 7.38 -9.03
C ASN A 33 -4.23 7.77 -9.75
N VAL A 34 -5.19 8.29 -9.01
CA VAL A 34 -6.46 8.69 -9.60
C VAL A 34 -6.33 10.02 -10.35
N ALA A 35 -5.48 10.93 -9.83
CA ALA A 35 -5.20 12.20 -10.53
C ALA A 35 -4.40 11.92 -11.79
N ALA A 36 -3.64 10.84 -11.71
CA ALA A 36 -2.82 10.26 -12.74
C ALA A 36 -1.54 11.01 -12.99
N THR A 37 -0.53 10.66 -12.24
CA THR A 37 0.77 11.18 -12.48
C THR A 37 1.57 10.03 -13.03
N ASP A 38 2.79 10.27 -13.41
CA ASP A 38 3.64 9.17 -13.79
C ASP A 38 5.01 9.36 -13.19
N ASP A 39 5.21 10.49 -12.55
CA ASP A 39 6.47 10.79 -11.93
C ASP A 39 6.49 10.22 -10.53
N VAL A 40 5.61 10.69 -9.69
CA VAL A 40 5.59 10.26 -8.32
C VAL A 40 4.86 8.93 -8.21
N LEU A 41 3.98 8.71 -9.16
CA LEU A 41 3.23 7.46 -9.29
C LEU A 41 4.20 6.34 -9.44
N ASP A 42 5.19 6.53 -10.29
CA ASP A 42 6.22 5.50 -10.50
C ASP A 42 6.95 5.24 -9.24
N VAL A 43 7.33 6.32 -8.57
CA VAL A 43 8.11 6.23 -7.35
C VAL A 43 7.36 5.51 -6.30
N LEU A 44 6.16 5.91 -6.10
CA LEU A 44 5.38 5.43 -5.02
C LEU A 44 5.04 4.01 -5.22
N LEU A 45 4.70 3.69 -6.42
CA LEU A 45 4.37 2.35 -6.78
C LEU A 45 5.54 1.40 -6.51
N GLU A 46 6.72 1.75 -7.00
CA GLU A 46 7.87 0.91 -6.75
C GLU A 46 8.36 0.95 -5.31
N HIS A 47 8.27 2.12 -4.71
CA HIS A 47 8.73 2.33 -3.36
C HIS A 47 7.88 1.52 -2.39
N PHE A 48 6.63 1.47 -2.67
CA PHE A 48 5.69 0.67 -1.93
C PHE A 48 6.05 -0.82 -2.02
N VAL A 49 6.21 -1.32 -3.21
CA VAL A 49 6.53 -2.71 -3.40
C VAL A 49 7.91 -3.10 -2.88
N LYS A 50 8.84 -2.22 -2.95
CA LYS A 50 10.21 -2.51 -2.46
C LYS A 50 10.23 -2.65 -0.90
N ILE A 51 9.36 -1.94 -0.22
CA ILE A 51 9.33 -2.01 1.22
C ILE A 51 8.51 -3.20 1.72
N THR A 52 7.37 -3.46 1.10
CA THR A 52 6.56 -4.60 1.50
C THR A 52 7.05 -5.89 0.84
N GLU A 53 7.63 -5.75 -0.35
CA GLU A 53 8.17 -6.84 -1.18
C GLU A 53 7.10 -7.82 -1.61
N HIS A 54 5.88 -7.31 -1.67
CA HIS A 54 4.75 -8.08 -2.10
C HIS A 54 4.85 -8.25 -3.62
N PRO A 55 4.66 -9.45 -4.18
CA PRO A 55 4.86 -9.70 -5.63
C PRO A 55 3.84 -9.02 -6.47
N ASP A 56 2.80 -8.60 -5.83
CA ASP A 56 1.68 -8.06 -6.46
C ASP A 56 1.48 -6.70 -5.84
N GLY A 57 2.61 -6.12 -5.40
CA GLY A 57 2.64 -4.83 -4.73
C GLY A 57 1.88 -3.81 -5.43
N THR A 58 2.24 -3.58 -6.61
CA THR A 58 1.67 -2.49 -7.33
C THR A 58 0.23 -2.82 -7.71
N ALA A 59 -0.03 -4.11 -7.90
CA ALA A 59 -1.33 -4.63 -8.22
C ALA A 59 -2.32 -4.31 -7.10
N LEU A 60 -1.87 -4.46 -5.85
CA LEU A 60 -2.71 -4.14 -4.68
C LEU A 60 -3.20 -2.71 -4.70
N ILE A 61 -2.33 -1.77 -5.02
CA ILE A 61 -2.72 -0.34 -5.05
C ILE A 61 -3.74 -0.11 -6.16
N TYR A 62 -3.46 -0.72 -7.28
CA TYR A 62 -4.31 -0.65 -8.43
C TYR A 62 -5.69 -1.23 -8.16
N GLU A 63 -5.74 -2.40 -7.53
CA GLU A 63 -7.00 -3.04 -7.25
C GLU A 63 -7.77 -2.28 -6.20
N ALA A 64 -7.06 -1.71 -5.23
CA ALA A 64 -7.68 -0.91 -4.18
C ALA A 64 -8.46 0.25 -4.78
N ALA A 65 -7.84 0.94 -5.71
CA ALA A 65 -8.47 2.07 -6.36
C ALA A 65 -9.68 1.63 -7.18
N ALA A 66 -9.54 0.52 -7.87
CA ALA A 66 -10.60 -0.01 -8.72
C ALA A 66 -11.78 -0.50 -7.88
N ARG A 67 -11.47 -1.22 -6.83
CA ARG A 67 -12.46 -1.77 -5.93
C ARG A 67 -13.16 -0.68 -5.14
N ALA A 68 -12.46 0.39 -4.85
CA ALA A 68 -13.05 1.50 -4.13
C ALA A 68 -14.01 2.28 -5.02
N ALA A 69 -13.67 2.36 -6.32
CA ALA A 69 -14.48 3.07 -7.31
C ALA A 69 -15.89 2.47 -7.36
N ALA A 70 -15.96 1.17 -7.33
CA ALA A 70 -17.22 0.49 -7.28
C ALA A 70 -17.17 -0.52 -6.16
N ASN A 71 -17.23 -0.02 -4.94
CA ASN A 71 -17.09 -0.87 -3.78
C ASN A 71 -18.32 -1.65 -3.52
N PRO A 72 -18.20 -2.96 -3.48
CA PRO A 72 -19.30 -3.80 -3.15
C PRO A 72 -19.49 -3.89 -1.63
N GLY A 73 -18.39 -3.83 -0.91
CA GLY A 73 -18.42 -3.86 0.51
C GLY A 73 -17.95 -2.56 1.08
N GLY A 74 -16.66 -2.45 1.25
CA GLY A 74 -16.13 -1.22 1.78
C GLY A 74 -14.85 -1.42 2.54
N ASP A 75 -14.70 -2.59 3.15
CA ASP A 75 -13.48 -2.92 3.89
C ASP A 75 -12.32 -3.06 2.92
N GLY A 76 -12.63 -3.60 1.76
CA GLY A 76 -11.67 -3.73 0.72
C GLY A 76 -11.85 -2.63 -0.26
N GLY A 77 -10.78 -2.24 -0.89
CA GLY A 77 -10.82 -1.15 -1.78
C GLY A 77 -10.38 0.10 -1.08
N GLY A 78 -9.13 0.14 -0.70
CA GLY A 78 -8.65 1.29 -0.05
C GLY A 78 -7.28 1.13 0.55
N PRO A 79 -6.64 2.25 0.84
CA PRO A 79 -5.28 2.31 1.37
C PRO A 79 -5.10 1.62 2.73
N GLU A 80 -6.14 1.56 3.50
CA GLU A 80 -6.12 0.89 4.80
C GLU A 80 -6.64 -0.52 4.66
N GLY A 81 -6.98 -0.93 3.48
CA GLY A 81 -7.37 -2.29 3.30
C GLY A 81 -6.28 -3.10 2.68
N ILE A 82 -5.56 -2.49 1.75
CA ILE A 82 -4.38 -3.12 1.14
C ILE A 82 -3.36 -3.47 2.20
N VAL A 83 -3.30 -2.66 3.25
CA VAL A 83 -2.39 -2.85 4.30
C VAL A 83 -2.65 -4.13 5.07
N LYS A 84 -3.90 -4.46 5.20
CA LYS A 84 -4.31 -5.66 5.85
C LYS A 84 -3.87 -6.86 5.00
N GLU A 85 -3.98 -6.69 3.68
CA GLU A 85 -3.56 -7.72 2.74
C GLU A 85 -2.04 -7.87 2.80
N ILE A 86 -1.37 -6.73 2.89
CA ILE A 86 0.09 -6.65 3.00
C ILE A 86 0.59 -7.33 4.27
N LYS A 87 -0.05 -7.05 5.40
CA LYS A 87 0.42 -7.56 6.67
C LYS A 87 0.25 -9.07 6.70
N GLU A 88 -0.88 -9.56 6.19
CA GLU A 88 -1.19 -10.97 6.21
C GLU A 88 -0.23 -11.79 5.34
N TRP A 89 0.23 -11.19 4.27
CA TRP A 89 1.15 -11.84 3.40
C TRP A 89 2.53 -11.95 4.06
N ARG A 90 2.99 -10.84 4.59
CA ARG A 90 4.33 -10.79 5.15
C ARG A 90 4.40 -11.58 6.45
N ALA A 91 3.34 -11.52 7.23
CA ALA A 91 3.25 -12.28 8.47
C ALA A 91 3.22 -13.78 8.20
N ALA A 92 2.53 -14.17 7.13
CA ALA A 92 2.45 -15.58 6.73
C ALA A 92 3.80 -16.07 6.23
N ASN A 93 4.62 -15.17 5.73
CA ASN A 93 5.97 -15.46 5.34
C ASN A 93 6.85 -15.60 6.56
N GLY A 94 6.41 -15.01 7.65
CA GLY A 94 7.25 -14.93 8.82
C GLY A 94 8.31 -13.91 8.54
N LYS A 95 7.88 -12.77 8.08
CA LYS A 95 8.73 -11.74 7.62
C LYS A 95 8.22 -10.43 8.24
N PRO A 96 9.12 -9.67 8.92
CA PRO A 96 8.75 -8.47 9.72
C PRO A 96 7.92 -7.45 8.94
N GLY A 97 6.73 -7.19 9.43
CA GLY A 97 5.83 -6.27 8.78
C GLY A 97 5.92 -4.85 9.33
N PHE A 98 4.77 -4.31 9.72
CA PHE A 98 4.68 -2.92 10.14
C PHE A 98 5.15 -2.76 11.56
N LYS A 99 5.66 -1.61 11.88
CA LYS A 99 6.02 -1.30 13.20
C LYS A 99 4.82 -0.61 13.84
N GLN A 100 4.96 -0.28 15.07
CA GLN A 100 3.98 0.41 15.80
C GLN A 100 4.44 1.81 16.09
N GLY A 101 3.52 2.72 16.02
CA GLY A 101 3.80 4.09 16.32
C GLY A 101 2.82 4.94 15.60
N GLU A 9 5.07 9.42 5.28
CA GLU A 9 6.27 9.92 4.60
C GLU A 9 7.09 8.76 4.17
N LEU A 10 8.20 9.01 3.52
CA LEU A 10 9.00 7.95 2.98
C LEU A 10 10.05 7.49 3.95
N LYS A 11 10.08 6.21 4.13
CA LYS A 11 11.10 5.55 4.89
C LYS A 11 11.99 4.88 3.85
N ASN A 12 12.78 3.93 4.24
CA ASN A 12 13.58 3.20 3.27
C ASN A 12 13.22 1.75 3.29
N SER A 13 12.86 1.26 4.45
CA SER A 13 12.39 -0.08 4.58
C SER A 13 11.03 -0.05 5.28
N ILE A 14 10.31 -1.15 5.25
CA ILE A 14 8.99 -1.17 5.84
C ILE A 14 9.05 -1.34 7.36
N SER A 15 10.24 -1.44 7.86
CA SER A 15 10.47 -1.58 9.27
C SER A 15 10.41 -0.22 9.99
N ASP A 16 10.37 0.86 9.21
CA ASP A 16 10.20 2.20 9.80
C ASP A 16 8.80 2.67 9.52
N TYR A 17 8.05 1.82 8.86
CA TYR A 17 6.72 2.14 8.44
C TYR A 17 5.73 1.59 9.39
N THR A 18 5.04 2.45 10.05
CA THR A 18 3.95 2.04 10.86
C THR A 18 2.81 1.82 9.89
N GLU A 19 1.81 1.08 10.26
CA GLU A 19 0.71 0.87 9.35
C GLU A 19 0.03 2.18 8.98
N ALA A 20 -0.09 3.10 9.91
CA ALA A 20 -0.68 4.40 9.62
C ALA A 20 0.24 5.27 8.73
N GLU A 21 1.57 5.22 8.96
CA GLU A 21 2.53 5.95 8.10
C GLU A 21 2.40 5.45 6.70
N PHE A 22 2.27 4.16 6.62
CA PHE A 22 2.16 3.49 5.41
C PHE A 22 0.83 3.80 4.75
N VAL A 23 -0.29 3.71 5.49
CA VAL A 23 -1.61 4.01 4.93
C VAL A 23 -1.63 5.43 4.39
N GLN A 24 -1.04 6.37 5.13
CA GLN A 24 -0.99 7.76 4.78
C GLN A 24 -0.24 7.94 3.46
N LEU A 25 0.93 7.33 3.38
CA LEU A 25 1.78 7.42 2.21
C LEU A 25 1.06 6.77 1.03
N LEU A 26 0.45 5.66 1.31
CA LEU A 26 -0.31 4.86 0.36
C LEU A 26 -1.43 5.66 -0.24
N LYS A 27 -2.13 6.37 0.60
CA LYS A 27 -3.21 7.22 0.19
C LYS A 27 -2.69 8.30 -0.75
N GLU A 28 -1.48 8.76 -0.49
CA GLU A 28 -0.85 9.72 -1.34
C GLU A 28 -0.52 9.09 -2.68
N ILE A 29 -0.10 7.84 -2.66
CA ILE A 29 0.15 7.10 -3.89
C ILE A 29 -1.14 7.01 -4.67
N GLU A 30 -2.21 6.73 -3.96
CA GLU A 30 -3.56 6.65 -4.50
C GLU A 30 -3.96 8.00 -5.12
N LYS A 31 -3.50 9.07 -4.52
CA LYS A 31 -3.79 10.41 -4.99
C LYS A 31 -3.07 10.64 -6.30
N GLU A 32 -1.77 10.36 -6.30
CA GLU A 32 -0.95 10.48 -7.47
C GLU A 32 -1.39 9.50 -8.57
N ASN A 33 -2.01 8.41 -8.15
CA ASN A 33 -2.58 7.38 -9.03
C ASN A 33 -3.75 7.96 -9.81
N VAL A 34 -4.73 8.51 -9.09
CA VAL A 34 -5.92 9.06 -9.72
C VAL A 34 -5.63 10.39 -10.43
N ALA A 35 -4.57 11.05 -10.02
CA ALA A 35 -4.15 12.27 -10.68
C ALA A 35 -3.27 11.92 -11.88
N ALA A 36 -2.83 10.65 -11.95
CA ALA A 36 -1.97 10.11 -13.01
C ALA A 36 -0.74 10.99 -13.20
N THR A 37 0.00 11.14 -12.14
CA THR A 37 1.17 12.02 -12.13
C THR A 37 2.36 11.36 -12.81
N ASP A 38 2.35 10.04 -12.81
CA ASP A 38 3.34 9.18 -13.38
C ASP A 38 4.68 9.21 -12.70
N ASP A 39 5.37 10.35 -12.72
CA ASP A 39 6.75 10.43 -12.18
C ASP A 39 6.81 10.00 -10.74
N VAL A 40 6.04 10.66 -9.92
CA VAL A 40 6.10 10.39 -8.49
C VAL A 40 5.29 9.15 -8.17
N LEU A 41 4.27 8.95 -8.95
CA LEU A 41 3.41 7.80 -8.83
C LEU A 41 4.26 6.55 -9.02
N ASP A 42 5.11 6.56 -10.01
CA ASP A 42 5.99 5.45 -10.30
C ASP A 42 6.98 5.24 -9.20
N VAL A 43 7.44 6.34 -8.63
CA VAL A 43 8.35 6.28 -7.49
C VAL A 43 7.70 5.50 -6.40
N LEU A 44 6.50 5.89 -6.14
CA LEU A 44 5.75 5.39 -5.08
C LEU A 44 5.39 3.97 -5.29
N LEU A 45 5.01 3.65 -6.49
CA LEU A 45 4.65 2.31 -6.85
C LEU A 45 5.81 1.36 -6.64
N GLU A 46 6.98 1.79 -7.04
CA GLU A 46 8.19 1.01 -6.85
C GLU A 46 8.56 0.96 -5.37
N HIS A 47 8.48 2.10 -4.73
CA HIS A 47 8.84 2.23 -3.34
C HIS A 47 7.97 1.33 -2.50
N PHE A 48 6.71 1.38 -2.77
CA PHE A 48 5.72 0.62 -2.11
C PHE A 48 5.99 -0.89 -2.24
N VAL A 49 6.20 -1.36 -3.43
CA VAL A 49 6.46 -2.78 -3.64
C VAL A 49 7.80 -3.21 -3.05
N LYS A 50 8.80 -2.34 -3.08
CA LYS A 50 10.13 -2.70 -2.56
C LYS A 50 10.13 -2.79 -1.02
N ILE A 51 9.30 -2.00 -0.38
CA ILE A 51 9.20 -2.05 1.07
C ILE A 51 8.26 -3.17 1.51
N THR A 52 7.20 -3.41 0.77
CA THR A 52 6.27 -4.45 1.13
C THR A 52 6.84 -5.81 0.79
N GLU A 53 7.46 -5.88 -0.40
CA GLU A 53 8.00 -7.08 -0.98
C GLU A 53 6.91 -8.10 -1.20
N HIS A 54 5.73 -7.55 -1.44
CA HIS A 54 4.58 -8.31 -1.76
C HIS A 54 4.63 -8.43 -3.27
N PRO A 55 4.44 -9.61 -3.84
CA PRO A 55 4.59 -9.83 -5.30
C PRO A 55 3.45 -9.26 -6.09
N ASP A 56 2.71 -8.40 -5.51
CA ASP A 56 1.55 -7.93 -6.10
C ASP A 56 1.44 -6.50 -5.75
N GLY A 57 2.59 -5.90 -5.43
CA GLY A 57 2.70 -4.53 -4.95
C GLY A 57 1.84 -3.58 -5.68
N THR A 58 2.13 -3.39 -6.88
CA THR A 58 1.44 -2.38 -7.59
C THR A 58 -0.02 -2.79 -7.88
N ALA A 59 -0.26 -4.11 -7.94
CA ALA A 59 -1.59 -4.64 -8.16
C ALA A 59 -2.47 -4.28 -7.00
N LEU A 60 -1.90 -4.32 -5.79
CA LEU A 60 -2.61 -3.96 -4.56
C LEU A 60 -3.14 -2.54 -4.62
N ILE A 61 -2.30 -1.62 -5.06
CA ILE A 61 -2.71 -0.20 -5.13
C ILE A 61 -3.79 -0.04 -6.18
N TYR A 62 -3.53 -0.62 -7.32
CA TYR A 62 -4.42 -0.56 -8.42
C TYR A 62 -5.78 -1.23 -8.13
N GLU A 63 -5.78 -2.35 -7.43
CA GLU A 63 -7.03 -2.97 -7.06
C GLU A 63 -7.75 -2.18 -5.99
N ALA A 64 -7.00 -1.58 -5.06
CA ALA A 64 -7.57 -0.74 -4.02
C ALA A 64 -8.35 0.41 -4.64
N ALA A 65 -7.80 0.96 -5.72
CA ALA A 65 -8.44 2.03 -6.47
C ALA A 65 -9.76 1.53 -7.06
N ALA A 66 -9.71 0.38 -7.70
CA ALA A 66 -10.88 -0.21 -8.36
C ALA A 66 -11.94 -0.64 -7.35
N ARG A 67 -11.50 -1.28 -6.29
CA ARG A 67 -12.39 -1.76 -5.25
C ARG A 67 -13.06 -0.63 -4.50
N ALA A 68 -12.38 0.50 -4.40
CA ALA A 68 -12.98 1.67 -3.78
C ALA A 68 -13.92 2.41 -4.73
N ALA A 69 -13.62 2.35 -6.03
CA ALA A 69 -14.45 3.00 -7.07
C ALA A 69 -15.86 2.48 -7.00
N ALA A 70 -15.95 1.19 -6.85
CA ALA A 70 -17.19 0.53 -6.66
C ALA A 70 -16.97 -0.57 -5.68
N ASN A 71 -17.25 -0.28 -4.44
CA ASN A 71 -17.07 -1.24 -3.38
C ASN A 71 -17.89 -2.49 -3.63
N PRO A 72 -17.24 -3.66 -3.72
CA PRO A 72 -17.92 -4.94 -3.95
C PRO A 72 -18.46 -5.53 -2.63
N GLY A 73 -18.22 -4.82 -1.56
CA GLY A 73 -18.64 -5.24 -0.28
C GLY A 73 -18.33 -4.20 0.72
N GLY A 74 -17.68 -4.59 1.78
CA GLY A 74 -17.36 -3.66 2.82
C GLY A 74 -16.27 -4.16 3.71
N ASP A 75 -15.21 -4.63 3.10
CA ASP A 75 -14.07 -5.15 3.85
C ASP A 75 -13.02 -4.09 3.96
N GLY A 76 -12.98 -3.25 2.95
CA GLY A 76 -12.04 -2.19 2.93
C GLY A 76 -11.40 -2.07 1.59
N GLY A 77 -12.04 -1.35 0.72
CA GLY A 77 -11.51 -1.13 -0.57
C GLY A 77 -10.77 0.18 -0.57
N GLY A 78 -9.47 0.13 -0.54
CA GLY A 78 -8.72 1.30 -0.49
C GLY A 78 -7.46 1.10 0.29
N PRO A 79 -6.68 2.17 0.47
CA PRO A 79 -5.39 2.18 1.16
C PRO A 79 -5.39 1.43 2.49
N GLU A 80 -6.32 1.77 3.35
CA GLU A 80 -6.40 1.18 4.69
C GLU A 80 -7.00 -0.24 4.66
N GLY A 81 -7.31 -0.75 3.49
CA GLY A 81 -7.75 -2.11 3.42
C GLY A 81 -6.72 -3.01 2.81
N ILE A 82 -6.03 -2.53 1.78
CA ILE A 82 -4.91 -3.29 1.21
C ILE A 82 -3.84 -3.51 2.22
N VAL A 83 -3.66 -2.57 3.12
CA VAL A 83 -2.70 -2.67 4.15
C VAL A 83 -2.93 -3.88 5.04
N LYS A 84 -4.17 -4.23 5.21
CA LYS A 84 -4.55 -5.41 5.93
C LYS A 84 -4.09 -6.66 5.14
N GLU A 85 -4.29 -6.62 3.82
CA GLU A 85 -3.84 -7.71 2.93
C GLU A 85 -2.32 -7.83 3.04
N ILE A 86 -1.69 -6.66 3.03
CA ILE A 86 -0.26 -6.54 3.09
C ILE A 86 0.31 -7.06 4.43
N LYS A 87 -0.34 -6.72 5.55
CA LYS A 87 0.17 -7.13 6.84
C LYS A 87 0.06 -8.64 7.01
N GLU A 88 -1.08 -9.20 6.59
CA GLU A 88 -1.34 -10.61 6.78
C GLU A 88 -0.41 -11.47 5.93
N TRP A 89 -0.04 -10.96 4.77
CA TRP A 89 0.82 -11.70 3.87
C TRP A 89 2.19 -11.87 4.48
N ARG A 90 2.76 -10.77 4.98
CA ARG A 90 4.09 -10.84 5.58
C ARG A 90 4.10 -11.57 6.90
N ALA A 91 3.04 -11.38 7.68
CA ALA A 91 2.93 -11.99 8.99
C ALA A 91 2.93 -13.49 8.87
N ALA A 92 2.14 -14.02 7.93
CA ALA A 92 2.05 -15.45 7.72
C ALA A 92 3.27 -15.98 6.98
N ASN A 93 3.91 -15.12 6.19
CA ASN A 93 5.06 -15.52 5.40
C ASN A 93 6.30 -15.64 6.26
N GLY A 94 6.37 -14.81 7.29
CA GLY A 94 7.53 -14.77 8.16
C GLY A 94 8.50 -13.72 7.66
N LYS A 95 7.95 -12.60 7.24
CA LYS A 95 8.69 -11.53 6.69
C LYS A 95 8.27 -10.22 7.36
N PRO A 96 9.16 -9.19 7.37
CA PRO A 96 8.87 -7.88 7.97
C PRO A 96 7.60 -7.23 7.42
N GLY A 97 6.70 -6.88 8.31
CA GLY A 97 5.45 -6.30 7.93
C GLY A 97 5.38 -4.83 8.20
N PHE A 98 4.82 -4.45 9.31
CA PHE A 98 4.75 -3.05 9.70
C PHE A 98 5.21 -2.92 11.10
N LYS A 99 5.81 -1.81 11.43
CA LYS A 99 6.17 -1.59 12.76
C LYS A 99 4.98 -1.02 13.48
N GLN A 100 5.04 -1.04 14.75
CA GLN A 100 4.02 -0.55 15.55
C GLN A 100 4.35 0.88 15.93
N GLY A 101 3.38 1.71 15.85
CA GLY A 101 3.53 3.09 16.20
C GLY A 101 2.22 3.77 16.07
N GLU A 9 5.47 10.45 6.84
CA GLU A 9 6.52 10.66 5.87
C GLU A 9 6.96 9.35 5.28
N LEU A 10 7.84 9.38 4.31
CA LEU A 10 8.29 8.17 3.69
C LEU A 10 9.53 7.68 4.39
N LYS A 11 9.59 6.40 4.60
CA LYS A 11 10.71 5.80 5.25
C LYS A 11 11.65 5.25 4.17
N ASN A 12 12.49 4.33 4.53
CA ASN A 12 13.35 3.69 3.55
C ASN A 12 13.05 2.21 3.46
N SER A 13 12.54 1.66 4.54
CA SER A 13 12.16 0.28 4.58
C SER A 13 10.82 0.17 5.29
N ILE A 14 10.15 -0.98 5.19
CA ILE A 14 8.85 -1.20 5.80
C ILE A 14 8.95 -1.19 7.35
N SER A 15 10.18 -1.24 7.84
CA SER A 15 10.44 -1.44 9.24
C SER A 15 10.16 -0.17 10.03
N ASP A 16 10.28 0.99 9.41
CA ASP A 16 10.01 2.20 10.15
C ASP A 16 8.59 2.65 9.89
N TYR A 17 7.94 1.94 9.01
CA TYR A 17 6.59 2.27 8.63
C TYR A 17 5.64 1.75 9.63
N THR A 18 4.96 2.63 10.29
CA THR A 18 3.86 2.23 11.10
C THR A 18 2.77 1.94 10.10
N GLU A 19 1.78 1.18 10.46
CA GLU A 19 0.74 0.90 9.51
C GLU A 19 0.05 2.18 9.05
N ALA A 20 -0.10 3.13 9.93
CA ALA A 20 -0.70 4.42 9.58
C ALA A 20 0.23 5.25 8.67
N GLU A 21 1.56 5.19 8.92
CA GLU A 21 2.53 5.84 8.01
C GLU A 21 2.39 5.27 6.63
N PHE A 22 2.18 3.99 6.61
CA PHE A 22 2.04 3.25 5.41
C PHE A 22 0.70 3.57 4.74
N VAL A 23 -0.39 3.62 5.52
CA VAL A 23 -1.71 3.95 4.95
C VAL A 23 -1.70 5.35 4.35
N GLN A 24 -0.99 6.28 5.00
CA GLN A 24 -0.87 7.65 4.56
C GLN A 24 -0.24 7.66 3.15
N LEU A 25 0.86 6.93 3.02
CA LEU A 25 1.56 6.79 1.74
C LEU A 25 0.64 6.26 0.69
N LEU A 26 -0.04 5.23 1.05
CA LEU A 26 -1.00 4.56 0.20
C LEU A 26 -2.12 5.46 -0.23
N LYS A 27 -2.61 6.28 0.69
CA LYS A 27 -3.65 7.24 0.37
C LYS A 27 -3.14 8.24 -0.64
N GLU A 28 -1.87 8.58 -0.54
CA GLU A 28 -1.22 9.47 -1.48
C GLU A 28 -1.08 8.80 -2.82
N ILE A 29 -0.68 7.53 -2.80
CA ILE A 29 -0.50 6.75 -4.00
C ILE A 29 -1.82 6.66 -4.75
N GLU A 30 -2.90 6.44 -4.01
CA GLU A 30 -4.23 6.34 -4.60
C GLU A 30 -4.56 7.61 -5.37
N LYS A 31 -4.28 8.71 -4.73
CA LYS A 31 -4.57 10.01 -5.26
C LYS A 31 -3.83 10.26 -6.57
N GLU A 32 -2.54 10.04 -6.58
CA GLU A 32 -1.75 10.31 -7.76
C GLU A 32 -1.86 9.20 -8.81
N ASN A 33 -2.25 8.01 -8.39
CA ASN A 33 -2.50 6.89 -9.31
C ASN A 33 -3.78 7.17 -10.10
N VAL A 34 -4.81 7.61 -9.39
CA VAL A 34 -6.10 7.93 -10.02
C VAL A 34 -5.96 9.20 -10.89
N ALA A 35 -5.10 10.12 -10.46
CA ALA A 35 -4.83 11.36 -11.22
C ALA A 35 -3.75 11.11 -12.27
N ALA A 36 -3.19 9.91 -12.21
CA ALA A 36 -2.14 9.41 -13.10
C ALA A 36 -0.93 10.33 -13.25
N THR A 37 -0.01 10.25 -12.32
CA THR A 37 1.21 10.98 -12.45
C THR A 37 2.25 9.99 -12.98
N ASP A 38 3.49 10.37 -13.05
CA ASP A 38 4.48 9.40 -13.44
C ASP A 38 5.72 9.50 -12.59
N ASP A 39 6.00 10.69 -12.10
CA ASP A 39 7.19 10.90 -11.29
C ASP A 39 7.03 10.25 -9.96
N VAL A 40 6.05 10.72 -9.22
CA VAL A 40 5.87 10.23 -7.87
C VAL A 40 5.17 8.89 -7.89
N LEU A 41 4.40 8.67 -8.94
CA LEU A 41 3.70 7.41 -9.17
C LEU A 41 4.68 6.28 -9.25
N ASP A 42 5.74 6.47 -9.99
CA ASP A 42 6.73 5.39 -10.08
C ASP A 42 7.50 5.26 -8.80
N VAL A 43 7.64 6.35 -8.07
CA VAL A 43 8.34 6.28 -6.82
C VAL A 43 7.55 5.48 -5.86
N LEU A 44 6.32 5.84 -5.75
CA LEU A 44 5.48 5.31 -4.74
C LEU A 44 5.17 3.90 -4.98
N LEU A 45 4.86 3.59 -6.20
CA LEU A 45 4.53 2.27 -6.59
C LEU A 45 5.68 1.34 -6.35
N GLU A 46 6.85 1.76 -6.75
CA GLU A 46 8.02 0.96 -6.54
C GLU A 46 8.43 0.89 -5.09
N HIS A 47 8.30 2.02 -4.40
CA HIS A 47 8.70 2.12 -3.01
C HIS A 47 7.85 1.20 -2.17
N PHE A 48 6.59 1.24 -2.44
CA PHE A 48 5.63 0.42 -1.76
C PHE A 48 5.95 -1.05 -1.96
N VAL A 49 6.09 -1.45 -3.20
CA VAL A 49 6.39 -2.82 -3.49
C VAL A 49 7.79 -3.25 -3.04
N LYS A 50 8.74 -2.35 -3.06
CA LYS A 50 10.12 -2.70 -2.66
C LYS A 50 10.22 -3.03 -1.17
N ILE A 51 9.40 -2.39 -0.36
CA ILE A 51 9.44 -2.61 1.07
C ILE A 51 8.55 -3.76 1.48
N THR A 52 7.47 -3.96 0.74
CA THR A 52 6.56 -5.05 1.02
C THR A 52 7.03 -6.34 0.37
N GLU A 53 7.62 -6.18 -0.82
CA GLU A 53 8.04 -7.27 -1.69
C GLU A 53 6.89 -8.16 -2.04
N HIS A 54 5.71 -7.55 -2.07
CA HIS A 54 4.50 -8.23 -2.36
C HIS A 54 4.44 -8.48 -3.87
N PRO A 55 4.00 -9.66 -4.34
CA PRO A 55 3.98 -10.01 -5.78
C PRO A 55 2.89 -9.31 -6.52
N ASP A 56 2.09 -8.63 -5.78
CA ASP A 56 0.96 -8.01 -6.31
C ASP A 56 1.00 -6.60 -5.79
N GLY A 57 2.21 -6.10 -5.56
CA GLY A 57 2.40 -4.76 -5.01
C GLY A 57 1.62 -3.74 -5.69
N THR A 58 1.86 -3.61 -6.92
CA THR A 58 1.21 -2.59 -7.64
C THR A 58 -0.23 -2.98 -7.94
N ALA A 59 -0.46 -4.28 -8.05
CA ALA A 59 -1.78 -4.80 -8.31
C ALA A 59 -2.71 -4.41 -7.19
N LEU A 60 -2.25 -4.51 -5.94
CA LEU A 60 -3.05 -4.14 -4.79
C LEU A 60 -3.52 -2.72 -4.87
N ILE A 61 -2.61 -1.79 -5.13
CA ILE A 61 -3.00 -0.39 -5.19
C ILE A 61 -3.92 -0.12 -6.37
N TYR A 62 -3.57 -0.72 -7.50
CA TYR A 62 -4.35 -0.59 -8.69
C TYR A 62 -5.77 -1.14 -8.50
N GLU A 63 -5.88 -2.31 -7.89
CA GLU A 63 -7.18 -2.90 -7.64
C GLU A 63 -7.92 -2.16 -6.55
N ALA A 64 -7.19 -1.69 -5.55
CA ALA A 64 -7.79 -0.94 -4.44
C ALA A 64 -8.50 0.27 -4.96
N ALA A 65 -7.87 0.99 -5.89
CA ALA A 65 -8.45 2.18 -6.49
C ALA A 65 -9.77 1.85 -7.19
N ALA A 66 -9.76 0.78 -7.98
CA ALA A 66 -10.95 0.37 -8.73
C ALA A 66 -12.05 -0.16 -7.79
N ARG A 67 -11.64 -0.95 -6.82
CA ARG A 67 -12.56 -1.52 -5.83
C ARG A 67 -13.12 -0.44 -4.91
N ALA A 68 -12.34 0.60 -4.66
CA ALA A 68 -12.78 1.71 -3.82
C ALA A 68 -13.69 2.66 -4.60
N ALA A 69 -13.46 2.76 -5.92
CA ALA A 69 -14.29 3.60 -6.79
C ALA A 69 -15.75 3.16 -6.70
N ALA A 70 -15.94 1.87 -6.72
CA ALA A 70 -17.23 1.29 -6.51
C ALA A 70 -17.10 0.25 -5.42
N ASN A 71 -17.17 0.71 -4.20
CA ASN A 71 -16.93 -0.13 -3.06
C ASN A 71 -18.17 -0.82 -2.58
N PRO A 72 -18.14 -2.14 -2.58
CA PRO A 72 -19.27 -2.91 -2.17
C PRO A 72 -19.39 -3.05 -0.64
N GLY A 73 -18.31 -2.76 0.05
CA GLY A 73 -18.31 -2.84 1.48
C GLY A 73 -17.34 -3.88 1.98
N GLY A 74 -16.35 -3.46 2.73
CA GLY A 74 -15.41 -4.37 3.28
C GLY A 74 -14.02 -3.79 3.28
N ASP A 75 -13.05 -4.62 2.99
CA ASP A 75 -11.66 -4.19 2.94
C ASP A 75 -11.11 -4.53 1.60
N GLY A 76 -10.17 -3.76 1.16
CA GLY A 76 -9.52 -4.03 -0.09
C GLY A 76 -9.60 -2.86 -0.97
N GLY A 77 -10.78 -2.32 -1.08
CA GLY A 77 -10.97 -1.14 -1.84
C GLY A 77 -10.69 0.05 -0.99
N GLY A 78 -9.43 0.25 -0.71
CA GLY A 78 -9.02 1.35 0.07
C GLY A 78 -7.69 1.10 0.72
N PRO A 79 -7.05 2.18 1.18
CA PRO A 79 -5.71 2.15 1.73
C PRO A 79 -5.59 1.29 2.97
N GLU A 80 -6.51 1.47 3.89
CA GLU A 80 -6.48 0.76 5.15
C GLU A 80 -6.96 -0.69 5.02
N GLY A 81 -7.30 -1.11 3.84
CA GLY A 81 -7.62 -2.50 3.66
C GLY A 81 -6.55 -3.25 2.91
N ILE A 82 -5.90 -2.59 1.95
CA ILE A 82 -4.76 -3.21 1.29
C ILE A 82 -3.62 -3.39 2.25
N VAL A 83 -3.54 -2.52 3.24
CA VAL A 83 -2.56 -2.63 4.24
C VAL A 83 -2.71 -3.91 5.04
N LYS A 84 -3.95 -4.30 5.23
CA LYS A 84 -4.27 -5.54 5.88
C LYS A 84 -3.81 -6.70 5.00
N GLU A 85 -4.00 -6.54 3.68
CA GLU A 85 -3.60 -7.56 2.73
C GLU A 85 -2.07 -7.70 2.76
N ILE A 86 -1.40 -6.56 2.89
CA ILE A 86 0.03 -6.52 2.99
C ILE A 86 0.53 -7.20 4.28
N LYS A 87 -0.10 -6.86 5.41
CA LYS A 87 0.37 -7.36 6.70
C LYS A 87 0.19 -8.86 6.82
N GLU A 88 -0.93 -9.38 6.33
CA GLU A 88 -1.20 -10.79 6.45
C GLU A 88 -0.26 -11.62 5.58
N TRP A 89 0.10 -11.08 4.42
CA TRP A 89 1.01 -11.75 3.50
C TRP A 89 2.39 -11.81 4.12
N ARG A 90 2.80 -10.65 4.61
CA ARG A 90 4.10 -10.45 5.16
C ARG A 90 4.30 -11.37 6.35
N ALA A 91 3.29 -11.41 7.21
CA ALA A 91 3.32 -12.21 8.40
C ALA A 91 3.31 -13.70 8.08
N ALA A 92 2.49 -14.09 7.11
CA ALA A 92 2.39 -15.49 6.70
C ALA A 92 3.69 -15.96 6.07
N ASN A 93 4.33 -15.08 5.33
CA ASN A 93 5.61 -15.38 4.68
C ASN A 93 6.69 -15.51 5.77
N GLY A 94 6.57 -14.67 6.77
CA GLY A 94 7.52 -14.64 7.86
C GLY A 94 8.44 -13.46 7.74
N LYS A 95 7.95 -12.38 7.15
CA LYS A 95 8.70 -11.22 6.94
C LYS A 95 8.21 -10.16 7.93
N PRO A 96 9.09 -9.26 8.40
CA PRO A 96 8.68 -8.18 9.34
C PRO A 96 7.71 -7.23 8.66
N GLY A 97 6.61 -6.95 9.32
CA GLY A 97 5.58 -6.12 8.75
C GLY A 97 5.71 -4.68 9.15
N PHE A 98 4.64 -4.12 9.62
CA PHE A 98 4.63 -2.73 9.99
C PHE A 98 5.07 -2.58 11.41
N LYS A 99 5.59 -1.43 11.72
CA LYS A 99 5.96 -1.15 13.03
C LYS A 99 4.79 -0.52 13.76
N GLN A 100 4.89 -0.50 15.03
CA GLN A 100 3.88 0.05 15.86
C GLN A 100 4.12 1.53 16.01
N GLY A 101 3.08 2.26 16.02
CA GLY A 101 3.18 3.66 16.25
C GLY A 101 2.97 3.96 17.70
N GLU A 9 5.52 10.13 6.41
CA GLU A 9 6.91 10.17 5.95
C GLU A 9 7.16 8.92 5.14
N LEU A 10 8.08 9.00 4.23
CA LEU A 10 8.45 7.85 3.44
C LEU A 10 9.61 7.19 4.10
N LYS A 11 9.52 5.93 4.32
CA LYS A 11 10.57 5.19 4.98
C LYS A 11 11.41 4.47 3.96
N ASN A 12 12.38 3.75 4.42
CA ASN A 12 13.20 2.95 3.55
C ASN A 12 12.86 1.48 3.66
N SER A 13 12.11 1.12 4.69
CA SER A 13 11.68 -0.24 4.89
C SER A 13 10.26 -0.26 5.44
N ILE A 14 9.58 -1.39 5.30
CA ILE A 14 8.18 -1.55 5.74
C ILE A 14 8.11 -1.54 7.28
N SER A 15 9.21 -1.88 7.92
CA SER A 15 9.23 -2.03 9.35
C SER A 15 9.43 -0.68 10.06
N ASP A 16 9.61 0.38 9.28
CA ASP A 16 9.75 1.71 9.86
C ASP A 16 8.40 2.38 9.76
N TYR A 17 7.48 1.67 9.14
CA TYR A 17 6.18 2.19 8.82
C TYR A 17 5.20 1.74 9.82
N THR A 18 4.55 2.67 10.47
CA THR A 18 3.41 2.31 11.24
C THR A 18 2.35 2.05 10.19
N GLU A 19 1.34 1.31 10.51
CA GLU A 19 0.35 1.03 9.50
C GLU A 19 -0.36 2.31 9.03
N ALA A 20 -0.55 3.26 9.93
CA ALA A 20 -1.14 4.56 9.57
C ALA A 20 -0.17 5.38 8.70
N GLU A 21 1.14 5.32 9.00
CA GLU A 21 2.16 5.96 8.15
C GLU A 21 2.09 5.38 6.77
N PHE A 22 1.83 4.10 6.72
CA PHE A 22 1.75 3.40 5.50
C PHE A 22 0.46 3.74 4.78
N VAL A 23 -0.66 3.83 5.51
CA VAL A 23 -1.93 4.17 4.87
C VAL A 23 -1.89 5.54 4.24
N GLN A 24 -1.12 6.46 4.82
CA GLN A 24 -0.95 7.76 4.28
C GLN A 24 -0.23 7.64 2.94
N LEU A 25 0.82 6.84 2.96
CA LEU A 25 1.60 6.56 1.78
C LEU A 25 0.70 5.95 0.71
N LEU A 26 -0.11 5.04 1.16
CA LEU A 26 -1.11 4.38 0.35
C LEU A 26 -2.08 5.36 -0.27
N LYS A 27 -2.49 6.36 0.50
CA LYS A 27 -3.36 7.41 0.00
C LYS A 27 -2.62 8.30 -0.99
N GLU A 28 -1.35 8.49 -0.75
CA GLU A 28 -0.50 9.19 -1.69
C GLU A 28 -0.46 8.46 -3.02
N ILE A 29 -0.36 7.14 -2.94
CA ILE A 29 -0.36 6.29 -4.12
C ILE A 29 -1.72 6.40 -4.79
N GLU A 30 -2.75 6.44 -3.96
CA GLU A 30 -4.11 6.58 -4.37
C GLU A 30 -4.23 7.88 -5.19
N LYS A 31 -3.67 8.94 -4.64
CA LYS A 31 -3.72 10.25 -5.25
C LYS A 31 -3.01 10.26 -6.60
N GLU A 32 -1.81 9.70 -6.65
CA GLU A 32 -1.04 9.68 -7.86
C GLU A 32 -1.66 8.76 -8.91
N ASN A 33 -2.31 7.70 -8.46
CA ASN A 33 -2.91 6.74 -9.38
C ASN A 33 -4.25 7.27 -9.94
N VAL A 34 -5.09 7.84 -9.06
CA VAL A 34 -6.41 8.35 -9.51
C VAL A 34 -6.28 9.62 -10.35
N ALA A 35 -5.21 10.37 -10.14
CA ALA A 35 -4.98 11.55 -10.95
C ALA A 35 -4.05 11.22 -12.11
N ALA A 36 -3.57 9.97 -12.10
CA ALA A 36 -2.63 9.40 -13.06
C ALA A 36 -1.46 10.32 -13.36
N THR A 37 -0.54 10.33 -12.47
CA THR A 37 0.61 11.16 -12.59
C THR A 37 1.78 10.32 -13.11
N ASP A 38 3.02 10.77 -12.91
CA ASP A 38 4.14 10.01 -13.41
C ASP A 38 5.27 9.90 -12.43
N ASP A 39 5.87 11.01 -12.08
CA ASP A 39 7.05 11.03 -11.18
C ASP A 39 6.82 10.31 -9.92
N VAL A 40 5.86 10.78 -9.20
CA VAL A 40 5.62 10.29 -7.92
C VAL A 40 4.81 9.04 -7.98
N LEU A 41 4.05 8.91 -9.04
CA LEU A 41 3.30 7.71 -9.28
C LEU A 41 4.28 6.56 -9.34
N ASP A 42 5.36 6.74 -10.09
CA ASP A 42 6.37 5.70 -10.19
C ASP A 42 7.05 5.51 -8.89
N VAL A 43 7.41 6.62 -8.22
CA VAL A 43 8.11 6.52 -6.95
C VAL A 43 7.36 5.70 -5.99
N LEU A 44 6.12 6.03 -5.87
CA LEU A 44 5.31 5.43 -4.90
C LEU A 44 5.03 4.01 -5.20
N LEU A 45 4.82 3.73 -6.46
CA LEU A 45 4.58 2.39 -6.89
C LEU A 45 5.75 1.50 -6.55
N GLU A 46 6.95 1.93 -6.92
CA GLU A 46 8.14 1.15 -6.62
C GLU A 46 8.45 1.17 -5.13
N HIS A 47 8.17 2.29 -4.49
CA HIS A 47 8.43 2.49 -3.07
C HIS A 47 7.63 1.49 -2.30
N PHE A 48 6.40 1.37 -2.68
CA PHE A 48 5.48 0.47 -2.09
C PHE A 48 5.95 -0.97 -2.23
N VAL A 49 6.24 -1.38 -3.43
CA VAL A 49 6.69 -2.73 -3.68
C VAL A 49 8.07 -3.04 -3.09
N LYS A 50 8.93 -2.07 -3.05
CA LYS A 50 10.29 -2.30 -2.49
C LYS A 50 10.24 -2.53 -0.97
N ILE A 51 9.44 -1.76 -0.27
CA ILE A 51 9.39 -1.87 1.17
C ILE A 51 8.58 -3.09 1.58
N THR A 52 7.56 -3.40 0.82
CA THR A 52 6.73 -4.51 1.16
C THR A 52 7.31 -5.81 0.65
N GLU A 53 7.86 -5.75 -0.54
CA GLU A 53 8.31 -6.89 -1.29
C GLU A 53 7.17 -7.82 -1.53
N HIS A 54 6.34 -7.41 -2.44
CA HIS A 54 5.22 -8.16 -2.83
C HIS A 54 5.35 -8.35 -4.33
N PRO A 55 5.17 -9.58 -4.85
CA PRO A 55 5.37 -9.88 -6.29
C PRO A 55 4.38 -9.19 -7.16
N ASP A 56 3.33 -8.79 -6.52
CA ASP A 56 2.20 -8.29 -7.15
C ASP A 56 1.95 -6.96 -6.50
N GLY A 57 3.05 -6.30 -6.14
CA GLY A 57 3.05 -5.02 -5.45
C GLY A 57 2.11 -4.06 -6.04
N THR A 58 2.26 -3.82 -7.27
CA THR A 58 1.41 -2.85 -7.84
C THR A 58 0.10 -3.40 -8.28
N ALA A 59 0.01 -4.70 -8.41
CA ALA A 59 -1.26 -5.33 -8.69
C ALA A 59 -2.18 -5.08 -7.53
N LEU A 60 -1.61 -5.04 -6.32
CA LEU A 60 -2.37 -4.70 -5.14
C LEU A 60 -2.84 -3.26 -5.22
N ILE A 61 -1.98 -2.37 -5.70
CA ILE A 61 -2.36 -0.95 -5.80
C ILE A 61 -3.45 -0.78 -6.84
N TYR A 62 -3.23 -1.42 -7.94
CA TYR A 62 -4.11 -1.37 -9.05
C TYR A 62 -5.48 -1.94 -8.73
N GLU A 63 -5.54 -3.07 -8.04
CA GLU A 63 -6.82 -3.60 -7.64
C GLU A 63 -7.44 -2.76 -6.55
N ALA A 64 -6.62 -2.24 -5.64
CA ALA A 64 -7.09 -1.41 -4.54
C ALA A 64 -7.80 -0.18 -5.05
N ALA A 65 -7.27 0.40 -6.12
CA ALA A 65 -7.90 1.56 -6.76
C ALA A 65 -9.33 1.23 -7.19
N ALA A 66 -9.50 0.08 -7.81
CA ALA A 66 -10.82 -0.39 -8.25
C ALA A 66 -11.67 -0.79 -7.05
N ARG A 67 -11.05 -1.50 -6.12
CA ARG A 67 -11.71 -1.98 -4.90
C ARG A 67 -12.20 -0.81 -4.06
N ALA A 68 -11.48 0.28 -4.07
CA ALA A 68 -11.88 1.48 -3.35
C ALA A 68 -12.93 2.27 -4.10
N ALA A 69 -12.81 2.29 -5.42
CA ALA A 69 -13.78 2.99 -6.27
C ALA A 69 -15.15 2.33 -6.14
N ALA A 70 -15.15 1.03 -6.00
CA ALA A 70 -16.35 0.27 -5.80
C ALA A 70 -16.74 0.27 -4.33
N ASN A 71 -15.76 -0.06 -3.51
CA ASN A 71 -15.90 -0.26 -2.07
C ASN A 71 -16.88 -1.40 -1.81
N PRO A 72 -16.38 -2.64 -1.78
CA PRO A 72 -17.22 -3.84 -1.68
C PRO A 72 -17.98 -3.91 -0.35
N GLY A 73 -17.27 -4.05 0.74
CA GLY A 73 -17.92 -4.17 2.02
C GLY A 73 -17.31 -3.28 3.03
N GLY A 74 -17.10 -2.04 2.65
CA GLY A 74 -16.54 -1.10 3.56
C GLY A 74 -15.05 -1.27 3.73
N ASP A 75 -14.69 -2.20 4.59
CA ASP A 75 -13.31 -2.48 4.90
C ASP A 75 -12.68 -3.29 3.77
N GLY A 76 -11.64 -2.75 3.18
CA GLY A 76 -11.00 -3.36 2.04
C GLY A 76 -11.42 -2.69 0.77
N GLY A 77 -11.85 -1.47 0.92
CA GLY A 77 -12.28 -0.67 -0.18
C GLY A 77 -11.71 0.71 -0.04
N GLY A 78 -10.42 0.77 0.15
CA GLY A 78 -9.75 1.97 0.33
C GLY A 78 -8.30 1.69 0.59
N PRO A 79 -7.49 2.73 0.67
CA PRO A 79 -6.07 2.64 0.94
C PRO A 79 -5.77 1.86 2.21
N GLU A 80 -6.63 1.97 3.20
CA GLU A 80 -6.44 1.25 4.43
C GLU A 80 -6.65 -0.26 4.28
N GLY A 81 -6.95 -0.72 3.09
CA GLY A 81 -7.03 -2.12 2.90
C GLY A 81 -5.88 -2.69 2.13
N ILE A 82 -5.06 -1.83 1.53
CA ILE A 82 -3.89 -2.31 0.78
C ILE A 82 -2.88 -2.77 1.79
N VAL A 83 -2.72 -1.94 2.79
CA VAL A 83 -1.88 -2.19 3.96
C VAL A 83 -2.24 -3.47 4.65
N LYS A 84 -3.51 -3.65 4.76
CA LYS A 84 -4.10 -4.83 5.34
C LYS A 84 -3.68 -6.06 4.54
N GLU A 85 -3.80 -5.99 3.22
CA GLU A 85 -3.42 -7.06 2.33
C GLU A 85 -1.90 -7.34 2.49
N ILE A 86 -1.16 -6.26 2.67
CA ILE A 86 0.27 -6.31 2.87
C ILE A 86 0.65 -7.00 4.17
N LYS A 87 -0.03 -6.65 5.26
CA LYS A 87 0.32 -7.19 6.56
C LYS A 87 0.10 -8.70 6.60
N GLU A 88 -0.95 -9.16 5.93
CA GLU A 88 -1.30 -10.56 5.95
C GLU A 88 -0.32 -11.42 5.17
N TRP A 89 0.05 -10.97 3.99
CA TRP A 89 0.99 -11.72 3.14
C TRP A 89 2.33 -11.83 3.88
N ARG A 90 2.72 -10.73 4.50
CA ARG A 90 3.94 -10.66 5.28
C ARG A 90 3.89 -11.64 6.44
N ALA A 91 2.77 -11.67 7.15
CA ALA A 91 2.58 -12.54 8.29
C ALA A 91 2.59 -14.00 7.86
N ALA A 92 1.98 -14.29 6.73
CA ALA A 92 1.95 -15.63 6.18
C ALA A 92 3.35 -16.09 5.78
N ASN A 93 4.08 -15.21 5.11
CA ASN A 93 5.42 -15.51 4.64
C ASN A 93 6.39 -15.66 5.82
N GLY A 94 6.32 -14.74 6.75
CA GLY A 94 7.24 -14.75 7.86
C GLY A 94 8.18 -13.57 7.79
N LYS A 95 7.74 -12.55 7.07
CA LYS A 95 8.44 -11.36 6.89
C LYS A 95 7.85 -10.31 7.82
N PRO A 96 8.66 -9.41 8.36
CA PRO A 96 8.16 -8.33 9.19
C PRO A 96 7.27 -7.39 8.40
N GLY A 97 6.14 -7.08 8.97
CA GLY A 97 5.23 -6.18 8.37
C GLY A 97 5.47 -4.77 8.82
N PHE A 98 4.51 -4.21 9.47
CA PHE A 98 4.60 -2.83 9.89
C PHE A 98 4.97 -2.77 11.34
N LYS A 99 5.34 -1.61 11.78
CA LYS A 99 5.59 -1.38 13.12
C LYS A 99 4.31 -0.81 13.69
N GLN A 100 4.29 -0.63 14.95
CA GLN A 100 3.14 -0.14 15.60
C GLN A 100 3.45 1.14 16.31
N GLY A 101 2.57 2.06 16.17
CA GLY A 101 2.69 3.33 16.79
C GLY A 101 1.37 3.99 16.80
N GLU A 9 5.74 11.07 4.05
CA GLU A 9 6.88 10.66 4.87
C GLU A 9 7.32 9.27 4.49
N LEU A 10 8.36 9.23 3.74
CA LEU A 10 8.91 8.01 3.21
C LEU A 10 9.96 7.46 4.14
N LYS A 11 10.16 6.17 4.10
CA LYS A 11 11.06 5.48 5.02
C LYS A 11 12.14 4.76 4.26
N ASN A 12 12.99 4.08 4.98
CA ASN A 12 13.99 3.25 4.37
C ASN A 12 13.38 1.90 4.04
N SER A 13 12.68 1.32 4.97
CA SER A 13 12.09 0.03 4.81
C SER A 13 10.69 -0.01 5.44
N ILE A 14 9.93 -1.07 5.15
CA ILE A 14 8.56 -1.23 5.66
C ILE A 14 8.56 -1.31 7.20
N SER A 15 9.70 -1.60 7.74
CA SER A 15 9.87 -1.82 9.14
C SER A 15 10.00 -0.51 9.91
N ASP A 16 10.06 0.61 9.19
CA ASP A 16 10.11 1.92 9.82
C ASP A 16 8.75 2.55 9.65
N TYR A 17 7.86 1.77 9.09
CA TYR A 17 6.55 2.22 8.73
C TYR A 17 5.57 1.66 9.69
N THR A 18 4.90 2.51 10.39
CA THR A 18 3.85 2.08 11.22
C THR A 18 2.69 1.88 10.27
N GLU A 19 1.65 1.18 10.66
CA GLU A 19 0.54 0.97 9.74
C GLU A 19 -0.02 2.32 9.26
N ALA A 20 -0.15 3.26 10.16
CA ALA A 20 -0.65 4.59 9.83
C ALA A 20 0.35 5.39 8.98
N GLU A 21 1.64 5.28 9.26
CA GLU A 21 2.67 5.95 8.42
C GLU A 21 2.58 5.41 7.01
N PHE A 22 2.29 4.14 6.92
CA PHE A 22 2.22 3.47 5.67
C PHE A 22 0.93 3.84 4.94
N VAL A 23 -0.20 3.89 5.68
CA VAL A 23 -1.48 4.24 5.07
C VAL A 23 -1.41 5.64 4.42
N GLN A 24 -0.61 6.54 5.03
CA GLN A 24 -0.38 7.88 4.56
C GLN A 24 0.19 7.86 3.17
N LEU A 25 1.21 7.07 3.00
CA LEU A 25 1.89 6.90 1.73
C LEU A 25 0.92 6.36 0.72
N LEU A 26 0.18 5.42 1.16
CA LEU A 26 -0.84 4.75 0.38
C LEU A 26 -1.91 5.71 -0.11
N LYS A 27 -2.34 6.59 0.78
CA LYS A 27 -3.36 7.58 0.46
C LYS A 27 -2.82 8.53 -0.61
N GLU A 28 -1.55 8.82 -0.53
CA GLU A 28 -0.90 9.65 -1.50
C GLU A 28 -0.83 8.98 -2.86
N ILE A 29 -0.66 7.66 -2.86
CA ILE A 29 -0.62 6.92 -4.12
C ILE A 29 -1.98 6.98 -4.79
N GLU A 30 -3.04 6.83 -4.00
CA GLU A 30 -4.42 6.84 -4.53
C GLU A 30 -4.70 8.12 -5.27
N LYS A 31 -4.15 9.16 -4.75
CA LYS A 31 -4.34 10.48 -5.24
C LYS A 31 -3.75 10.66 -6.63
N GLU A 32 -2.51 10.30 -6.80
CA GLU A 32 -1.88 10.56 -8.07
C GLU A 32 -1.88 9.35 -9.01
N ASN A 33 -2.21 8.18 -8.49
CA ASN A 33 -2.31 6.96 -9.33
C ASN A 33 -3.35 7.12 -10.43
N VAL A 34 -4.45 7.78 -10.10
CA VAL A 34 -5.51 8.00 -11.08
C VAL A 34 -5.11 9.08 -12.07
N ALA A 35 -4.15 9.90 -11.68
CA ALA A 35 -3.65 10.97 -12.50
C ALA A 35 -2.51 10.46 -13.37
N ALA A 36 -1.69 9.62 -12.77
CA ALA A 36 -0.50 9.04 -13.33
C ALA A 36 0.50 10.13 -13.65
N THR A 37 1.15 10.63 -12.62
CA THR A 37 2.08 11.73 -12.78
C THR A 37 3.38 11.20 -13.30
N ASP A 38 3.57 9.90 -13.08
CA ASP A 38 4.77 9.14 -13.42
C ASP A 38 5.94 9.47 -12.52
N ASP A 39 6.19 10.72 -12.32
CA ASP A 39 7.31 11.19 -11.53
C ASP A 39 7.22 10.76 -10.09
N VAL A 40 6.13 11.03 -9.43
CA VAL A 40 6.02 10.62 -8.05
C VAL A 40 5.33 9.28 -7.99
N LEU A 41 4.56 9.03 -9.02
CA LEU A 41 3.82 7.79 -9.21
C LEU A 41 4.78 6.64 -9.24
N ASP A 42 5.85 6.78 -9.99
CA ASP A 42 6.85 5.71 -10.05
C ASP A 42 7.44 5.49 -8.72
N VAL A 43 7.73 6.57 -8.06
CA VAL A 43 8.36 6.53 -6.77
C VAL A 43 7.53 5.82 -5.79
N LEU A 44 6.29 6.21 -5.74
CA LEU A 44 5.39 5.71 -4.76
C LEU A 44 5.15 4.27 -4.95
N LEU A 45 4.96 3.92 -6.19
CA LEU A 45 4.68 2.59 -6.55
C LEU A 45 5.83 1.67 -6.23
N GLU A 46 7.03 2.03 -6.65
CA GLU A 46 8.18 1.19 -6.38
C GLU A 46 8.58 1.21 -4.91
N HIS A 47 8.47 2.37 -4.28
CA HIS A 47 8.83 2.53 -2.88
C HIS A 47 7.98 1.60 -2.04
N PHE A 48 6.71 1.60 -2.35
CA PHE A 48 5.74 0.74 -1.71
C PHE A 48 6.06 -0.75 -1.93
N VAL A 49 6.15 -1.15 -3.17
CA VAL A 49 6.39 -2.54 -3.49
C VAL A 49 7.76 -3.05 -3.08
N LYS A 50 8.74 -2.19 -3.09
CA LYS A 50 10.09 -2.61 -2.67
C LYS A 50 10.15 -2.94 -1.18
N ILE A 51 9.31 -2.28 -0.39
CA ILE A 51 9.34 -2.50 1.03
C ILE A 51 8.36 -3.59 1.44
N THR A 52 7.26 -3.69 0.73
CA THR A 52 6.29 -4.73 1.01
C THR A 52 6.73 -6.03 0.38
N GLU A 53 7.31 -5.90 -0.82
CA GLU A 53 7.76 -6.98 -1.65
C GLU A 53 6.61 -7.87 -2.07
N HIS A 54 5.45 -7.26 -2.09
CA HIS A 54 4.25 -7.93 -2.50
C HIS A 54 4.33 -8.05 -4.03
N PRO A 55 4.09 -9.24 -4.60
CA PRO A 55 4.25 -9.49 -6.04
C PRO A 55 3.25 -8.74 -6.88
N ASP A 56 2.26 -8.25 -6.23
CA ASP A 56 1.18 -7.64 -6.88
C ASP A 56 1.05 -6.29 -6.25
N GLY A 57 2.19 -5.73 -5.86
CA GLY A 57 2.28 -4.44 -5.18
C GLY A 57 1.48 -3.40 -5.83
N THR A 58 1.70 -3.21 -7.05
CA THR A 58 1.08 -2.11 -7.71
C THR A 58 -0.39 -2.45 -7.97
N ALA A 59 -0.65 -3.73 -8.22
CA ALA A 59 -1.99 -4.22 -8.44
C ALA A 59 -2.84 -3.97 -7.23
N LEU A 60 -2.25 -4.08 -6.04
CA LEU A 60 -2.96 -3.80 -4.81
C LEU A 60 -3.52 -2.41 -4.77
N ILE A 61 -2.73 -1.41 -5.20
CA ILE A 61 -3.27 -0.04 -5.16
C ILE A 61 -4.42 0.08 -6.15
N TYR A 62 -4.21 -0.53 -7.29
CA TYR A 62 -5.16 -0.53 -8.37
C TYR A 62 -6.46 -1.23 -7.98
N GLU A 63 -6.36 -2.43 -7.45
CA GLU A 63 -7.55 -3.16 -7.06
C GLU A 63 -8.24 -2.49 -5.91
N ALA A 64 -7.46 -1.92 -4.98
CA ALA A 64 -8.03 -1.20 -3.84
C ALA A 64 -8.92 -0.08 -4.31
N ALA A 65 -8.49 0.61 -5.37
CA ALA A 65 -9.27 1.68 -5.95
C ALA A 65 -10.62 1.17 -6.43
N ALA A 66 -10.62 0.05 -7.12
CA ALA A 66 -11.85 -0.55 -7.63
C ALA A 66 -12.69 -1.09 -6.46
N ARG A 67 -12.01 -1.74 -5.53
CA ARG A 67 -12.62 -2.30 -4.33
C ARG A 67 -13.28 -1.21 -3.48
N ALA A 68 -12.68 -0.04 -3.43
CA ALA A 68 -13.26 1.09 -2.72
C ALA A 68 -14.34 1.79 -3.54
N ALA A 69 -14.12 1.92 -4.83
CA ALA A 69 -15.04 2.64 -5.69
C ALA A 69 -16.37 1.92 -5.82
N ALA A 70 -16.32 0.65 -6.12
CA ALA A 70 -17.53 -0.11 -6.34
C ALA A 70 -17.98 -0.84 -5.10
N ASN A 71 -17.07 -0.90 -4.12
CA ASN A 71 -17.23 -1.66 -2.90
C ASN A 71 -17.86 -3.04 -3.07
N PRO A 72 -17.09 -4.02 -3.59
CA PRO A 72 -17.54 -5.42 -3.59
C PRO A 72 -17.51 -5.90 -2.15
N GLY A 73 -16.63 -5.28 -1.41
CA GLY A 73 -16.46 -5.46 -0.03
C GLY A 73 -15.79 -4.23 0.48
N GLY A 74 -16.05 -3.87 1.71
CA GLY A 74 -15.36 -2.74 2.30
C GLY A 74 -13.97 -3.15 2.70
N ASP A 75 -13.78 -4.45 2.83
CA ASP A 75 -12.51 -5.07 3.13
C ASP A 75 -11.54 -4.83 1.99
N GLY A 76 -10.53 -4.04 2.25
CA GLY A 76 -9.50 -3.76 1.28
C GLY A 76 -9.89 -2.64 0.36
N GLY A 77 -11.01 -2.01 0.65
CA GLY A 77 -11.48 -0.93 -0.15
C GLY A 77 -10.87 0.36 0.31
N GLY A 78 -9.60 0.52 0.07
CA GLY A 78 -8.96 1.72 0.43
C GLY A 78 -7.55 1.50 0.95
N PRO A 79 -6.89 2.58 1.33
CA PRO A 79 -5.49 2.59 1.75
C PRO A 79 -5.28 1.84 3.06
N GLU A 80 -6.18 2.01 3.98
CA GLU A 80 -6.13 1.40 5.28
C GLU A 80 -6.71 -0.01 5.24
N GLY A 81 -7.10 -0.43 4.06
CA GLY A 81 -7.50 -1.78 3.90
C GLY A 81 -6.45 -2.59 3.18
N ILE A 82 -5.76 -1.99 2.21
CA ILE A 82 -4.63 -2.67 1.57
C ILE A 82 -3.51 -2.93 2.53
N VAL A 83 -3.46 -2.17 3.60
CA VAL A 83 -2.50 -2.37 4.60
C VAL A 83 -2.70 -3.74 5.27
N LYS A 84 -3.95 -4.09 5.46
CA LYS A 84 -4.35 -5.37 5.95
C LYS A 84 -3.96 -6.46 4.95
N GLU A 85 -4.17 -6.18 3.67
CA GLU A 85 -3.79 -7.09 2.57
C GLU A 85 -2.26 -7.36 2.64
N ILE A 86 -1.52 -6.29 2.83
CA ILE A 86 -0.07 -6.33 2.97
C ILE A 86 0.36 -7.08 4.22
N LYS A 87 -0.27 -6.78 5.33
CA LYS A 87 0.16 -7.35 6.60
C LYS A 87 -0.11 -8.84 6.63
N GLU A 88 -1.21 -9.26 6.03
CA GLU A 88 -1.54 -10.65 6.03
C GLU A 88 -0.63 -11.44 5.13
N TRP A 89 -0.25 -10.86 4.00
CA TRP A 89 0.68 -11.50 3.08
C TRP A 89 2.00 -11.68 3.78
N ARG A 90 2.43 -10.61 4.40
CA ARG A 90 3.71 -10.54 5.03
C ARG A 90 3.76 -11.50 6.22
N ALA A 91 2.71 -11.48 7.04
CA ALA A 91 2.61 -12.33 8.22
C ALA A 91 2.46 -13.80 7.85
N ALA A 92 1.66 -14.10 6.84
CA ALA A 92 1.46 -15.47 6.40
C ALA A 92 2.75 -16.02 5.85
N ASN A 93 3.50 -15.17 5.18
CA ASN A 93 4.78 -15.56 4.63
C ASN A 93 5.82 -15.63 5.77
N GLY A 94 5.52 -14.94 6.86
CA GLY A 94 6.38 -14.94 8.01
C GLY A 94 7.53 -13.99 7.86
N LYS A 95 7.25 -12.82 7.34
CA LYS A 95 8.19 -11.84 7.07
C LYS A 95 7.80 -10.56 7.83
N PRO A 96 8.78 -9.79 8.34
CA PRO A 96 8.50 -8.57 9.13
C PRO A 96 7.80 -7.50 8.28
N GLY A 97 6.69 -7.01 8.77
CA GLY A 97 5.95 -6.03 8.03
C GLY A 97 5.98 -4.68 8.67
N PHE A 98 4.85 -4.26 9.20
CA PHE A 98 4.74 -2.93 9.78
C PHE A 98 5.23 -2.91 11.20
N LYS A 99 5.51 -1.75 11.68
CA LYS A 99 5.81 -1.55 13.02
C LYS A 99 4.63 -0.82 13.62
N GLN A 100 4.63 -0.67 14.88
CA GLN A 100 3.60 0.01 15.56
C GLN A 100 4.13 1.34 16.02
N GLY A 101 3.34 2.34 15.93
CA GLY A 101 3.74 3.65 16.34
C GLY A 101 2.71 4.65 15.94
N GLU A 9 5.66 11.06 5.32
CA GLU A 9 6.79 10.96 4.39
C GLU A 9 7.16 9.52 4.22
N LEU A 10 7.99 9.23 3.26
CA LEU A 10 8.31 7.87 2.95
C LEU A 10 9.51 7.41 3.73
N LYS A 11 9.54 6.15 4.05
CA LYS A 11 10.65 5.55 4.77
C LYS A 11 11.54 4.82 3.76
N ASN A 12 12.36 3.89 4.21
CA ASN A 12 13.16 3.07 3.29
C ASN A 12 12.78 1.60 3.43
N SER A 13 12.16 1.25 4.54
CA SER A 13 11.73 -0.10 4.77
C SER A 13 10.33 -0.12 5.34
N ILE A 14 9.67 -1.26 5.24
CA ILE A 14 8.29 -1.46 5.72
C ILE A 14 8.25 -1.37 7.27
N SER A 15 9.39 -1.58 7.88
CA SER A 15 9.50 -1.64 9.31
C SER A 15 9.68 -0.26 9.96
N ASP A 16 9.75 0.80 9.16
CA ASP A 16 9.80 2.17 9.74
C ASP A 16 8.42 2.77 9.60
N TYR A 17 7.55 1.99 9.02
CA TYR A 17 6.21 2.38 8.74
C TYR A 17 5.33 1.79 9.78
N THR A 18 4.58 2.60 10.46
CA THR A 18 3.55 2.08 11.29
C THR A 18 2.42 1.73 10.33
N GLU A 19 1.41 1.09 10.80
CA GLU A 19 0.28 0.80 9.98
C GLU A 19 -0.32 2.11 9.37
N ALA A 20 -0.48 3.15 10.20
CA ALA A 20 -0.96 4.45 9.73
C ALA A 20 0.07 5.17 8.84
N GLU A 21 1.35 5.07 9.18
CA GLU A 21 2.44 5.66 8.35
C GLU A 21 2.38 5.09 6.95
N PHE A 22 2.04 3.84 6.88
CA PHE A 22 1.96 3.17 5.64
C PHE A 22 0.69 3.59 4.92
N VAL A 23 -0.43 3.73 5.65
CA VAL A 23 -1.68 4.17 5.01
C VAL A 23 -1.52 5.58 4.43
N GLN A 24 -0.66 6.38 5.04
CA GLN A 24 -0.34 7.71 4.56
C GLN A 24 0.20 7.59 3.13
N LEU A 25 1.14 6.68 2.93
CA LEU A 25 1.69 6.38 1.59
C LEU A 25 0.60 5.87 0.67
N LEU A 26 -0.15 4.95 1.19
CA LEU A 26 -1.25 4.32 0.49
C LEU A 26 -2.28 5.33 0.00
N LYS A 27 -2.52 6.34 0.81
CA LYS A 27 -3.39 7.43 0.47
C LYS A 27 -2.80 8.30 -0.60
N GLU A 28 -1.49 8.45 -0.58
CA GLU A 28 -0.81 9.18 -1.61
C GLU A 28 -0.92 8.41 -2.92
N ILE A 29 -0.73 7.11 -2.85
CA ILE A 29 -0.86 6.25 -4.02
C ILE A 29 -2.28 6.39 -4.62
N GLU A 30 -3.26 6.42 -3.74
CA GLU A 30 -4.65 6.60 -4.08
C GLU A 30 -4.84 7.94 -4.82
N LYS A 31 -4.25 8.97 -4.25
CA LYS A 31 -4.35 10.32 -4.73
C LYS A 31 -3.70 10.45 -6.10
N GLU A 32 -2.46 10.00 -6.20
CA GLU A 32 -1.72 10.05 -7.42
C GLU A 32 -2.28 9.12 -8.49
N ASN A 33 -3.10 8.17 -8.10
CA ASN A 33 -3.71 7.26 -9.07
C ASN A 33 -5.01 7.83 -9.61
N VAL A 34 -5.81 8.48 -8.74
CA VAL A 34 -7.07 9.09 -9.21
C VAL A 34 -6.79 10.34 -10.05
N ALA A 35 -5.73 11.06 -9.70
CA ALA A 35 -5.33 12.20 -10.50
C ALA A 35 -4.54 11.71 -11.70
N ALA A 36 -3.94 10.54 -11.51
CA ALA A 36 -3.15 9.83 -12.51
C ALA A 36 -1.89 10.57 -12.89
N THR A 37 -0.91 10.50 -12.04
CA THR A 37 0.36 11.10 -12.31
C THR A 37 1.29 10.01 -12.81
N ASP A 38 2.51 10.35 -13.08
CA ASP A 38 3.45 9.36 -13.53
C ASP A 38 4.67 9.33 -12.69
N ASP A 39 5.33 10.47 -12.57
CA ASP A 39 6.61 10.52 -11.85
C ASP A 39 6.47 10.04 -10.43
N VAL A 40 5.57 10.64 -9.69
CA VAL A 40 5.44 10.31 -8.29
C VAL A 40 4.63 9.07 -8.09
N LEU A 41 3.69 8.87 -8.96
CA LEU A 41 2.84 7.69 -8.94
C LEU A 41 3.71 6.45 -9.07
N ASP A 42 4.66 6.47 -10.00
CA ASP A 42 5.52 5.32 -10.19
C ASP A 42 6.52 5.19 -9.06
N VAL A 43 6.82 6.31 -8.40
CA VAL A 43 7.67 6.27 -7.22
C VAL A 43 7.01 5.43 -6.21
N LEU A 44 5.77 5.74 -6.01
CA LEU A 44 4.99 5.17 -5.00
C LEU A 44 4.74 3.74 -5.27
N LEU A 45 4.43 3.44 -6.49
CA LEU A 45 4.16 2.11 -6.92
C LEU A 45 5.35 1.20 -6.64
N GLU A 46 6.51 1.68 -7.00
CA GLU A 46 7.73 0.95 -6.77
C GLU A 46 8.09 0.93 -5.31
N HIS A 47 7.90 2.05 -4.65
CA HIS A 47 8.27 2.20 -3.26
C HIS A 47 7.49 1.26 -2.40
N PHE A 48 6.23 1.21 -2.66
CA PHE A 48 5.33 0.35 -1.97
C PHE A 48 5.76 -1.11 -2.10
N VAL A 49 5.99 -1.55 -3.31
CA VAL A 49 6.41 -2.91 -3.53
C VAL A 49 7.82 -3.22 -3.01
N LYS A 50 8.72 -2.26 -3.03
CA LYS A 50 10.12 -2.50 -2.56
C LYS A 50 10.18 -2.72 -1.05
N ILE A 51 9.32 -2.06 -0.32
CA ILE A 51 9.32 -2.18 1.12
C ILE A 51 8.50 -3.38 1.56
N THR A 52 7.46 -3.69 0.80
CA THR A 52 6.61 -4.80 1.14
C THR A 52 7.15 -6.11 0.60
N GLU A 53 7.79 -6.03 -0.58
CA GLU A 53 8.31 -7.17 -1.32
C GLU A 53 7.20 -8.15 -1.62
N HIS A 54 6.03 -7.59 -1.82
CA HIS A 54 4.87 -8.34 -2.13
C HIS A 54 4.92 -8.67 -3.62
N PRO A 55 4.63 -9.92 -4.03
CA PRO A 55 4.75 -10.36 -5.44
C PRO A 55 3.74 -9.72 -6.33
N ASP A 56 2.80 -9.09 -5.71
CA ASP A 56 1.70 -8.59 -6.40
C ASP A 56 1.57 -7.17 -5.93
N GLY A 57 2.72 -6.60 -5.57
CA GLY A 57 2.82 -5.26 -5.01
C GLY A 57 2.02 -4.27 -5.72
N THR A 58 2.33 -4.07 -6.91
CA THR A 58 1.66 -3.00 -7.57
C THR A 58 0.23 -3.41 -7.99
N ALA A 59 0.01 -4.71 -8.14
CA ALA A 59 -1.31 -5.25 -8.42
C ALA A 59 -2.26 -4.95 -7.28
N LEU A 60 -1.73 -4.96 -6.04
CA LEU A 60 -2.53 -4.62 -4.87
C LEU A 60 -3.01 -3.21 -4.94
N ILE A 61 -2.15 -2.36 -5.44
CA ILE A 61 -2.51 -0.96 -5.59
C ILE A 61 -3.61 -0.85 -6.62
N TYR A 62 -3.43 -1.56 -7.69
CA TYR A 62 -4.38 -1.57 -8.77
C TYR A 62 -5.75 -2.11 -8.36
N GLU A 63 -5.78 -3.20 -7.63
CA GLU A 63 -7.06 -3.72 -7.15
C GLU A 63 -7.67 -2.81 -6.11
N ALA A 64 -6.87 -2.37 -5.15
CA ALA A 64 -7.35 -1.50 -4.09
C ALA A 64 -7.89 -0.19 -4.64
N ALA A 65 -7.19 0.37 -5.63
CA ALA A 65 -7.58 1.63 -6.24
C ALA A 65 -8.95 1.52 -6.91
N ALA A 66 -9.17 0.45 -7.65
CA ALA A 66 -10.45 0.24 -8.34
C ALA A 66 -11.57 0.01 -7.32
N ARG A 67 -11.25 -0.78 -6.33
CA ARG A 67 -12.14 -1.12 -5.23
C ARG A 67 -12.45 0.08 -4.36
N ALA A 68 -11.52 0.99 -4.29
CA ALA A 68 -11.71 2.23 -3.57
C ALA A 68 -12.51 3.23 -4.38
N ALA A 69 -12.29 3.25 -5.69
CA ALA A 69 -13.01 4.15 -6.60
C ALA A 69 -14.50 3.84 -6.55
N ALA A 70 -14.82 2.57 -6.67
CA ALA A 70 -16.18 2.12 -6.47
C ALA A 70 -16.15 1.19 -5.30
N ASN A 71 -16.26 1.74 -4.13
CA ASN A 71 -16.17 0.95 -2.92
C ASN A 71 -17.45 0.20 -2.62
N PRO A 72 -17.41 -1.14 -2.67
CA PRO A 72 -18.54 -1.98 -2.34
C PRO A 72 -18.31 -2.61 -0.95
N GLY A 73 -17.55 -1.91 -0.12
CA GLY A 73 -17.08 -2.47 1.12
C GLY A 73 -15.72 -3.03 0.86
N GLY A 74 -15.70 -4.24 0.36
CA GLY A 74 -14.49 -4.88 -0.07
C GLY A 74 -13.61 -5.38 1.04
N ASP A 75 -12.47 -5.90 0.65
CA ASP A 75 -11.45 -6.35 1.58
C ASP A 75 -10.37 -5.31 1.59
N GLY A 76 -9.90 -5.00 0.42
CA GLY A 76 -8.97 -3.93 0.22
C GLY A 76 -9.60 -2.93 -0.69
N GLY A 77 -10.50 -2.15 -0.14
CA GLY A 77 -11.24 -1.21 -0.94
C GLY A 77 -10.90 0.19 -0.55
N GLY A 78 -9.66 0.44 -0.36
CA GLY A 78 -9.21 1.71 0.04
C GLY A 78 -7.81 1.62 0.46
N PRO A 79 -7.17 2.76 0.67
CA PRO A 79 -5.78 2.84 1.06
C PRO A 79 -5.53 2.11 2.35
N GLU A 80 -6.43 2.25 3.28
CA GLU A 80 -6.30 1.61 4.57
C GLU A 80 -6.57 0.09 4.49
N GLY A 81 -6.85 -0.40 3.32
CA GLY A 81 -7.02 -1.82 3.17
C GLY A 81 -5.87 -2.47 2.42
N ILE A 82 -5.09 -1.67 1.70
CA ILE A 82 -3.94 -2.22 0.94
C ILE A 82 -2.90 -2.70 1.95
N VAL A 83 -2.74 -1.88 2.97
CA VAL A 83 -1.86 -2.14 4.11
C VAL A 83 -2.19 -3.43 4.79
N LYS A 84 -3.45 -3.62 4.98
CA LYS A 84 -3.98 -4.82 5.60
C LYS A 84 -3.55 -6.06 4.81
N GLU A 85 -3.72 -6.00 3.50
CA GLU A 85 -3.36 -7.10 2.61
C GLU A 85 -1.85 -7.43 2.78
N ILE A 86 -1.06 -6.39 2.98
CA ILE A 86 0.37 -6.53 3.18
C ILE A 86 0.69 -7.17 4.54
N LYS A 87 0.03 -6.70 5.58
CA LYS A 87 0.32 -7.19 6.93
C LYS A 87 -0.05 -8.68 7.03
N GLU A 88 -1.11 -9.06 6.36
CA GLU A 88 -1.56 -10.43 6.36
C GLU A 88 -0.59 -11.32 5.60
N TRP A 89 -0.05 -10.81 4.50
CA TRP A 89 0.91 -11.55 3.68
C TRP A 89 2.20 -11.71 4.44
N ARG A 90 2.63 -10.60 5.00
CA ARG A 90 3.90 -10.50 5.67
C ARG A 90 3.93 -11.48 6.83
N ALA A 91 2.85 -11.50 7.59
CA ALA A 91 2.72 -12.39 8.74
C ALA A 91 2.64 -13.85 8.29
N ALA A 92 1.88 -14.10 7.22
CA ALA A 92 1.70 -15.44 6.70
C ALA A 92 2.99 -16.00 6.11
N ASN A 93 3.79 -15.12 5.54
CA ASN A 93 5.09 -15.52 5.03
C ASN A 93 6.02 -15.75 6.21
N GLY A 94 5.99 -14.82 7.13
CA GLY A 94 6.85 -14.88 8.29
C GLY A 94 7.91 -13.82 8.20
N LYS A 95 7.53 -12.64 7.77
CA LYS A 95 8.39 -11.55 7.62
C LYS A 95 7.97 -10.44 8.55
N PRO A 96 8.92 -9.68 9.10
CA PRO A 96 8.60 -8.53 9.95
C PRO A 96 7.90 -7.47 9.11
N GLY A 97 6.73 -7.07 9.55
CA GLY A 97 6.00 -6.10 8.81
C GLY A 97 6.23 -4.71 9.28
N PHE A 98 5.15 -4.09 9.66
CA PHE A 98 5.13 -2.71 10.04
C PHE A 98 5.56 -2.56 11.47
N LYS A 99 5.94 -1.39 11.83
CA LYS A 99 6.29 -1.11 13.16
C LYS A 99 5.04 -0.72 13.89
N GLN A 100 5.12 -0.68 15.15
CA GLN A 100 4.00 -0.40 15.95
C GLN A 100 4.05 1.03 16.43
N GLY A 101 2.95 1.66 16.27
CA GLY A 101 2.76 3.02 16.66
C GLY A 101 1.49 3.48 16.04
N GLU A 9 6.47 10.97 6.02
CA GLU A 9 7.82 10.66 5.55
C GLU A 9 7.94 9.20 5.21
N LEU A 10 8.69 8.92 4.17
CA LEU A 10 8.81 7.58 3.66
C LEU A 10 9.97 6.89 4.33
N LYS A 11 9.84 5.62 4.53
CA LYS A 11 10.88 4.81 5.11
C LYS A 11 11.40 3.93 4.00
N ASN A 12 12.67 3.58 4.00
CA ASN A 12 13.20 2.78 2.89
C ASN A 12 12.94 1.28 3.11
N SER A 13 12.32 0.96 4.22
CA SER A 13 11.93 -0.39 4.54
C SER A 13 10.63 -0.36 5.35
N ILE A 14 9.89 -1.46 5.35
CA ILE A 14 8.58 -1.51 6.00
C ILE A 14 8.70 -1.54 7.55
N SER A 15 9.90 -1.75 8.04
CA SER A 15 10.13 -1.94 9.46
C SER A 15 10.06 -0.60 10.22
N ASP A 16 10.12 0.50 9.50
CA ASP A 16 10.03 1.81 10.14
C ASP A 16 8.64 2.37 9.86
N TYR A 17 7.81 1.56 9.24
CA TYR A 17 6.49 1.97 8.85
C TYR A 17 5.50 1.45 9.82
N THR A 18 4.76 2.33 10.41
CA THR A 18 3.65 1.90 11.19
C THR A 18 2.55 1.72 10.16
N GLU A 19 1.50 1.06 10.53
CA GLU A 19 0.38 0.91 9.64
C GLU A 19 -0.15 2.28 9.18
N ALA A 20 -0.26 3.23 10.10
CA ALA A 20 -0.74 4.56 9.76
C ALA A 20 0.29 5.35 8.92
N GLU A 21 1.60 5.18 9.21
CA GLU A 21 2.68 5.83 8.40
C GLU A 21 2.51 5.41 6.98
N PHE A 22 2.19 4.16 6.83
CA PHE A 22 2.02 3.57 5.57
C PHE A 22 0.73 4.05 4.91
N VAL A 23 -0.37 4.13 5.68
CA VAL A 23 -1.66 4.56 5.10
C VAL A 23 -1.59 5.99 4.57
N GLN A 24 -0.76 6.83 5.17
CA GLN A 24 -0.55 8.18 4.72
C GLN A 24 0.08 8.14 3.32
N LEU A 25 1.07 7.27 3.17
CA LEU A 25 1.71 7.04 1.90
C LEU A 25 0.70 6.52 0.91
N LEU A 26 -0.05 5.56 1.38
CA LEU A 26 -1.08 4.89 0.61
C LEU A 26 -2.11 5.85 0.07
N LYS A 27 -2.51 6.80 0.87
CA LYS A 27 -3.42 7.85 0.46
C LYS A 27 -2.81 8.69 -0.64
N GLU A 28 -1.52 8.90 -0.55
CA GLU A 28 -0.80 9.67 -1.53
C GLU A 28 -0.52 8.89 -2.79
N ILE A 29 -0.34 7.57 -2.67
CA ILE A 29 -0.19 6.74 -3.84
C ILE A 29 -1.45 6.82 -4.67
N GLU A 30 -2.60 6.80 -3.99
CA GLU A 30 -3.89 6.97 -4.62
C GLU A 30 -3.98 8.29 -5.35
N LYS A 31 -3.43 9.30 -4.71
CA LYS A 31 -3.47 10.66 -5.17
C LYS A 31 -2.78 10.80 -6.54
N GLU A 32 -1.65 10.12 -6.69
CA GLU A 32 -0.95 10.10 -7.96
C GLU A 32 -1.61 9.09 -8.90
N ASN A 33 -2.16 8.01 -8.34
CA ASN A 33 -2.83 6.95 -9.12
C ASN A 33 -4.03 7.49 -9.88
N VAL A 34 -4.93 8.17 -9.19
CA VAL A 34 -6.16 8.68 -9.80
C VAL A 34 -5.86 9.77 -10.84
N ALA A 35 -4.76 10.46 -10.67
CA ALA A 35 -4.36 11.52 -11.58
C ALA A 35 -3.55 10.96 -12.73
N ALA A 36 -2.99 9.77 -12.52
CA ALA A 36 -2.15 9.07 -13.47
C ALA A 36 -0.94 9.89 -13.88
N THR A 37 -0.13 10.20 -12.92
CA THR A 37 1.06 10.95 -13.14
C THR A 37 2.19 9.98 -13.48
N ASP A 38 3.43 10.40 -13.42
CA ASP A 38 4.52 9.49 -13.71
C ASP A 38 5.62 9.57 -12.71
N ASP A 39 6.11 10.77 -12.44
CA ASP A 39 7.26 10.95 -11.52
C ASP A 39 7.05 10.32 -10.20
N VAL A 40 6.08 10.78 -9.51
CA VAL A 40 5.86 10.35 -8.21
C VAL A 40 5.04 9.11 -8.20
N LEU A 41 4.24 8.97 -9.22
CA LEU A 41 3.44 7.79 -9.39
C LEU A 41 4.36 6.60 -9.45
N ASP A 42 5.46 6.73 -10.18
CA ASP A 42 6.42 5.66 -10.27
C ASP A 42 7.09 5.44 -8.97
N VAL A 43 7.47 6.53 -8.29
CA VAL A 43 8.17 6.42 -7.02
C VAL A 43 7.37 5.64 -6.06
N LEU A 44 6.14 6.03 -5.94
CA LEU A 44 5.29 5.52 -4.94
C LEU A 44 5.00 4.10 -5.17
N LEU A 45 4.78 3.79 -6.41
CA LEU A 45 4.48 2.46 -6.79
C LEU A 45 5.64 1.53 -6.51
N GLU A 46 6.83 1.91 -6.93
CA GLU A 46 7.98 1.08 -6.69
C GLU A 46 8.39 1.07 -5.23
N HIS A 47 8.25 2.20 -4.58
CA HIS A 47 8.59 2.36 -3.17
C HIS A 47 7.73 1.44 -2.35
N PHE A 48 6.47 1.45 -2.68
CA PHE A 48 5.50 0.62 -2.05
C PHE A 48 5.87 -0.85 -2.18
N VAL A 49 6.11 -1.30 -3.38
CA VAL A 49 6.47 -2.68 -3.60
C VAL A 49 7.83 -3.08 -3.02
N LYS A 50 8.75 -2.16 -2.99
CA LYS A 50 10.09 -2.47 -2.42
C LYS A 50 10.06 -2.62 -0.90
N ILE A 51 9.16 -1.92 -0.24
CA ILE A 51 9.07 -2.00 1.20
C ILE A 51 8.13 -3.14 1.62
N THR A 52 7.07 -3.35 0.87
CA THR A 52 6.12 -4.40 1.19
C THR A 52 6.59 -5.73 0.67
N GLU A 53 7.23 -5.68 -0.49
CA GLU A 53 7.82 -6.80 -1.19
C GLU A 53 6.75 -7.80 -1.60
N HIS A 54 5.59 -7.25 -1.88
CA HIS A 54 4.49 -8.01 -2.39
C HIS A 54 4.73 -8.17 -3.90
N PRO A 55 4.48 -9.35 -4.49
CA PRO A 55 4.76 -9.60 -5.93
C PRO A 55 3.84 -8.86 -6.83
N ASP A 56 2.75 -8.45 -6.28
CA ASP A 56 1.69 -7.87 -6.99
C ASP A 56 1.45 -6.55 -6.35
N GLY A 57 2.55 -5.95 -5.90
CA GLY A 57 2.55 -4.68 -5.21
C GLY A 57 1.77 -3.67 -5.88
N THR A 58 2.05 -3.47 -7.08
CA THR A 58 1.44 -2.39 -7.75
C THR A 58 -0.01 -2.71 -8.11
N ALA A 59 -0.27 -3.99 -8.37
CA ALA A 59 -1.60 -4.47 -8.67
C ALA A 59 -2.48 -4.23 -7.49
N LEU A 60 -1.92 -4.33 -6.29
CA LEU A 60 -2.66 -4.04 -5.08
C LEU A 60 -3.22 -2.64 -5.04
N ILE A 61 -2.43 -1.63 -5.44
CA ILE A 61 -3.00 -0.25 -5.40
C ILE A 61 -4.09 -0.14 -6.43
N TYR A 62 -3.82 -0.70 -7.56
CA TYR A 62 -4.71 -0.68 -8.67
C TYR A 62 -6.04 -1.39 -8.38
N GLU A 63 -5.98 -2.59 -7.79
CA GLU A 63 -7.19 -3.27 -7.42
C GLU A 63 -7.85 -2.60 -6.23
N ALA A 64 -7.07 -2.12 -5.26
CA ALA A 64 -7.63 -1.45 -4.07
C ALA A 64 -8.46 -0.25 -4.48
N ALA A 65 -7.98 0.45 -5.50
CA ALA A 65 -8.69 1.59 -6.06
C ALA A 65 -10.07 1.16 -6.58
N ALA A 66 -10.11 0.07 -7.34
CA ALA A 66 -11.36 -0.44 -7.89
C ALA A 66 -12.23 -1.01 -6.77
N ARG A 67 -11.59 -1.71 -5.84
CA ARG A 67 -12.24 -2.29 -4.67
C ARG A 67 -12.85 -1.20 -3.79
N ALA A 68 -12.26 -0.03 -3.79
CA ALA A 68 -12.79 1.13 -3.08
C ALA A 68 -13.89 1.81 -3.89
N ALA A 69 -13.63 2.02 -5.19
CA ALA A 69 -14.57 2.70 -6.10
C ALA A 69 -15.90 2.00 -6.11
N ALA A 70 -15.86 0.69 -6.15
CA ALA A 70 -17.03 -0.11 -6.03
C ALA A 70 -16.72 -1.15 -5.00
N ASN A 71 -16.95 -0.81 -3.76
CA ASN A 71 -16.68 -1.72 -2.69
C ASN A 71 -17.83 -2.67 -2.51
N PRO A 72 -17.57 -3.98 -2.62
CA PRO A 72 -18.58 -5.04 -2.54
C PRO A 72 -19.04 -5.32 -1.09
N GLY A 73 -18.59 -4.51 -0.18
CA GLY A 73 -18.88 -4.71 1.20
C GLY A 73 -17.82 -5.56 1.81
N GLY A 74 -16.60 -5.10 1.70
CA GLY A 74 -15.49 -5.86 2.20
C GLY A 74 -14.28 -4.98 2.40
N ASP A 75 -13.25 -5.55 2.96
CA ASP A 75 -12.03 -4.82 3.25
C ASP A 75 -11.12 -4.84 2.05
N GLY A 76 -10.09 -4.02 2.08
CA GLY A 76 -9.17 -3.91 0.96
C GLY A 76 -9.59 -2.82 0.03
N GLY A 77 -10.54 -2.04 0.47
CA GLY A 77 -11.01 -0.95 -0.30
C GLY A 77 -10.49 0.33 0.25
N GLY A 78 -9.65 0.97 -0.52
CA GLY A 78 -9.13 2.21 -0.12
C GLY A 78 -7.73 2.10 0.40
N PRO A 79 -7.15 3.22 0.80
CA PRO A 79 -5.77 3.30 1.23
C PRO A 79 -5.50 2.49 2.48
N GLU A 80 -6.43 2.52 3.39
CA GLU A 80 -6.30 1.81 4.63
C GLU A 80 -6.58 0.31 4.46
N GLY A 81 -6.86 -0.10 3.25
CA GLY A 81 -7.02 -1.49 3.01
C GLY A 81 -5.88 -2.09 2.23
N ILE A 82 -5.12 -1.24 1.50
CA ILE A 82 -3.95 -1.72 0.74
C ILE A 82 -2.95 -2.29 1.74
N VAL A 83 -2.75 -1.50 2.78
CA VAL A 83 -1.90 -1.81 3.91
C VAL A 83 -2.29 -3.09 4.57
N LYS A 84 -3.54 -3.22 4.80
CA LYS A 84 -4.11 -4.40 5.42
C LYS A 84 -3.79 -5.64 4.61
N GLU A 85 -4.01 -5.57 3.31
CA GLU A 85 -3.75 -6.69 2.39
C GLU A 85 -2.24 -7.07 2.49
N ILE A 86 -1.40 -6.04 2.62
CA ILE A 86 0.05 -6.21 2.75
C ILE A 86 0.43 -6.85 4.08
N LYS A 87 -0.14 -6.36 5.16
CA LYS A 87 0.25 -6.80 6.48
C LYS A 87 -0.13 -8.25 6.68
N GLU A 88 -1.25 -8.64 6.14
CA GLU A 88 -1.73 -9.99 6.24
C GLU A 88 -0.91 -10.93 5.37
N TRP A 89 -0.46 -10.43 4.23
CA TRP A 89 0.36 -11.22 3.32
C TRP A 89 1.74 -11.46 3.93
N ARG A 90 2.32 -10.41 4.47
CA ARG A 90 3.64 -10.48 5.06
C ARG A 90 3.58 -11.35 6.32
N ALA A 91 2.47 -11.24 7.04
CA ALA A 91 2.21 -12.07 8.22
C ALA A 91 2.10 -13.54 7.83
N ALA A 92 1.45 -13.81 6.68
CA ALA A 92 1.28 -15.17 6.17
C ALA A 92 2.63 -15.77 5.81
N ASN A 93 3.53 -14.94 5.29
CA ASN A 93 4.89 -15.38 5.00
C ASN A 93 5.59 -15.70 6.30
N GLY A 94 5.36 -14.85 7.27
CA GLY A 94 6.10 -14.88 8.49
C GLY A 94 7.30 -14.01 8.28
N LYS A 95 7.04 -12.84 7.73
CA LYS A 95 8.04 -11.91 7.33
C LYS A 95 7.77 -10.62 8.11
N PRO A 96 8.80 -9.97 8.66
CA PRO A 96 8.66 -8.76 9.49
C PRO A 96 7.96 -7.63 8.75
N GLY A 97 6.79 -7.28 9.22
CA GLY A 97 6.00 -6.28 8.56
C GLY A 97 6.10 -4.91 9.17
N PHE A 98 4.99 -4.44 9.69
CA PHE A 98 4.88 -3.09 10.20
C PHE A 98 5.31 -3.02 11.63
N LYS A 99 5.73 -1.85 12.04
CA LYS A 99 6.10 -1.59 13.37
C LYS A 99 4.88 -1.09 14.11
N GLN A 100 5.08 -0.73 15.32
CA GLN A 100 4.07 -0.21 16.15
C GLN A 100 4.32 1.27 16.28
N GLY A 101 3.29 2.04 16.34
CA GLY A 101 3.43 3.46 16.48
C GLY A 101 2.18 4.12 16.04
N GLU A 9 5.20 10.23 6.47
CA GLU A 9 6.61 10.25 6.13
C GLU A 9 6.92 8.98 5.38
N LEU A 10 7.73 9.08 4.36
CA LEU A 10 8.11 7.95 3.58
C LEU A 10 9.38 7.38 4.17
N LYS A 11 9.36 6.11 4.42
CA LYS A 11 10.42 5.44 5.11
C LYS A 11 11.39 4.78 4.15
N ASN A 12 12.35 4.09 4.68
CA ASN A 12 13.26 3.31 3.87
C ASN A 12 12.76 1.89 3.78
N SER A 13 12.19 1.41 4.86
CA SER A 13 11.68 0.07 4.91
C SER A 13 10.31 0.05 5.56
N ILE A 14 9.62 -1.07 5.43
CA ILE A 14 8.27 -1.25 5.97
C ILE A 14 8.31 -1.30 7.51
N SER A 15 9.51 -1.52 8.05
CA SER A 15 9.71 -1.65 9.48
C SER A 15 9.51 -0.33 10.20
N ASP A 16 9.70 0.77 9.50
CA ASP A 16 9.54 2.07 10.11
C ASP A 16 8.14 2.57 9.85
N TYR A 17 7.49 1.95 8.89
CA TYR A 17 6.13 2.26 8.55
C TYR A 17 5.20 1.71 9.57
N THR A 18 4.47 2.57 10.22
CA THR A 18 3.42 2.12 11.07
C THR A 18 2.29 1.76 10.11
N GLU A 19 1.26 1.07 10.56
CA GLU A 19 0.18 0.75 9.62
C GLU A 19 -0.42 2.02 9.01
N ALA A 20 -0.58 3.04 9.82
CA ALA A 20 -1.11 4.31 9.38
C ALA A 20 -0.13 5.07 8.47
N GLU A 21 1.17 5.01 8.74
CA GLU A 21 2.15 5.62 7.84
C GLU A 21 2.09 4.97 6.48
N PHE A 22 1.87 3.69 6.49
CA PHE A 22 1.78 2.93 5.28
C PHE A 22 0.48 3.27 4.56
N VAL A 23 -0.65 3.33 5.30
CA VAL A 23 -1.95 3.68 4.69
C VAL A 23 -1.88 5.07 4.07
N GLN A 24 -1.14 5.98 4.72
CA GLN A 24 -0.96 7.34 4.29
C GLN A 24 -0.34 7.37 2.88
N LEU A 25 0.73 6.62 2.72
CA LEU A 25 1.42 6.50 1.43
C LEU A 25 0.46 5.99 0.38
N LEU A 26 -0.24 4.97 0.74
CA LEU A 26 -1.23 4.31 -0.12
C LEU A 26 -2.36 5.23 -0.55
N LYS A 27 -2.77 6.10 0.35
CA LYS A 27 -3.81 7.08 0.05
C LYS A 27 -3.31 8.09 -0.99
N GLU A 28 -2.03 8.40 -0.89
CA GLU A 28 -1.36 9.25 -1.87
C GLU A 28 -1.34 8.54 -3.21
N ILE A 29 -0.99 7.27 -3.15
CA ILE A 29 -0.90 6.42 -4.33
C ILE A 29 -2.22 6.39 -5.10
N GLU A 30 -3.35 6.37 -4.40
CA GLU A 30 -4.68 6.36 -5.04
C GLU A 30 -4.85 7.56 -5.93
N LYS A 31 -4.50 8.71 -5.40
CA LYS A 31 -4.67 9.97 -6.09
C LYS A 31 -3.76 10.06 -7.28
N GLU A 32 -2.50 9.81 -7.05
CA GLU A 32 -1.51 9.88 -8.08
C GLU A 32 -1.72 8.81 -9.16
N ASN A 33 -2.42 7.73 -8.80
CA ASN A 33 -2.78 6.66 -9.73
C ASN A 33 -3.86 7.17 -10.69
N VAL A 34 -4.96 7.67 -10.12
CA VAL A 34 -6.11 8.10 -10.91
C VAL A 34 -5.84 9.40 -11.68
N ALA A 35 -4.85 10.16 -11.23
CA ALA A 35 -4.45 11.37 -11.92
C ALA A 35 -3.34 11.07 -12.92
N ALA A 36 -2.67 9.93 -12.72
CA ALA A 36 -1.53 9.49 -13.52
C ALA A 36 -0.43 10.54 -13.55
N THR A 37 0.14 10.81 -12.39
CA THR A 37 1.16 11.82 -12.23
C THR A 37 2.49 11.29 -12.75
N ASP A 38 2.62 9.98 -12.70
CA ASP A 38 3.75 9.21 -13.18
C ASP A 38 4.98 9.28 -12.31
N ASP A 39 5.65 10.42 -12.22
CA ASP A 39 6.93 10.49 -11.46
C ASP A 39 6.77 10.05 -10.03
N VAL A 40 5.86 10.68 -9.32
CA VAL A 40 5.71 10.37 -7.91
C VAL A 40 4.94 9.10 -7.75
N LEU A 41 4.04 8.88 -8.65
CA LEU A 41 3.23 7.68 -8.69
C LEU A 41 4.14 6.47 -8.80
N ASP A 42 5.10 6.56 -9.68
CA ASP A 42 6.06 5.48 -9.89
C ASP A 42 6.88 5.29 -8.68
N VAL A 43 7.29 6.40 -8.05
CA VAL A 43 8.04 6.34 -6.80
C VAL A 43 7.30 5.54 -5.82
N LEU A 44 6.05 5.88 -5.69
CA LEU A 44 5.22 5.32 -4.70
C LEU A 44 4.99 3.88 -4.97
N LEU A 45 4.78 3.57 -6.22
CA LEU A 45 4.55 2.23 -6.66
C LEU A 45 5.73 1.33 -6.32
N GLU A 46 6.93 1.76 -6.70
CA GLU A 46 8.11 0.97 -6.42
C GLU A 46 8.47 0.98 -4.96
N HIS A 47 8.27 2.12 -4.31
CA HIS A 47 8.55 2.29 -2.90
C HIS A 47 7.72 1.31 -2.11
N PHE A 48 6.48 1.24 -2.46
CA PHE A 48 5.52 0.35 -1.86
C PHE A 48 5.95 -1.10 -2.04
N VAL A 49 6.14 -1.51 -3.26
CA VAL A 49 6.50 -2.88 -3.52
C VAL A 49 7.85 -3.29 -3.00
N LYS A 50 8.79 -2.37 -2.96
CA LYS A 50 10.13 -2.71 -2.43
C LYS A 50 10.09 -2.93 -0.91
N ILE A 51 9.17 -2.28 -0.22
CA ILE A 51 9.10 -2.41 1.21
C ILE A 51 8.24 -3.60 1.62
N THR A 52 7.13 -3.82 0.92
CA THR A 52 6.29 -4.97 1.22
C THR A 52 6.78 -6.24 0.52
N GLU A 53 7.36 -6.07 -0.67
CA GLU A 53 7.87 -7.16 -1.52
C GLU A 53 6.78 -8.11 -1.98
N HIS A 54 5.56 -7.64 -1.96
CA HIS A 54 4.43 -8.43 -2.37
C HIS A 54 4.53 -8.63 -3.88
N PRO A 55 4.32 -9.85 -4.40
CA PRO A 55 4.42 -10.16 -5.84
C PRO A 55 3.31 -9.55 -6.65
N ASP A 56 2.51 -8.79 -6.02
CA ASP A 56 1.39 -8.23 -6.63
C ASP A 56 1.31 -6.81 -6.19
N GLY A 57 2.48 -6.25 -5.85
CA GLY A 57 2.61 -4.91 -5.30
C GLY A 57 1.80 -3.91 -6.02
N THR A 58 2.03 -3.79 -7.25
CA THR A 58 1.32 -2.80 -7.95
C THR A 58 -0.09 -3.20 -8.32
N ALA A 59 -0.33 -4.51 -8.44
CA ALA A 59 -1.65 -5.01 -8.71
C ALA A 59 -2.56 -4.67 -7.56
N LEU A 60 -2.04 -4.74 -6.34
CA LEU A 60 -2.78 -4.40 -5.14
C LEU A 60 -3.17 -2.94 -5.12
N ILE A 61 -2.28 -2.11 -5.59
CA ILE A 61 -2.52 -0.68 -5.63
C ILE A 61 -3.62 -0.39 -6.63
N TYR A 62 -3.50 -1.01 -7.77
CA TYR A 62 -4.43 -0.85 -8.82
C TYR A 62 -5.83 -1.34 -8.45
N GLU A 63 -5.92 -2.54 -7.86
CA GLU A 63 -7.21 -3.04 -7.41
C GLU A 63 -7.77 -2.17 -6.30
N ALA A 64 -6.91 -1.72 -5.39
CA ALA A 64 -7.33 -0.87 -4.29
C ALA A 64 -7.96 0.39 -4.78
N ALA A 65 -7.27 1.08 -5.69
CA ALA A 65 -7.76 2.35 -6.22
C ALA A 65 -9.15 2.20 -6.84
N ALA A 66 -9.31 1.16 -7.65
CA ALA A 66 -10.56 0.91 -8.32
C ALA A 66 -11.64 0.42 -7.34
N ARG A 67 -11.27 -0.48 -6.45
CA ARG A 67 -12.20 -1.03 -5.48
C ARG A 67 -12.63 0.02 -4.46
N ALA A 68 -11.70 0.86 -4.05
CA ALA A 68 -11.96 1.89 -3.05
C ALA A 68 -12.81 3.00 -3.60
N ALA A 69 -12.76 3.19 -4.91
CA ALA A 69 -13.54 4.21 -5.57
C ALA A 69 -15.03 3.91 -5.48
N ALA A 70 -15.36 2.65 -5.27
CA ALA A 70 -16.72 2.23 -5.04
C ALA A 70 -16.90 1.89 -3.55
N ASN A 71 -15.88 1.25 -3.01
CA ASN A 71 -15.78 0.81 -1.61
C ASN A 71 -16.83 -0.24 -1.24
N PRO A 72 -16.51 -1.54 -1.46
CA PRO A 72 -17.39 -2.64 -1.07
C PRO A 72 -17.21 -3.01 0.41
N GLY A 73 -16.11 -2.58 0.96
CA GLY A 73 -15.77 -2.84 2.31
C GLY A 73 -14.48 -2.16 2.64
N GLY A 74 -14.15 -2.12 3.92
CA GLY A 74 -12.92 -1.50 4.35
C GLY A 74 -11.73 -2.27 3.89
N ASP A 75 -11.81 -3.58 4.01
CA ASP A 75 -10.76 -4.46 3.54
C ASP A 75 -10.80 -4.54 2.02
N GLY A 76 -9.65 -4.52 1.40
CA GLY A 76 -9.54 -4.54 -0.05
C GLY A 76 -9.89 -3.22 -0.70
N GLY A 77 -11.09 -2.75 -0.47
CA GLY A 77 -11.59 -1.56 -1.08
C GLY A 77 -11.19 -0.32 -0.34
N GLY A 78 -9.91 -0.09 -0.26
CA GLY A 78 -9.40 1.06 0.37
C GLY A 78 -7.96 0.92 0.67
N PRO A 79 -7.29 2.03 0.90
CA PRO A 79 -5.87 2.05 1.28
C PRO A 79 -5.66 1.24 2.55
N GLU A 80 -6.56 1.39 3.49
CA GLU A 80 -6.53 0.69 4.77
C GLU A 80 -7.02 -0.73 4.60
N GLY A 81 -7.35 -1.11 3.40
CA GLY A 81 -7.73 -2.47 3.17
C GLY A 81 -6.69 -3.26 2.45
N ILE A 82 -5.99 -2.64 1.54
CA ILE A 82 -4.85 -3.32 0.91
C ILE A 82 -3.75 -3.55 1.89
N VAL A 83 -3.71 -2.72 2.92
CA VAL A 83 -2.77 -2.87 3.94
C VAL A 83 -2.95 -4.20 4.66
N LYS A 84 -4.17 -4.60 4.77
CA LYS A 84 -4.53 -5.90 5.32
C LYS A 84 -3.91 -7.01 4.46
N GLU A 85 -4.08 -6.89 3.14
CA GLU A 85 -3.51 -7.86 2.19
C GLU A 85 -1.99 -7.92 2.37
N ILE A 86 -1.39 -6.75 2.49
CA ILE A 86 0.03 -6.60 2.68
C ILE A 86 0.52 -7.20 4.01
N LYS A 87 -0.20 -6.90 5.08
CA LYS A 87 0.23 -7.30 6.40
C LYS A 87 0.16 -8.81 6.56
N GLU A 88 -0.85 -9.42 5.97
CA GLU A 88 -1.05 -10.85 6.09
C GLU A 88 -0.01 -11.61 5.33
N TRP A 89 0.34 -11.11 4.15
CA TRP A 89 1.34 -11.72 3.31
C TRP A 89 2.68 -11.66 4.00
N ARG A 90 2.99 -10.48 4.49
CA ARG A 90 4.26 -10.21 5.11
C ARG A 90 4.43 -11.10 6.33
N ALA A 91 3.37 -11.19 7.13
CA ALA A 91 3.38 -11.99 8.34
C ALA A 91 3.46 -13.47 8.02
N ALA A 92 2.76 -13.89 6.98
CA ALA A 92 2.77 -15.29 6.57
C ALA A 92 4.12 -15.68 6.01
N ASN A 93 4.74 -14.77 5.28
CA ASN A 93 6.06 -15.01 4.68
C ASN A 93 7.09 -15.09 5.79
N GLY A 94 6.90 -14.26 6.79
CA GLY A 94 7.81 -14.20 7.89
C GLY A 94 8.73 -13.02 7.73
N LYS A 95 8.16 -11.92 7.31
CA LYS A 95 8.85 -10.72 7.12
C LYS A 95 8.23 -9.70 8.05
N PRO A 96 9.02 -8.74 8.56
CA PRO A 96 8.49 -7.69 9.45
C PRO A 96 7.42 -6.86 8.73
N GLY A 97 6.29 -6.68 9.37
CA GLY A 97 5.21 -5.94 8.80
C GLY A 97 5.14 -4.55 9.32
N PHE A 98 3.94 -4.07 9.54
CA PHE A 98 3.72 -2.70 9.94
C PHE A 98 4.02 -2.52 11.38
N LYS A 99 4.43 -1.33 11.71
CA LYS A 99 4.64 -0.96 13.05
C LYS A 99 3.33 -0.78 13.73
N GLN A 100 3.38 -0.89 15.02
CA GLN A 100 2.20 -0.77 15.86
C GLN A 100 1.91 0.66 16.20
N GLY A 101 2.72 1.48 15.67
CA GLY A 101 2.63 2.87 15.91
C GLY A 101 3.39 3.24 17.15
N GLU A 9 5.67 11.37 4.99
CA GLU A 9 7.07 10.96 5.00
C GLU A 9 7.18 9.54 4.51
N LEU A 10 8.36 9.13 4.16
CA LEU A 10 8.61 7.81 3.64
C LEU A 10 9.65 7.15 4.50
N LYS A 11 9.55 5.87 4.63
CA LYS A 11 10.53 5.11 5.36
C LYS A 11 11.32 4.31 4.33
N ASN A 12 12.49 3.84 4.67
CA ASN A 12 13.29 3.06 3.70
C ASN A 12 12.86 1.62 3.67
N SER A 13 12.17 1.21 4.70
CA SER A 13 11.71 -0.14 4.82
C SER A 13 10.31 -0.19 5.37
N ILE A 14 9.68 -1.35 5.22
CA ILE A 14 8.32 -1.61 5.70
C ILE A 14 8.27 -1.55 7.23
N SER A 15 9.43 -1.76 7.82
CA SER A 15 9.59 -1.95 9.21
C SER A 15 9.48 -0.66 10.04
N ASP A 16 9.49 0.49 9.38
CA ASP A 16 9.31 1.74 10.11
C ASP A 16 7.90 2.27 9.84
N TYR A 17 7.23 1.60 8.93
CA TYR A 17 5.88 1.97 8.59
C TYR A 17 4.95 1.36 9.57
N THR A 18 4.27 2.18 10.33
CA THR A 18 3.25 1.67 11.18
C THR A 18 2.08 1.41 10.21
N GLU A 19 1.04 0.74 10.64
CA GLU A 19 -0.08 0.51 9.72
C GLU A 19 -0.72 1.84 9.23
N ALA A 20 -0.73 2.85 10.10
CA ALA A 20 -1.21 4.18 9.73
C ALA A 20 -0.23 4.89 8.79
N GLU A 21 1.08 4.80 9.10
CA GLU A 21 2.13 5.42 8.25
C GLU A 21 2.03 4.89 6.85
N PHE A 22 1.80 3.60 6.76
CA PHE A 22 1.74 2.93 5.50
C PHE A 22 0.55 3.41 4.73
N VAL A 23 -0.62 3.30 5.31
CA VAL A 23 -1.83 3.69 4.65
C VAL A 23 -1.89 5.18 4.29
N GLN A 24 -1.22 6.00 5.05
CA GLN A 24 -1.10 7.37 4.73
C GLN A 24 -0.39 7.51 3.38
N LEU A 25 0.70 6.78 3.23
CA LEU A 25 1.46 6.73 2.00
C LEU A 25 0.59 6.15 0.90
N LEU A 26 -0.15 5.16 1.27
CA LEU A 26 -1.10 4.49 0.40
C LEU A 26 -2.14 5.42 -0.16
N LYS A 27 -2.66 6.29 0.69
CA LYS A 27 -3.63 7.30 0.28
C LYS A 27 -3.01 8.23 -0.74
N GLU A 28 -1.76 8.55 -0.52
CA GLU A 28 -1.04 9.44 -1.39
C GLU A 28 -0.77 8.78 -2.75
N ILE A 29 -0.61 7.47 -2.79
CA ILE A 29 -0.44 6.75 -4.05
C ILE A 29 -1.74 6.86 -4.82
N GLU A 30 -2.82 6.62 -4.12
CA GLU A 30 -4.17 6.72 -4.65
C GLU A 30 -4.47 8.11 -5.18
N LYS A 31 -3.90 9.07 -4.54
CA LYS A 31 -4.03 10.44 -4.91
C LYS A 31 -3.42 10.71 -6.28
N GLU A 32 -2.28 10.13 -6.58
CA GLU A 32 -1.64 10.39 -7.83
C GLU A 32 -2.16 9.41 -8.88
N ASN A 33 -2.52 8.20 -8.43
CA ASN A 33 -3.07 7.12 -9.27
C ASN A 33 -4.23 7.60 -10.14
N VAL A 34 -5.15 8.31 -9.52
CA VAL A 34 -6.33 8.79 -10.24
C VAL A 34 -6.01 9.91 -11.24
N ALA A 35 -4.85 10.52 -11.11
CA ALA A 35 -4.45 11.57 -12.03
C ALA A 35 -3.39 11.07 -13.00
N ALA A 36 -2.74 9.97 -12.61
CA ALA A 36 -1.67 9.32 -13.35
C ALA A 36 -0.49 10.27 -13.51
N THR A 37 0.38 10.27 -12.54
CA THR A 37 1.52 11.16 -12.59
C THR A 37 2.70 10.39 -13.16
N ASP A 38 3.90 10.89 -13.01
CA ASP A 38 5.04 10.16 -13.50
C ASP A 38 6.17 10.15 -12.51
N ASP A 39 6.45 11.27 -11.88
CA ASP A 39 7.53 11.31 -10.92
C ASP A 39 7.15 10.55 -9.71
N VAL A 40 6.12 11.01 -9.05
CA VAL A 40 5.75 10.47 -7.76
C VAL A 40 5.09 9.12 -7.93
N LEU A 41 4.46 8.93 -9.07
CA LEU A 41 3.84 7.68 -9.48
C LEU A 41 4.88 6.58 -9.46
N ASP A 42 5.98 6.81 -10.14
CA ASP A 42 7.00 5.78 -10.22
C ASP A 42 7.73 5.63 -8.91
N VAL A 43 7.76 6.69 -8.14
CA VAL A 43 8.43 6.61 -6.85
C VAL A 43 7.67 5.73 -5.96
N LEU A 44 6.41 6.01 -5.88
CA LEU A 44 5.56 5.38 -4.94
C LEU A 44 5.36 3.96 -5.26
N LEU A 45 5.15 3.71 -6.52
CA LEU A 45 4.91 2.40 -6.99
C LEU A 45 6.07 1.48 -6.72
N GLU A 46 7.26 1.94 -6.99
CA GLU A 46 8.42 1.15 -6.70
C GLU A 46 8.66 1.06 -5.20
N HIS A 47 8.50 2.20 -4.53
CA HIS A 47 8.77 2.33 -3.12
C HIS A 47 7.89 1.39 -2.32
N PHE A 48 6.65 1.38 -2.67
CA PHE A 48 5.68 0.55 -2.05
C PHE A 48 6.00 -0.93 -2.24
N VAL A 49 6.28 -1.32 -3.46
CA VAL A 49 6.60 -2.71 -3.73
C VAL A 49 7.92 -3.16 -3.10
N LYS A 50 8.86 -2.25 -2.98
CA LYS A 50 10.17 -2.60 -2.38
C LYS A 50 10.08 -2.79 -0.87
N ILE A 51 9.24 -2.03 -0.22
CA ILE A 51 9.07 -2.17 1.21
C ILE A 51 8.18 -3.36 1.52
N THR A 52 7.22 -3.64 0.65
CA THR A 52 6.30 -4.74 0.87
C THR A 52 6.90 -6.06 0.42
N GLU A 53 7.70 -6.00 -0.66
CA GLU A 53 8.36 -7.16 -1.25
C GLU A 53 7.33 -8.16 -1.74
N HIS A 54 6.19 -7.62 -2.10
CA HIS A 54 5.05 -8.37 -2.55
C HIS A 54 5.22 -8.59 -4.06
N PRO A 55 4.78 -9.74 -4.61
CA PRO A 55 4.87 -10.04 -6.06
C PRO A 55 3.81 -9.32 -6.86
N ASP A 56 3.17 -8.40 -6.26
CA ASP A 56 2.12 -7.73 -6.91
C ASP A 56 2.45 -6.29 -6.88
N GLY A 57 2.47 -5.76 -5.65
CA GLY A 57 2.79 -4.41 -5.33
C GLY A 57 1.92 -3.48 -5.99
N THR A 58 2.27 -3.23 -7.11
CA THR A 58 1.68 -2.23 -7.88
C THR A 58 0.26 -2.67 -8.28
N ALA A 59 0.15 -3.98 -8.56
CA ALA A 59 -1.12 -4.60 -8.88
C ALA A 59 -2.07 -4.47 -7.70
N LEU A 60 -1.51 -4.44 -6.49
CA LEU A 60 -2.32 -4.24 -5.29
C LEU A 60 -2.97 -2.87 -5.27
N ILE A 61 -2.23 -1.81 -5.66
CA ILE A 61 -2.85 -0.45 -5.65
C ILE A 61 -3.92 -0.42 -6.70
N TYR A 62 -3.58 -1.00 -7.81
CA TYR A 62 -4.44 -1.04 -8.93
C TYR A 62 -5.76 -1.79 -8.64
N GLU A 63 -5.68 -2.91 -7.95
CA GLU A 63 -6.91 -3.59 -7.53
C GLU A 63 -7.59 -2.81 -6.42
N ALA A 64 -6.81 -2.22 -5.53
CA ALA A 64 -7.34 -1.44 -4.41
C ALA A 64 -8.19 -0.30 -4.89
N ALA A 65 -7.78 0.33 -5.96
CA ALA A 65 -8.55 1.42 -6.57
C ALA A 65 -9.92 0.94 -7.06
N ALA A 66 -9.98 -0.27 -7.60
CA ALA A 66 -11.23 -0.87 -8.03
C ALA A 66 -12.06 -1.29 -6.81
N ARG A 67 -11.36 -1.88 -5.86
CA ARG A 67 -11.92 -2.28 -4.56
C ARG A 67 -12.45 -1.07 -3.79
N ALA A 68 -11.87 0.08 -4.07
CA ALA A 68 -12.33 1.35 -3.53
C ALA A 68 -13.70 1.71 -4.08
N ALA A 69 -13.86 1.60 -5.39
CA ALA A 69 -15.12 1.92 -6.04
C ALA A 69 -16.18 0.93 -5.62
N ALA A 70 -15.86 -0.33 -5.72
CA ALA A 70 -16.75 -1.37 -5.27
C ALA A 70 -16.26 -1.90 -3.95
N ASN A 71 -16.41 -1.09 -2.92
CA ASN A 71 -15.96 -1.45 -1.61
C ASN A 71 -16.97 -2.28 -0.90
N PRO A 72 -16.59 -3.48 -0.50
CA PRO A 72 -17.48 -4.33 0.22
C PRO A 72 -17.59 -3.90 1.70
N GLY A 73 -16.51 -4.06 2.43
CA GLY A 73 -16.46 -3.65 3.79
C GLY A 73 -15.18 -3.00 4.09
N GLY A 74 -14.65 -3.31 5.24
CA GLY A 74 -13.41 -2.80 5.67
C GLY A 74 -12.29 -3.68 5.18
N ASP A 75 -12.21 -3.77 3.89
CA ASP A 75 -11.25 -4.61 3.18
C ASP A 75 -10.91 -3.93 1.86
N GLY A 76 -11.87 -3.22 1.32
CA GLY A 76 -11.64 -2.44 0.14
C GLY A 76 -11.44 -1.01 0.53
N GLY A 77 -12.15 -0.11 -0.10
CA GLY A 77 -12.06 1.28 0.27
C GLY A 77 -10.95 2.00 -0.44
N GLY A 78 -9.96 1.26 -0.84
CA GLY A 78 -8.87 1.78 -1.57
C GLY A 78 -7.62 1.65 -0.79
N PRO A 79 -7.16 2.75 -0.19
CA PRO A 79 -5.89 2.79 0.53
C PRO A 79 -5.89 1.89 1.73
N GLU A 80 -7.04 1.73 2.32
CA GLU A 80 -7.17 0.99 3.56
C GLU A 80 -7.13 -0.50 3.30
N GLY A 81 -7.23 -0.88 2.06
CA GLY A 81 -7.19 -2.26 1.78
C GLY A 81 -5.87 -2.73 1.32
N ILE A 82 -5.10 -1.86 0.68
CA ILE A 82 -3.76 -2.22 0.23
C ILE A 82 -2.93 -2.59 1.46
N VAL A 83 -3.07 -1.78 2.49
CA VAL A 83 -2.40 -1.98 3.75
C VAL A 83 -2.81 -3.25 4.43
N LYS A 84 -4.09 -3.49 4.40
CA LYS A 84 -4.66 -4.69 4.96
C LYS A 84 -4.13 -5.94 4.24
N GLU A 85 -4.08 -5.88 2.92
CA GLU A 85 -3.55 -6.98 2.10
C GLU A 85 -2.10 -7.25 2.46
N ILE A 86 -1.36 -6.18 2.59
CA ILE A 86 0.05 -6.24 2.96
C ILE A 86 0.23 -6.85 4.35
N LYS A 87 -0.57 -6.42 5.33
CA LYS A 87 -0.41 -6.91 6.69
C LYS A 87 -0.66 -8.41 6.75
N GLU A 88 -1.65 -8.86 5.96
CA GLU A 88 -1.97 -10.27 5.91
C GLU A 88 -0.90 -11.07 5.16
N TRP A 89 -0.43 -10.55 4.04
CA TRP A 89 0.57 -11.23 3.21
C TRP A 89 1.88 -11.39 3.95
N ARG A 90 2.31 -10.28 4.53
CA ARG A 90 3.59 -10.21 5.20
C ARG A 90 3.61 -11.23 6.33
N ALA A 91 2.53 -11.25 7.08
CA ALA A 91 2.36 -12.15 8.21
C ALA A 91 2.24 -13.59 7.75
N ALA A 92 1.55 -13.81 6.63
CA ALA A 92 1.35 -15.15 6.06
C ALA A 92 2.67 -15.75 5.61
N ASN A 93 3.53 -14.91 5.06
CA ASN A 93 4.85 -15.35 4.65
C ASN A 93 5.72 -15.55 5.89
N GLY A 94 5.61 -14.61 6.81
CA GLY A 94 6.40 -14.62 8.00
C GLY A 94 7.47 -13.56 7.96
N LYS A 95 7.17 -12.47 7.30
CA LYS A 95 8.06 -11.39 7.12
C LYS A 95 7.66 -10.29 8.09
N PRO A 96 8.63 -9.52 8.60
CA PRO A 96 8.33 -8.39 9.50
C PRO A 96 7.55 -7.33 8.74
N GLY A 97 6.43 -6.96 9.28
CA GLY A 97 5.57 -6.05 8.61
C GLY A 97 5.51 -4.70 9.25
N PHE A 98 4.32 -4.34 9.65
CA PHE A 98 4.06 -3.00 10.12
C PHE A 98 4.48 -2.80 11.54
N LYS A 99 4.85 -1.58 11.79
CA LYS A 99 5.16 -1.12 13.03
C LYS A 99 3.88 -0.63 13.67
N GLN A 100 3.92 -0.28 14.92
CA GLN A 100 2.77 0.23 15.57
C GLN A 100 3.12 1.26 16.62
N GLY A 101 4.20 1.91 16.41
CA GLY A 101 4.67 2.88 17.37
C GLY A 101 5.52 3.91 16.71
N GLU A 9 4.86 9.80 6.23
CA GLU A 9 6.18 10.13 5.73
C GLU A 9 6.81 8.88 5.17
N LEU A 10 7.77 9.05 4.28
CA LEU A 10 8.38 7.93 3.60
C LEU A 10 9.59 7.42 4.34
N LYS A 11 9.63 6.14 4.50
CA LYS A 11 10.72 5.46 5.13
C LYS A 11 11.60 4.86 4.05
N ASN A 12 12.41 3.91 4.40
CA ASN A 12 13.24 3.25 3.40
C ASN A 12 12.91 1.78 3.32
N SER A 13 12.45 1.23 4.41
CA SER A 13 12.04 -0.14 4.50
C SER A 13 10.73 -0.22 5.27
N ILE A 14 10.06 -1.36 5.22
CA ILE A 14 8.78 -1.59 5.91
C ILE A 14 8.99 -1.57 7.45
N SER A 15 10.24 -1.60 7.85
CA SER A 15 10.64 -1.71 9.21
C SER A 15 10.34 -0.43 9.98
N ASP A 16 10.30 0.68 9.29
CA ASP A 16 10.07 1.95 9.98
C ASP A 16 8.65 2.42 9.73
N TYR A 17 7.88 1.58 9.08
CA TYR A 17 6.53 1.94 8.70
C TYR A 17 5.55 1.42 9.71
N THR A 18 4.74 2.29 10.25
CA THR A 18 3.64 1.88 11.06
C THR A 18 2.48 1.68 10.12
N GLU A 19 1.37 1.13 10.58
CA GLU A 19 0.22 0.98 9.71
C GLU A 19 -0.22 2.32 9.11
N ALA A 20 -0.30 3.33 9.92
CA ALA A 20 -0.73 4.64 9.48
C ALA A 20 0.31 5.32 8.58
N GLU A 21 1.59 5.17 8.89
CA GLU A 21 2.63 5.74 8.02
C GLU A 21 2.58 5.08 6.67
N PHE A 22 2.26 3.81 6.68
CA PHE A 22 2.15 3.06 5.48
C PHE A 22 0.90 3.49 4.73
N VAL A 23 -0.22 3.68 5.44
CA VAL A 23 -1.45 4.13 4.79
C VAL A 23 -1.24 5.52 4.19
N GLN A 24 -0.37 6.32 4.80
CA GLN A 24 -0.05 7.64 4.35
C GLN A 24 0.55 7.57 2.94
N LEU A 25 1.49 6.65 2.75
CA LEU A 25 2.11 6.42 1.44
C LEU A 25 1.07 5.99 0.46
N LEU A 26 0.28 5.03 0.88
CA LEU A 26 -0.80 4.50 0.06
C LEU A 26 -1.82 5.56 -0.29
N LYS A 27 -2.09 6.47 0.63
CA LYS A 27 -2.99 7.57 0.37
C LYS A 27 -2.36 8.54 -0.65
N GLU A 28 -1.05 8.73 -0.58
CA GLU A 28 -0.37 9.55 -1.58
C GLU A 28 -0.38 8.83 -2.92
N ILE A 29 -0.28 7.53 -2.87
CA ILE A 29 -0.37 6.68 -4.04
C ILE A 29 -1.76 6.81 -4.65
N GLU A 30 -2.77 6.74 -3.81
CA GLU A 30 -4.16 6.89 -4.14
C GLU A 30 -4.39 8.25 -4.81
N LYS A 31 -3.80 9.25 -4.21
CA LYS A 31 -3.92 10.62 -4.62
C LYS A 31 -3.38 10.81 -6.04
N GLU A 32 -2.16 10.36 -6.28
CA GLU A 32 -1.57 10.53 -7.56
C GLU A 32 -2.01 9.47 -8.55
N ASN A 33 -2.60 8.39 -8.07
CA ASN A 33 -3.06 7.30 -8.95
C ASN A 33 -4.24 7.76 -9.77
N VAL A 34 -5.20 8.39 -9.11
CA VAL A 34 -6.41 8.87 -9.79
C VAL A 34 -6.09 10.07 -10.68
N ALA A 35 -4.98 10.72 -10.41
CA ALA A 35 -4.53 11.85 -11.19
C ALA A 35 -3.63 11.37 -12.33
N ALA A 36 -3.13 10.16 -12.15
CA ALA A 36 -2.18 9.50 -13.04
C ALA A 36 -0.98 10.38 -13.32
N THR A 37 -0.13 10.50 -12.33
CA THR A 37 1.09 11.24 -12.49
C THR A 37 2.18 10.27 -12.88
N ASP A 38 3.40 10.70 -12.84
CA ASP A 38 4.47 9.84 -13.19
C ASP A 38 5.61 9.92 -12.22
N ASP A 39 6.11 11.13 -12.02
CA ASP A 39 7.31 11.31 -11.19
C ASP A 39 7.15 10.78 -9.79
N VAL A 40 6.08 11.11 -9.13
CA VAL A 40 5.91 10.60 -7.77
C VAL A 40 5.24 9.25 -7.81
N LEU A 41 4.37 9.09 -8.79
CA LEU A 41 3.57 7.90 -8.96
C LEU A 41 4.47 6.71 -9.12
N ASP A 42 5.50 6.84 -9.94
CA ASP A 42 6.38 5.72 -10.18
C ASP A 42 7.21 5.44 -8.96
N VAL A 43 7.53 6.50 -8.21
CA VAL A 43 8.27 6.35 -6.98
C VAL A 43 7.49 5.53 -6.02
N LEU A 44 6.27 5.93 -5.88
CA LEU A 44 5.43 5.41 -4.89
C LEU A 44 5.08 4.00 -5.15
N LEU A 45 4.79 3.72 -6.40
CA LEU A 45 4.43 2.40 -6.81
C LEU A 45 5.58 1.44 -6.54
N GLU A 46 6.78 1.87 -6.88
CA GLU A 46 7.98 1.10 -6.63
C GLU A 46 8.31 1.04 -5.15
N HIS A 47 8.10 2.13 -4.48
CA HIS A 47 8.44 2.27 -3.08
C HIS A 47 7.59 1.32 -2.26
N PHE A 48 6.34 1.30 -2.57
CA PHE A 48 5.39 0.43 -1.94
C PHE A 48 5.79 -1.03 -2.11
N VAL A 49 6.04 -1.42 -3.33
CA VAL A 49 6.43 -2.79 -3.60
C VAL A 49 7.80 -3.15 -3.04
N LYS A 50 8.73 -2.21 -2.99
CA LYS A 50 10.07 -2.50 -2.46
C LYS A 50 10.05 -2.76 -0.95
N ILE A 51 9.21 -2.04 -0.25
CA ILE A 51 9.16 -2.18 1.19
C ILE A 51 8.39 -3.42 1.59
N THR A 52 7.38 -3.75 0.82
CA THR A 52 6.59 -4.91 1.10
C THR A 52 7.21 -6.16 0.53
N GLU A 53 7.78 -6.03 -0.68
CA GLU A 53 8.33 -7.11 -1.46
C GLU A 53 7.23 -8.09 -1.84
N HIS A 54 6.06 -7.52 -2.00
CA HIS A 54 4.89 -8.25 -2.37
C HIS A 54 4.97 -8.47 -3.88
N PRO A 55 4.68 -9.68 -4.36
CA PRO A 55 4.77 -10.01 -5.81
C PRO A 55 3.59 -9.47 -6.56
N ASP A 56 2.84 -8.66 -5.92
CA ASP A 56 1.65 -8.22 -6.46
C ASP A 56 1.54 -6.77 -6.07
N GLY A 57 2.69 -6.19 -5.71
CA GLY A 57 2.79 -4.84 -5.17
C GLY A 57 1.97 -3.85 -5.85
N THR A 58 2.30 -3.55 -7.01
CA THR A 58 1.63 -2.49 -7.67
C THR A 58 0.22 -2.93 -8.11
N ALA A 59 0.01 -4.24 -8.19
CA ALA A 59 -1.28 -4.77 -8.55
C ALA A 59 -2.27 -4.55 -7.44
N LEU A 60 -1.78 -4.62 -6.20
CA LEU A 60 -2.59 -4.35 -5.03
C LEU A 60 -3.11 -2.94 -5.05
N ILE A 61 -2.26 -2.04 -5.49
CA ILE A 61 -2.64 -0.62 -5.61
C ILE A 61 -3.71 -0.48 -6.68
N TYR A 62 -3.44 -1.12 -7.80
CA TYR A 62 -4.32 -1.09 -8.92
C TYR A 62 -5.67 -1.72 -8.63
N GLU A 63 -5.68 -2.91 -8.04
CA GLU A 63 -6.92 -3.54 -7.69
C GLU A 63 -7.66 -2.75 -6.62
N ALA A 64 -6.93 -2.15 -5.67
CA ALA A 64 -7.57 -1.35 -4.61
C ALA A 64 -8.38 -0.22 -5.21
N ALA A 65 -7.84 0.43 -6.23
CA ALA A 65 -8.53 1.51 -6.91
C ALA A 65 -9.81 1.00 -7.57
N ALA A 66 -9.72 -0.17 -8.20
CA ALA A 66 -10.86 -0.76 -8.88
C ALA A 66 -11.88 -1.30 -7.87
N ARG A 67 -11.38 -1.97 -6.84
CA ARG A 67 -12.19 -2.53 -5.78
C ARG A 67 -12.93 -1.44 -5.04
N ALA A 68 -12.25 -0.32 -4.80
CA ALA A 68 -12.85 0.81 -4.09
C ALA A 68 -14.02 1.44 -4.86
N ALA A 69 -14.00 1.31 -6.18
CA ALA A 69 -15.06 1.88 -7.01
C ALA A 69 -16.41 1.24 -6.68
N ALA A 70 -16.40 -0.04 -6.40
CA ALA A 70 -17.62 -0.74 -6.01
C ALA A 70 -17.68 -0.87 -4.49
N ASN A 71 -16.50 -1.02 -3.91
CA ASN A 71 -16.26 -1.16 -2.47
C ASN A 71 -16.95 -2.40 -1.92
N PRO A 72 -16.27 -3.56 -1.94
CA PRO A 72 -16.82 -4.82 -1.41
C PRO A 72 -16.99 -4.75 0.10
N GLY A 73 -18.21 -4.46 0.53
CA GLY A 73 -18.50 -4.30 1.92
C GLY A 73 -17.86 -3.05 2.46
N GLY A 74 -16.69 -3.22 2.99
CA GLY A 74 -15.91 -2.13 3.48
C GLY A 74 -14.46 -2.52 3.53
N ASP A 75 -14.10 -3.54 2.76
CA ASP A 75 -12.72 -4.05 2.76
C ASP A 75 -12.14 -3.96 1.38
N GLY A 76 -10.94 -3.43 1.32
CA GLY A 76 -10.26 -3.27 0.06
C GLY A 76 -10.74 -2.05 -0.69
N GLY A 77 -11.58 -1.28 -0.04
CA GLY A 77 -12.14 -0.12 -0.63
C GLY A 77 -11.51 1.12 -0.10
N GLY A 78 -10.23 1.24 -0.34
CA GLY A 78 -9.52 2.39 0.09
C GLY A 78 -8.11 2.05 0.48
N PRO A 79 -7.27 3.07 0.63
CA PRO A 79 -5.85 2.92 0.97
C PRO A 79 -5.60 2.15 2.26
N GLU A 80 -6.48 2.31 3.20
CA GLU A 80 -6.38 1.64 4.48
C GLU A 80 -6.93 0.22 4.42
N GLY A 81 -7.37 -0.20 3.28
CA GLY A 81 -7.74 -1.59 3.17
C GLY A 81 -6.69 -2.41 2.48
N ILE A 82 -5.94 -1.77 1.60
CA ILE A 82 -4.83 -2.45 0.91
C ILE A 82 -3.78 -2.81 1.92
N VAL A 83 -3.65 -1.96 2.88
CA VAL A 83 -2.71 -2.11 3.91
C VAL A 83 -2.99 -3.34 4.77
N LYS A 84 -4.25 -3.63 4.95
CA LYS A 84 -4.70 -4.82 5.63
C LYS A 84 -4.27 -6.05 4.81
N GLU A 85 -4.46 -5.96 3.48
CA GLU A 85 -4.05 -7.01 2.54
C GLU A 85 -2.54 -7.26 2.67
N ILE A 86 -1.83 -6.17 2.74
CA ILE A 86 -0.40 -6.16 2.93
C ILE A 86 0.02 -6.78 4.28
N LYS A 87 -0.63 -6.40 5.36
CA LYS A 87 -0.22 -6.86 6.68
C LYS A 87 -0.42 -8.36 6.85
N GLU A 88 -1.49 -8.87 6.25
CA GLU A 88 -1.82 -10.27 6.35
C GLU A 88 -0.81 -11.12 5.59
N TRP A 89 -0.30 -10.58 4.51
CA TRP A 89 0.62 -11.29 3.66
C TRP A 89 1.98 -11.51 4.34
N ARG A 90 2.58 -10.45 4.93
CA ARG A 90 3.90 -10.65 5.57
C ARG A 90 3.78 -11.57 6.76
N ALA A 91 2.68 -11.43 7.49
CA ALA A 91 2.46 -12.20 8.70
C ALA A 91 2.39 -13.69 8.42
N ALA A 92 1.78 -14.06 7.31
CA ALA A 92 1.66 -15.45 6.92
C ALA A 92 2.99 -15.97 6.38
N ASN A 93 3.61 -15.18 5.52
CA ASN A 93 4.85 -15.59 4.88
C ASN A 93 6.01 -15.63 5.90
N GLY A 94 5.97 -14.74 6.86
CA GLY A 94 7.00 -14.68 7.87
C GLY A 94 7.99 -13.58 7.55
N LYS A 95 7.48 -12.55 6.91
CA LYS A 95 8.24 -11.45 6.48
C LYS A 95 8.01 -10.27 7.42
N PRO A 96 8.87 -9.24 7.40
CA PRO A 96 8.75 -8.06 8.27
C PRO A 96 7.47 -7.27 8.04
N GLY A 97 6.78 -6.98 9.12
CA GLY A 97 5.56 -6.24 9.04
C GLY A 97 5.77 -4.79 9.39
N PHE A 98 4.75 -4.16 9.93
CA PHE A 98 4.85 -2.76 10.30
C PHE A 98 5.44 -2.66 11.69
N LYS A 99 6.14 -1.59 11.96
CA LYS A 99 6.65 -1.38 13.27
C LYS A 99 5.53 -0.88 14.14
N GLN A 100 5.76 -0.91 15.39
CA GLN A 100 4.82 -0.45 16.34
C GLN A 100 5.15 1.00 16.63
N GLY A 101 4.16 1.82 16.62
CA GLY A 101 4.36 3.22 16.87
C GLY A 101 3.12 3.85 17.41
N GLU A 9 4.86 10.03 6.23
CA GLU A 9 6.27 10.28 5.93
C GLU A 9 6.83 9.01 5.34
N LEU A 10 7.77 9.15 4.44
CA LEU A 10 8.32 8.01 3.77
C LEU A 10 9.53 7.49 4.50
N LYS A 11 9.54 6.22 4.75
CA LYS A 11 10.64 5.57 5.40
C LYS A 11 11.51 4.98 4.31
N ASN A 12 12.38 4.05 4.63
CA ASN A 12 13.12 3.36 3.59
C ASN A 12 12.76 1.90 3.55
N SER A 13 12.29 1.36 4.65
CA SER A 13 11.89 -0.01 4.70
C SER A 13 10.55 -0.13 5.41
N ILE A 14 9.91 -1.29 5.31
CA ILE A 14 8.58 -1.56 5.89
C ILE A 14 8.65 -1.51 7.44
N SER A 15 9.85 -1.57 7.97
CA SER A 15 10.07 -1.73 9.37
C SER A 15 9.81 -0.45 10.14
N ASP A 16 9.86 0.70 9.48
CA ASP A 16 9.60 1.94 10.20
C ASP A 16 8.20 2.43 9.86
N TYR A 17 7.47 1.64 9.15
CA TYR A 17 6.15 2.02 8.78
C TYR A 17 5.17 1.54 9.81
N THR A 18 4.43 2.45 10.36
CA THR A 18 3.32 2.07 11.17
C THR A 18 2.21 1.82 10.17
N GLU A 19 1.11 1.22 10.55
CA GLU A 19 0.05 1.05 9.59
C GLU A 19 -0.43 2.40 9.03
N ALA A 20 -0.59 3.38 9.89
CA ALA A 20 -1.03 4.70 9.49
C ALA A 20 0.02 5.43 8.62
N GLU A 21 1.32 5.28 8.94
CA GLU A 21 2.38 5.87 8.10
C GLU A 21 2.30 5.31 6.71
N PHE A 22 2.01 4.05 6.65
CA PHE A 22 1.92 3.37 5.41
C PHE A 22 0.64 3.76 4.70
N VAL A 23 -0.49 3.84 5.44
CA VAL A 23 -1.76 4.22 4.82
C VAL A 23 -1.70 5.63 4.25
N GLN A 24 -0.93 6.50 4.90
CA GLN A 24 -0.74 7.83 4.43
C GLN A 24 -0.07 7.77 3.07
N LEU A 25 0.94 6.92 2.94
CA LEU A 25 1.61 6.69 1.67
C LEU A 25 0.62 6.14 0.66
N LEU A 26 -0.13 5.17 1.11
CA LEU A 26 -1.13 4.47 0.33
C LEU A 26 -2.19 5.41 -0.25
N LYS A 27 -2.63 6.36 0.57
CA LYS A 27 -3.58 7.38 0.14
C LYS A 27 -2.95 8.25 -0.94
N GLU A 28 -1.69 8.59 -0.73
CA GLU A 28 -0.92 9.40 -1.65
C GLU A 28 -0.70 8.65 -2.97
N ILE A 29 -0.46 7.34 -2.88
CA ILE A 29 -0.29 6.52 -4.07
C ILE A 29 -1.53 6.58 -4.94
N GLU A 30 -2.70 6.43 -4.32
CA GLU A 30 -3.97 6.49 -5.03
C GLU A 30 -4.11 7.81 -5.74
N LYS A 31 -3.75 8.85 -5.03
CA LYS A 31 -3.91 10.21 -5.45
C LYS A 31 -3.18 10.52 -6.77
N GLU A 32 -1.91 10.18 -6.87
CA GLU A 32 -1.24 10.44 -8.09
C GLU A 32 -1.42 9.32 -9.10
N ASN A 33 -2.04 8.24 -8.69
CA ASN A 33 -2.38 7.16 -9.60
C ASN A 33 -3.61 7.54 -10.40
N VAL A 34 -4.61 8.07 -9.71
CA VAL A 34 -5.86 8.49 -10.35
C VAL A 34 -5.64 9.71 -11.25
N ALA A 35 -4.70 10.57 -10.85
CA ALA A 35 -4.34 11.74 -11.65
C ALA A 35 -3.36 11.32 -12.75
N ALA A 36 -2.74 10.17 -12.53
CA ALA A 36 -1.76 9.56 -13.41
C ALA A 36 -0.55 10.44 -13.64
N THR A 37 0.35 10.41 -12.70
CA THR A 37 1.59 11.09 -12.82
C THR A 37 2.65 10.05 -13.06
N ASP A 38 3.89 10.44 -13.00
CA ASP A 38 4.95 9.49 -13.15
C ASP A 38 6.07 9.79 -12.19
N ASP A 39 6.22 11.04 -11.79
CA ASP A 39 7.34 11.41 -10.92
C ASP A 39 7.21 10.80 -9.57
N VAL A 40 6.12 11.07 -8.88
CA VAL A 40 5.98 10.51 -7.56
C VAL A 40 5.42 9.13 -7.69
N LEU A 41 4.62 8.95 -8.73
CA LEU A 41 3.91 7.73 -8.99
C LEU A 41 4.88 6.60 -9.15
N ASP A 42 5.94 6.81 -9.92
CA ASP A 42 6.91 5.75 -10.09
C ASP A 42 7.66 5.46 -8.84
N VAL A 43 7.86 6.48 -8.02
CA VAL A 43 8.54 6.27 -6.77
C VAL A 43 7.69 5.44 -5.88
N LEU A 44 6.46 5.83 -5.78
CA LEU A 44 5.56 5.27 -4.82
C LEU A 44 5.28 3.85 -5.13
N LEU A 45 5.08 3.59 -6.38
CA LEU A 45 4.80 2.28 -6.85
C LEU A 45 5.93 1.34 -6.52
N GLU A 46 7.14 1.75 -6.80
CA GLU A 46 8.30 0.93 -6.48
C GLU A 46 8.55 0.86 -5.00
N HIS A 47 8.43 1.99 -4.34
CA HIS A 47 8.71 2.09 -2.93
C HIS A 47 7.83 1.15 -2.16
N PHE A 48 6.59 1.16 -2.52
CA PHE A 48 5.59 0.33 -1.95
C PHE A 48 5.94 -1.16 -2.15
N VAL A 49 6.16 -1.55 -3.39
CA VAL A 49 6.45 -2.94 -3.70
C VAL A 49 7.81 -3.42 -3.16
N LYS A 50 8.75 -2.54 -3.09
CA LYS A 50 10.08 -2.92 -2.58
C LYS A 50 10.06 -3.19 -1.07
N ILE A 51 9.25 -2.48 -0.32
CA ILE A 51 9.26 -2.65 1.11
C ILE A 51 8.28 -3.72 1.54
N THR A 52 7.23 -3.89 0.78
CA THR A 52 6.27 -4.90 1.07
C THR A 52 6.73 -6.22 0.48
N GLU A 53 7.33 -6.10 -0.70
CA GLU A 53 7.87 -7.19 -1.49
C GLU A 53 6.78 -8.07 -2.04
N HIS A 54 5.59 -7.53 -2.12
CA HIS A 54 4.47 -8.23 -2.67
C HIS A 54 4.71 -8.30 -4.19
N PRO A 55 4.53 -9.46 -4.83
CA PRO A 55 4.86 -9.67 -6.27
C PRO A 55 3.97 -8.87 -7.16
N ASP A 56 2.86 -8.53 -6.63
CA ASP A 56 1.84 -7.92 -7.33
C ASP A 56 1.58 -6.63 -6.63
N GLY A 57 2.67 -6.05 -6.14
CA GLY A 57 2.67 -4.80 -5.39
C GLY A 57 1.88 -3.77 -6.04
N THR A 58 2.19 -3.51 -7.23
CA THR A 58 1.57 -2.42 -7.88
C THR A 58 0.11 -2.77 -8.20
N ALA A 59 -0.12 -4.04 -8.52
CA ALA A 59 -1.45 -4.53 -8.80
C ALA A 59 -2.34 -4.40 -7.58
N LEU A 60 -1.75 -4.48 -6.40
CA LEU A 60 -2.52 -4.26 -5.16
C LEU A 60 -3.11 -2.88 -5.09
N ILE A 61 -2.35 -1.88 -5.46
CA ILE A 61 -2.87 -0.51 -5.43
C ILE A 61 -3.97 -0.39 -6.45
N TYR A 62 -3.71 -0.96 -7.59
CA TYR A 62 -4.62 -0.96 -8.69
C TYR A 62 -5.93 -1.69 -8.37
N GLU A 63 -5.86 -2.85 -7.74
CA GLU A 63 -7.06 -3.53 -7.35
C GLU A 63 -7.75 -2.80 -6.21
N ALA A 64 -6.97 -2.26 -5.27
CA ALA A 64 -7.51 -1.54 -4.12
C ALA A 64 -8.33 -0.34 -4.57
N ALA A 65 -7.84 0.35 -5.60
CA ALA A 65 -8.53 1.49 -6.17
C ALA A 65 -9.88 1.05 -6.76
N ALA A 66 -9.87 -0.03 -7.53
CA ALA A 66 -11.10 -0.56 -8.13
C ALA A 66 -12.03 -1.12 -7.04
N ARG A 67 -11.44 -1.77 -6.07
CA ARG A 67 -12.16 -2.34 -4.93
C ARG A 67 -12.82 -1.24 -4.10
N ALA A 68 -12.18 -0.07 -4.04
CA ALA A 68 -12.75 1.06 -3.32
C ALA A 68 -13.80 1.76 -4.16
N ALA A 69 -13.63 1.70 -5.47
CA ALA A 69 -14.58 2.29 -6.41
C ALA A 69 -15.89 1.52 -6.36
N ALA A 70 -15.78 0.22 -6.26
CA ALA A 70 -16.93 -0.63 -6.08
C ALA A 70 -17.38 -0.51 -4.62
N ASN A 71 -16.45 -0.86 -3.75
CA ASN A 71 -16.58 -0.82 -2.29
C ASN A 71 -17.73 -1.68 -1.78
N PRO A 72 -17.46 -2.97 -1.54
CA PRO A 72 -18.45 -3.87 -0.97
C PRO A 72 -18.78 -3.45 0.46
N GLY A 73 -17.76 -3.01 1.16
CA GLY A 73 -17.91 -2.57 2.51
C GLY A 73 -16.94 -3.29 3.38
N GLY A 74 -16.91 -2.92 4.63
CA GLY A 74 -16.06 -3.60 5.58
C GLY A 74 -14.61 -3.22 5.39
N ASP A 75 -13.89 -4.02 4.66
CA ASP A 75 -12.48 -3.80 4.39
C ASP A 75 -12.27 -3.91 2.90
N GLY A 76 -13.36 -3.82 2.18
CA GLY A 76 -13.34 -3.97 0.76
C GLY A 76 -12.83 -2.76 0.02
N GLY A 77 -11.52 -2.65 -0.02
CA GLY A 77 -10.89 -1.64 -0.80
C GLY A 77 -10.31 -0.55 0.06
N GLY A 78 -9.84 0.48 -0.61
CA GLY A 78 -9.35 1.64 0.06
C GLY A 78 -7.88 1.57 0.35
N PRO A 79 -7.24 2.71 0.60
CA PRO A 79 -5.82 2.77 0.92
C PRO A 79 -5.51 2.03 2.18
N GLU A 80 -6.41 2.11 3.13
CA GLU A 80 -6.23 1.46 4.38
C GLU A 80 -6.50 -0.04 4.27
N GLY A 81 -6.83 -0.49 3.08
CA GLY A 81 -6.96 -1.90 2.87
C GLY A 81 -5.86 -2.48 2.02
N ILE A 82 -5.02 -1.62 1.46
CA ILE A 82 -3.87 -2.10 0.67
C ILE A 82 -2.86 -2.62 1.67
N VAL A 83 -2.67 -1.83 2.70
CA VAL A 83 -1.81 -2.12 3.85
C VAL A 83 -2.25 -3.37 4.52
N LYS A 84 -3.52 -3.49 4.64
CA LYS A 84 -4.16 -4.65 5.23
C LYS A 84 -3.77 -5.91 4.45
N GLU A 85 -3.88 -5.81 3.12
CA GLU A 85 -3.55 -6.91 2.23
C GLU A 85 -2.07 -7.28 2.41
N ILE A 86 -1.26 -6.24 2.57
CA ILE A 86 0.17 -6.37 2.76
C ILE A 86 0.50 -7.01 4.10
N LYS A 87 -0.15 -6.54 5.16
CA LYS A 87 0.18 -7.00 6.50
C LYS A 87 -0.12 -8.48 6.63
N GLU A 88 -1.19 -8.92 5.98
CA GLU A 88 -1.56 -10.30 6.01
C GLU A 88 -0.59 -11.16 5.16
N TRP A 89 -0.16 -10.61 4.03
CA TRP A 89 0.77 -11.31 3.13
C TRP A 89 2.13 -11.40 3.76
N ARG A 90 2.59 -10.27 4.28
CA ARG A 90 3.91 -10.13 4.85
C ARG A 90 4.05 -11.10 6.01
N ALA A 91 3.02 -11.13 6.85
CA ALA A 91 2.98 -11.98 8.01
C ALA A 91 2.97 -13.45 7.59
N ALA A 92 2.15 -13.77 6.61
CA ALA A 92 2.04 -15.13 6.10
C ALA A 92 3.32 -15.58 5.44
N ASN A 93 3.94 -14.69 4.68
CA ASN A 93 5.19 -14.98 3.99
C ASN A 93 6.28 -15.22 5.02
N GLY A 94 6.18 -14.55 6.13
CA GLY A 94 7.16 -14.70 7.17
C GLY A 94 8.10 -13.54 7.20
N LYS A 95 7.60 -12.38 6.83
CA LYS A 95 8.38 -11.23 6.78
C LYS A 95 7.91 -10.26 7.85
N PRO A 96 8.83 -9.49 8.46
CA PRO A 96 8.46 -8.48 9.42
C PRO A 96 7.66 -7.40 8.74
N GLY A 97 6.64 -6.94 9.39
CA GLY A 97 5.79 -5.99 8.80
C GLY A 97 5.94 -4.64 9.40
N PHE A 98 4.84 -4.12 9.83
CA PHE A 98 4.74 -2.78 10.32
C PHE A 98 5.17 -2.69 11.75
N LYS A 99 5.65 -1.53 12.11
CA LYS A 99 6.11 -1.26 13.42
C LYS A 99 4.94 -0.88 14.29
N GLN A 100 5.22 -0.61 15.52
CA GLN A 100 4.25 -0.21 16.44
C GLN A 100 4.10 1.30 16.43
N GLY A 101 2.90 1.74 16.53
CA GLY A 101 2.56 3.13 16.53
C GLY A 101 1.11 3.28 16.18
N GLU A 9 5.93 10.38 6.31
CA GLU A 9 7.31 10.32 5.85
C GLU A 9 7.55 9.00 5.17
N LEU A 10 8.44 9.02 4.22
CA LEU A 10 8.80 7.85 3.48
C LEU A 10 9.95 7.23 4.19
N LYS A 11 9.83 5.99 4.47
CA LYS A 11 10.89 5.27 5.08
C LYS A 11 11.61 4.54 3.94
N ASN A 12 12.57 3.71 4.22
CA ASN A 12 13.22 3.00 3.11
C ASN A 12 12.91 1.53 3.15
N SER A 13 12.29 1.12 4.21
CA SER A 13 11.87 -0.22 4.39
C SER A 13 10.57 -0.22 5.16
N ILE A 14 9.87 -1.33 5.15
CA ILE A 14 8.56 -1.44 5.80
C ILE A 14 8.70 -1.40 7.34
N SER A 15 9.94 -1.47 7.80
CA SER A 15 10.25 -1.64 9.18
C SER A 15 10.09 -0.35 10.00
N ASP A 16 10.20 0.80 9.36
CA ASP A 16 10.03 2.05 10.10
C ASP A 16 8.63 2.56 9.88
N TYR A 17 7.97 1.97 8.91
CA TYR A 17 6.62 2.35 8.59
C TYR A 17 5.70 1.85 9.63
N THR A 18 5.03 2.76 10.28
CA THR A 18 3.99 2.38 11.12
C THR A 18 2.84 2.10 10.21
N GLU A 19 1.87 1.40 10.69
CA GLU A 19 0.74 1.06 9.89
C GLU A 19 0.08 2.34 9.31
N ALA A 20 -0.11 3.35 10.14
CA ALA A 20 -0.68 4.62 9.69
C ALA A 20 0.27 5.40 8.76
N GLU A 21 1.60 5.39 9.03
CA GLU A 21 2.59 6.08 8.14
C GLU A 21 2.49 5.55 6.75
N PHE A 22 2.26 4.25 6.65
CA PHE A 22 2.18 3.65 5.38
C PHE A 22 0.81 3.89 4.77
N VAL A 23 -0.28 3.71 5.55
CA VAL A 23 -1.62 3.90 5.00
C VAL A 23 -1.81 5.32 4.46
N GLN A 24 -1.12 6.28 5.09
CA GLN A 24 -1.15 7.66 4.72
C GLN A 24 -0.53 7.83 3.34
N LEU A 25 0.61 7.21 3.17
CA LEU A 25 1.34 7.25 1.91
C LEU A 25 0.50 6.61 0.84
N LEU A 26 -0.12 5.54 1.21
CA LEU A 26 -1.01 4.78 0.36
C LEU A 26 -2.21 5.61 -0.09
N LYS A 27 -2.71 6.45 0.82
CA LYS A 27 -3.82 7.34 0.50
C LYS A 27 -3.37 8.34 -0.55
N GLU A 28 -2.12 8.75 -0.44
CA GLU A 28 -1.54 9.67 -1.38
C GLU A 28 -1.39 9.04 -2.75
N ILE A 29 -1.15 7.74 -2.78
CA ILE A 29 -1.01 7.00 -4.02
C ILE A 29 -2.33 7.01 -4.77
N GLU A 30 -3.45 6.84 -4.03
CA GLU A 30 -4.79 6.86 -4.65
C GLU A 30 -4.98 8.19 -5.34
N LYS A 31 -4.60 9.22 -4.62
CA LYS A 31 -4.78 10.59 -5.01
C LYS A 31 -4.04 10.91 -6.32
N GLU A 32 -2.81 10.48 -6.45
CA GLU A 32 -2.08 10.77 -7.66
C GLU A 32 -2.37 9.75 -8.76
N ASN A 33 -2.67 8.51 -8.39
CA ASN A 33 -3.02 7.46 -9.35
C ASN A 33 -4.33 7.78 -10.08
N VAL A 34 -5.28 8.40 -9.38
CA VAL A 34 -6.55 8.79 -10.02
C VAL A 34 -6.38 10.05 -10.89
N ALA A 35 -5.25 10.71 -10.73
CA ALA A 35 -4.93 11.86 -11.56
C ALA A 35 -4.00 11.41 -12.69
N ALA A 36 -3.34 10.29 -12.42
CA ALA A 36 -2.41 9.62 -13.30
C ALA A 36 -1.14 10.42 -13.50
N THR A 37 -0.21 10.25 -12.59
CA THR A 37 1.09 10.82 -12.74
C THR A 37 1.99 9.67 -13.10
N ASP A 38 3.21 9.90 -13.44
CA ASP A 38 4.10 8.76 -13.60
C ASP A 38 5.41 9.03 -12.95
N ASP A 39 5.47 10.14 -12.25
CA ASP A 39 6.67 10.50 -11.54
C ASP A 39 6.57 9.92 -10.17
N VAL A 40 5.68 10.50 -9.38
CA VAL A 40 5.51 10.09 -8.01
C VAL A 40 4.79 8.76 -7.95
N LEU A 41 3.92 8.54 -8.93
CA LEU A 41 3.19 7.27 -9.07
C LEU A 41 4.18 6.15 -9.19
N ASP A 42 5.18 6.34 -10.02
CA ASP A 42 6.20 5.32 -10.19
C ASP A 42 7.00 5.14 -8.94
N VAL A 43 7.21 6.21 -8.21
CA VAL A 43 7.93 6.11 -6.95
C VAL A 43 7.15 5.28 -6.01
N LEU A 44 5.92 5.63 -5.88
CA LEU A 44 5.07 5.07 -4.90
C LEU A 44 4.78 3.65 -5.17
N LEU A 45 4.53 3.36 -6.41
CA LEU A 45 4.26 2.03 -6.81
C LEU A 45 5.43 1.14 -6.52
N GLU A 46 6.60 1.58 -6.87
CA GLU A 46 7.79 0.80 -6.61
C GLU A 46 8.09 0.75 -5.14
N HIS A 47 7.94 1.88 -4.49
CA HIS A 47 8.25 2.05 -3.09
C HIS A 47 7.43 1.11 -2.24
N PHE A 48 6.18 1.05 -2.55
CA PHE A 48 5.26 0.19 -1.89
C PHE A 48 5.67 -1.26 -2.09
N VAL A 49 5.83 -1.66 -3.32
CA VAL A 49 6.16 -3.02 -3.63
C VAL A 49 7.56 -3.43 -3.17
N LYS A 50 8.47 -2.52 -3.16
CA LYS A 50 9.86 -2.81 -2.74
C LYS A 50 9.95 -3.09 -1.24
N ILE A 51 9.22 -2.35 -0.44
CA ILE A 51 9.31 -2.54 0.99
C ILE A 51 8.47 -3.73 1.43
N THR A 52 7.38 -3.98 0.72
CA THR A 52 6.51 -5.08 1.03
C THR A 52 6.99 -6.39 0.41
N GLU A 53 7.57 -6.28 -0.80
CA GLU A 53 8.06 -7.40 -1.60
C GLU A 53 6.91 -8.33 -1.98
N HIS A 54 5.73 -7.74 -2.06
CA HIS A 54 4.52 -8.44 -2.39
C HIS A 54 4.51 -8.69 -3.92
N PRO A 55 4.07 -9.87 -4.38
CA PRO A 55 4.10 -10.25 -5.81
C PRO A 55 3.10 -9.48 -6.63
N ASP A 56 2.16 -8.93 -5.96
CA ASP A 56 1.09 -8.27 -6.57
C ASP A 56 1.00 -6.93 -5.97
N GLY A 57 2.19 -6.36 -5.75
CA GLY A 57 2.34 -5.05 -5.16
C GLY A 57 1.50 -4.05 -5.83
N THR A 58 1.61 -3.98 -7.07
CA THR A 58 0.91 -2.95 -7.73
C THR A 58 -0.55 -3.25 -7.97
N ALA A 59 -0.90 -4.53 -8.03
CA ALA A 59 -2.30 -4.94 -8.10
C ALA A 59 -2.99 -4.46 -6.87
N LEU A 60 -2.35 -4.58 -5.73
CA LEU A 60 -2.95 -4.10 -4.49
C LEU A 60 -3.26 -2.60 -4.55
N ILE A 61 -2.32 -1.79 -5.01
CA ILE A 61 -2.54 -0.34 -5.07
C ILE A 61 -3.61 0.01 -6.08
N TYR A 62 -3.48 -0.58 -7.25
CA TYR A 62 -4.38 -0.35 -8.33
C TYR A 62 -5.80 -0.73 -7.95
N GLU A 63 -5.94 -1.93 -7.41
CA GLU A 63 -7.19 -2.40 -6.95
C GLU A 63 -7.71 -1.56 -5.82
N ALA A 64 -6.84 -1.15 -4.89
CA ALA A 64 -7.28 -0.35 -3.74
C ALA A 64 -7.95 0.92 -4.18
N ALA A 65 -7.32 1.61 -5.10
CA ALA A 65 -7.85 2.85 -5.61
C ALA A 65 -9.22 2.63 -6.26
N ALA A 66 -9.31 1.62 -7.11
CA ALA A 66 -10.54 1.32 -7.83
C ALA A 66 -11.61 0.70 -6.92
N ARG A 67 -11.20 -0.21 -6.07
CA ARG A 67 -12.08 -0.92 -5.14
C ARG A 67 -12.65 0.01 -4.10
N ALA A 68 -11.91 1.01 -3.73
CA ALA A 68 -12.40 1.99 -2.81
C ALA A 68 -13.29 3.04 -3.50
N ALA A 69 -12.92 3.45 -4.72
CA ALA A 69 -13.70 4.46 -5.45
C ALA A 69 -15.00 3.87 -5.95
N ALA A 70 -14.92 2.74 -6.60
CA ALA A 70 -16.07 2.02 -7.01
C ALA A 70 -16.11 0.81 -6.15
N ASN A 71 -16.58 1.02 -4.95
CA ASN A 71 -16.59 -0.01 -3.97
C ASN A 71 -17.77 -0.91 -4.15
N PRO A 72 -17.53 -2.16 -4.50
CA PRO A 72 -18.57 -3.15 -4.64
C PRO A 72 -18.70 -3.97 -3.35
N GLY A 73 -18.02 -3.50 -2.32
CA GLY A 73 -17.90 -4.23 -1.09
C GLY A 73 -16.58 -4.96 -1.09
N GLY A 74 -15.92 -5.05 0.02
CA GLY A 74 -14.66 -5.75 0.02
C GLY A 74 -13.97 -5.76 1.34
N ASP A 75 -12.78 -6.32 1.33
CA ASP A 75 -11.95 -6.43 2.51
C ASP A 75 -10.75 -5.51 2.35
N GLY A 76 -10.30 -5.38 1.12
CA GLY A 76 -9.19 -4.51 0.80
C GLY A 76 -9.61 -3.51 -0.22
N GLY A 77 -10.61 -2.77 0.11
CA GLY A 77 -11.10 -1.76 -0.75
C GLY A 77 -10.77 -0.43 -0.17
N GLY A 78 -9.50 -0.13 -0.14
CA GLY A 78 -9.04 1.10 0.41
C GLY A 78 -7.61 1.03 0.84
N PRO A 79 -7.00 2.18 1.10
CA PRO A 79 -5.59 2.29 1.48
C PRO A 79 -5.27 1.65 2.84
N GLU A 80 -6.26 1.54 3.69
CA GLU A 80 -6.12 0.95 5.00
C GLU A 80 -6.55 -0.53 4.95
N GLY A 81 -6.93 -0.98 3.77
CA GLY A 81 -7.25 -2.38 3.60
C GLY A 81 -6.13 -3.12 2.90
N ILE A 82 -5.43 -2.44 2.01
CA ILE A 82 -4.26 -3.03 1.34
C ILE A 82 -3.15 -3.31 2.31
N VAL A 83 -3.05 -2.48 3.32
CA VAL A 83 -2.11 -2.65 4.36
C VAL A 83 -2.42 -3.91 5.14
N LYS A 84 -3.70 -4.23 5.24
CA LYS A 84 -4.14 -5.44 5.87
C LYS A 84 -3.67 -6.61 5.02
N GLU A 85 -3.88 -6.49 3.71
CA GLU A 85 -3.43 -7.49 2.74
C GLU A 85 -1.93 -7.69 2.84
N ILE A 86 -1.21 -6.59 2.94
CA ILE A 86 0.22 -6.62 3.09
C ILE A 86 0.65 -7.24 4.42
N LYS A 87 0.02 -6.83 5.49
CA LYS A 87 0.44 -7.23 6.81
C LYS A 87 0.17 -8.71 7.06
N GLU A 88 -0.93 -9.20 6.52
CA GLU A 88 -1.26 -10.60 6.70
C GLU A 88 -0.33 -11.47 5.87
N TRP A 89 0.02 -10.99 4.69
CA TRP A 89 0.93 -11.69 3.78
C TRP A 89 2.32 -11.76 4.40
N ARG A 90 2.75 -10.61 4.88
CA ARG A 90 4.06 -10.43 5.43
C ARG A 90 4.22 -11.34 6.64
N ALA A 91 3.20 -11.36 7.49
CA ALA A 91 3.20 -12.19 8.70
C ALA A 91 3.11 -13.68 8.33
N ALA A 92 2.32 -13.98 7.32
CA ALA A 92 2.14 -15.34 6.83
C ALA A 92 3.46 -15.92 6.35
N ASN A 93 4.21 -15.15 5.59
CA ASN A 93 5.52 -15.58 5.11
C ASN A 93 6.48 -15.64 6.30
N GLY A 94 6.35 -14.67 7.17
CA GLY A 94 7.21 -14.57 8.33
C GLY A 94 8.21 -13.46 8.13
N LYS A 95 7.76 -12.40 7.53
CA LYS A 95 8.56 -11.28 7.23
C LYS A 95 8.12 -10.15 8.14
N PRO A 96 9.02 -9.26 8.56
CA PRO A 96 8.69 -8.14 9.46
C PRO A 96 7.66 -7.21 8.84
N GLY A 97 6.64 -6.90 9.60
CA GLY A 97 5.57 -6.08 9.11
C GLY A 97 5.69 -4.66 9.56
N PHE A 98 4.56 -4.05 9.82
CA PHE A 98 4.51 -2.66 10.18
C PHE A 98 4.91 -2.44 11.61
N LYS A 99 5.54 -1.34 11.84
CA LYS A 99 6.01 -0.98 13.13
C LYS A 99 4.95 -0.26 13.94
N GLN A 100 5.19 -0.22 15.21
CA GLN A 100 4.37 0.39 16.18
C GLN A 100 4.79 1.85 16.34
N GLY A 101 3.85 2.71 16.30
CA GLY A 101 4.06 4.10 16.54
C GLY A 101 2.87 4.87 16.12
N GLU A 9 5.19 9.89 4.63
CA GLU A 9 6.64 9.98 4.67
C GLU A 9 7.18 8.65 4.23
N LEU A 10 8.29 8.65 3.54
CA LEU A 10 8.87 7.43 3.06
C LEU A 10 10.01 7.01 3.94
N LYS A 11 10.06 5.75 4.18
CA LYS A 11 11.15 5.15 4.89
C LYS A 11 12.06 4.47 3.85
N ASN A 12 12.85 3.54 4.27
CA ASN A 12 13.67 2.78 3.34
C ASN A 12 13.24 1.33 3.38
N SER A 13 12.76 0.91 4.52
CA SER A 13 12.28 -0.42 4.68
C SER A 13 10.92 -0.39 5.36
N ILE A 14 10.24 -1.51 5.33
CA ILE A 14 8.91 -1.65 5.90
C ILE A 14 8.97 -1.61 7.45
N SER A 15 10.17 -1.77 7.98
CA SER A 15 10.38 -1.92 9.40
C SER A 15 10.30 -0.59 10.14
N ASP A 16 10.24 0.50 9.43
CA ASP A 16 10.13 1.79 10.07
C ASP A 16 8.74 2.34 9.82
N TYR A 17 7.94 1.53 9.17
CA TYR A 17 6.63 1.94 8.76
C TYR A 17 5.63 1.54 9.77
N THR A 18 5.00 2.50 10.38
CA THR A 18 3.84 2.20 11.14
C THR A 18 2.79 1.99 10.09
N GLU A 19 1.76 1.28 10.38
CA GLU A 19 0.76 1.08 9.39
C GLU A 19 0.11 2.40 8.93
N ALA A 20 0.03 3.40 9.81
CA ALA A 20 -0.48 4.73 9.43
C ALA A 20 0.51 5.47 8.52
N GLU A 21 1.84 5.35 8.78
CA GLU A 21 2.88 5.93 7.88
C GLU A 21 2.67 5.35 6.51
N PHE A 22 2.35 4.08 6.52
CA PHE A 22 2.14 3.34 5.33
C PHE A 22 0.84 3.77 4.67
N VAL A 23 -0.27 3.83 5.44
CA VAL A 23 -1.57 4.20 4.88
C VAL A 23 -1.55 5.59 4.31
N GLN A 24 -0.73 6.48 4.89
CA GLN A 24 -0.61 7.81 4.39
C GLN A 24 -0.04 7.73 2.98
N LEU A 25 1.03 6.96 2.85
CA LEU A 25 1.70 6.71 1.57
C LEU A 25 0.71 6.10 0.61
N LEU A 26 -0.01 5.15 1.10
CA LEU A 26 -1.06 4.46 0.36
C LEU A 26 -2.12 5.42 -0.14
N LYS A 27 -2.51 6.37 0.69
CA LYS A 27 -3.46 7.40 0.32
C LYS A 27 -2.85 8.32 -0.70
N GLU A 28 -1.57 8.56 -0.57
CA GLU A 28 -0.85 9.34 -1.53
C GLU A 28 -0.78 8.62 -2.88
N ILE A 29 -0.61 7.30 -2.84
CA ILE A 29 -0.63 6.51 -4.07
C ILE A 29 -1.98 6.66 -4.74
N GLU A 30 -3.02 6.58 -3.93
CA GLU A 30 -4.39 6.76 -4.34
C GLU A 30 -4.57 8.13 -4.99
N LYS A 31 -4.06 9.13 -4.31
CA LYS A 31 -4.16 10.51 -4.69
C LYS A 31 -3.45 10.76 -6.00
N GLU A 32 -2.20 10.35 -6.07
CA GLU A 32 -1.39 10.53 -7.24
C GLU A 32 -1.86 9.66 -8.41
N ASN A 33 -2.51 8.56 -8.10
CA ASN A 33 -3.06 7.68 -9.12
C ASN A 33 -4.25 8.32 -9.79
N VAL A 34 -5.19 8.82 -9.00
CA VAL A 34 -6.41 9.42 -9.56
C VAL A 34 -6.17 10.82 -10.10
N ALA A 35 -5.02 11.38 -9.79
CA ALA A 35 -4.63 12.67 -10.34
C ALA A 35 -3.78 12.46 -11.58
N ALA A 36 -3.23 11.25 -11.70
CA ALA A 36 -2.33 10.84 -12.76
C ALA A 36 -1.11 11.76 -12.83
N THR A 37 -0.20 11.57 -11.91
CA THR A 37 0.98 12.38 -11.83
C THR A 37 2.14 11.69 -12.53
N ASP A 38 2.03 10.37 -12.59
CA ASP A 38 2.97 9.47 -13.20
C ASP A 38 4.31 9.40 -12.51
N ASP A 39 5.06 10.48 -12.50
CA ASP A 39 6.42 10.47 -11.98
C ASP A 39 6.47 10.15 -10.50
N VAL A 40 5.66 10.82 -9.71
CA VAL A 40 5.70 10.58 -8.26
C VAL A 40 4.89 9.38 -7.92
N LEU A 41 3.89 9.16 -8.72
CA LEU A 41 3.03 8.01 -8.62
C LEU A 41 3.89 6.76 -8.77
N ASP A 42 4.82 6.80 -9.71
CA ASP A 42 5.72 5.67 -9.94
C ASP A 42 6.63 5.47 -8.78
N VAL A 43 7.04 6.57 -8.17
CA VAL A 43 7.89 6.52 -7.01
C VAL A 43 7.23 5.73 -5.95
N LEU A 44 6.00 6.07 -5.75
CA LEU A 44 5.22 5.52 -4.72
C LEU A 44 4.95 4.08 -4.98
N LEU A 45 4.62 3.78 -6.22
CA LEU A 45 4.33 2.43 -6.66
C LEU A 45 5.51 1.52 -6.41
N GLU A 46 6.65 1.96 -6.84
CA GLU A 46 7.87 1.22 -6.69
C GLU A 46 8.27 1.13 -5.24
N HIS A 47 8.08 2.21 -4.54
CA HIS A 47 8.48 2.29 -3.16
C HIS A 47 7.65 1.34 -2.34
N PHE A 48 6.39 1.37 -2.58
CA PHE A 48 5.44 0.51 -1.95
C PHE A 48 5.84 -0.96 -2.12
N VAL A 49 6.08 -1.37 -3.35
CA VAL A 49 6.48 -2.74 -3.59
C VAL A 49 7.87 -3.09 -3.05
N LYS A 50 8.78 -2.15 -3.05
CA LYS A 50 10.16 -2.43 -2.57
C LYS A 50 10.22 -2.63 -1.05
N ILE A 51 9.38 -1.93 -0.33
CA ILE A 51 9.37 -2.05 1.13
C ILE A 51 8.57 -3.25 1.58
N THR A 52 7.50 -3.56 0.87
CA THR A 52 6.65 -4.67 1.23
C THR A 52 7.20 -5.96 0.67
N GLU A 53 7.73 -5.84 -0.56
CA GLU A 53 8.29 -6.92 -1.35
C GLU A 53 7.20 -7.92 -1.69
N HIS A 54 5.99 -7.40 -1.73
CA HIS A 54 4.83 -8.16 -2.07
C HIS A 54 4.94 -8.48 -3.57
N PRO A 55 4.64 -9.71 -4.00
CA PRO A 55 4.80 -10.13 -5.41
C PRO A 55 3.71 -9.62 -6.28
N ASP A 56 2.89 -8.82 -5.73
CA ASP A 56 1.76 -8.38 -6.39
C ASP A 56 1.57 -6.97 -5.92
N GLY A 57 2.73 -6.34 -5.65
CA GLY A 57 2.82 -4.99 -5.13
C GLY A 57 1.98 -4.06 -5.85
N THR A 58 2.23 -3.88 -7.07
CA THR A 58 1.45 -2.95 -7.74
C THR A 58 0.14 -3.46 -8.21
N ALA A 59 -0.06 -4.78 -8.22
CA ALA A 59 -1.35 -5.25 -8.57
C ALA A 59 -2.30 -4.94 -7.45
N LEU A 60 -1.78 -4.90 -6.20
CA LEU A 60 -2.57 -4.47 -5.06
C LEU A 60 -3.03 -3.06 -5.23
N ILE A 61 -2.13 -2.20 -5.69
CA ILE A 61 -2.50 -0.80 -5.87
C ILE A 61 -3.52 -0.67 -6.99
N TYR A 62 -3.22 -1.34 -8.07
CA TYR A 62 -4.01 -1.30 -9.26
C TYR A 62 -5.41 -1.87 -9.07
N GLU A 63 -5.50 -3.01 -8.39
CA GLU A 63 -6.79 -3.59 -8.08
C GLU A 63 -7.55 -2.72 -7.11
N ALA A 64 -6.83 -2.10 -6.16
CA ALA A 64 -7.44 -1.25 -5.16
C ALA A 64 -8.23 -0.14 -5.79
N ALA A 65 -7.67 0.47 -6.83
CA ALA A 65 -8.33 1.54 -7.56
C ALA A 65 -9.66 1.04 -8.15
N ALA A 66 -9.62 -0.14 -8.74
CA ALA A 66 -10.81 -0.76 -9.33
C ALA A 66 -11.82 -1.19 -8.25
N ARG A 67 -11.28 -1.75 -7.17
CA ARG A 67 -12.07 -2.19 -6.03
C ARG A 67 -12.74 -1.02 -5.35
N ALA A 68 -12.04 0.10 -5.28
CA ALA A 68 -12.53 1.32 -4.65
C ALA A 68 -13.59 2.00 -5.50
N ALA A 69 -13.48 1.84 -6.81
CA ALA A 69 -14.45 2.41 -7.74
C ALA A 69 -15.84 1.91 -7.41
N ALA A 70 -15.97 0.61 -7.25
CA ALA A 70 -17.22 0.02 -6.86
C ALA A 70 -17.42 0.21 -5.36
N ASN A 71 -16.42 -0.19 -4.60
CA ASN A 71 -16.37 -0.11 -3.13
C ASN A 71 -17.45 -0.95 -2.45
N PRO A 72 -17.11 -2.20 -2.10
CA PRO A 72 -17.99 -3.06 -1.31
C PRO A 72 -17.90 -2.70 0.18
N GLY A 73 -18.68 -3.36 1.01
CA GLY A 73 -18.65 -3.09 2.43
C GLY A 73 -17.55 -3.83 3.12
N GLY A 74 -17.38 -3.59 4.40
CA GLY A 74 -16.36 -4.26 5.14
C GLY A 74 -15.00 -3.76 4.74
N ASP A 75 -14.09 -4.66 4.46
CA ASP A 75 -12.77 -4.27 4.00
C ASP A 75 -12.79 -4.13 2.51
N GLY A 76 -13.20 -2.97 2.06
CA GLY A 76 -13.27 -2.73 0.65
C GLY A 76 -11.96 -2.24 0.10
N GLY A 77 -11.90 -2.06 -1.20
CA GLY A 77 -10.70 -1.55 -1.82
C GLY A 77 -10.42 -0.14 -1.37
N GLY A 78 -9.18 0.15 -1.07
CA GLY A 78 -8.81 1.43 -0.62
C GLY A 78 -7.45 1.41 0.02
N PRO A 79 -6.90 2.58 0.33
CA PRO A 79 -5.58 2.72 0.91
C PRO A 79 -5.40 2.01 2.24
N GLU A 80 -6.32 2.19 3.13
CA GLU A 80 -6.25 1.61 4.46
C GLU A 80 -6.58 0.11 4.45
N GLY A 81 -6.87 -0.43 3.28
CA GLY A 81 -7.10 -1.85 3.19
C GLY A 81 -6.02 -2.60 2.42
N ILE A 82 -5.31 -1.91 1.55
CA ILE A 82 -4.19 -2.54 0.82
C ILE A 82 -3.03 -2.83 1.78
N VAL A 83 -2.89 -1.97 2.77
CA VAL A 83 -1.93 -2.14 3.86
C VAL A 83 -2.22 -3.39 4.64
N LYS A 84 -3.46 -3.58 4.85
CA LYS A 84 -3.98 -4.75 5.52
C LYS A 84 -3.57 -6.03 4.76
N GLU A 85 -3.66 -5.97 3.44
CA GLU A 85 -3.31 -7.11 2.59
C GLU A 85 -1.80 -7.39 2.72
N ILE A 86 -1.04 -6.33 2.91
CA ILE A 86 0.39 -6.42 3.09
C ILE A 86 0.75 -7.03 4.45
N LYS A 87 0.08 -6.57 5.52
CA LYS A 87 0.40 -7.05 6.87
C LYS A 87 0.12 -8.54 6.97
N GLU A 88 -0.93 -8.97 6.30
CA GLU A 88 -1.31 -10.37 6.31
C GLU A 88 -0.28 -11.22 5.60
N TRP A 89 0.17 -10.76 4.45
CA TRP A 89 1.08 -11.52 3.63
C TRP A 89 2.43 -11.67 4.32
N ARG A 90 2.97 -10.58 4.80
CA ARG A 90 4.29 -10.61 5.36
C ARG A 90 4.29 -11.36 6.69
N ALA A 91 3.26 -11.14 7.50
CA ALA A 91 3.14 -11.78 8.80
C ALA A 91 2.91 -13.29 8.67
N ALA A 92 2.03 -13.69 7.75
CA ALA A 92 1.76 -15.12 7.55
C ALA A 92 2.96 -15.81 6.95
N ASN A 93 3.71 -15.08 6.15
CA ASN A 93 4.92 -15.61 5.52
C ASN A 93 5.99 -15.83 6.60
N GLY A 94 5.93 -15.01 7.64
CA GLY A 94 6.88 -15.10 8.72
C GLY A 94 7.98 -14.08 8.58
N LYS A 95 7.67 -12.97 7.96
CA LYS A 95 8.59 -11.96 7.68
C LYS A 95 8.16 -10.70 8.43
N PRO A 96 9.12 -9.93 8.99
CA PRO A 96 8.84 -8.69 9.74
C PRO A 96 7.98 -7.72 8.94
N GLY A 97 6.81 -7.40 9.44
CA GLY A 97 5.90 -6.54 8.72
C GLY A 97 6.01 -5.10 9.15
N PHE A 98 4.91 -4.52 9.55
CA PHE A 98 4.88 -3.12 9.96
C PHE A 98 5.26 -3.00 11.39
N LYS A 99 5.68 -1.83 11.77
CA LYS A 99 5.93 -1.57 13.11
C LYS A 99 4.64 -1.05 13.70
N GLN A 100 4.61 -0.89 14.97
CA GLN A 100 3.44 -0.49 15.63
C GLN A 100 3.62 0.80 16.37
N GLY A 101 2.67 1.65 16.20
CA GLY A 101 2.63 2.92 16.85
C GLY A 101 1.21 3.39 16.95
N GLU A 9 5.53 9.60 6.12
CA GLU A 9 6.79 9.92 5.45
C GLU A 9 7.38 8.66 4.90
N LEU A 10 8.30 8.78 3.97
CA LEU A 10 8.86 7.63 3.32
C LEU A 10 10.12 7.17 4.03
N LYS A 11 10.16 5.90 4.35
CA LYS A 11 11.30 5.28 4.99
C LYS A 11 12.11 4.59 3.89
N ASN A 12 12.94 3.64 4.25
CA ASN A 12 13.62 2.85 3.21
C ASN A 12 13.12 1.42 3.26
N SER A 13 12.76 0.97 4.45
CA SER A 13 12.26 -0.36 4.62
C SER A 13 10.91 -0.37 5.32
N ILE A 14 10.23 -1.52 5.27
CA ILE A 14 8.89 -1.68 5.84
C ILE A 14 8.96 -1.62 7.38
N SER A 15 10.15 -1.82 7.89
CA SER A 15 10.41 -1.95 9.29
C SER A 15 10.35 -0.60 10.03
N ASP A 16 10.44 0.50 9.29
CA ASP A 16 10.36 1.81 9.92
C ASP A 16 8.98 2.39 9.69
N TYR A 17 8.14 1.59 9.10
CA TYR A 17 6.82 2.04 8.74
C TYR A 17 5.87 1.62 9.78
N THR A 18 5.15 2.55 10.31
CA THR A 18 4.06 2.22 11.16
C THR A 18 2.89 2.05 10.24
N GLU A 19 1.78 1.59 10.74
CA GLU A 19 0.63 1.50 9.89
C GLU A 19 0.22 2.88 9.37
N ALA A 20 0.26 3.89 10.24
CA ALA A 20 -0.10 5.25 9.83
C ALA A 20 0.93 5.87 8.87
N GLU A 21 2.22 5.60 9.10
CA GLU A 21 3.26 6.06 8.16
C GLU A 21 3.03 5.45 6.81
N PHE A 22 2.64 4.20 6.82
CA PHE A 22 2.41 3.48 5.62
C PHE A 22 1.14 3.97 4.95
N VAL A 23 0.06 4.15 5.73
CA VAL A 23 -1.21 4.61 5.19
C VAL A 23 -1.08 5.99 4.57
N GLN A 24 -0.17 6.79 5.08
CA GLN A 24 0.09 8.09 4.56
C GLN A 24 0.59 7.98 3.12
N LEU A 25 1.52 7.07 2.92
CA LEU A 25 2.03 6.76 1.60
C LEU A 25 0.92 6.24 0.74
N LEU A 26 0.17 5.37 1.30
CA LEU A 26 -0.96 4.74 0.68
C LEU A 26 -2.00 5.73 0.19
N LYS A 27 -2.23 6.76 0.99
CA LYS A 27 -3.13 7.82 0.63
C LYS A 27 -2.53 8.67 -0.47
N GLU A 28 -1.24 8.90 -0.37
CA GLU A 28 -0.51 9.63 -1.37
C GLU A 28 -0.58 8.94 -2.71
N ILE A 29 -0.39 7.62 -2.72
CA ILE A 29 -0.44 6.85 -3.95
C ILE A 29 -1.79 7.02 -4.66
N GLU A 30 -2.91 6.91 -3.92
CA GLU A 30 -4.24 7.00 -4.55
C GLU A 30 -4.40 8.29 -5.29
N LYS A 31 -4.04 9.35 -4.61
CA LYS A 31 -4.21 10.69 -5.08
C LYS A 31 -3.46 10.97 -6.37
N GLU A 32 -2.25 10.50 -6.46
CA GLU A 32 -1.46 10.77 -7.61
C GLU A 32 -1.66 9.71 -8.73
N ASN A 33 -1.88 8.46 -8.33
CA ASN A 33 -2.07 7.35 -9.29
C ASN A 33 -3.25 7.58 -10.20
N VAL A 34 -4.38 7.98 -9.63
CA VAL A 34 -5.57 8.19 -10.43
C VAL A 34 -5.52 9.54 -11.15
N ALA A 35 -4.44 10.26 -10.95
CA ALA A 35 -4.24 11.54 -11.57
C ALA A 35 -3.03 11.49 -12.51
N ALA A 36 -2.41 10.29 -12.57
CA ALA A 36 -1.22 9.97 -13.39
C ALA A 36 -0.13 11.05 -13.34
N THR A 37 0.76 10.95 -12.38
CA THR A 37 1.83 11.93 -12.22
C THR A 37 3.14 11.45 -12.85
N ASP A 38 3.25 10.14 -12.95
CA ASP A 38 4.46 9.44 -13.44
C ASP A 38 5.64 9.54 -12.52
N ASP A 39 6.10 10.74 -12.23
CA ASP A 39 7.27 10.95 -11.40
C ASP A 39 7.12 10.34 -10.05
N VAL A 40 6.14 10.82 -9.31
CA VAL A 40 6.01 10.41 -7.93
C VAL A 40 5.27 9.09 -7.89
N LEU A 41 4.51 8.89 -8.93
CA LEU A 41 3.76 7.67 -9.17
C LEU A 41 4.71 6.51 -9.23
N ASP A 42 5.75 6.64 -10.01
CA ASP A 42 6.74 5.56 -10.12
C ASP A 42 7.45 5.39 -8.83
N VAL A 43 7.67 6.47 -8.12
CA VAL A 43 8.38 6.39 -6.89
C VAL A 43 7.59 5.61 -5.91
N LEU A 44 6.35 5.99 -5.79
CA LEU A 44 5.52 5.45 -4.78
C LEU A 44 5.21 4.03 -5.06
N LEU A 45 4.90 3.75 -6.28
CA LEU A 45 4.57 2.43 -6.69
C LEU A 45 5.71 1.48 -6.46
N GLU A 46 6.90 1.89 -6.83
CA GLU A 46 8.06 1.05 -6.61
C GLU A 46 8.40 0.98 -5.14
N HIS A 47 8.31 2.11 -4.47
CA HIS A 47 8.69 2.22 -3.08
C HIS A 47 7.82 1.32 -2.23
N PHE A 48 6.55 1.39 -2.50
CA PHE A 48 5.57 0.59 -1.85
C PHE A 48 5.87 -0.88 -2.04
N VAL A 49 6.05 -1.30 -3.26
CA VAL A 49 6.34 -2.67 -3.54
C VAL A 49 7.73 -3.12 -3.04
N LYS A 50 8.69 -2.23 -3.03
CA LYS A 50 10.06 -2.60 -2.59
C LYS A 50 10.11 -2.88 -1.08
N ILE A 51 9.29 -2.19 -0.32
CA ILE A 51 9.25 -2.39 1.12
C ILE A 51 8.34 -3.56 1.48
N THR A 52 7.25 -3.72 0.75
CA THR A 52 6.30 -4.78 1.02
C THR A 52 6.72 -6.09 0.39
N GLU A 53 7.32 -5.98 -0.80
CA GLU A 53 7.74 -7.09 -1.63
C GLU A 53 6.58 -7.98 -1.99
N HIS A 54 5.43 -7.35 -2.08
CA HIS A 54 4.22 -8.02 -2.40
C HIS A 54 4.21 -8.28 -3.92
N PRO A 55 3.85 -9.49 -4.37
CA PRO A 55 3.89 -9.88 -5.80
C PRO A 55 2.84 -9.19 -6.61
N ASP A 56 2.06 -8.43 -5.96
CA ASP A 56 0.95 -7.82 -6.56
C ASP A 56 0.92 -6.43 -6.04
N GLY A 57 2.10 -5.90 -5.72
CA GLY A 57 2.26 -4.57 -5.12
C GLY A 57 1.46 -3.54 -5.75
N THR A 58 1.69 -3.33 -6.96
CA THR A 58 1.06 -2.24 -7.60
C THR A 58 -0.40 -2.57 -7.90
N ALA A 59 -0.66 -3.85 -8.08
CA ALA A 59 -1.98 -4.34 -8.35
C ALA A 59 -2.90 -4.04 -7.21
N LEU A 60 -2.39 -4.18 -5.98
CA LEU A 60 -3.16 -3.88 -4.78
C LEU A 60 -3.68 -2.48 -4.79
N ILE A 61 -2.84 -1.49 -5.16
CA ILE A 61 -3.34 -0.10 -5.12
C ILE A 61 -4.42 0.07 -6.17
N TYR A 62 -4.13 -0.45 -7.34
CA TYR A 62 -5.00 -0.37 -8.48
C TYR A 62 -6.34 -1.05 -8.24
N GLU A 63 -6.30 -2.27 -7.74
CA GLU A 63 -7.51 -3.00 -7.50
C GLU A 63 -8.29 -2.42 -6.35
N ALA A 64 -7.60 -1.94 -5.32
CA ALA A 64 -8.26 -1.34 -4.16
C ALA A 64 -9.12 -0.18 -4.56
N ALA A 65 -8.63 0.64 -5.48
CA ALA A 65 -9.37 1.79 -5.98
C ALA A 65 -10.68 1.33 -6.62
N ALA A 66 -10.61 0.25 -7.37
CA ALA A 66 -11.77 -0.34 -8.03
C ALA A 66 -12.69 -1.04 -7.00
N ARG A 67 -12.06 -1.78 -6.09
CA ARG A 67 -12.72 -2.54 -5.01
C ARG A 67 -13.49 -1.60 -4.08
N ALA A 68 -12.99 -0.40 -3.94
CA ALA A 68 -13.66 0.61 -3.14
C ALA A 68 -14.79 1.27 -3.90
N ALA A 69 -14.52 1.62 -5.17
CA ALA A 69 -15.48 2.30 -6.02
C ALA A 69 -16.71 1.42 -6.27
N ALA A 70 -16.47 0.20 -6.61
CA ALA A 70 -17.50 -0.76 -6.78
C ALA A 70 -17.30 -1.84 -5.76
N ASN A 71 -17.63 -1.51 -4.54
CA ASN A 71 -17.42 -2.41 -3.43
C ASN A 71 -18.43 -3.54 -3.49
N PRO A 72 -17.97 -4.77 -3.62
CA PRO A 72 -18.84 -5.94 -3.72
C PRO A 72 -19.10 -6.57 -2.35
N GLY A 73 -19.04 -5.76 -1.31
CA GLY A 73 -19.17 -6.27 0.02
C GLY A 73 -17.85 -6.81 0.46
N GLY A 74 -16.82 -6.05 0.18
CA GLY A 74 -15.50 -6.48 0.48
C GLY A 74 -14.74 -5.41 1.19
N ASP A 75 -13.58 -5.73 1.63
CA ASP A 75 -12.76 -4.80 2.37
C ASP A 75 -11.38 -4.75 1.77
N GLY A 76 -10.66 -3.68 2.00
CA GLY A 76 -9.34 -3.53 1.46
C GLY A 76 -9.30 -2.50 0.37
N GLY A 77 -10.46 -1.96 0.06
CA GLY A 77 -10.55 -0.96 -0.95
C GLY A 77 -10.29 0.40 -0.35
N GLY A 78 -9.04 0.73 -0.24
CA GLY A 78 -8.68 1.98 0.29
C GLY A 78 -7.28 1.94 0.81
N PRO A 79 -6.73 3.09 1.16
CA PRO A 79 -5.36 3.19 1.62
C PRO A 79 -5.16 2.47 2.92
N GLU A 80 -6.01 2.76 3.88
CA GLU A 80 -5.97 2.13 5.18
C GLU A 80 -6.42 0.66 5.14
N GLY A 81 -6.76 0.17 3.94
CA GLY A 81 -7.09 -1.21 3.81
C GLY A 81 -6.07 -2.02 3.01
N ILE A 82 -5.37 -1.39 2.07
CA ILE A 82 -4.30 -2.10 1.35
C ILE A 82 -3.16 -2.46 2.27
N VAL A 83 -2.92 -1.60 3.26
CA VAL A 83 -1.95 -1.85 4.32
C VAL A 83 -2.33 -3.10 5.08
N LYS A 84 -3.57 -3.18 5.34
CA LYS A 84 -4.17 -4.33 5.98
C LYS A 84 -3.92 -5.60 5.14
N GLU A 85 -4.13 -5.51 3.83
CA GLU A 85 -3.92 -6.65 2.96
C GLU A 85 -2.40 -6.99 2.90
N ILE A 86 -1.56 -5.98 3.05
CA ILE A 86 -0.11 -6.17 3.11
C ILE A 86 0.30 -6.89 4.39
N LYS A 87 -0.25 -6.46 5.53
CA LYS A 87 0.13 -7.03 6.82
C LYS A 87 -0.26 -8.50 6.89
N GLU A 88 -1.38 -8.83 6.30
CA GLU A 88 -1.86 -10.19 6.31
C GLU A 88 -1.01 -11.10 5.43
N TRP A 89 -0.46 -10.54 4.37
CA TRP A 89 0.45 -11.27 3.48
C TRP A 89 1.76 -11.46 4.19
N ARG A 90 2.21 -10.38 4.81
CA ARG A 90 3.48 -10.34 5.49
C ARG A 90 3.48 -11.39 6.60
N ALA A 91 2.37 -11.47 7.32
CA ALA A 91 2.19 -12.43 8.38
C ALA A 91 2.14 -13.85 7.84
N ALA A 92 1.42 -14.03 6.73
CA ALA A 92 1.27 -15.35 6.10
C ALA A 92 2.60 -15.88 5.63
N ASN A 93 3.41 -15.01 5.03
CA ASN A 93 4.72 -15.41 4.53
C ASN A 93 5.67 -15.62 5.70
N GLY A 94 5.48 -14.83 6.73
CA GLY A 94 6.33 -14.89 7.89
C GLY A 94 7.46 -13.90 7.77
N LYS A 95 7.11 -12.68 7.42
CA LYS A 95 8.04 -11.64 7.23
C LYS A 95 7.74 -10.52 8.21
N PRO A 96 8.77 -9.79 8.66
CA PRO A 96 8.58 -8.62 9.52
C PRO A 96 7.83 -7.53 8.77
N GLY A 97 6.82 -7.00 9.38
CA GLY A 97 6.05 -6.00 8.73
C GLY A 97 6.29 -4.64 9.31
N PHE A 98 5.22 -4.00 9.67
CA PHE A 98 5.25 -2.63 10.13
C PHE A 98 5.65 -2.59 11.57
N LYS A 99 6.17 -1.47 11.98
CA LYS A 99 6.52 -1.24 13.30
C LYS A 99 5.34 -0.54 13.95
N GLN A 100 5.41 -0.33 15.21
CA GLN A 100 4.37 0.30 15.95
C GLN A 100 4.76 1.73 16.26
N GLY A 101 3.82 2.61 16.20
CA GLY A 101 4.06 4.00 16.51
C GLY A 101 3.03 4.88 15.87
N GLU A 9 4.92 9.56 6.30
CA GLU A 9 6.27 9.84 5.80
C GLU A 9 6.81 8.61 5.12
N LEU A 10 7.73 8.80 4.18
CA LEU A 10 8.27 7.69 3.43
C LEU A 10 9.50 7.15 4.09
N LYS A 11 9.52 5.86 4.31
CA LYS A 11 10.58 5.20 5.02
C LYS A 11 11.50 4.47 4.05
N ASN A 12 12.51 3.81 4.58
CA ASN A 12 13.45 3.05 3.76
C ASN A 12 13.03 1.59 3.74
N SER A 13 12.31 1.20 4.77
CA SER A 13 11.84 -0.15 4.90
C SER A 13 10.44 -0.16 5.51
N ILE A 14 9.74 -1.26 5.36
CA ILE A 14 8.35 -1.43 5.81
C ILE A 14 8.26 -1.40 7.36
N SER A 15 9.38 -1.61 8.02
CA SER A 15 9.39 -1.71 9.46
C SER A 15 9.51 -0.37 10.18
N ASP A 16 9.64 0.72 9.45
CA ASP A 16 9.61 2.05 10.09
C ASP A 16 8.26 2.65 9.81
N TYR A 17 7.44 1.84 9.18
CA TYR A 17 6.13 2.24 8.77
C TYR A 17 5.16 1.73 9.77
N THR A 18 4.43 2.60 10.37
CA THR A 18 3.33 2.18 11.17
C THR A 18 2.23 1.86 10.18
N GLU A 19 1.19 1.21 10.58
CA GLU A 19 0.11 0.95 9.67
C GLU A 19 -0.44 2.26 9.07
N ALA A 20 -0.61 3.29 9.88
CA ALA A 20 -1.08 4.59 9.38
C ALA A 20 -0.03 5.29 8.51
N GLU A 21 1.25 5.20 8.89
CA GLU A 21 2.33 5.76 8.04
C GLU A 21 2.30 5.11 6.68
N PHE A 22 2.00 3.84 6.68
CA PHE A 22 1.94 3.12 5.47
C PHE A 22 0.70 3.51 4.71
N VAL A 23 -0.45 3.63 5.41
CA VAL A 23 -1.68 4.04 4.74
C VAL A 23 -1.55 5.43 4.16
N GLN A 24 -0.72 6.27 4.79
CA GLN A 24 -0.44 7.59 4.31
C GLN A 24 0.20 7.50 2.94
N LEU A 25 1.17 6.61 2.80
CA LEU A 25 1.80 6.33 1.51
C LEU A 25 0.78 5.82 0.55
N LEU A 26 0.02 4.87 1.02
CA LEU A 26 -1.03 4.22 0.26
C LEU A 26 -2.06 5.21 -0.25
N LYS A 27 -2.38 6.18 0.57
CA LYS A 27 -3.29 7.24 0.19
C LYS A 27 -2.65 8.16 -0.81
N GLU A 28 -1.37 8.36 -0.67
CA GLU A 28 -0.67 9.17 -1.62
C GLU A 28 -0.52 8.44 -2.94
N ILE A 29 -0.40 7.13 -2.87
CA ILE A 29 -0.43 6.32 -4.07
C ILE A 29 -1.78 6.49 -4.72
N GLU A 30 -2.81 6.48 -3.89
CA GLU A 30 -4.17 6.75 -4.30
C GLU A 30 -4.27 8.13 -4.96
N LYS A 31 -3.64 9.10 -4.32
CA LYS A 31 -3.64 10.49 -4.74
C LYS A 31 -3.06 10.60 -6.16
N GLU A 32 -1.93 9.97 -6.37
CA GLU A 32 -1.26 10.00 -7.63
C GLU A 32 -1.91 9.07 -8.67
N ASN A 33 -2.56 8.01 -8.21
CA ASN A 33 -3.19 7.05 -9.12
C ASN A 33 -4.52 7.56 -9.63
N VAL A 34 -5.33 8.16 -8.76
CA VAL A 34 -6.65 8.65 -9.17
C VAL A 34 -6.54 9.87 -10.08
N ALA A 35 -5.41 10.55 -10.03
CA ALA A 35 -5.16 11.66 -10.91
C ALA A 35 -4.30 11.20 -12.09
N ALA A 36 -3.67 10.04 -11.91
CA ALA A 36 -2.74 9.43 -12.86
C ALA A 36 -1.59 10.35 -13.19
N THR A 37 -0.66 10.46 -12.27
CA THR A 37 0.50 11.26 -12.47
C THR A 37 1.62 10.35 -12.94
N ASP A 38 2.83 10.83 -12.97
CA ASP A 38 3.91 9.97 -13.40
C ASP A 38 5.12 10.05 -12.50
N ASP A 39 5.50 11.26 -12.10
CA ASP A 39 6.73 11.44 -11.31
C ASP A 39 6.65 10.80 -9.97
N VAL A 40 5.63 11.10 -9.23
CA VAL A 40 5.51 10.56 -7.94
C VAL A 40 4.82 9.24 -7.97
N LEU A 41 4.00 9.06 -8.97
CA LEU A 41 3.28 7.83 -9.16
C LEU A 41 4.29 6.70 -9.30
N ASP A 42 5.31 6.91 -10.11
CA ASP A 42 6.33 5.92 -10.27
C ASP A 42 7.22 5.79 -9.07
N VAL A 43 7.28 6.80 -8.23
CA VAL A 43 8.06 6.65 -7.01
C VAL A 43 7.35 5.72 -6.13
N LEU A 44 6.10 6.01 -5.96
CA LEU A 44 5.29 5.35 -5.00
C LEU A 44 5.05 3.94 -5.32
N LEU A 45 4.81 3.69 -6.58
CA LEU A 45 4.56 2.36 -7.04
C LEU A 45 5.76 1.47 -6.74
N GLU A 46 6.93 1.99 -7.02
CA GLU A 46 8.16 1.29 -6.75
C GLU A 46 8.45 1.21 -5.26
N HIS A 47 8.28 2.34 -4.61
CA HIS A 47 8.57 2.50 -3.20
C HIS A 47 7.77 1.53 -2.38
N PHE A 48 6.53 1.45 -2.70
CA PHE A 48 5.63 0.56 -2.06
C PHE A 48 6.08 -0.89 -2.22
N VAL A 49 6.35 -1.29 -3.43
CA VAL A 49 6.76 -2.64 -3.70
C VAL A 49 8.14 -2.99 -3.14
N LYS A 50 9.03 -2.03 -3.08
CA LYS A 50 10.41 -2.30 -2.58
C LYS A 50 10.42 -2.57 -1.07
N ILE A 51 9.53 -1.92 -0.33
CA ILE A 51 9.48 -2.08 1.10
C ILE A 51 8.63 -3.29 1.47
N THR A 52 7.64 -3.59 0.66
CA THR A 52 6.79 -4.72 0.90
C THR A 52 7.38 -5.99 0.33
N GLU A 53 8.12 -5.82 -0.78
CA GLU A 53 8.75 -6.90 -1.54
C GLU A 53 7.70 -7.89 -1.99
N HIS A 54 6.52 -7.34 -2.25
CA HIS A 54 5.39 -8.10 -2.65
C HIS A 54 5.49 -8.34 -4.16
N PRO A 55 5.23 -9.56 -4.64
CA PRO A 55 5.37 -9.91 -6.08
C PRO A 55 4.32 -9.27 -6.94
N ASP A 56 3.34 -8.75 -6.30
CA ASP A 56 2.21 -8.25 -6.94
C ASP A 56 2.00 -6.89 -6.38
N GLY A 57 3.10 -6.26 -5.99
CA GLY A 57 3.14 -4.96 -5.35
C GLY A 57 2.30 -3.98 -6.01
N THR A 58 2.56 -3.75 -7.22
CA THR A 58 1.88 -2.69 -7.86
C THR A 58 0.45 -3.13 -8.27
N ALA A 59 0.26 -4.43 -8.42
CA ALA A 59 -1.04 -5.01 -8.71
C ALA A 59 -1.95 -4.85 -7.53
N LEU A 60 -1.39 -4.81 -6.33
CA LEU A 60 -2.18 -4.54 -5.14
C LEU A 60 -2.72 -3.15 -5.16
N ILE A 61 -1.92 -2.24 -5.65
CA ILE A 61 -2.35 -0.85 -5.80
C ILE A 61 -3.46 -0.78 -6.84
N TYR A 62 -3.25 -1.51 -7.90
CA TYR A 62 -4.20 -1.60 -8.97
C TYR A 62 -5.53 -2.21 -8.56
N GLU A 63 -5.50 -3.28 -7.77
CA GLU A 63 -6.75 -3.82 -7.27
C GLU A 63 -7.39 -2.88 -6.26
N ALA A 64 -6.57 -2.29 -5.39
CA ALA A 64 -7.06 -1.37 -4.34
C ALA A 64 -7.83 -0.21 -4.93
N ALA A 65 -7.33 0.34 -6.03
CA ALA A 65 -7.99 1.45 -6.71
C ALA A 65 -9.38 1.03 -7.18
N ALA A 66 -9.49 -0.17 -7.74
CA ALA A 66 -10.75 -0.71 -8.21
C ALA A 66 -11.65 -1.10 -7.04
N ARG A 67 -11.03 -1.63 -5.99
CA ARG A 67 -11.72 -2.01 -4.77
C ARG A 67 -12.38 -0.80 -4.12
N ALA A 68 -11.70 0.32 -4.13
CA ALA A 68 -12.25 1.57 -3.58
C ALA A 68 -13.27 2.16 -4.53
N ALA A 69 -13.07 1.96 -5.82
CA ALA A 69 -13.99 2.47 -6.83
C ALA A 69 -15.33 1.77 -6.71
N ALA A 70 -15.29 0.49 -6.41
CA ALA A 70 -16.50 -0.27 -6.18
C ALA A 70 -17.00 0.02 -4.76
N ASN A 71 -16.07 -0.08 -3.82
CA ASN A 71 -16.30 0.13 -2.39
C ASN A 71 -17.30 -0.90 -1.84
N PRO A 72 -16.79 -2.04 -1.38
CA PRO A 72 -17.63 -3.11 -0.85
C PRO A 72 -18.17 -2.79 0.55
N GLY A 73 -19.00 -3.68 1.07
CA GLY A 73 -19.56 -3.50 2.39
C GLY A 73 -18.59 -3.91 3.46
N GLY A 74 -17.60 -3.11 3.63
CA GLY A 74 -16.60 -3.40 4.56
C GLY A 74 -15.26 -3.33 3.88
N ASP A 75 -14.20 -3.43 4.67
CA ASP A 75 -12.78 -3.39 4.19
C ASP A 75 -12.36 -1.99 3.79
N GLY A 76 -13.13 -1.41 2.91
CA GLY A 76 -12.85 -0.09 2.38
C GLY A 76 -12.45 -0.19 0.95
N GLY A 77 -11.56 -1.12 0.67
CA GLY A 77 -11.11 -1.36 -0.65
C GLY A 77 -9.83 -0.64 -1.03
N GLY A 78 -9.76 0.64 -0.72
CA GLY A 78 -8.67 1.45 -1.18
C GLY A 78 -7.39 1.37 -0.36
N PRO A 79 -6.78 2.54 -0.06
CA PRO A 79 -5.46 2.63 0.55
C PRO A 79 -5.32 1.85 1.83
N GLU A 80 -6.27 1.97 2.69
CA GLU A 80 -6.23 1.30 3.95
C GLU A 80 -6.49 -0.21 3.84
N GLY A 81 -6.68 -0.69 2.63
CA GLY A 81 -6.80 -2.10 2.43
C GLY A 81 -5.64 -2.68 1.68
N ILE A 82 -4.75 -1.83 1.20
CA ILE A 82 -3.55 -2.31 0.52
C ILE A 82 -2.60 -2.81 1.57
N VAL A 83 -2.49 -2.00 2.61
CA VAL A 83 -1.69 -2.28 3.82
C VAL A 83 -2.12 -3.56 4.47
N LYS A 84 -3.40 -3.69 4.53
CA LYS A 84 -4.06 -4.85 5.07
C LYS A 84 -3.63 -6.08 4.30
N GLU A 85 -3.67 -5.98 2.99
CA GLU A 85 -3.27 -7.07 2.11
C GLU A 85 -1.79 -7.44 2.36
N ILE A 86 -0.97 -6.39 2.56
CA ILE A 86 0.45 -6.56 2.82
C ILE A 86 0.69 -7.23 4.17
N LYS A 87 -0.03 -6.80 5.21
CA LYS A 87 0.17 -7.35 6.54
C LYS A 87 -0.16 -8.83 6.55
N GLU A 88 -1.18 -9.20 5.78
CA GLU A 88 -1.62 -10.58 5.70
C GLU A 88 -0.61 -11.44 4.94
N TRP A 89 0.02 -10.87 3.94
CA TRP A 89 1.04 -11.57 3.15
C TRP A 89 2.26 -11.75 4.00
N ARG A 90 2.64 -10.66 4.63
CA ARG A 90 3.84 -10.58 5.42
C ARG A 90 3.75 -11.57 6.58
N ALA A 91 2.61 -11.59 7.26
CA ALA A 91 2.38 -12.47 8.40
C ALA A 91 2.30 -13.94 7.97
N ALA A 92 1.62 -14.21 6.87
CA ALA A 92 1.48 -15.56 6.37
C ALA A 92 2.82 -16.11 5.90
N ASN A 93 3.66 -15.22 5.42
CA ASN A 93 5.00 -15.60 5.00
C ASN A 93 5.88 -15.77 6.24
N GLY A 94 5.65 -14.90 7.21
CA GLY A 94 6.40 -14.94 8.44
C GLY A 94 7.52 -13.94 8.43
N LYS A 95 7.29 -12.83 7.78
CA LYS A 95 8.26 -11.82 7.61
C LYS A 95 7.82 -10.58 8.37
N PRO A 96 8.75 -9.83 8.97
CA PRO A 96 8.45 -8.59 9.71
C PRO A 96 7.86 -7.53 8.80
N GLY A 97 6.75 -7.01 9.20
CA GLY A 97 6.08 -6.02 8.41
C GLY A 97 6.21 -4.65 8.99
N PHE A 98 5.11 -4.14 9.45
CA PHE A 98 5.02 -2.77 9.91
C PHE A 98 5.36 -2.69 11.37
N LYS A 99 5.58 -1.50 11.83
CA LYS A 99 5.82 -1.26 13.17
C LYS A 99 4.53 -0.78 13.78
N GLN A 100 4.53 -0.69 15.04
CA GLN A 100 3.41 -0.23 15.75
C GLN A 100 3.59 1.23 16.07
N GLY A 101 2.52 1.92 15.98
CA GLY A 101 2.45 3.29 16.25
C GLY A 101 1.26 3.82 15.56
N GLU A 9 6.04 10.30 6.32
CA GLU A 9 7.38 10.25 5.75
C GLU A 9 7.53 8.95 5.01
N LEU A 10 8.48 8.89 4.12
CA LEU A 10 8.77 7.68 3.41
C LEU A 10 9.89 6.99 4.12
N LYS A 11 9.69 5.76 4.44
CA LYS A 11 10.70 5.00 5.10
C LYS A 11 11.32 4.08 4.08
N ASN A 12 12.60 3.87 4.15
CA ASN A 12 13.24 3.05 3.13
C ASN A 12 12.96 1.57 3.34
N SER A 13 12.48 1.20 4.53
CA SER A 13 12.09 -0.16 4.78
C SER A 13 10.72 -0.23 5.44
N ILE A 14 10.12 -1.42 5.39
CA ILE A 14 8.78 -1.66 5.93
C ILE A 14 8.81 -1.57 7.48
N SER A 15 10.01 -1.68 8.02
CA SER A 15 10.23 -1.78 9.43
C SER A 15 10.04 -0.45 10.14
N ASP A 16 10.12 0.64 9.41
CA ASP A 16 9.96 1.94 10.03
C ASP A 16 8.56 2.44 9.77
N TYR A 17 7.78 1.62 9.14
CA TYR A 17 6.47 2.02 8.74
C TYR A 17 5.49 1.63 9.76
N THR A 18 4.89 2.60 10.35
CA THR A 18 3.84 2.35 11.23
C THR A 18 2.62 2.13 10.37
N GLU A 19 1.61 1.54 10.91
CA GLU A 19 0.41 1.30 10.16
C GLU A 19 -0.16 2.61 9.57
N ALA A 20 -0.21 3.65 10.36
CA ALA A 20 -0.73 4.94 9.90
C ALA A 20 0.24 5.61 8.90
N GLU A 21 1.56 5.51 9.12
CA GLU A 21 2.54 6.04 8.16
C GLU A 21 2.35 5.37 6.81
N PHE A 22 2.05 4.10 6.86
CA PHE A 22 1.86 3.32 5.67
C PHE A 22 0.53 3.67 5.02
N VAL A 23 -0.55 3.81 5.82
CA VAL A 23 -1.87 4.18 5.27
C VAL A 23 -1.80 5.56 4.62
N GLN A 24 -1.04 6.44 5.22
CA GLN A 24 -0.81 7.78 4.75
C GLN A 24 -0.13 7.72 3.39
N LEU A 25 0.92 6.93 3.31
CA LEU A 25 1.66 6.73 2.08
C LEU A 25 0.72 6.14 1.04
N LEU A 26 -0.05 5.20 1.47
CA LEU A 26 -1.07 4.54 0.68
C LEU A 26 -2.12 5.49 0.12
N LYS A 27 -2.49 6.49 0.90
CA LYS A 27 -3.43 7.52 0.46
C LYS A 27 -2.82 8.33 -0.65
N GLU A 28 -1.53 8.61 -0.50
CA GLU A 28 -0.78 9.34 -1.48
C GLU A 28 -0.68 8.56 -2.77
N ILE A 29 -0.54 7.24 -2.64
CA ILE A 29 -0.43 6.38 -3.79
C ILE A 29 -1.70 6.48 -4.65
N GLU A 30 -2.86 6.44 -4.01
CA GLU A 30 -4.15 6.55 -4.72
C GLU A 30 -4.22 7.85 -5.47
N LYS A 31 -3.84 8.90 -4.78
CA LYS A 31 -3.91 10.25 -5.25
C LYS A 31 -3.08 10.45 -6.52
N GLU A 32 -1.85 10.00 -6.47
CA GLU A 32 -0.95 10.11 -7.60
C GLU A 32 -1.37 9.15 -8.73
N ASN A 33 -2.01 8.05 -8.34
CA ASN A 33 -2.48 7.03 -9.30
C ASN A 33 -3.65 7.55 -10.11
N VAL A 34 -4.68 8.03 -9.43
CA VAL A 34 -5.90 8.47 -10.10
C VAL A 34 -5.69 9.75 -10.92
N ALA A 35 -4.64 10.47 -10.60
CA ALA A 35 -4.30 11.68 -11.31
C ALA A 35 -3.28 11.39 -12.40
N ALA A 36 -2.67 10.21 -12.31
CA ALA A 36 -1.60 9.76 -13.19
C ALA A 36 -0.47 10.78 -13.24
N THR A 37 0.25 10.90 -12.14
CA THR A 37 1.31 11.87 -12.03
C THR A 37 2.64 11.31 -12.53
N ASP A 38 2.68 10.00 -12.62
CA ASP A 38 3.80 9.23 -13.08
C ASP A 38 5.06 9.25 -12.28
N ASP A 39 5.68 10.39 -12.07
CA ASP A 39 6.95 10.41 -11.33
C ASP A 39 6.80 9.93 -9.94
N VAL A 40 5.95 10.57 -9.21
CA VAL A 40 5.76 10.24 -7.85
C VAL A 40 4.96 8.99 -7.74
N LEU A 41 4.07 8.82 -8.68
CA LEU A 41 3.26 7.65 -8.75
C LEU A 41 4.17 6.45 -8.85
N ASP A 42 5.14 6.52 -9.73
CA ASP A 42 6.09 5.44 -9.91
C ASP A 42 6.91 5.25 -8.68
N VAL A 43 7.34 6.36 -8.07
CA VAL A 43 8.14 6.29 -6.86
C VAL A 43 7.42 5.52 -5.82
N LEU A 44 6.19 5.90 -5.62
CA LEU A 44 5.40 5.38 -4.56
C LEU A 44 5.11 3.95 -4.78
N LEU A 45 4.83 3.63 -6.00
CA LEU A 45 4.54 2.29 -6.38
C LEU A 45 5.72 1.37 -6.15
N GLU A 46 6.89 1.77 -6.62
CA GLU A 46 8.07 0.95 -6.43
C GLU A 46 8.53 0.97 -4.98
N HIS A 47 8.35 2.09 -4.34
CA HIS A 47 8.68 2.27 -2.94
C HIS A 47 7.88 1.30 -2.12
N PHE A 48 6.62 1.24 -2.44
CA PHE A 48 5.69 0.37 -1.82
C PHE A 48 6.11 -1.09 -2.01
N VAL A 49 6.34 -1.50 -3.22
CA VAL A 49 6.74 -2.87 -3.48
C VAL A 49 8.12 -3.24 -2.94
N LYS A 50 9.03 -2.32 -2.94
CA LYS A 50 10.40 -2.60 -2.41
C LYS A 50 10.40 -2.87 -0.90
N ILE A 51 9.52 -2.22 -0.19
CA ILE A 51 9.45 -2.39 1.25
C ILE A 51 8.56 -3.58 1.61
N THR A 52 7.50 -3.79 0.84
CA THR A 52 6.57 -4.86 1.12
C THR A 52 7.06 -6.17 0.51
N GLU A 53 7.73 -6.05 -0.64
CA GLU A 53 8.23 -7.15 -1.44
C GLU A 53 7.08 -8.00 -1.99
N HIS A 54 5.89 -7.41 -1.99
CA HIS A 54 4.71 -8.06 -2.48
C HIS A 54 4.80 -8.15 -4.01
N PRO A 55 4.55 -9.32 -4.63
CA PRO A 55 4.76 -9.53 -6.08
C PRO A 55 3.78 -8.78 -6.92
N ASP A 56 2.74 -8.38 -6.29
CA ASP A 56 1.66 -7.78 -6.94
C ASP A 56 1.40 -6.50 -6.24
N GLY A 57 2.51 -5.88 -5.82
CA GLY A 57 2.48 -4.62 -5.12
C GLY A 57 1.64 -3.63 -5.77
N THR A 58 1.89 -3.43 -6.97
CA THR A 58 1.23 -2.40 -7.67
C THR A 58 -0.19 -2.81 -8.01
N ALA A 59 -0.37 -4.11 -8.24
CA ALA A 59 -1.68 -4.65 -8.52
C ALA A 59 -2.60 -4.39 -7.38
N LEU A 60 -2.09 -4.50 -6.15
CA LEU A 60 -2.90 -4.21 -4.98
C LEU A 60 -3.50 -2.83 -5.04
N ILE A 61 -2.69 -1.79 -5.34
CA ILE A 61 -3.27 -0.43 -5.36
C ILE A 61 -4.23 -0.29 -6.52
N TYR A 62 -3.83 -0.85 -7.64
CA TYR A 62 -4.60 -0.79 -8.85
C TYR A 62 -5.94 -1.50 -8.74
N GLU A 63 -5.96 -2.69 -8.16
CA GLU A 63 -7.20 -3.38 -7.95
C GLU A 63 -8.01 -2.66 -6.90
N ALA A 64 -7.35 -2.11 -5.89
CA ALA A 64 -8.01 -1.35 -4.83
C ALA A 64 -8.81 -0.20 -5.41
N ALA A 65 -8.28 0.47 -6.42
CA ALA A 65 -8.98 1.56 -7.08
C ALA A 65 -10.32 1.07 -7.65
N ALA A 66 -10.31 -0.07 -8.31
CA ALA A 66 -11.52 -0.67 -8.87
C ALA A 66 -12.44 -1.15 -7.75
N ARG A 67 -11.83 -1.73 -6.74
CA ARG A 67 -12.49 -2.24 -5.56
C ARG A 67 -13.14 -1.11 -4.73
N ALA A 68 -12.55 0.07 -4.77
CA ALA A 68 -13.10 1.24 -4.12
C ALA A 68 -14.29 1.76 -4.89
N ALA A 69 -14.16 1.77 -6.20
CA ALA A 69 -15.21 2.23 -7.08
C ALA A 69 -16.41 1.30 -7.00
N ALA A 70 -16.15 0.00 -6.98
CA ALA A 70 -17.19 -0.99 -6.78
C ALA A 70 -16.99 -1.66 -5.43
N ASN A 71 -17.29 -0.92 -4.39
CA ASN A 71 -17.13 -1.36 -3.01
C ASN A 71 -18.16 -2.41 -2.64
N PRO A 72 -17.71 -3.64 -2.29
CA PRO A 72 -18.61 -4.71 -1.86
C PRO A 72 -18.92 -4.64 -0.36
N GLY A 73 -18.14 -3.86 0.35
CA GLY A 73 -18.27 -3.75 1.77
C GLY A 73 -16.96 -4.03 2.42
N GLY A 74 -16.92 -3.91 3.72
CA GLY A 74 -15.71 -4.19 4.43
C GLY A 74 -14.68 -3.10 4.24
N ASP A 75 -13.45 -3.49 3.96
CA ASP A 75 -12.41 -2.50 3.67
C ASP A 75 -12.58 -2.07 2.24
N GLY A 76 -12.68 -3.07 1.37
CA GLY A 76 -12.84 -2.83 -0.03
C GLY A 76 -11.57 -2.33 -0.62
N GLY A 77 -11.66 -1.31 -1.42
CA GLY A 77 -10.50 -0.72 -1.98
C GLY A 77 -10.20 0.56 -1.27
N GLY A 78 -9.01 0.72 -0.80
CA GLY A 78 -8.67 1.89 -0.12
C GLY A 78 -7.35 1.77 0.56
N PRO A 79 -6.81 2.90 0.98
CA PRO A 79 -5.49 2.97 1.57
C PRO A 79 -5.37 2.15 2.83
N GLU A 80 -6.36 2.23 3.69
CA GLU A 80 -6.36 1.51 4.94
C GLU A 80 -6.67 0.02 4.76
N GLY A 81 -6.87 -0.40 3.53
CA GLY A 81 -7.10 -1.80 3.31
C GLY A 81 -5.96 -2.49 2.60
N ILE A 82 -5.37 -1.83 1.63
CA ILE A 82 -4.20 -2.40 0.94
C ILE A 82 -3.03 -2.65 1.89
N VAL A 83 -2.95 -1.84 2.93
CA VAL A 83 -1.95 -2.01 4.00
C VAL A 83 -2.18 -3.29 4.76
N LYS A 84 -3.41 -3.49 5.07
CA LYS A 84 -3.88 -4.65 5.78
C LYS A 84 -3.62 -5.92 4.93
N GLU A 85 -3.80 -5.79 3.64
CA GLU A 85 -3.50 -6.85 2.68
C GLU A 85 -2.01 -7.21 2.72
N ILE A 86 -1.19 -6.19 2.78
CA ILE A 86 0.25 -6.34 2.89
C ILE A 86 0.65 -7.07 4.20
N LYS A 87 0.05 -6.67 5.32
CA LYS A 87 0.43 -7.28 6.60
C LYS A 87 0.09 -8.76 6.61
N GLU A 88 -1.03 -9.12 5.99
CA GLU A 88 -1.45 -10.50 5.90
C GLU A 88 -0.45 -11.32 5.09
N TRP A 89 0.03 -10.74 4.01
CA TRP A 89 0.98 -11.40 3.13
C TRP A 89 2.31 -11.55 3.84
N ARG A 90 2.71 -10.47 4.48
CA ARG A 90 3.97 -10.39 5.16
C ARG A 90 3.98 -11.46 6.26
N ALA A 91 2.88 -11.54 7.01
CA ALA A 91 2.72 -12.52 8.08
C ALA A 91 2.65 -13.95 7.52
N ALA A 92 2.00 -14.11 6.38
CA ALA A 92 1.87 -15.40 5.71
C ALA A 92 3.24 -15.91 5.30
N ASN A 93 4.04 -15.04 4.72
CA ASN A 93 5.39 -15.38 4.29
C ASN A 93 6.27 -15.60 5.52
N GLY A 94 6.09 -14.75 6.50
CA GLY A 94 6.88 -14.81 7.71
C GLY A 94 7.91 -13.69 7.73
N LYS A 95 7.57 -12.60 7.08
CA LYS A 95 8.42 -11.49 6.97
C LYS A 95 8.01 -10.43 7.97
N PRO A 96 8.96 -9.62 8.45
CA PRO A 96 8.69 -8.51 9.38
C PRO A 96 7.68 -7.52 8.83
N GLY A 97 6.67 -7.22 9.60
CA GLY A 97 5.62 -6.33 9.17
C GLY A 97 5.85 -4.91 9.62
N PHE A 98 4.76 -4.20 9.83
CA PHE A 98 4.80 -2.79 10.18
C PHE A 98 5.13 -2.64 11.64
N LYS A 99 5.60 -1.49 12.01
CA LYS A 99 5.92 -1.21 13.34
C LYS A 99 4.79 -0.46 14.02
N GLN A 100 4.97 -0.23 15.26
CA GLN A 100 4.09 0.54 16.05
C GLN A 100 4.80 1.81 16.45
N GLY A 101 4.08 2.88 16.47
CA GLY A 101 4.63 4.14 16.82
C GLY A 101 4.03 5.20 15.96
N GLU A 9 5.31 10.12 6.37
CA GLU A 9 6.64 10.34 5.80
C GLU A 9 7.07 9.12 5.00
N LEU A 10 8.34 9.10 4.59
CA LEU A 10 8.90 8.00 3.82
C LEU A 10 10.00 7.32 4.59
N LYS A 11 10.02 6.02 4.58
CA LYS A 11 11.06 5.24 5.21
C LYS A 11 11.87 4.56 4.11
N ASN A 12 12.74 3.64 4.44
CA ASN A 12 13.45 2.87 3.39
C ASN A 12 12.94 1.46 3.35
N SER A 13 12.50 0.99 4.48
CA SER A 13 11.95 -0.32 4.59
C SER A 13 10.62 -0.28 5.34
N ILE A 14 9.85 -1.35 5.24
CA ILE A 14 8.51 -1.44 5.83
C ILE A 14 8.60 -1.51 7.36
N SER A 15 9.79 -1.76 7.85
CA SER A 15 10.04 -1.97 9.24
C SER A 15 9.94 -0.67 10.03
N ASP A 16 10.10 0.46 9.37
CA ASP A 16 9.95 1.73 10.06
C ASP A 16 8.59 2.30 9.77
N TYR A 17 7.81 1.54 9.04
CA TYR A 17 6.52 1.97 8.63
C TYR A 17 5.52 1.53 9.62
N THR A 18 4.92 2.46 10.26
CA THR A 18 3.82 2.15 11.08
C THR A 18 2.69 1.94 10.11
N GLU A 19 1.65 1.25 10.48
CA GLU A 19 0.59 1.05 9.55
C GLU A 19 -0.03 2.36 9.10
N ALA A 20 -0.11 3.33 9.99
CA ALA A 20 -0.64 4.64 9.63
C ALA A 20 0.33 5.41 8.70
N GLU A 21 1.65 5.31 8.95
CA GLU A 21 2.66 5.89 8.02
C GLU A 21 2.48 5.30 6.66
N PHE A 22 2.23 4.02 6.67
CA PHE A 22 2.06 3.28 5.49
C PHE A 22 0.74 3.67 4.81
N VAL A 23 -0.36 3.80 5.59
CA VAL A 23 -1.65 4.19 5.02
C VAL A 23 -1.58 5.58 4.38
N GLN A 24 -0.87 6.52 5.01
CA GLN A 24 -0.80 7.89 4.49
C GLN A 24 -0.04 7.95 3.21
N LEU A 25 0.95 7.14 3.14
CA LEU A 25 1.76 7.02 1.95
C LEU A 25 0.92 6.42 0.85
N LEU A 26 0.22 5.38 1.20
CA LEU A 26 -0.69 4.70 0.31
C LEU A 26 -1.80 5.60 -0.20
N LYS A 27 -2.28 6.50 0.64
CA LYS A 27 -3.29 7.46 0.24
C LYS A 27 -2.73 8.39 -0.83
N GLU A 28 -1.46 8.69 -0.71
CA GLU A 28 -0.77 9.50 -1.68
C GLU A 28 -0.60 8.74 -2.98
N ILE A 29 -0.43 7.43 -2.89
CA ILE A 29 -0.27 6.61 -4.07
C ILE A 29 -1.56 6.59 -4.85
N GLU A 30 -2.67 6.50 -4.13
CA GLU A 30 -4.01 6.51 -4.73
C GLU A 30 -4.18 7.76 -5.53
N LYS A 31 -3.82 8.86 -4.92
CA LYS A 31 -3.97 10.16 -5.49
C LYS A 31 -3.18 10.31 -6.81
N GLU A 32 -1.96 9.80 -6.84
CA GLU A 32 -1.15 9.86 -8.02
C GLU A 32 -1.58 8.81 -9.05
N ASN A 33 -2.12 7.71 -8.57
CA ASN A 33 -2.56 6.60 -9.43
C ASN A 33 -3.86 6.95 -10.14
N VAL A 34 -4.82 7.47 -9.39
CA VAL A 34 -6.13 7.84 -9.93
C VAL A 34 -6.00 9.00 -10.92
N ALA A 35 -5.10 9.93 -10.65
CA ALA A 35 -4.86 11.05 -11.56
C ALA A 35 -3.87 10.67 -12.65
N ALA A 36 -3.27 9.51 -12.48
CA ALA A 36 -2.27 8.92 -13.37
C ALA A 36 -1.12 9.86 -13.69
N THR A 37 -0.24 10.02 -12.73
CA THR A 37 0.93 10.84 -12.91
C THR A 37 2.13 9.94 -13.22
N ASP A 38 3.33 10.46 -13.15
CA ASP A 38 4.50 9.66 -13.47
C ASP A 38 5.55 9.72 -12.40
N ASP A 39 6.09 10.89 -12.15
CA ASP A 39 7.24 11.05 -11.24
C ASP A 39 7.00 10.53 -9.87
N VAL A 40 5.94 10.91 -9.26
CA VAL A 40 5.70 10.48 -7.94
C VAL A 40 4.96 9.19 -7.94
N LEU A 41 4.19 9.00 -8.96
CA LEU A 41 3.43 7.78 -9.13
C LEU A 41 4.41 6.62 -9.15
N ASP A 42 5.47 6.77 -9.91
CA ASP A 42 6.49 5.75 -10.01
C ASP A 42 7.28 5.62 -8.74
N VAL A 43 7.45 6.71 -8.00
CA VAL A 43 8.15 6.59 -6.73
C VAL A 43 7.38 5.72 -5.86
N LEU A 44 6.14 6.03 -5.77
CA LEU A 44 5.28 5.44 -4.83
C LEU A 44 5.02 4.02 -5.11
N LEU A 45 4.79 3.72 -6.36
CA LEU A 45 4.54 2.38 -6.77
C LEU A 45 5.72 1.49 -6.46
N GLU A 46 6.90 1.98 -6.80
CA GLU A 46 8.10 1.24 -6.54
C GLU A 46 8.42 1.19 -5.08
N HIS A 47 8.29 2.31 -4.40
CA HIS A 47 8.62 2.44 -3.01
C HIS A 47 7.78 1.49 -2.19
N PHE A 48 6.53 1.47 -2.50
CA PHE A 48 5.58 0.61 -1.87
C PHE A 48 5.93 -0.86 -2.08
N VAL A 49 6.15 -1.24 -3.30
CA VAL A 49 6.47 -2.61 -3.58
C VAL A 49 7.85 -3.02 -3.04
N LYS A 50 8.79 -2.11 -3.01
CA LYS A 50 10.15 -2.42 -2.52
C LYS A 50 10.16 -2.60 -1.00
N ILE A 51 9.24 -1.96 -0.32
CA ILE A 51 9.18 -2.09 1.12
C ILE A 51 8.34 -3.29 1.52
N THR A 52 7.30 -3.56 0.75
CA THR A 52 6.42 -4.68 1.04
C THR A 52 6.97 -5.97 0.48
N GLU A 53 7.68 -5.84 -0.65
CA GLU A 53 8.24 -6.94 -1.40
C GLU A 53 7.14 -7.90 -1.81
N HIS A 54 5.98 -7.30 -2.03
CA HIS A 54 4.79 -8.01 -2.39
C HIS A 54 4.84 -8.26 -3.90
N PRO A 55 4.43 -9.45 -4.38
CA PRO A 55 4.52 -9.82 -5.81
C PRO A 55 3.50 -9.12 -6.64
N ASP A 56 2.63 -8.43 -5.99
CA ASP A 56 1.54 -7.85 -6.66
C ASP A 56 1.43 -6.47 -6.13
N GLY A 57 2.59 -5.90 -5.78
CA GLY A 57 2.68 -4.58 -5.18
C GLY A 57 1.88 -3.59 -5.86
N THR A 58 2.16 -3.41 -7.06
CA THR A 58 1.53 -2.35 -7.76
C THR A 58 0.08 -2.70 -8.09
N ALA A 59 -0.18 -4.00 -8.28
CA ALA A 59 -1.52 -4.49 -8.54
C ALA A 59 -2.41 -4.23 -7.36
N LEU A 60 -1.81 -4.16 -6.16
CA LEU A 60 -2.57 -3.81 -4.97
C LEU A 60 -3.08 -2.40 -5.01
N ILE A 61 -2.27 -1.44 -5.45
CA ILE A 61 -2.78 -0.04 -5.47
C ILE A 61 -3.88 0.06 -6.51
N TYR A 62 -3.63 -0.59 -7.63
CA TYR A 62 -4.56 -0.66 -8.72
C TYR A 62 -5.89 -1.26 -8.29
N GLU A 63 -5.85 -2.38 -7.58
CA GLU A 63 -7.08 -2.95 -7.08
C GLU A 63 -7.69 -2.07 -6.00
N ALA A 64 -6.87 -1.43 -5.16
CA ALA A 64 -7.36 -0.58 -4.06
C ALA A 64 -8.24 0.55 -4.58
N ALA A 65 -7.79 1.20 -5.65
CA ALA A 65 -8.54 2.29 -6.25
C ALA A 65 -9.88 1.78 -6.76
N ALA A 66 -9.85 0.64 -7.41
CA ALA A 66 -11.05 0.03 -7.94
C ALA A 66 -11.94 -0.53 -6.82
N ARG A 67 -11.31 -1.00 -5.76
CA ARG A 67 -12.00 -1.51 -4.56
C ARG A 67 -12.75 -0.43 -3.85
N ALA A 68 -12.27 0.78 -3.93
CA ALA A 68 -13.00 1.90 -3.38
C ALA A 68 -14.11 2.36 -4.30
N ALA A 69 -13.80 2.50 -5.60
CA ALA A 69 -14.79 2.94 -6.59
C ALA A 69 -15.91 1.91 -6.74
N ALA A 70 -15.55 0.67 -6.82
CA ALA A 70 -16.47 -0.41 -6.86
C ALA A 70 -16.19 -1.27 -5.66
N ASN A 71 -16.71 -0.83 -4.53
CA ASN A 71 -16.50 -1.49 -3.26
C ASN A 71 -17.26 -2.82 -3.16
N PRO A 72 -16.54 -3.97 -3.13
CA PRO A 72 -17.19 -5.26 -3.00
C PRO A 72 -17.74 -5.46 -1.59
N GLY A 73 -16.90 -5.21 -0.61
CA GLY A 73 -17.28 -5.32 0.76
C GLY A 73 -16.48 -4.42 1.59
N GLY A 74 -16.84 -4.33 2.83
CA GLY A 74 -16.20 -3.45 3.75
C GLY A 74 -14.92 -4.01 4.30
N ASP A 75 -14.04 -4.43 3.42
CA ASP A 75 -12.76 -5.00 3.81
C ASP A 75 -11.71 -3.93 3.82
N GLY A 76 -12.08 -2.77 3.32
CA GLY A 76 -11.19 -1.67 3.21
C GLY A 76 -10.97 -1.32 1.79
N GLY A 77 -11.90 -0.60 1.24
CA GLY A 77 -11.79 -0.16 -0.11
C GLY A 77 -10.94 1.08 -0.17
N GLY A 78 -9.66 0.87 -0.30
CA GLY A 78 -8.76 1.96 -0.40
C GLY A 78 -7.44 1.60 0.23
N PRO A 79 -6.80 2.58 0.87
CA PRO A 79 -5.45 2.43 1.37
C PRO A 79 -5.39 1.57 2.61
N GLU A 80 -6.28 1.85 3.52
CA GLU A 80 -6.35 1.18 4.80
C GLU A 80 -6.89 -0.24 4.65
N GLY A 81 -7.18 -0.65 3.44
CA GLY A 81 -7.52 -2.02 3.22
C GLY A 81 -6.43 -2.78 2.53
N ILE A 82 -5.71 -2.13 1.63
CA ILE A 82 -4.54 -2.78 1.03
C ILE A 82 -3.47 -2.99 2.06
N VAL A 83 -3.45 -2.14 3.08
CA VAL A 83 -2.55 -2.28 4.14
C VAL A 83 -2.76 -3.61 4.88
N LYS A 84 -4.00 -3.97 5.01
CA LYS A 84 -4.41 -5.21 5.59
C LYS A 84 -3.93 -6.34 4.69
N GLU A 85 -4.14 -6.19 3.39
CA GLU A 85 -3.73 -7.19 2.39
C GLU A 85 -2.21 -7.42 2.51
N ILE A 86 -1.48 -6.33 2.77
CA ILE A 86 -0.05 -6.37 2.94
C ILE A 86 0.34 -7.11 4.23
N LYS A 87 -0.34 -6.79 5.34
CA LYS A 87 0.03 -7.39 6.63
C LYS A 87 -0.27 -8.88 6.63
N GLU A 88 -1.38 -9.24 6.01
CA GLU A 88 -1.79 -10.63 5.98
C GLU A 88 -0.88 -11.46 5.10
N TRP A 89 -0.34 -10.84 4.06
CA TRP A 89 0.60 -11.52 3.19
C TRP A 89 1.91 -11.70 3.91
N ARG A 90 2.37 -10.61 4.50
CA ARG A 90 3.64 -10.52 5.15
C ARG A 90 3.70 -11.52 6.30
N ALA A 91 2.64 -11.55 7.10
CA ALA A 91 2.52 -12.45 8.24
C ALA A 91 2.42 -13.90 7.80
N ALA A 92 1.70 -14.15 6.71
CA ALA A 92 1.55 -15.49 6.18
C ALA A 92 2.87 -16.03 5.67
N ASN A 93 3.67 -15.16 5.08
CA ASN A 93 5.00 -15.56 4.60
C ASN A 93 5.91 -15.76 5.78
N GLY A 94 5.87 -14.82 6.69
CA GLY A 94 6.71 -14.84 7.84
C GLY A 94 7.76 -13.76 7.74
N LYS A 95 7.34 -12.61 7.21
CA LYS A 95 8.19 -11.53 7.01
C LYS A 95 7.77 -10.39 7.94
N PRO A 96 8.73 -9.63 8.49
CA PRO A 96 8.43 -8.47 9.35
C PRO A 96 7.70 -7.39 8.54
N GLY A 97 6.63 -6.89 9.06
CA GLY A 97 5.86 -5.92 8.34
C GLY A 97 5.85 -4.58 9.00
N PHE A 98 4.68 -4.16 9.43
CA PHE A 98 4.49 -2.83 9.99
C PHE A 98 4.95 -2.78 11.41
N LYS A 99 5.48 -1.65 11.79
CA LYS A 99 5.86 -1.44 13.11
C LYS A 99 4.75 -0.68 13.80
N GLN A 100 4.88 -0.53 15.06
CA GLN A 100 3.97 0.20 15.84
C GLN A 100 4.49 1.62 16.00
N GLY A 101 3.62 2.55 16.10
CA GLY A 101 3.98 3.93 16.29
C GLY A 101 2.92 4.79 15.71
N GLU A 9 5.20 10.37 6.14
CA GLU A 9 6.45 10.48 5.40
C GLU A 9 6.79 9.13 4.87
N LEU A 10 7.66 9.10 3.89
CA LEU A 10 8.06 7.86 3.31
C LEU A 10 9.26 7.35 4.03
N LYS A 11 9.22 6.12 4.39
CA LYS A 11 10.29 5.50 5.10
C LYS A 11 11.21 4.83 4.11
N ASN A 12 12.10 4.00 4.58
CA ASN A 12 12.92 3.25 3.67
C ASN A 12 12.68 1.78 3.82
N SER A 13 11.79 1.42 4.72
CA SER A 13 11.40 0.06 4.91
C SER A 13 9.99 -0.01 5.47
N ILE A 14 9.34 -1.16 5.31
CA ILE A 14 7.97 -1.37 5.76
C ILE A 14 7.90 -1.36 7.30
N SER A 15 9.01 -1.66 7.93
CA SER A 15 9.07 -1.82 9.35
C SER A 15 9.28 -0.48 10.06
N ASP A 16 9.37 0.59 9.31
CA ASP A 16 9.47 1.91 9.89
C ASP A 16 8.13 2.58 9.74
N TYR A 17 7.24 1.83 9.11
CA TYR A 17 5.95 2.32 8.74
C TYR A 17 4.95 1.90 9.74
N THR A 18 4.25 2.84 10.28
CA THR A 18 3.13 2.52 11.07
C THR A 18 2.05 2.21 10.10
N GLU A 19 1.06 1.52 10.52
CA GLU A 19 -0.02 1.15 9.65
C GLU A 19 -0.64 2.40 9.02
N ALA A 20 -0.80 3.45 9.82
CA ALA A 20 -1.33 4.71 9.34
C ALA A 20 -0.35 5.45 8.39
N GLU A 21 0.97 5.41 8.67
CA GLU A 21 1.97 6.00 7.74
C GLU A 21 1.86 5.30 6.40
N PHE A 22 1.65 4.02 6.46
CA PHE A 22 1.59 3.20 5.28
C PHE A 22 0.26 3.42 4.55
N VAL A 23 -0.86 3.51 5.30
CA VAL A 23 -2.16 3.79 4.68
C VAL A 23 -2.15 5.15 4.02
N GLN A 24 -1.40 6.09 4.61
CA GLN A 24 -1.25 7.41 4.09
C GLN A 24 -0.56 7.36 2.76
N LEU A 25 0.53 6.61 2.69
CA LEU A 25 1.28 6.43 1.46
C LEU A 25 0.35 5.87 0.41
N LEU A 26 -0.37 4.86 0.78
CA LEU A 26 -1.35 4.22 -0.09
C LEU A 26 -2.46 5.16 -0.57
N LYS A 27 -2.89 6.09 0.30
CA LYS A 27 -3.87 7.10 -0.10
C LYS A 27 -3.27 7.93 -1.21
N GLU A 28 -2.04 8.33 -1.00
CA GLU A 28 -1.31 9.12 -1.95
C GLU A 28 -1.07 8.35 -3.24
N ILE A 29 -0.81 7.07 -3.14
CA ILE A 29 -0.57 6.25 -4.31
C ILE A 29 -1.80 6.18 -5.21
N GLU A 30 -2.98 5.99 -4.63
CA GLU A 30 -4.21 5.88 -5.42
C GLU A 30 -4.48 7.19 -6.11
N LYS A 31 -4.16 8.22 -5.40
CA LYS A 31 -4.41 9.55 -5.76
C LYS A 31 -3.50 9.98 -6.91
N GLU A 32 -2.21 9.78 -6.74
CA GLU A 32 -1.25 10.07 -7.77
C GLU A 32 -1.43 9.15 -8.97
N ASN A 33 -2.14 8.05 -8.77
CA ASN A 33 -2.45 7.11 -9.83
C ASN A 33 -3.64 7.61 -10.64
N VAL A 34 -4.72 7.94 -9.95
CA VAL A 34 -5.95 8.39 -10.63
C VAL A 34 -5.81 9.79 -11.20
N ALA A 35 -4.93 10.59 -10.61
CA ALA A 35 -4.64 11.92 -11.14
C ALA A 35 -3.60 11.79 -12.25
N ALA A 36 -2.86 10.67 -12.17
CA ALA A 36 -1.81 10.30 -13.11
C ALA A 36 -0.67 11.32 -13.11
N THR A 37 0.16 11.23 -12.12
CA THR A 37 1.29 12.12 -11.98
C THR A 37 2.51 11.52 -12.65
N ASP A 38 2.53 10.20 -12.68
CA ASP A 38 3.56 9.36 -13.27
C ASP A 38 4.89 9.40 -12.57
N ASP A 39 5.46 10.56 -12.38
CA ASP A 39 6.80 10.67 -11.81
C ASP A 39 6.83 10.25 -10.35
N VAL A 40 5.92 10.75 -9.55
CA VAL A 40 5.91 10.38 -8.13
C VAL A 40 5.16 9.11 -7.95
N LEU A 41 4.20 8.91 -8.80
CA LEU A 41 3.41 7.71 -8.81
C LEU A 41 4.31 6.51 -9.00
N ASP A 42 5.28 6.66 -9.89
CA ASP A 42 6.24 5.58 -10.16
C ASP A 42 7.02 5.28 -8.93
N VAL A 43 7.40 6.34 -8.24
CA VAL A 43 8.15 6.23 -7.00
C VAL A 43 7.37 5.45 -6.02
N LEU A 44 6.13 5.83 -5.90
CA LEU A 44 5.27 5.29 -4.92
C LEU A 44 5.03 3.83 -5.18
N LEU A 45 4.82 3.52 -6.43
CA LEU A 45 4.55 2.18 -6.85
C LEU A 45 5.72 1.27 -6.49
N GLU A 46 6.92 1.68 -6.88
CA GLU A 46 8.09 0.89 -6.59
C GLU A 46 8.43 0.89 -5.11
N HIS A 47 8.24 2.03 -4.48
CA HIS A 47 8.53 2.20 -3.06
C HIS A 47 7.69 1.25 -2.25
N PHE A 48 6.45 1.18 -2.59
CA PHE A 48 5.51 0.33 -1.95
C PHE A 48 5.90 -1.14 -2.10
N VAL A 49 6.10 -1.56 -3.31
CA VAL A 49 6.44 -2.94 -3.58
C VAL A 49 7.82 -3.35 -3.05
N LYS A 50 8.74 -2.42 -3.02
CA LYS A 50 10.10 -2.74 -2.52
C LYS A 50 10.11 -2.99 -1.00
N ILE A 51 9.34 -2.22 -0.26
CA ILE A 51 9.31 -2.36 1.18
C ILE A 51 8.45 -3.54 1.60
N THR A 52 7.42 -3.82 0.82
CA THR A 52 6.53 -4.91 1.10
C THR A 52 7.09 -6.22 0.57
N GLU A 53 7.76 -6.12 -0.60
CA GLU A 53 8.33 -7.26 -1.34
C GLU A 53 7.21 -8.18 -1.80
N HIS A 54 6.03 -7.59 -1.90
CA HIS A 54 4.83 -8.28 -2.29
C HIS A 54 4.84 -8.43 -3.81
N PRO A 55 4.56 -9.62 -4.36
CA PRO A 55 4.69 -9.88 -5.81
C PRO A 55 3.63 -9.18 -6.61
N ASP A 56 2.59 -8.82 -5.94
CA ASP A 56 1.45 -8.31 -6.58
C ASP A 56 1.29 -6.91 -6.05
N GLY A 57 2.44 -6.32 -5.72
CA GLY A 57 2.54 -4.99 -5.15
C GLY A 57 1.72 -4.01 -5.86
N THR A 58 1.95 -3.89 -7.08
CA THR A 58 1.30 -2.84 -7.77
C THR A 58 -0.12 -3.25 -8.17
N ALA A 59 -0.35 -4.56 -8.25
CA ALA A 59 -1.68 -5.09 -8.50
C ALA A 59 -2.60 -4.72 -7.37
N LEU A 60 -2.07 -4.71 -6.13
CA LEU A 60 -2.83 -4.27 -4.98
C LEU A 60 -3.21 -2.83 -5.12
N ILE A 61 -2.30 -2.02 -5.61
CA ILE A 61 -2.53 -0.60 -5.79
C ILE A 61 -3.61 -0.38 -6.83
N TYR A 62 -3.45 -1.07 -7.93
CA TYR A 62 -4.35 -0.99 -9.02
C TYR A 62 -5.76 -1.44 -8.65
N GLU A 63 -5.87 -2.56 -7.94
CA GLU A 63 -7.18 -2.99 -7.52
C GLU A 63 -7.75 -2.07 -6.44
N ALA A 64 -6.90 -1.61 -5.53
CA ALA A 64 -7.33 -0.72 -4.44
C ALA A 64 -7.88 0.58 -4.98
N ALA A 65 -7.23 1.12 -6.01
CA ALA A 65 -7.67 2.36 -6.62
C ALA A 65 -9.12 2.25 -7.10
N ALA A 66 -9.42 1.15 -7.77
CA ALA A 66 -10.77 0.90 -8.24
C ALA A 66 -11.71 0.54 -7.08
N ARG A 67 -11.26 -0.34 -6.20
CA ARG A 67 -12.06 -0.83 -5.08
C ARG A 67 -12.37 0.24 -4.06
N ALA A 68 -11.49 1.18 -3.87
CA ALA A 68 -11.73 2.25 -2.93
C ALA A 68 -12.64 3.32 -3.52
N ALA A 69 -12.67 3.38 -4.84
CA ALA A 69 -13.51 4.33 -5.55
C ALA A 69 -14.97 3.90 -5.43
N ALA A 70 -15.18 2.61 -5.42
CA ALA A 70 -16.47 2.02 -5.21
C ALA A 70 -16.27 0.83 -4.32
N ASN A 71 -16.26 1.08 -3.04
CA ASN A 71 -15.99 0.06 -2.03
C ASN A 71 -17.26 -0.66 -1.62
N PRO A 72 -17.37 -1.95 -1.98
CA PRO A 72 -18.55 -2.76 -1.70
C PRO A 72 -18.61 -3.29 -0.26
N GLY A 73 -17.60 -3.00 0.51
CA GLY A 73 -17.58 -3.47 1.87
C GLY A 73 -16.38 -2.94 2.59
N GLY A 74 -15.26 -3.58 2.41
CA GLY A 74 -14.06 -3.13 3.06
C GLY A 74 -12.98 -4.18 3.04
N ASP A 75 -11.94 -3.94 3.84
CA ASP A 75 -10.77 -4.84 3.98
C ASP A 75 -9.99 -4.97 2.69
N GLY A 76 -10.09 -3.95 1.86
CA GLY A 76 -9.43 -3.96 0.57
C GLY A 76 -9.84 -2.76 -0.26
N GLY A 77 -11.05 -2.29 -0.04
CA GLY A 77 -11.56 -1.15 -0.76
C GLY A 77 -11.15 0.14 -0.09
N GLY A 78 -9.88 0.34 -0.01
CA GLY A 78 -9.36 1.49 0.60
C GLY A 78 -7.96 1.25 1.00
N PRO A 79 -7.27 2.30 1.41
CA PRO A 79 -5.86 2.22 1.73
C PRO A 79 -5.59 1.38 2.96
N GLU A 80 -6.58 1.26 3.80
CA GLU A 80 -6.49 0.48 5.01
C GLU A 80 -6.82 -0.98 4.71
N GLY A 81 -7.07 -1.29 3.47
CA GLY A 81 -7.30 -2.66 3.16
C GLY A 81 -6.15 -3.33 2.44
N ILE A 82 -5.41 -2.61 1.62
CA ILE A 82 -4.24 -3.23 1.01
C ILE A 82 -3.19 -3.46 2.05
N VAL A 83 -3.19 -2.63 3.07
CA VAL A 83 -2.29 -2.75 4.14
C VAL A 83 -2.54 -4.05 4.90
N LYS A 84 -3.79 -4.40 5.01
CA LYS A 84 -4.22 -5.68 5.56
C LYS A 84 -3.67 -6.81 4.71
N GLU A 85 -3.85 -6.69 3.40
CA GLU A 85 -3.41 -7.70 2.46
C GLU A 85 -1.88 -7.88 2.55
N ILE A 86 -1.19 -6.75 2.76
CA ILE A 86 0.25 -6.73 2.92
C ILE A 86 0.67 -7.39 4.23
N LYS A 87 0.00 -7.03 5.33
CA LYS A 87 0.40 -7.51 6.64
C LYS A 87 0.24 -9.02 6.74
N GLU A 88 -0.82 -9.52 6.14
CA GLU A 88 -1.11 -10.94 6.16
C GLU A 88 -0.11 -11.73 5.33
N TRP A 89 0.28 -11.17 4.19
CA TRP A 89 1.23 -11.83 3.30
C TRP A 89 2.57 -11.89 3.98
N ARG A 90 2.95 -10.76 4.51
CA ARG A 90 4.22 -10.56 5.13
C ARG A 90 4.35 -11.50 6.33
N ALA A 91 3.30 -11.55 7.15
CA ALA A 91 3.28 -12.39 8.34
C ALA A 91 3.26 -13.87 8.00
N ALA A 92 2.43 -14.25 7.03
CA ALA A 92 2.31 -15.63 6.62
C ALA A 92 3.61 -16.12 5.98
N ASN A 93 4.30 -15.22 5.30
CA ASN A 93 5.59 -15.57 4.69
C ASN A 93 6.61 -15.70 5.81
N GLY A 94 6.55 -14.77 6.75
CA GLY A 94 7.44 -14.77 7.87
C GLY A 94 8.38 -13.60 7.85
N LYS A 95 7.88 -12.48 7.38
CA LYS A 95 8.63 -11.32 7.25
C LYS A 95 8.04 -10.27 8.19
N PRO A 96 8.88 -9.48 8.87
CA PRO A 96 8.41 -8.39 9.72
C PRO A 96 7.63 -7.35 8.91
N GLY A 97 6.52 -6.91 9.45
CA GLY A 97 5.65 -6.03 8.74
C GLY A 97 5.78 -4.60 9.18
N PHE A 98 4.67 -4.05 9.65
CA PHE A 98 4.60 -2.65 10.03
C PHE A 98 5.05 -2.49 11.44
N LYS A 99 5.30 -1.28 11.84
CA LYS A 99 5.58 -1.01 13.15
C LYS A 99 4.36 -0.36 13.77
N GLN A 100 4.33 -0.37 15.04
CA GLN A 100 3.29 0.22 15.77
C GLN A 100 3.78 1.48 16.40
N GLY A 101 2.99 2.47 16.28
CA GLY A 101 3.29 3.77 16.80
C GLY A 101 2.36 4.76 16.15
N GLU A 9 4.66 9.43 5.56
CA GLU A 9 5.91 9.91 4.98
C GLU A 9 6.68 8.73 4.43
N LEU A 10 7.82 9.00 3.86
CA LEU A 10 8.63 7.97 3.28
C LEU A 10 9.72 7.51 4.19
N LYS A 11 9.80 6.24 4.33
CA LYS A 11 10.84 5.63 5.08
C LYS A 11 11.83 5.11 4.06
N ASN A 12 12.61 4.15 4.42
CA ASN A 12 13.44 3.49 3.45
C ASN A 12 13.12 2.01 3.40
N SER A 13 12.51 1.52 4.46
CA SER A 13 12.13 0.14 4.56
C SER A 13 10.76 0.01 5.24
N ILE A 14 10.16 -1.17 5.12
CA ILE A 14 8.85 -1.51 5.68
C ILE A 14 8.90 -1.46 7.22
N SER A 15 10.09 -1.60 7.75
CA SER A 15 10.32 -1.73 9.17
C SER A 15 10.15 -0.39 9.91
N ASP A 16 10.16 0.70 9.18
CA ASP A 16 10.02 2.00 9.82
C ASP A 16 8.59 2.50 9.60
N TYR A 17 7.80 1.67 8.97
CA TYR A 17 6.45 2.03 8.60
C TYR A 17 5.47 1.54 9.60
N THR A 18 4.76 2.45 10.20
CA THR A 18 3.64 2.07 10.99
C THR A 18 2.53 1.85 10.01
N GLU A 19 1.46 1.20 10.41
CA GLU A 19 0.37 1.00 9.50
C GLU A 19 -0.19 2.33 8.99
N ALA A 20 -0.29 3.32 9.86
CA ALA A 20 -0.79 4.64 9.48
C ALA A 20 0.21 5.39 8.57
N GLU A 21 1.53 5.28 8.84
CA GLU A 21 2.55 5.88 7.94
C GLU A 21 2.43 5.30 6.56
N PHE A 22 2.15 4.03 6.53
CA PHE A 22 2.02 3.30 5.32
C PHE A 22 0.71 3.69 4.63
N VAL A 23 -0.41 3.75 5.39
CA VAL A 23 -1.70 4.14 4.80
C VAL A 23 -1.64 5.57 4.26
N GLN A 24 -0.87 6.44 4.94
CA GLN A 24 -0.69 7.80 4.51
C GLN A 24 -0.05 7.82 3.14
N LEU A 25 1.04 7.07 3.01
CA LEU A 25 1.77 7.00 1.76
C LEU A 25 0.87 6.48 0.68
N LEU A 26 0.16 5.43 1.00
CA LEU A 26 -0.79 4.81 0.09
C LEU A 26 -1.88 5.77 -0.34
N LYS A 27 -2.33 6.64 0.55
CA LYS A 27 -3.31 7.67 0.20
C LYS A 27 -2.73 8.62 -0.82
N GLU A 28 -1.47 8.92 -0.68
CA GLU A 28 -0.78 9.79 -1.58
C GLU A 28 -0.52 9.12 -2.91
N ILE A 29 -0.25 7.81 -2.86
CA ILE A 29 -0.04 7.03 -4.06
C ILE A 29 -1.34 6.94 -4.84
N GLU A 30 -2.44 6.73 -4.10
CA GLU A 30 -3.78 6.65 -4.63
C GLU A 30 -4.13 7.94 -5.36
N LYS A 31 -3.75 9.05 -4.76
CA LYS A 31 -4.03 10.35 -5.30
C LYS A 31 -3.28 10.56 -6.63
N GLU A 32 -1.98 10.24 -6.69
CA GLU A 32 -1.26 10.40 -7.92
C GLU A 32 -1.57 9.27 -8.89
N ASN A 33 -2.16 8.20 -8.40
CA ASN A 33 -2.57 7.07 -9.22
C ASN A 33 -3.74 7.47 -10.09
N VAL A 34 -4.73 8.12 -9.49
CA VAL A 34 -5.90 8.56 -10.25
C VAL A 34 -5.56 9.72 -11.18
N ALA A 35 -4.55 10.49 -10.82
CA ALA A 35 -4.08 11.60 -11.65
C ALA A 35 -3.22 11.05 -12.79
N ALA A 36 -2.57 9.95 -12.51
CA ALA A 36 -1.63 9.28 -13.38
C ALA A 36 -0.43 10.15 -13.67
N THR A 37 0.46 10.21 -12.72
CA THR A 37 1.69 10.92 -12.86
C THR A 37 2.79 9.91 -13.15
N ASP A 38 4.02 10.33 -13.08
CA ASP A 38 5.11 9.40 -13.26
C ASP A 38 6.22 9.67 -12.28
N ASP A 39 6.46 10.94 -11.97
CA ASP A 39 7.59 11.28 -11.13
C ASP A 39 7.47 10.75 -9.74
N VAL A 40 6.37 11.02 -9.08
CA VAL A 40 6.24 10.50 -7.76
C VAL A 40 5.61 9.14 -7.86
N LEU A 41 4.78 8.97 -8.87
CA LEU A 41 4.01 7.77 -9.09
C LEU A 41 4.92 6.58 -9.22
N ASP A 42 5.98 6.71 -10.00
CA ASP A 42 6.84 5.54 -10.19
C ASP A 42 7.63 5.26 -8.95
N VAL A 43 7.93 6.32 -8.21
CA VAL A 43 8.63 6.20 -6.95
C VAL A 43 7.80 5.44 -5.99
N LEU A 44 6.58 5.86 -5.91
CA LEU A 44 5.68 5.37 -4.95
C LEU A 44 5.36 3.96 -5.21
N LEU A 45 5.12 3.66 -6.45
CA LEU A 45 4.78 2.34 -6.84
C LEU A 45 5.90 1.37 -6.53
N GLU A 46 7.11 1.76 -6.84
CA GLU A 46 8.27 0.94 -6.54
C GLU A 46 8.56 0.88 -5.07
N HIS A 47 8.55 2.02 -4.41
CA HIS A 47 8.91 2.10 -3.01
C HIS A 47 7.98 1.25 -2.18
N PHE A 48 6.72 1.36 -2.50
CA PHE A 48 5.71 0.58 -1.84
C PHE A 48 5.96 -0.92 -2.05
N VAL A 49 6.12 -1.33 -3.27
CA VAL A 49 6.34 -2.73 -3.55
C VAL A 49 7.68 -3.25 -3.04
N LYS A 50 8.69 -2.43 -3.02
CA LYS A 50 10.04 -2.86 -2.58
C LYS A 50 10.09 -3.13 -1.07
N ILE A 51 9.25 -2.43 -0.32
CA ILE A 51 9.26 -2.58 1.11
C ILE A 51 8.42 -3.77 1.56
N THR A 52 7.27 -3.96 0.93
CA THR A 52 6.42 -5.09 1.27
C THR A 52 6.88 -6.35 0.51
N GLU A 53 7.42 -6.13 -0.70
CA GLU A 53 7.93 -7.15 -1.62
C GLU A 53 6.83 -8.07 -2.09
N HIS A 54 5.65 -7.50 -2.16
CA HIS A 54 4.46 -8.17 -2.60
C HIS A 54 4.52 -8.30 -4.13
N PRO A 55 4.17 -9.45 -4.72
CA PRO A 55 4.31 -9.69 -6.18
C PRO A 55 3.34 -8.91 -7.00
N ASP A 56 2.39 -8.37 -6.33
CA ASP A 56 1.32 -7.72 -6.96
C ASP A 56 1.19 -6.38 -6.30
N GLY A 57 2.33 -5.86 -5.85
CA GLY A 57 2.42 -4.57 -5.16
C GLY A 57 1.67 -3.52 -5.83
N THR A 58 2.00 -3.30 -7.03
CA THR A 58 1.43 -2.20 -7.73
C THR A 58 -0.03 -2.48 -8.05
N ALA A 59 -0.33 -3.76 -8.28
CA ALA A 59 -1.67 -4.20 -8.59
C ALA A 59 -2.60 -3.94 -7.43
N LEU A 60 -2.09 -4.12 -6.21
CA LEU A 60 -2.86 -3.87 -5.00
C LEU A 60 -3.35 -2.45 -4.92
N ILE A 61 -2.53 -1.52 -5.35
CA ILE A 61 -2.91 -0.11 -5.30
C ILE A 61 -4.06 0.12 -6.26
N TYR A 62 -3.92 -0.45 -7.43
CA TYR A 62 -4.91 -0.36 -8.46
C TYR A 62 -6.24 -1.00 -8.05
N GLU A 63 -6.18 -2.22 -7.54
CA GLU A 63 -7.37 -2.95 -7.16
C GLU A 63 -8.04 -2.35 -5.93
N ALA A 64 -7.27 -1.98 -4.93
CA ALA A 64 -7.84 -1.41 -3.72
C ALA A 64 -8.56 -0.11 -4.01
N ALA A 65 -7.99 0.70 -4.91
CA ALA A 65 -8.59 1.97 -5.26
C ALA A 65 -9.93 1.75 -5.98
N ALA A 66 -9.93 0.87 -6.97
CA ALA A 66 -11.13 0.60 -7.77
C ALA A 66 -12.22 -0.08 -6.96
N ARG A 67 -11.82 -1.07 -6.18
CA ARG A 67 -12.76 -1.85 -5.38
C ARG A 67 -13.43 -1.01 -4.31
N ALA A 68 -12.73 -0.02 -3.81
CA ALA A 68 -13.30 0.86 -2.80
C ALA A 68 -14.30 1.83 -3.41
N ALA A 69 -14.02 2.26 -4.63
CA ALA A 69 -14.89 3.20 -5.33
C ALA A 69 -16.28 2.61 -5.55
N ALA A 70 -16.32 1.36 -5.96
CA ALA A 70 -17.57 0.65 -6.15
C ALA A 70 -18.11 0.18 -4.82
N ASN A 71 -17.22 -0.46 -4.06
CA ASN A 71 -17.49 -1.01 -2.73
C ASN A 71 -18.58 -2.10 -2.73
N PRO A 72 -18.18 -3.36 -2.89
CA PRO A 72 -19.10 -4.48 -2.90
C PRO A 72 -19.30 -5.09 -1.50
N GLY A 73 -18.66 -4.49 -0.52
CA GLY A 73 -18.73 -5.00 0.83
C GLY A 73 -17.38 -5.51 1.26
N GLY A 74 -17.20 -5.64 2.56
CA GLY A 74 -15.94 -6.10 3.09
C GLY A 74 -14.90 -4.99 3.11
N ASP A 75 -13.74 -5.27 3.63
CA ASP A 75 -12.65 -4.31 3.63
C ASP A 75 -11.68 -4.71 2.51
N GLY A 76 -10.53 -4.11 2.45
CA GLY A 76 -9.60 -4.42 1.36
C GLY A 76 -9.54 -3.30 0.38
N GLY A 77 -10.66 -2.64 0.21
CA GLY A 77 -10.72 -1.52 -0.64
C GLY A 77 -10.26 -0.29 0.08
N GLY A 78 -9.60 0.57 -0.62
CA GLY A 78 -9.13 1.79 -0.05
C GLY A 78 -7.76 1.65 0.54
N PRO A 79 -7.11 2.77 0.82
CA PRO A 79 -5.74 2.81 1.34
C PRO A 79 -5.53 2.00 2.62
N GLU A 80 -6.49 2.04 3.49
CA GLU A 80 -6.42 1.32 4.75
C GLU A 80 -6.90 -0.13 4.60
N GLY A 81 -7.25 -0.53 3.42
CA GLY A 81 -7.57 -1.90 3.23
C GLY A 81 -6.49 -2.66 2.50
N ILE A 82 -5.75 -1.95 1.66
CA ILE A 82 -4.60 -2.56 0.94
C ILE A 82 -3.61 -3.04 1.95
N VAL A 83 -3.47 -2.23 2.97
CA VAL A 83 -2.57 -2.41 4.01
C VAL A 83 -2.80 -3.71 4.77
N LYS A 84 -4.05 -4.10 4.86
CA LYS A 84 -4.44 -5.39 5.40
C LYS A 84 -3.82 -6.51 4.55
N GLU A 85 -4.02 -6.43 3.24
CA GLU A 85 -3.48 -7.44 2.31
C GLU A 85 -1.95 -7.47 2.45
N ILE A 86 -1.35 -6.30 2.54
CA ILE A 86 0.08 -6.14 2.73
C ILE A 86 0.57 -6.76 4.05
N LYS A 87 -0.14 -6.48 5.13
CA LYS A 87 0.29 -6.93 6.43
C LYS A 87 0.15 -8.43 6.55
N GLU A 88 -0.95 -8.96 6.07
CA GLU A 88 -1.25 -10.35 6.20
C GLU A 88 -0.39 -11.21 5.30
N TRP A 89 -0.02 -10.68 4.16
CA TRP A 89 0.89 -11.38 3.25
C TRP A 89 2.25 -11.49 3.90
N ARG A 90 2.69 -10.39 4.46
CA ARG A 90 3.98 -10.31 5.06
C ARG A 90 4.01 -11.21 6.30
N ALA A 91 2.98 -11.12 7.12
CA ALA A 91 2.89 -11.86 8.38
C ALA A 91 2.72 -13.34 8.14
N ALA A 92 1.96 -13.72 7.12
CA ALA A 92 1.71 -15.13 6.82
C ALA A 92 2.99 -15.90 6.56
N ASN A 93 3.98 -15.25 5.95
CA ASN A 93 5.25 -15.96 5.70
C ASN A 93 6.30 -15.54 6.75
N GLY A 94 5.86 -14.76 7.72
CA GLY A 94 6.72 -14.37 8.81
C GLY A 94 7.76 -13.36 8.40
N LYS A 95 7.37 -12.41 7.61
CA LYS A 95 8.22 -11.41 7.19
C LYS A 95 7.88 -10.16 7.97
N PRO A 96 8.86 -9.39 8.42
CA PRO A 96 8.62 -8.17 9.20
C PRO A 96 7.77 -7.17 8.44
N GLY A 97 6.58 -6.93 8.95
CA GLY A 97 5.67 -6.03 8.34
C GLY A 97 5.78 -4.65 8.92
N PHE A 98 4.69 -4.13 9.37
CA PHE A 98 4.65 -2.78 9.88
C PHE A 98 5.18 -2.73 11.29
N LYS A 99 5.71 -1.61 11.67
CA LYS A 99 6.09 -1.40 13.00
C LYS A 99 4.88 -0.85 13.69
N GLN A 100 4.99 -0.62 14.93
CA GLN A 100 3.91 -0.15 15.65
C GLN A 100 4.22 1.20 16.23
N GLY A 101 3.22 2.01 16.25
CA GLY A 101 3.33 3.31 16.82
C GLY A 101 2.04 4.03 16.64
N GLU A 9 5.17 10.19 6.24
CA GLU A 9 6.46 10.45 5.59
C GLU A 9 6.97 9.18 4.97
N LEU A 10 8.05 9.27 4.22
CA LEU A 10 8.61 8.10 3.56
C LEU A 10 9.82 7.59 4.30
N LYS A 11 9.87 6.31 4.50
CA LYS A 11 11.00 5.66 5.13
C LYS A 11 11.82 5.01 4.00
N ASN A 12 12.70 4.09 4.31
CA ASN A 12 13.42 3.33 3.24
C ASN A 12 13.10 1.85 3.31
N SER A 13 12.63 1.42 4.45
CA SER A 13 12.26 0.05 4.62
C SER A 13 10.94 -0.02 5.34
N ILE A 14 10.29 -1.18 5.29
CA ILE A 14 8.98 -1.38 5.89
C ILE A 14 9.08 -1.37 7.42
N SER A 15 10.29 -1.50 7.91
CA SER A 15 10.55 -1.63 9.31
C SER A 15 10.31 -0.33 10.07
N ASP A 16 10.28 0.77 9.35
CA ASP A 16 10.03 2.05 9.98
C ASP A 16 8.62 2.50 9.65
N TYR A 17 7.89 1.65 8.98
CA TYR A 17 6.56 1.99 8.52
C TYR A 17 5.55 1.46 9.48
N THR A 18 4.77 2.34 10.01
CA THR A 18 3.67 1.98 10.84
C THR A 18 2.49 1.76 9.92
N GLU A 19 1.35 1.42 10.47
CA GLU A 19 0.14 1.29 9.67
C GLU A 19 -0.11 2.62 9.03
N ALA A 20 -0.12 3.64 9.87
CA ALA A 20 -0.54 4.93 9.45
C ALA A 20 0.46 5.61 8.49
N GLU A 21 1.76 5.45 8.71
CA GLU A 21 2.77 6.00 7.77
C GLU A 21 2.60 5.37 6.43
N PHE A 22 2.27 4.11 6.44
CA PHE A 22 2.12 3.39 5.25
C PHE A 22 0.81 3.78 4.57
N VAL A 23 -0.28 3.86 5.36
CA VAL A 23 -1.58 4.24 4.82
C VAL A 23 -1.54 5.67 4.25
N GLN A 24 -0.73 6.54 4.85
CA GLN A 24 -0.57 7.90 4.41
C GLN A 24 0.08 7.92 3.04
N LEU A 25 1.16 7.15 2.89
CA LEU A 25 1.84 7.02 1.61
C LEU A 25 0.88 6.52 0.57
N LEU A 26 0.17 5.51 0.93
CA LEU A 26 -0.82 4.87 0.08
C LEU A 26 -1.91 5.81 -0.36
N LYS A 27 -2.35 6.68 0.55
CA LYS A 27 -3.35 7.68 0.20
C LYS A 27 -2.79 8.63 -0.85
N GLU A 28 -1.51 8.96 -0.69
CA GLU A 28 -0.81 9.80 -1.63
C GLU A 28 -0.70 9.10 -2.98
N ILE A 29 -0.47 7.81 -2.93
CA ILE A 29 -0.33 7.02 -4.14
C ILE A 29 -1.67 6.95 -4.88
N GLU A 30 -2.76 6.79 -4.15
CA GLU A 30 -4.11 6.77 -4.76
C GLU A 30 -4.35 8.05 -5.52
N LYS A 31 -3.94 9.11 -4.88
CA LYS A 31 -4.09 10.46 -5.33
C LYS A 31 -3.39 10.69 -6.67
N GLU A 32 -2.13 10.33 -6.74
CA GLU A 32 -1.37 10.54 -7.95
C GLU A 32 -1.57 9.45 -8.99
N ASN A 33 -1.78 8.22 -8.54
CA ASN A 33 -1.99 7.09 -9.45
C ASN A 33 -3.17 7.31 -10.37
N VAL A 34 -4.28 7.78 -9.81
CA VAL A 34 -5.49 8.03 -10.62
C VAL A 34 -5.34 9.32 -11.43
N ALA A 35 -4.49 10.23 -10.96
CA ALA A 35 -4.25 11.51 -11.62
C ALA A 35 -3.30 11.31 -12.80
N ALA A 36 -2.56 10.22 -12.74
CA ALA A 36 -1.58 9.80 -13.71
C ALA A 36 -0.37 10.70 -13.69
N THR A 37 0.46 10.42 -12.76
CA THR A 37 1.73 11.04 -12.61
C THR A 37 2.78 10.14 -13.22
N ASP A 38 4.04 10.48 -13.09
CA ASP A 38 5.08 9.62 -13.60
C ASP A 38 6.25 9.53 -12.67
N ASP A 39 6.84 10.66 -12.32
CA ASP A 39 8.01 10.65 -11.43
C ASP A 39 7.65 10.11 -10.10
N VAL A 40 6.69 10.73 -9.46
CA VAL A 40 6.32 10.34 -8.11
C VAL A 40 5.60 9.03 -8.16
N LEU A 41 4.91 8.82 -9.25
CA LEU A 41 4.15 7.62 -9.51
C LEU A 41 5.08 6.44 -9.52
N ASP A 42 6.15 6.56 -10.27
CA ASP A 42 7.10 5.49 -10.33
C ASP A 42 7.86 5.38 -9.03
N VAL A 43 7.95 6.46 -8.28
CA VAL A 43 8.62 6.37 -6.99
C VAL A 43 7.79 5.57 -6.07
N LEU A 44 6.57 5.96 -5.99
CA LEU A 44 5.70 5.44 -5.00
C LEU A 44 5.37 4.04 -5.26
N LEU A 45 5.10 3.75 -6.49
CA LEU A 45 4.77 2.42 -6.89
C LEU A 45 5.90 1.46 -6.60
N GLU A 46 7.12 1.88 -6.90
CA GLU A 46 8.27 1.06 -6.61
C GLU A 46 8.53 0.99 -5.12
N HIS A 47 8.44 2.15 -4.48
CA HIS A 47 8.74 2.30 -3.08
C HIS A 47 7.83 1.41 -2.26
N PHE A 48 6.59 1.42 -2.60
CA PHE A 48 5.59 0.62 -1.99
C PHE A 48 5.93 -0.87 -2.14
N VAL A 49 6.18 -1.30 -3.34
CA VAL A 49 6.49 -2.69 -3.60
C VAL A 49 7.83 -3.13 -3.01
N LYS A 50 8.79 -2.25 -2.95
CA LYS A 50 10.11 -2.61 -2.39
C LYS A 50 10.05 -2.83 -0.87
N ILE A 51 9.28 -2.03 -0.18
CA ILE A 51 9.18 -2.17 1.26
C ILE A 51 8.28 -3.34 1.65
N THR A 52 7.30 -3.61 0.83
CA THR A 52 6.39 -4.69 1.10
C THR A 52 6.95 -6.01 0.59
N GLU A 53 7.52 -5.93 -0.61
CA GLU A 53 8.08 -7.04 -1.36
C GLU A 53 6.97 -7.97 -1.83
N HIS A 54 5.79 -7.37 -1.97
CA HIS A 54 4.62 -8.08 -2.43
C HIS A 54 4.71 -8.18 -3.96
N PRO A 55 4.42 -9.35 -4.57
CA PRO A 55 4.60 -9.56 -6.03
C PRO A 55 3.62 -8.78 -6.85
N ASP A 56 2.62 -8.32 -6.20
CA ASP A 56 1.53 -7.72 -6.83
C ASP A 56 1.34 -6.40 -6.17
N GLY A 57 2.48 -5.82 -5.76
CA GLY A 57 2.53 -4.53 -5.09
C GLY A 57 1.68 -3.53 -5.72
N THR A 58 1.94 -3.28 -6.91
CA THR A 58 1.31 -2.20 -7.56
C THR A 58 -0.16 -2.53 -7.86
N ALA A 59 -0.42 -3.81 -8.11
CA ALA A 59 -1.76 -4.30 -8.37
C ALA A 59 -2.64 -4.07 -7.18
N LEU A 60 -2.08 -4.21 -5.97
CA LEU A 60 -2.83 -3.93 -4.75
C LEU A 60 -3.34 -2.50 -4.70
N ILE A 61 -2.50 -1.54 -5.03
CA ILE A 61 -2.96 -0.14 -5.01
C ILE A 61 -3.99 0.09 -6.11
N TYR A 62 -3.71 -0.49 -7.25
CA TYR A 62 -4.60 -0.42 -8.39
C TYR A 62 -5.98 -1.00 -8.08
N GLU A 63 -6.02 -2.18 -7.45
CA GLU A 63 -7.27 -2.77 -7.06
C GLU A 63 -7.94 -1.97 -5.97
N ALA A 64 -7.15 -1.41 -5.05
CA ALA A 64 -7.68 -0.59 -3.96
C ALA A 64 -8.49 0.56 -4.49
N ALA A 65 -8.00 1.18 -5.56
CA ALA A 65 -8.70 2.26 -6.20
C ALA A 65 -10.08 1.81 -6.67
N ALA A 66 -10.12 0.66 -7.34
CA ALA A 66 -11.37 0.10 -7.85
C ALA A 66 -12.27 -0.38 -6.71
N ARG A 67 -11.67 -1.01 -5.71
CA ARG A 67 -12.38 -1.53 -4.54
C ARG A 67 -13.01 -0.42 -3.70
N ALA A 68 -12.36 0.73 -3.65
CA ALA A 68 -12.91 1.87 -2.94
C ALA A 68 -13.97 2.59 -3.77
N ALA A 69 -13.80 2.53 -5.08
CA ALA A 69 -14.73 3.16 -6.00
C ALA A 69 -16.02 2.38 -6.05
N ALA A 70 -15.92 1.08 -6.17
CA ALA A 70 -17.06 0.23 -6.20
C ALA A 70 -16.87 -0.88 -5.18
N ASN A 71 -17.09 -0.52 -3.94
CA ASN A 71 -16.95 -1.44 -2.80
C ASN A 71 -18.02 -2.55 -2.86
N PRO A 72 -17.59 -3.81 -3.01
CA PRO A 72 -18.50 -4.95 -3.16
C PRO A 72 -19.10 -5.46 -1.84
N GLY A 73 -18.57 -5.00 -0.72
CA GLY A 73 -19.08 -5.45 0.56
C GLY A 73 -18.03 -6.09 1.39
N GLY A 74 -18.43 -6.62 2.53
CA GLY A 74 -17.50 -7.26 3.40
C GLY A 74 -16.81 -6.26 4.29
N ASP A 75 -15.82 -5.62 3.74
CA ASP A 75 -15.08 -4.56 4.41
C ASP A 75 -14.77 -3.51 3.37
N GLY A 76 -14.40 -3.99 2.20
CA GLY A 76 -14.18 -3.13 1.08
C GLY A 76 -12.74 -2.98 0.75
N GLY A 77 -12.36 -1.80 0.36
CA GLY A 77 -11.02 -1.55 0.01
C GLY A 77 -10.69 -0.09 0.17
N GLY A 78 -9.43 0.21 0.20
CA GLY A 78 -8.96 1.52 0.36
C GLY A 78 -7.55 1.43 0.88
N PRO A 79 -6.93 2.56 1.15
CA PRO A 79 -5.54 2.64 1.59
C PRO A 79 -5.29 1.84 2.86
N GLU A 80 -6.19 1.97 3.79
CA GLU A 80 -6.08 1.35 5.10
C GLU A 80 -6.62 -0.09 5.06
N GLY A 81 -7.04 -0.52 3.89
CA GLY A 81 -7.43 -1.88 3.76
C GLY A 81 -6.43 -2.70 2.97
N ILE A 82 -5.73 -2.07 2.03
CA ILE A 82 -4.65 -2.77 1.31
C ILE A 82 -3.49 -3.03 2.22
N VAL A 83 -3.33 -2.17 3.21
CA VAL A 83 -2.32 -2.31 4.17
C VAL A 83 -2.47 -3.63 4.92
N LYS A 84 -3.69 -4.00 5.13
CA LYS A 84 -4.07 -5.25 5.73
C LYS A 84 -3.61 -6.42 4.83
N GLU A 85 -3.90 -6.33 3.54
CA GLU A 85 -3.50 -7.36 2.57
C GLU A 85 -1.97 -7.49 2.60
N ILE A 86 -1.32 -6.34 2.69
CA ILE A 86 0.11 -6.24 2.78
C ILE A 86 0.65 -6.92 4.06
N LYS A 87 0.03 -6.63 5.20
CA LYS A 87 0.52 -7.15 6.45
C LYS A 87 0.28 -8.63 6.58
N GLU A 88 -0.85 -9.09 6.12
CA GLU A 88 -1.20 -10.49 6.22
C GLU A 88 -0.33 -11.35 5.31
N TRP A 89 0.08 -10.81 4.18
CA TRP A 89 0.94 -11.52 3.25
C TRP A 89 2.31 -11.76 3.88
N ARG A 90 2.88 -10.73 4.50
CA ARG A 90 4.16 -10.90 5.18
C ARG A 90 4.03 -11.81 6.36
N ALA A 91 2.94 -11.67 7.08
CA ALA A 91 2.66 -12.46 8.27
C ALA A 91 2.57 -13.94 7.95
N ALA A 92 1.98 -14.27 6.82
CA ALA A 92 1.83 -15.65 6.38
C ALA A 92 3.18 -16.33 6.15
N ASN A 93 4.13 -15.59 5.61
CA ASN A 93 5.45 -16.18 5.36
C ASN A 93 6.32 -16.09 6.60
N GLY A 94 6.24 -14.97 7.27
CA GLY A 94 7.11 -14.73 8.40
C GLY A 94 8.07 -13.62 8.08
N LYS A 95 7.64 -12.74 7.22
CA LYS A 95 8.37 -11.61 6.80
C LYS A 95 8.00 -10.42 7.68
N PRO A 96 8.88 -9.40 7.79
CA PRO A 96 8.60 -8.20 8.58
C PRO A 96 7.42 -7.40 8.04
N GLY A 97 6.50 -7.07 8.92
CA GLY A 97 5.36 -6.29 8.57
C GLY A 97 5.54 -4.86 8.97
N PHE A 98 4.56 -4.28 9.60
CA PHE A 98 4.62 -2.89 10.00
C PHE A 98 5.09 -2.79 11.43
N LYS A 99 5.71 -1.69 11.75
CA LYS A 99 6.10 -1.44 13.06
C LYS A 99 4.98 -0.74 13.78
N GLN A 100 5.10 -0.63 15.05
CA GLN A 100 4.12 0.00 15.84
C GLN A 100 4.56 1.40 16.18
N GLY A 101 3.67 2.29 16.06
CA GLY A 101 3.91 3.66 16.30
C GLY A 101 2.70 4.44 15.94
N GLU A 9 4.83 9.89 6.77
CA GLU A 9 6.18 10.13 6.30
C GLU A 9 6.60 8.91 5.51
N LEU A 10 7.39 9.12 4.48
CA LEU A 10 7.84 8.01 3.68
C LEU A 10 9.15 7.53 4.23
N LYS A 11 9.21 6.26 4.51
CA LYS A 11 10.33 5.66 5.17
C LYS A 11 11.31 5.06 4.15
N ASN A 12 12.15 4.17 4.62
CA ASN A 12 13.05 3.44 3.74
C ASN A 12 12.59 1.98 3.65
N SER A 13 12.07 1.47 4.73
CA SER A 13 11.67 0.08 4.82
C SER A 13 10.25 -0.05 5.36
N ILE A 14 9.68 -1.23 5.22
CA ILE A 14 8.34 -1.54 5.71
C ILE A 14 8.32 -1.51 7.25
N SER A 15 9.48 -1.75 7.83
CA SER A 15 9.63 -1.90 9.26
C SER A 15 9.61 -0.54 9.98
N ASP A 16 9.71 0.54 9.23
CA ASP A 16 9.67 1.87 9.84
C ASP A 16 8.27 2.43 9.67
N TYR A 17 7.43 1.63 9.08
CA TYR A 17 6.09 2.06 8.74
C TYR A 17 5.14 1.57 9.76
N THR A 18 4.44 2.47 10.39
CA THR A 18 3.38 2.08 11.23
C THR A 18 2.23 1.79 10.30
N GLU A 19 1.18 1.18 10.78
CA GLU A 19 0.06 0.92 9.92
C GLU A 19 -0.54 2.21 9.34
N ALA A 20 -0.65 3.25 10.17
CA ALA A 20 -1.16 4.54 9.68
C ALA A 20 -0.13 5.24 8.77
N GLU A 21 1.17 5.14 9.09
CA GLU A 21 2.22 5.69 8.19
C GLU A 21 2.14 5.01 6.85
N PHE A 22 1.83 3.75 6.86
CA PHE A 22 1.71 3.00 5.66
C PHE A 22 0.48 3.44 4.91
N VAL A 23 -0.67 3.57 5.61
CA VAL A 23 -1.90 3.99 4.95
C VAL A 23 -1.74 5.40 4.36
N GLN A 24 -0.92 6.21 5.01
CA GLN A 24 -0.55 7.52 4.55
C GLN A 24 0.13 7.42 3.19
N LEU A 25 1.11 6.54 3.08
CA LEU A 25 1.80 6.26 1.82
C LEU A 25 0.80 5.82 0.79
N LEU A 26 -0.03 4.91 1.21
CA LEU A 26 -1.06 4.32 0.41
C LEU A 26 -2.01 5.35 -0.14
N LYS A 27 -2.34 6.34 0.66
CA LYS A 27 -3.18 7.44 0.21
C LYS A 27 -2.42 8.30 -0.78
N GLU A 28 -1.15 8.51 -0.51
CA GLU A 28 -0.32 9.29 -1.41
C GLU A 28 -0.21 8.62 -2.76
N ILE A 29 -0.13 7.29 -2.76
CA ILE A 29 -0.10 6.55 -4.01
C ILE A 29 -1.44 6.72 -4.72
N GLU A 30 -2.50 6.56 -3.96
CA GLU A 30 -3.88 6.65 -4.44
C GLU A 30 -4.19 7.98 -5.08
N LYS A 31 -3.69 9.02 -4.49
CA LYS A 31 -3.90 10.37 -4.97
C LYS A 31 -3.37 10.55 -6.41
N GLU A 32 -2.15 10.13 -6.66
CA GLU A 32 -1.60 10.28 -7.96
C GLU A 32 -1.86 9.05 -8.83
N ASN A 33 -2.49 8.06 -8.23
CA ASN A 33 -2.93 6.84 -8.94
C ASN A 33 -4.08 7.19 -9.83
N VAL A 34 -5.09 7.81 -9.24
CA VAL A 34 -6.28 8.21 -10.00
C VAL A 34 -5.97 9.32 -11.01
N ALA A 35 -4.97 10.13 -10.71
CA ALA A 35 -4.57 11.19 -11.62
C ALA A 35 -3.63 10.64 -12.70
N ALA A 36 -2.99 9.52 -12.36
CA ALA A 36 -1.99 8.82 -13.17
C ALA A 36 -0.83 9.73 -13.54
N THR A 37 -0.02 10.04 -12.56
CA THR A 37 1.13 10.89 -12.78
C THR A 37 2.31 10.01 -13.12
N ASP A 38 3.50 10.54 -13.03
CA ASP A 38 4.65 9.71 -13.30
C ASP A 38 5.72 9.89 -12.27
N ASP A 39 5.91 11.11 -11.84
CA ASP A 39 7.02 11.41 -10.98
C ASP A 39 6.88 10.80 -9.62
N VAL A 40 5.80 11.05 -8.94
CA VAL A 40 5.66 10.50 -7.61
C VAL A 40 5.12 9.09 -7.73
N LEU A 41 4.37 8.89 -8.78
CA LEU A 41 3.69 7.67 -9.07
C LEU A 41 4.70 6.56 -9.17
N ASP A 42 5.74 6.76 -9.94
CA ASP A 42 6.72 5.74 -10.09
C ASP A 42 7.64 5.62 -8.90
N VAL A 43 7.67 6.63 -8.05
CA VAL A 43 8.42 6.47 -6.80
C VAL A 43 7.66 5.53 -5.94
N LEU A 44 6.42 5.86 -5.80
CA LEU A 44 5.57 5.22 -4.85
C LEU A 44 5.32 3.82 -5.19
N LEU A 45 5.09 3.57 -6.44
CA LEU A 45 4.84 2.25 -6.91
C LEU A 45 6.01 1.34 -6.59
N GLU A 46 7.21 1.81 -6.86
CA GLU A 46 8.41 1.05 -6.56
C GLU A 46 8.66 0.97 -5.08
N HIS A 47 8.49 2.08 -4.41
CA HIS A 47 8.75 2.21 -3.00
C HIS A 47 7.89 1.24 -2.22
N PHE A 48 6.65 1.22 -2.57
CA PHE A 48 5.68 0.39 -1.96
C PHE A 48 6.02 -1.09 -2.15
N VAL A 49 6.27 -1.48 -3.37
CA VAL A 49 6.61 -2.86 -3.66
C VAL A 49 7.96 -3.29 -3.07
N LYS A 50 8.87 -2.38 -2.96
CA LYS A 50 10.19 -2.72 -2.38
C LYS A 50 10.10 -2.92 -0.88
N ILE A 51 9.27 -2.17 -0.22
CA ILE A 51 9.15 -2.29 1.22
C ILE A 51 8.25 -3.46 1.59
N THR A 52 7.20 -3.66 0.84
CA THR A 52 6.27 -4.74 1.12
C THR A 52 6.82 -6.05 0.60
N GLU A 53 7.49 -5.94 -0.55
CA GLU A 53 8.06 -7.05 -1.29
C GLU A 53 6.96 -7.96 -1.80
N HIS A 54 5.78 -7.39 -1.93
CA HIS A 54 4.65 -8.11 -2.45
C HIS A 54 4.85 -8.25 -3.95
N PRO A 55 4.64 -9.44 -4.54
CA PRO A 55 4.92 -9.70 -5.97
C PRO A 55 3.94 -9.03 -6.88
N ASP A 56 2.99 -8.41 -6.29
CA ASP A 56 1.95 -7.86 -7.01
C ASP A 56 1.69 -6.52 -6.38
N GLY A 57 2.78 -5.93 -5.89
CA GLY A 57 2.78 -4.65 -5.22
C GLY A 57 1.99 -3.66 -5.92
N THR A 58 2.36 -3.42 -7.09
CA THR A 58 1.78 -2.39 -7.82
C THR A 58 0.34 -2.73 -8.21
N ALA A 59 0.05 -4.01 -8.45
CA ALA A 59 -1.27 -4.36 -8.85
C ALA A 59 -2.23 -4.30 -7.70
N LEU A 60 -1.72 -4.44 -6.48
CA LEU A 60 -2.55 -4.25 -5.30
C LEU A 60 -3.10 -2.87 -5.23
N ILE A 61 -2.30 -1.87 -5.56
CA ILE A 61 -2.77 -0.47 -5.51
C ILE A 61 -3.86 -0.31 -6.57
N TYR A 62 -3.54 -0.82 -7.74
CA TYR A 62 -4.43 -0.77 -8.87
C TYR A 62 -5.78 -1.44 -8.57
N GLU A 63 -5.75 -2.64 -8.03
CA GLU A 63 -6.97 -3.30 -7.69
C GLU A 63 -7.64 -2.67 -6.50
N ALA A 64 -6.87 -2.19 -5.52
CA ALA A 64 -7.45 -1.54 -4.34
C ALA A 64 -8.29 -0.35 -4.75
N ALA A 65 -7.83 0.38 -5.74
CA ALA A 65 -8.57 1.49 -6.31
C ALA A 65 -9.90 1.01 -6.91
N ALA A 66 -9.83 -0.06 -7.69
CA ALA A 66 -11.00 -0.65 -8.35
C ALA A 66 -11.96 -1.25 -7.33
N ARG A 67 -11.39 -1.89 -6.34
CA ARG A 67 -12.13 -2.51 -5.26
C ARG A 67 -12.81 -1.46 -4.39
N ALA A 68 -12.18 -0.30 -4.25
CA ALA A 68 -12.77 0.80 -3.49
C ALA A 68 -13.86 1.49 -4.28
N ALA A 69 -13.80 1.37 -5.59
CA ALA A 69 -14.79 1.93 -6.48
C ALA A 69 -16.16 1.25 -6.23
N ALA A 70 -16.11 -0.02 -5.90
CA ALA A 70 -17.31 -0.75 -5.52
C ALA A 70 -17.46 -0.64 -4.01
N ASN A 71 -16.36 -0.90 -3.31
CA ASN A 71 -16.23 -0.81 -1.86
C ASN A 71 -17.23 -1.70 -1.13
N PRO A 72 -16.90 -2.98 -0.96
CA PRO A 72 -17.76 -3.94 -0.30
C PRO A 72 -17.70 -3.79 1.22
N GLY A 73 -18.74 -3.24 1.79
CA GLY A 73 -18.83 -3.09 3.23
C GLY A 73 -18.14 -1.84 3.72
N GLY A 74 -16.94 -1.65 3.28
CA GLY A 74 -16.18 -0.53 3.71
C GLY A 74 -14.70 -0.79 3.60
N ASP A 75 -14.31 -2.01 3.90
CA ASP A 75 -12.91 -2.42 3.85
C ASP A 75 -12.63 -3.19 2.58
N GLY A 76 -11.36 -3.48 2.35
CA GLY A 76 -10.97 -4.24 1.20
C GLY A 76 -10.13 -3.42 0.27
N GLY A 77 -10.77 -2.46 -0.33
CA GLY A 77 -10.11 -1.60 -1.27
C GLY A 77 -9.77 -0.27 -0.63
N GLY A 78 -9.19 0.61 -1.41
CA GLY A 78 -8.80 1.88 -0.91
C GLY A 78 -7.45 1.80 -0.25
N PRO A 79 -6.90 2.93 0.16
CA PRO A 79 -5.59 2.99 0.77
C PRO A 79 -5.52 2.15 2.02
N GLU A 80 -6.53 2.24 2.85
CA GLU A 80 -6.59 1.47 4.08
C GLU A 80 -6.85 -0.03 3.82
N GLY A 81 -6.97 -0.42 2.58
CA GLY A 81 -7.13 -1.82 2.29
C GLY A 81 -5.93 -2.46 1.66
N ILE A 82 -5.08 -1.65 1.03
CA ILE A 82 -3.86 -2.18 0.42
C ILE A 82 -2.96 -2.71 1.53
N VAL A 83 -2.91 -1.95 2.59
CA VAL A 83 -2.15 -2.23 3.80
C VAL A 83 -2.56 -3.53 4.43
N LYS A 84 -3.83 -3.69 4.54
CA LYS A 84 -4.42 -4.88 5.11
C LYS A 84 -3.99 -6.13 4.33
N GLU A 85 -4.02 -6.02 3.02
CA GLU A 85 -3.67 -7.14 2.19
C GLU A 85 -2.16 -7.40 2.25
N ILE A 86 -1.39 -6.33 2.47
CA ILE A 86 0.06 -6.44 2.65
C ILE A 86 0.39 -7.13 3.96
N LYS A 87 -0.27 -6.74 5.03
CA LYS A 87 0.05 -7.25 6.36
C LYS A 87 -0.19 -8.74 6.43
N GLU A 88 -1.24 -9.21 5.76
CA GLU A 88 -1.56 -10.61 5.77
C GLU A 88 -0.54 -11.41 4.97
N TRP A 89 -0.06 -10.83 3.88
CA TRP A 89 0.93 -11.48 3.02
C TRP A 89 2.25 -11.57 3.73
N ARG A 90 2.64 -10.45 4.32
CA ARG A 90 3.91 -10.30 4.96
C ARG A 90 4.00 -11.31 6.09
N ALA A 91 2.92 -11.39 6.87
CA ALA A 91 2.82 -12.31 7.98
C ALA A 91 2.81 -13.76 7.52
N ALA A 92 2.08 -14.04 6.44
CA ALA A 92 1.98 -15.40 5.90
C ALA A 92 3.32 -15.87 5.34
N ASN A 93 4.04 -14.96 4.70
CA ASN A 93 5.35 -15.29 4.13
C ASN A 93 6.35 -15.45 5.27
N GLY A 94 6.11 -14.72 6.33
CA GLY A 94 6.95 -14.80 7.51
C GLY A 94 7.93 -13.66 7.58
N LYS A 95 7.52 -12.50 7.12
CA LYS A 95 8.33 -11.37 7.06
C LYS A 95 7.82 -10.32 8.06
N PRO A 96 8.71 -9.51 8.63
CA PRO A 96 8.33 -8.42 9.53
C PRO A 96 7.58 -7.33 8.75
N GLY A 97 6.41 -6.97 9.21
CA GLY A 97 5.62 -6.01 8.52
C GLY A 97 5.75 -4.63 9.08
N PHE A 98 4.67 -4.12 9.63
CA PHE A 98 4.64 -2.76 10.10
C PHE A 98 5.09 -2.70 11.53
N LYS A 99 5.50 -1.55 11.92
CA LYS A 99 5.87 -1.30 13.23
C LYS A 99 4.70 -0.65 13.92
N GLN A 100 4.77 -0.61 15.19
CA GLN A 100 3.85 0.08 16.00
C GLN A 100 4.58 1.32 16.44
N GLY A 101 3.94 2.41 16.41
CA GLY A 101 4.60 3.63 16.76
C GLY A 101 3.63 4.72 17.01
N GLU A 9 5.17 10.80 7.12
CA GLU A 9 6.46 10.85 6.44
C GLU A 9 6.67 9.55 5.68
N LEU A 10 7.48 9.58 4.65
CA LEU A 10 7.82 8.39 3.91
C LEU A 10 9.11 7.84 4.48
N LYS A 11 9.23 6.55 4.55
CA LYS A 11 10.41 5.92 5.11
C LYS A 11 11.31 5.43 3.98
N ASN A 12 12.20 4.52 4.27
CA ASN A 12 13.03 3.92 3.22
C ASN A 12 12.81 2.41 3.15
N SER A 13 12.32 1.86 4.24
CA SER A 13 12.02 0.44 4.33
C SER A 13 10.71 0.24 5.10
N ILE A 14 10.14 -0.96 5.04
CA ILE A 14 8.84 -1.25 5.66
C ILE A 14 8.98 -1.27 7.19
N SER A 15 10.20 -1.40 7.65
CA SER A 15 10.52 -1.54 9.05
C SER A 15 10.30 -0.25 9.82
N ASP A 16 10.23 0.86 9.11
CA ASP A 16 10.00 2.11 9.78
C ASP A 16 8.57 2.54 9.56
N TYR A 17 7.79 1.68 8.97
CA TYR A 17 6.43 2.02 8.66
C TYR A 17 5.53 1.51 9.71
N THR A 18 4.77 2.40 10.26
CA THR A 18 3.73 2.03 11.15
C THR A 18 2.52 1.75 10.28
N GLU A 19 1.45 1.24 10.85
CA GLU A 19 0.24 0.97 10.09
C GLU A 19 -0.19 2.26 9.42
N ALA A 20 -0.29 3.30 10.23
CA ALA A 20 -0.79 4.56 9.78
C ALA A 20 0.18 5.28 8.82
N GLU A 21 1.49 5.21 9.08
CA GLU A 21 2.47 5.80 8.14
C GLU A 21 2.37 5.12 6.79
N PHE A 22 2.06 3.83 6.82
CA PHE A 22 1.92 3.09 5.60
C PHE A 22 0.63 3.51 4.91
N VAL A 23 -0.47 3.63 5.68
CA VAL A 23 -1.75 4.03 5.10
C VAL A 23 -1.67 5.44 4.50
N GLN A 24 -0.82 6.29 5.09
CA GLN A 24 -0.55 7.60 4.59
C GLN A 24 0.00 7.50 3.17
N LEU A 25 1.00 6.64 3.02
CA LEU A 25 1.64 6.38 1.74
C LEU A 25 0.60 5.88 0.79
N LEU A 26 -0.19 4.96 1.27
CA LEU A 26 -1.26 4.35 0.54
C LEU A 26 -2.28 5.34 0.03
N LYS A 27 -2.60 6.32 0.84
CA LYS A 27 -3.51 7.38 0.46
C LYS A 27 -2.91 8.22 -0.64
N GLU A 28 -1.61 8.42 -0.56
CA GLU A 28 -0.88 9.18 -1.54
C GLU A 28 -0.76 8.43 -2.85
N ILE A 29 -0.57 7.11 -2.77
CA ILE A 29 -0.48 6.31 -3.97
C ILE A 29 -1.78 6.40 -4.75
N GLU A 30 -2.91 6.38 -4.02
CA GLU A 30 -4.21 6.48 -4.66
C GLU A 30 -4.33 7.74 -5.47
N LYS A 31 -3.92 8.87 -4.89
CA LYS A 31 -4.09 10.16 -5.56
C LYS A 31 -3.20 10.26 -6.80
N GLU A 32 -2.00 9.69 -6.73
CA GLU A 32 -1.11 9.70 -7.87
C GLU A 32 -1.63 8.75 -8.94
N ASN A 33 -2.29 7.69 -8.50
CA ASN A 33 -2.88 6.71 -9.40
C ASN A 33 -4.11 7.28 -10.09
N VAL A 34 -5.04 7.82 -9.32
CA VAL A 34 -6.30 8.32 -9.88
C VAL A 34 -6.12 9.56 -10.76
N ALA A 35 -5.14 10.39 -10.44
CA ALA A 35 -4.85 11.56 -11.27
C ALA A 35 -3.85 11.18 -12.36
N ALA A 36 -3.31 9.98 -12.22
CA ALA A 36 -2.33 9.39 -13.13
C ALA A 36 -1.13 10.26 -13.38
N THR A 37 -0.21 10.24 -12.47
CA THR A 37 1.02 10.93 -12.61
C THR A 37 2.12 9.91 -12.93
N ASP A 38 3.37 10.30 -12.88
CA ASP A 38 4.42 9.32 -13.12
C ASP A 38 5.64 9.54 -12.25
N ASP A 39 5.90 10.77 -11.85
CA ASP A 39 7.07 11.02 -11.02
C ASP A 39 6.93 10.42 -9.65
N VAL A 40 5.91 10.80 -8.96
CA VAL A 40 5.71 10.30 -7.65
C VAL A 40 4.97 9.01 -7.71
N LEU A 41 4.14 8.87 -8.72
CA LEU A 41 3.37 7.67 -8.91
C LEU A 41 4.32 6.50 -9.00
N ASP A 42 5.39 6.67 -9.76
CA ASP A 42 6.33 5.58 -9.87
C ASP A 42 7.10 5.39 -8.60
N VAL A 43 7.41 6.50 -7.90
CA VAL A 43 8.14 6.39 -6.63
C VAL A 43 7.39 5.53 -5.71
N LEU A 44 6.15 5.84 -5.59
CA LEU A 44 5.30 5.24 -4.63
C LEU A 44 5.08 3.82 -4.96
N LEU A 45 4.86 3.57 -6.21
CA LEU A 45 4.61 2.25 -6.69
C LEU A 45 5.79 1.34 -6.43
N GLU A 46 6.97 1.78 -6.79
CA GLU A 46 8.14 0.97 -6.54
C GLU A 46 8.47 0.91 -5.05
N HIS A 47 8.28 2.02 -4.35
CA HIS A 47 8.58 2.12 -2.92
C HIS A 47 7.73 1.15 -2.16
N PHE A 48 6.47 1.16 -2.49
CA PHE A 48 5.50 0.32 -1.88
C PHE A 48 5.86 -1.15 -2.04
N VAL A 49 6.06 -1.57 -3.26
CA VAL A 49 6.37 -2.95 -3.52
C VAL A 49 7.73 -3.35 -2.99
N LYS A 50 8.69 -2.45 -2.98
CA LYS A 50 10.03 -2.78 -2.50
C LYS A 50 10.03 -2.99 -0.97
N ILE A 51 9.17 -2.27 -0.27
CA ILE A 51 9.14 -2.37 1.15
C ILE A 51 8.30 -3.58 1.59
N THR A 52 7.23 -3.85 0.89
CA THR A 52 6.43 -5.01 1.23
C THR A 52 6.96 -6.29 0.58
N GLU A 53 7.60 -6.15 -0.59
CA GLU A 53 8.09 -7.26 -1.39
C GLU A 53 6.96 -8.19 -1.82
N HIS A 54 5.82 -7.58 -2.06
CA HIS A 54 4.64 -8.29 -2.48
C HIS A 54 4.70 -8.44 -4.01
N PRO A 55 4.43 -9.63 -4.56
CA PRO A 55 4.58 -9.90 -6.01
C PRO A 55 3.57 -9.18 -6.85
N ASP A 56 2.55 -8.70 -6.21
CA ASP A 56 1.47 -8.12 -6.89
C ASP A 56 1.32 -6.75 -6.32
N GLY A 57 2.46 -6.19 -5.88
CA GLY A 57 2.53 -4.90 -5.23
C GLY A 57 1.76 -3.87 -5.90
N THR A 58 2.07 -3.66 -7.09
CA THR A 58 1.49 -2.58 -7.77
C THR A 58 0.04 -2.88 -8.15
N ALA A 59 -0.22 -4.15 -8.43
CA ALA A 59 -1.54 -4.64 -8.74
C ALA A 59 -2.48 -4.38 -7.61
N LEU A 60 -1.99 -4.51 -6.38
CA LEU A 60 -2.78 -4.22 -5.18
C LEU A 60 -3.31 -2.81 -5.18
N ILE A 61 -2.48 -1.82 -5.53
CA ILE A 61 -2.99 -0.43 -5.53
C ILE A 61 -4.02 -0.27 -6.62
N TYR A 62 -3.69 -0.81 -7.76
CA TYR A 62 -4.56 -0.80 -8.91
C TYR A 62 -5.92 -1.39 -8.58
N GLU A 63 -5.93 -2.55 -7.92
CA GLU A 63 -7.17 -3.13 -7.50
C GLU A 63 -7.80 -2.37 -6.36
N ALA A 64 -7.01 -1.85 -5.43
CA ALA A 64 -7.53 -1.08 -4.30
C ALA A 64 -8.36 0.09 -4.79
N ALA A 65 -7.84 0.77 -5.79
CA ALA A 65 -8.53 1.89 -6.39
C ALA A 65 -9.85 1.45 -7.01
N ALA A 66 -9.81 0.38 -7.79
CA ALA A 66 -11.01 -0.15 -8.47
C ALA A 66 -12.03 -0.69 -7.45
N ARG A 67 -11.53 -1.42 -6.48
CA ARG A 67 -12.37 -1.99 -5.43
C ARG A 67 -12.98 -0.91 -4.57
N ALA A 68 -12.29 0.20 -4.42
CA ALA A 68 -12.82 1.32 -3.67
C ALA A 68 -13.85 2.06 -4.50
N ALA A 69 -13.61 2.15 -5.81
CA ALA A 69 -14.53 2.79 -6.73
C ALA A 69 -15.86 2.04 -6.74
N ALA A 70 -15.78 0.72 -6.81
CA ALA A 70 -16.96 -0.12 -6.72
C ALA A 70 -17.50 -0.08 -5.28
N ASN A 71 -16.58 -0.27 -4.35
CA ASN A 71 -16.82 -0.23 -2.90
C ASN A 71 -17.74 -1.36 -2.43
N PRO A 72 -17.18 -2.55 -2.15
CA PRO A 72 -17.95 -3.70 -1.66
C PRO A 72 -17.82 -3.84 -0.13
N GLY A 73 -17.15 -2.89 0.48
CA GLY A 73 -16.92 -2.93 1.90
C GLY A 73 -15.56 -2.39 2.21
N GLY A 74 -14.98 -2.85 3.29
CA GLY A 74 -13.66 -2.37 3.70
C GLY A 74 -12.55 -3.24 3.17
N ASP A 75 -12.90 -4.45 2.71
CA ASP A 75 -11.91 -5.40 2.19
C ASP A 75 -11.31 -4.91 0.88
N GLY A 76 -10.20 -4.21 1.00
CA GLY A 76 -9.47 -3.73 -0.15
C GLY A 76 -10.07 -2.47 -0.74
N GLY A 77 -11.12 -1.99 -0.14
CA GLY A 77 -11.79 -0.83 -0.63
C GLY A 77 -11.27 0.41 0.03
N GLY A 78 -10.09 0.78 -0.33
CA GLY A 78 -9.51 1.96 0.19
C GLY A 78 -8.07 1.75 0.56
N PRO A 79 -7.40 2.83 0.95
CA PRO A 79 -5.99 2.81 1.33
C PRO A 79 -5.75 1.94 2.54
N GLU A 80 -6.66 1.99 3.48
CA GLU A 80 -6.54 1.22 4.69
C GLU A 80 -6.79 -0.28 4.46
N GLY A 81 -7.07 -0.66 3.25
CA GLY A 81 -7.23 -2.06 2.98
C GLY A 81 -6.08 -2.66 2.23
N ILE A 82 -5.32 -1.84 1.52
CA ILE A 82 -4.13 -2.34 0.81
C ILE A 82 -3.11 -2.78 1.83
N VAL A 83 -2.99 -1.95 2.85
CA VAL A 83 -2.11 -2.19 3.99
C VAL A 83 -2.44 -3.45 4.69
N LYS A 84 -3.70 -3.67 4.83
CA LYS A 84 -4.20 -4.87 5.44
C LYS A 84 -3.73 -6.08 4.64
N GLU A 85 -3.90 -6.02 3.32
CA GLU A 85 -3.44 -7.09 2.41
C GLU A 85 -1.93 -7.30 2.57
N ILE A 86 -1.24 -6.20 2.61
CA ILE A 86 0.21 -6.16 2.83
C ILE A 86 0.59 -6.76 4.19
N LYS A 87 -0.18 -6.46 5.20
CA LYS A 87 0.11 -6.94 6.53
C LYS A 87 -0.18 -8.42 6.61
N GLU A 88 -1.25 -8.86 5.98
CA GLU A 88 -1.66 -10.24 5.98
C GLU A 88 -0.67 -11.12 5.23
N TRP A 89 -0.19 -10.64 4.10
CA TRP A 89 0.75 -11.39 3.29
C TRP A 89 2.07 -11.60 4.04
N ARG A 90 2.61 -10.53 4.66
CA ARG A 90 3.82 -10.69 5.46
C ARG A 90 3.62 -11.53 6.68
N ALA A 91 2.48 -11.36 7.35
CA ALA A 91 2.18 -12.11 8.56
C ALA A 91 2.07 -13.60 8.26
N ALA A 92 1.44 -13.91 7.16
CA ALA A 92 1.28 -15.29 6.73
C ALA A 92 2.63 -15.91 6.37
N ASN A 93 3.49 -15.11 5.77
CA ASN A 93 4.79 -15.58 5.31
C ASN A 93 5.76 -15.71 6.50
N GLY A 94 5.82 -14.66 7.28
CA GLY A 94 6.78 -14.59 8.36
C GLY A 94 7.82 -13.52 8.07
N LYS A 95 7.42 -12.53 7.30
CA LYS A 95 8.26 -11.48 6.90
C LYS A 95 8.00 -10.26 7.77
N PRO A 96 9.01 -9.36 7.89
CA PRO A 96 8.89 -8.16 8.70
C PRO A 96 7.81 -7.24 8.17
N GLY A 97 6.74 -7.12 8.93
CA GLY A 97 5.64 -6.32 8.53
C GLY A 97 5.81 -4.88 8.89
N PHE A 98 5.03 -4.40 9.80
CA PHE A 98 5.11 -3.01 10.21
C PHE A 98 5.67 -2.90 11.60
N LYS A 99 6.09 -1.72 11.95
CA LYS A 99 6.54 -1.45 13.24
C LYS A 99 5.36 -0.97 14.05
N GLN A 100 5.54 -0.90 15.30
CA GLN A 100 4.52 -0.44 16.17
C GLN A 100 4.72 1.04 16.39
N GLY A 101 3.64 1.73 16.41
CA GLY A 101 3.65 3.14 16.63
C GLY A 101 2.59 3.77 15.79
#